data_9O83
#
_entry.id   9O83
#
_cell.length_a   1.00
_cell.length_b   1.00
_cell.length_c   1.00
_cell.angle_alpha   90.00
_cell.angle_beta   90.00
_cell.angle_gamma   90.00
#
_symmetry.space_group_name_H-M   'P 1'
#
loop_
_entity.id
_entity.type
_entity.pdbx_description
1 polymer TRPM3
2 non-polymer 'CHOLESTEROL HEMISUCCINATE'
#
_entity_poly.entity_id   1
_entity_poly.type   'polypeptide(L)'
_entity_poly.pdbx_seq_one_letter_code
;MCWKGVIPGELVDPVAGREGTQRRFRAQKSWIERAFYKRECVHIIPSTKDPHRCCCGRLIGQHVGLTPSISVLQNEKNES
RLSRNDIQSEKWSISKHTQLSPTDAFGTIEFQGGGHSNKAMYVRVSFDTKPDLLLHLMTKEWQLELPKLLISVHGGLQNF
ELQPKLKQVFGKGLIKAAMTTGAWIFTGGVNTGVIRHVGDALKDHASKSRGKICTIGIAPWGIVENQEDLIGRDVVRPYQ
TMSNPMSKLTVLNSMHSHFILADNGTTGKYGAEVKLRRQLEKHISLQKINTRIGQGVPVVALIVEGGPNVISIVLEYLRD
TPPVPVVVCDGSGRASDILAFGHKYSEEGGLINESLRDQLLVTIQKTFTYTRTQAQHLFIILMECMKKKELITVFRMGSE
GHQDIDLAILTALLKGANASAPDQLSLALAWNRVDIARSQIFIYGQQWPVGSLEQAMLDALVLDRVDFVKLLIENGVSMH
RFLTISRLEELYNTRHGPSNTLYHLVRDVKKREYPGFGWIYFKGNLPPDYRISLIDIGLVIEYLMGGAYRCNYTRKRFRT
LYHNLFGPKRPKALKLLGMEDDIPLRRGRKTTKKREEEVDIDLDDPEINHFPFPFHELMVWAVLMKRQKMALFFWQHGEE
AMAKALVACKLCKAMAHEASENDMVDDISQELNHNSRDFGQLAVELLDQSYKQDEQLAMKLLTYELKNWSNATCLQLAVA
AKHRDFIAHTCSQMLLTDMWMGRLRMRKNSGLKVILGILLPPSILSLEFKNKDDMPYMTQAQEIHLQEKEPEEPEKPTKE
KDEEDMELTAMLGRNNGESSRKKDEEEVQSRHRLIPLGRKIYEFYNAPIVKFWFYTLAYIGYLMLFNYIVLVKMERWPST
QEWIVISYIFTLGIEKMREILMSEPGKLLQKVKVWLQEYWNVTDLIAILLFSVGMILRLQDQPFRSDGRVIYCVNIIYWY
IRLLDIFGVNKYLGPYVMMIGKMMIDMMYFVIIMLVVLMSFGVARQAILFPNEEPSWKLAKNIFYMPYWMIYGEVFADQI
DPPCGQNETREDGKIIQLPPCKTGAWIVPAIMACYLLVANILLVNLLIAVFNNTFFEVKSISNQVWKFQRYQLIMTFHER
PVLPPPLIIFSHMTMIFQHLCCRWRKHESDPDERDYGLKLFITDDELKKVHDFEEQCIEEYFREKDDRFNSSNDERIRVT
SERVENMSMRLEEVNEREHSMKASLQTVDIRLAQLEDLIGRMATALERLTGVERAESNKIRSRTSSDCTDAAYIVRQSSF
NSQEGNTFKLQESIDPAEHPFYSVFE
;
_entity_poly.pdbx_strand_id   A,C,B,D
#
loop_
_chem_comp.id
_chem_comp.type
_chem_comp.name
_chem_comp.formula
Y01 non-polymer 'CHOLESTEROL HEMISUCCINATE' 'C31 H50 O4'
#
# COMPACT_ATOMS: atom_id res chain seq x y z
N SER A 30 -41.87 15.35 -50.71
CA SER A 30 -42.69 15.11 -51.89
C SER A 30 -41.83 14.71 -53.09
N TRP A 31 -40.58 15.20 -53.10
CA TRP A 31 -39.63 14.79 -54.13
C TRP A 31 -39.22 13.33 -53.98
N ILE A 32 -39.29 12.81 -52.76
CA ILE A 32 -38.94 11.40 -52.52
C ILE A 32 -40.01 10.47 -53.08
N GLU A 33 -41.22 10.97 -53.31
CA GLU A 33 -42.26 10.16 -53.95
C GLU A 33 -42.25 10.37 -55.46
N ARG A 34 -41.90 11.58 -55.92
CA ARG A 34 -41.94 11.90 -57.34
C ARG A 34 -40.62 11.62 -58.07
N ALA A 35 -39.58 11.19 -57.35
CA ALA A 35 -38.28 10.96 -57.97
C ALA A 35 -37.94 9.48 -58.13
N PHE A 36 -38.33 8.65 -57.17
CA PHE A 36 -37.98 7.23 -57.15
C PHE A 36 -39.20 6.38 -57.40
N TYR A 37 -38.98 5.25 -58.07
CA TYR A 37 -40.05 4.38 -58.56
C TYR A 37 -39.89 3.00 -57.92
N LYS A 38 -40.85 2.13 -58.21
CA LYS A 38 -40.90 0.79 -57.63
C LYS A 38 -41.49 -0.15 -58.66
N ARG A 39 -41.28 -1.45 -58.43
CA ARG A 39 -41.75 -2.48 -59.33
C ARG A 39 -42.57 -3.51 -58.56
N GLU A 40 -43.58 -4.05 -59.24
CA GLU A 40 -44.53 -4.99 -58.65
C GLU A 40 -44.65 -6.22 -59.54
N CYS A 41 -44.80 -7.38 -58.90
CA CYS A 41 -44.80 -8.66 -59.60
C CYS A 41 -46.23 -9.01 -60.03
N VAL A 42 -46.46 -9.00 -61.35
CA VAL A 42 -47.67 -9.52 -61.97
C VAL A 42 -47.21 -10.44 -63.10
N HIS A 43 -47.50 -11.73 -62.97
CA HIS A 43 -46.98 -12.71 -63.93
C HIS A 43 -48.01 -13.82 -64.15
N ILE A 44 -47.59 -14.87 -64.86
CA ILE A 44 -48.48 -15.87 -65.44
C ILE A 44 -48.61 -17.09 -64.56
N ILE A 45 -48.01 -17.02 -63.37
CA ILE A 45 -47.94 -18.07 -62.34
C ILE A 45 -47.35 -19.35 -62.95
N PRO A 46 -46.04 -19.45 -63.13
CA PRO A 46 -45.45 -20.75 -63.47
C PRO A 46 -45.26 -21.60 -62.22
N SER A 47 -45.25 -22.91 -62.41
CA SER A 47 -45.15 -23.82 -61.26
C SER A 47 -43.70 -24.11 -60.91
N THR A 48 -42.93 -24.63 -61.87
CA THR A 48 -41.59 -25.20 -61.71
C THR A 48 -41.57 -26.27 -60.62
N LYS A 49 -40.89 -26.01 -59.50
CA LYS A 49 -40.70 -27.05 -58.49
C LYS A 49 -41.96 -27.28 -57.67
N ASP A 50 -42.40 -26.26 -56.91
CA ASP A 50 -43.56 -26.38 -56.04
C ASP A 50 -44.79 -25.80 -56.71
N PRO A 51 -45.99 -26.33 -56.44
CA PRO A 51 -47.19 -25.75 -57.06
C PRO A 51 -47.55 -24.37 -56.52
N HIS A 52 -47.37 -24.15 -55.22
CA HIS A 52 -47.66 -22.83 -54.65
C HIS A 52 -46.55 -21.84 -54.96
N ARG A 53 -45.30 -22.28 -54.97
CA ARG A 53 -44.17 -21.38 -55.22
C ARG A 53 -44.04 -21.13 -56.71
N CYS A 54 -44.00 -19.85 -57.09
CA CYS A 54 -43.92 -19.45 -58.49
C CYS A 54 -42.44 -19.23 -58.86
N CYS A 55 -42.21 -18.61 -60.02
CA CYS A 55 -40.86 -18.17 -60.38
C CYS A 55 -40.37 -17.08 -59.42
N CYS A 56 -41.26 -16.20 -59.00
CA CYS A 56 -40.91 -15.13 -58.08
C CYS A 56 -40.89 -15.57 -56.62
N GLY A 57 -41.25 -16.83 -56.33
CA GLY A 57 -41.17 -17.37 -55.00
C GLY A 57 -42.39 -17.18 -54.13
N ARG A 58 -43.28 -16.26 -54.48
CA ARG A 58 -44.44 -15.95 -53.66
C ARG A 58 -45.53 -17.01 -53.83
N LEU A 59 -46.57 -16.90 -53.00
CA LEU A 59 -47.72 -17.78 -53.10
C LEU A 59 -48.52 -17.46 -54.37
N ILE A 60 -49.33 -18.45 -54.79
CA ILE A 60 -50.02 -18.37 -56.08
C ILE A 60 -51.07 -17.27 -56.09
N GLY A 61 -51.77 -17.07 -54.99
CA GLY A 61 -52.76 -16.02 -54.89
C GLY A 61 -52.25 -14.69 -54.38
N GLN A 62 -50.95 -14.56 -54.14
CA GLN A 62 -50.37 -13.36 -53.55
C GLN A 62 -49.90 -12.34 -54.57
N HIS A 63 -50.04 -12.62 -55.87
CA HIS A 63 -49.63 -11.68 -56.90
C HIS A 63 -50.73 -10.66 -57.13
N VAL A 64 -50.39 -9.38 -56.98
CA VAL A 64 -51.28 -8.23 -57.13
C VAL A 64 -52.52 -8.33 -56.24
N TRP A 92 -37.39 -7.82 -64.51
CA TRP A 92 -37.30 -7.73 -65.96
C TRP A 92 -38.57 -8.26 -66.61
N SER A 93 -38.75 -7.96 -67.89
CA SER A 93 -39.90 -8.45 -68.64
C SER A 93 -39.82 -9.94 -68.97
N ILE A 94 -38.61 -10.50 -68.99
CA ILE A 94 -38.44 -11.92 -69.28
C ILE A 94 -38.86 -12.73 -68.05
N SER A 95 -39.96 -13.49 -68.20
CA SER A 95 -40.49 -14.51 -67.28
C SER A 95 -41.12 -13.89 -66.01
N LYS A 96 -40.99 -12.58 -65.83
CA LYS A 96 -41.54 -11.91 -64.65
C LYS A 96 -42.60 -10.87 -65.01
N HIS A 97 -42.37 -10.07 -66.05
CA HIS A 97 -43.31 -9.06 -66.56
C HIS A 97 -43.70 -8.05 -65.48
N THR A 98 -42.71 -7.62 -64.70
CA THR A 98 -42.95 -6.71 -63.58
C THR A 98 -43.35 -5.33 -64.07
N GLN A 99 -44.12 -4.63 -63.23
CA GLN A 99 -44.74 -3.36 -63.60
C GLN A 99 -44.17 -2.22 -62.77
N LEU A 100 -44.06 -1.05 -63.38
CA LEU A 100 -43.50 0.13 -62.73
C LEU A 100 -44.61 1.01 -62.17
N SER A 101 -44.37 1.59 -60.99
CA SER A 101 -45.35 2.37 -60.28
C SER A 101 -44.60 3.26 -59.28
N PRO A 102 -45.24 4.31 -58.75
CA PRO A 102 -44.59 5.05 -57.66
C PRO A 102 -44.57 4.26 -56.36
N THR A 103 -43.58 4.57 -55.53
CA THR A 103 -43.31 3.81 -54.31
C THR A 103 -44.38 4.03 -53.26
N ASP A 104 -44.63 2.97 -52.48
CA ASP A 104 -45.51 3.02 -51.33
C ASP A 104 -44.86 2.56 -50.03
N ALA A 105 -43.61 2.11 -50.07
CA ALA A 105 -42.92 1.56 -48.90
C ALA A 105 -41.66 2.38 -48.65
N PHE A 106 -41.81 3.47 -47.89
CA PHE A 106 -40.68 4.29 -47.46
C PHE A 106 -41.05 4.97 -46.16
N GLY A 107 -40.08 5.67 -45.59
CA GLY A 107 -40.32 6.36 -44.34
C GLY A 107 -39.29 6.03 -43.28
N THR A 108 -39.75 5.69 -42.07
CA THR A 108 -38.88 5.44 -40.95
C THR A 108 -39.31 4.18 -40.22
N ILE A 109 -38.36 3.29 -39.96
CA ILE A 109 -38.60 2.07 -39.21
C ILE A 109 -38.19 2.32 -37.77
N GLU A 110 -39.13 2.13 -36.84
CA GLU A 110 -38.88 2.24 -35.41
C GLU A 110 -38.58 0.84 -34.87
N PHE A 111 -37.48 0.71 -34.13
CA PHE A 111 -37.03 -0.57 -33.62
C PHE A 111 -37.36 -0.68 -32.14
N GLN A 112 -38.16 -1.68 -31.80
CA GLN A 112 -38.49 -1.99 -30.41
C GLN A 112 -37.81 -3.28 -30.02
N GLY A 113 -37.05 -3.25 -28.93
CA GLY A 113 -36.25 -4.38 -28.53
C GLY A 113 -34.95 -4.45 -29.31
N GLY A 114 -34.14 -5.44 -28.95
CA GLY A 114 -32.83 -5.60 -29.57
C GLY A 114 -31.85 -4.49 -29.26
N GLY A 115 -31.84 -4.01 -28.03
CA GLY A 115 -30.96 -2.93 -27.63
C GLY A 115 -31.66 -1.60 -27.56
N HIS A 116 -30.99 -0.53 -27.99
CA HIS A 116 -31.54 0.80 -27.92
C HIS A 116 -32.56 1.03 -29.03
N SER A 117 -33.55 1.87 -28.73
CA SER A 117 -34.53 2.27 -29.72
C SER A 117 -33.93 3.34 -30.62
N ASN A 118 -33.99 3.11 -31.94
CA ASN A 118 -33.38 4.02 -32.90
C ASN A 118 -34.17 4.03 -34.21
N LYS A 119 -33.93 5.04 -35.03
CA LYS A 119 -34.61 5.20 -36.30
C LYS A 119 -33.64 4.87 -37.43
N ALA A 120 -33.87 3.74 -38.09
CA ALA A 120 -33.14 3.37 -39.30
C ALA A 120 -34.09 3.58 -40.48
N MET A 121 -34.11 4.81 -40.98
CA MET A 121 -35.08 5.21 -41.98
C MET A 121 -34.63 4.75 -43.37
N TYR A 122 -35.60 4.54 -44.25
CA TYR A 122 -35.42 3.61 -45.36
C TYR A 122 -36.17 4.09 -46.59
N VAL A 123 -35.88 3.45 -47.71
CA VAL A 123 -36.69 3.59 -48.92
C VAL A 123 -36.56 2.30 -49.74
N ARG A 124 -37.69 1.82 -50.26
CA ARG A 124 -37.69 0.74 -51.24
C ARG A 124 -37.51 1.31 -52.63
N VAL A 125 -36.55 0.74 -53.37
CA VAL A 125 -35.94 1.37 -54.53
C VAL A 125 -36.03 0.40 -55.71
N SER A 126 -36.42 0.91 -56.88
CA SER A 126 -36.32 0.12 -58.11
C SER A 126 -34.87 -0.14 -58.44
N PHE A 127 -34.58 -1.36 -58.90
CA PHE A 127 -33.20 -1.84 -58.85
C PHE A 127 -32.30 -1.28 -59.95
N ASP A 128 -32.81 -0.40 -60.81
CA ASP A 128 -31.96 0.26 -61.82
C ASP A 128 -32.22 1.76 -61.86
N THR A 129 -32.39 2.39 -60.70
CA THR A 129 -32.60 3.83 -60.66
C THR A 129 -31.29 4.58 -60.81
N LYS A 130 -31.40 5.90 -60.95
CA LYS A 130 -30.24 6.76 -61.10
C LYS A 130 -29.60 7.02 -59.75
N PRO A 131 -28.29 6.75 -59.59
CA PRO A 131 -27.67 6.94 -58.28
C PRO A 131 -27.43 8.40 -57.89
N ASP A 132 -27.45 9.32 -58.85
CA ASP A 132 -27.33 10.74 -58.53
C ASP A 132 -28.53 11.23 -57.74
N LEU A 133 -29.72 10.77 -58.11
CA LEU A 133 -30.93 11.11 -57.36
C LEU A 133 -30.91 10.51 -55.95
N LEU A 134 -30.29 9.34 -55.79
CA LEU A 134 -30.07 8.80 -54.46
C LEU A 134 -29.00 9.56 -53.68
N LEU A 135 -28.03 10.18 -54.37
CA LEU A 135 -27.08 11.03 -53.67
C LEU A 135 -27.74 12.32 -53.18
N HIS A 136 -28.62 12.90 -54.01
CA HIS A 136 -29.41 14.03 -53.54
C HIS A 136 -30.41 13.63 -52.47
N LEU A 137 -30.89 12.38 -52.51
CA LEU A 137 -31.69 11.83 -51.43
C LEU A 137 -30.91 11.78 -50.13
N MET A 138 -29.64 11.34 -50.20
CA MET A 138 -28.80 11.26 -49.02
C MET A 138 -28.47 12.64 -48.47
N THR A 139 -28.16 13.59 -49.36
CA THR A 139 -27.68 14.88 -48.90
C THR A 139 -28.83 15.79 -48.45
N LYS A 140 -29.91 15.86 -49.24
CA LYS A 140 -30.98 16.84 -48.99
C LYS A 140 -31.99 16.33 -47.97
N GLU A 141 -32.69 15.25 -48.30
CA GLU A 141 -33.82 14.78 -47.50
C GLU A 141 -33.40 13.81 -46.40
N TRP A 142 -32.15 13.36 -46.41
CA TRP A 142 -31.63 12.51 -45.36
C TRP A 142 -30.60 13.22 -44.50
N GLN A 143 -30.15 14.41 -44.93
CA GLN A 143 -29.28 15.33 -44.17
C GLN A 143 -27.96 14.65 -43.78
N LEU A 144 -27.22 14.24 -44.81
CA LEU A 144 -26.00 13.46 -44.61
C LEU A 144 -24.85 14.13 -45.33
N GLU A 145 -23.77 14.40 -44.59
CA GLU A 145 -22.59 15.01 -45.18
C GLU A 145 -21.84 13.98 -46.02
N LEU A 146 -21.07 14.49 -46.98
CA LEU A 146 -20.29 13.63 -47.85
C LEU A 146 -19.06 13.13 -47.09
N PRO A 147 -18.90 11.82 -46.90
CA PRO A 147 -17.88 11.33 -45.97
C PRO A 147 -16.51 11.22 -46.61
N LYS A 148 -15.49 11.55 -45.82
CA LYS A 148 -14.12 11.50 -46.30
C LYS A 148 -13.61 10.06 -46.44
N LEU A 149 -14.28 9.08 -45.82
CA LEU A 149 -14.02 7.66 -46.05
C LEU A 149 -15.31 6.92 -46.39
N LEU A 150 -15.21 6.01 -47.36
CA LEU A 150 -16.24 5.00 -47.62
C LEU A 150 -15.61 3.64 -47.41
N ILE A 151 -16.19 2.83 -46.53
CA ILE A 151 -15.82 1.42 -46.45
C ILE A 151 -17.04 0.60 -46.86
N SER A 152 -16.77 -0.57 -47.42
CA SER A 152 -17.82 -1.45 -47.96
C SER A 152 -17.47 -2.87 -47.57
N VAL A 153 -18.11 -3.38 -46.53
CA VAL A 153 -17.74 -4.65 -45.94
C VAL A 153 -18.47 -5.81 -46.62
N HIS A 154 -17.72 -6.82 -47.03
CA HIS A 154 -18.24 -7.98 -47.73
C HIS A 154 -17.80 -9.24 -47.02
N GLY A 155 -18.53 -10.33 -47.27
CA GLY A 155 -18.23 -11.58 -46.60
C GLY A 155 -19.26 -12.63 -46.94
N GLY A 156 -19.24 -13.69 -46.14
CA GLY A 156 -20.17 -14.80 -46.37
C GLY A 156 -21.60 -14.40 -46.02
N LEU A 157 -22.51 -14.70 -46.94
CA LEU A 157 -23.92 -14.44 -46.70
C LEU A 157 -24.54 -15.42 -45.73
N GLN A 158 -23.91 -16.59 -45.54
CA GLN A 158 -24.33 -17.49 -44.47
C GLN A 158 -23.73 -17.03 -43.15
N ASN A 159 -24.31 -17.51 -42.05
CA ASN A 159 -23.86 -17.15 -40.72
C ASN A 159 -22.56 -17.87 -40.39
N PHE A 160 -21.74 -17.23 -39.57
CA PHE A 160 -20.49 -17.82 -39.10
C PHE A 160 -20.06 -17.15 -37.79
N GLU A 161 -18.97 -17.66 -37.22
CA GLU A 161 -18.34 -17.08 -36.05
C GLU A 161 -16.83 -17.15 -36.19
N LEU A 162 -16.14 -16.11 -35.75
CA LEU A 162 -14.69 -16.05 -35.76
C LEU A 162 -14.15 -16.32 -34.36
N GLN A 163 -12.85 -16.11 -34.18
CA GLN A 163 -12.27 -16.14 -32.85
C GLN A 163 -12.74 -14.92 -32.05
N PRO A 164 -12.81 -15.01 -30.71
CA PRO A 164 -13.21 -13.83 -29.92
C PRO A 164 -12.25 -12.65 -30.02
N LYS A 165 -10.95 -12.91 -30.16
CA LYS A 165 -10.00 -11.82 -30.37
C LYS A 165 -10.18 -11.16 -31.73
N LEU A 166 -10.54 -11.94 -32.75
CA LEU A 166 -10.85 -11.36 -34.06
C LEU A 166 -12.09 -10.47 -33.99
N LYS A 167 -13.12 -10.90 -33.24
CA LYS A 167 -14.30 -10.06 -33.09
C LYS A 167 -14.02 -8.82 -32.26
N GLN A 168 -13.17 -8.92 -31.24
CA GLN A 168 -12.80 -7.74 -30.45
C GLN A 168 -12.01 -6.73 -31.28
N VAL A 169 -11.06 -7.22 -32.08
CA VAL A 169 -10.29 -6.36 -32.96
C VAL A 169 -11.18 -5.74 -34.04
N PHE A 170 -12.04 -6.54 -34.65
CA PHE A 170 -12.91 -6.06 -35.71
C PHE A 170 -14.04 -5.19 -35.18
N GLY A 171 -14.29 -5.22 -33.87
CA GLY A 171 -15.15 -4.24 -33.27
C GLY A 171 -14.41 -2.93 -33.06
N LYS A 172 -13.35 -2.99 -32.27
CA LYS A 172 -12.67 -1.77 -31.79
C LYS A 172 -12.01 -1.01 -32.93
N GLY A 173 -11.24 -1.71 -33.76
CA GLY A 173 -10.53 -1.05 -34.87
C GLY A 173 -11.50 -0.33 -35.78
N LEU A 174 -12.51 -1.04 -36.30
CA LEU A 174 -13.47 -0.44 -37.25
C LEU A 174 -14.21 0.72 -36.56
N ILE A 175 -14.71 0.49 -35.34
CA ILE A 175 -15.53 1.54 -34.64
C ILE A 175 -14.68 2.80 -34.46
N LYS A 176 -13.38 2.65 -34.19
CA LYS A 176 -12.54 3.81 -33.93
C LYS A 176 -11.99 4.39 -35.24
N ALA A 177 -11.85 3.57 -36.29
CA ALA A 177 -11.57 4.12 -37.61
C ALA A 177 -12.76 4.91 -38.15
N ALA A 178 -13.99 4.43 -37.91
CA ALA A 178 -15.17 5.17 -38.31
C ALA A 178 -15.31 6.47 -37.54
N MET A 179 -14.84 6.52 -36.30
CA MET A 179 -14.82 7.79 -35.58
C MET A 179 -13.74 8.73 -36.10
N THR A 180 -12.54 8.21 -36.38
CA THR A 180 -11.44 9.07 -36.80
C THR A 180 -11.57 9.56 -38.24
N THR A 181 -12.39 8.89 -39.06
CA THR A 181 -12.56 9.35 -40.43
C THR A 181 -13.95 9.92 -40.73
N GLY A 182 -14.93 9.66 -39.88
CA GLY A 182 -16.30 10.01 -40.20
C GLY A 182 -16.83 9.26 -41.40
N ALA A 183 -16.62 7.95 -41.41
CA ALA A 183 -16.89 7.13 -42.58
C ALA A 183 -18.36 6.74 -42.68
N TRP A 184 -18.75 6.36 -43.89
CA TRP A 184 -20.00 5.64 -44.12
C TRP A 184 -19.62 4.17 -44.26
N ILE A 185 -20.53 3.28 -43.86
CA ILE A 185 -20.33 1.86 -44.04
C ILE A 185 -21.42 1.34 -44.98
N PHE A 186 -21.04 0.50 -45.93
CA PHE A 186 -21.98 -0.18 -46.82
C PHE A 186 -21.98 -1.66 -46.46
N THR A 187 -23.14 -2.16 -46.04
CA THR A 187 -23.32 -3.54 -45.64
C THR A 187 -24.33 -4.23 -46.54
N GLY A 188 -24.55 -5.51 -46.28
CA GLY A 188 -25.58 -6.27 -46.98
C GLY A 188 -26.98 -6.07 -46.46
N GLY A 189 -27.14 -5.29 -45.40
CA GLY A 189 -28.46 -4.97 -44.89
C GLY A 189 -28.99 -5.94 -43.86
N VAL A 190 -29.10 -7.22 -44.25
CA VAL A 190 -29.69 -8.23 -43.38
C VAL A 190 -28.70 -8.62 -42.29
N ASN A 191 -29.22 -9.16 -41.19
CA ASN A 191 -28.40 -9.48 -40.02
C ASN A 191 -27.85 -10.91 -40.14
N THR A 192 -27.03 -11.13 -41.18
CA THR A 192 -26.43 -12.42 -41.44
C THR A 192 -24.93 -12.28 -41.63
N GLY A 193 -24.18 -13.21 -41.03
CA GLY A 193 -22.78 -13.39 -41.37
C GLY A 193 -21.89 -12.25 -40.90
N VAL A 194 -21.26 -11.59 -41.88
CA VAL A 194 -20.31 -10.52 -41.57
C VAL A 194 -21.06 -9.27 -41.11
N ILE A 195 -22.31 -9.09 -41.54
CA ILE A 195 -23.08 -7.93 -41.13
C ILE A 195 -23.53 -8.11 -39.68
N ARG A 196 -23.68 -9.37 -39.24
CA ARG A 196 -23.91 -9.64 -37.82
C ARG A 196 -22.70 -9.23 -36.97
N HIS A 197 -21.49 -9.48 -37.48
CA HIS A 197 -20.29 -9.03 -36.78
C HIS A 197 -20.13 -7.51 -36.87
N VAL A 198 -20.65 -6.90 -37.93
CA VAL A 198 -20.69 -5.43 -38.01
C VAL A 198 -21.63 -4.87 -36.95
N GLY A 199 -22.78 -5.51 -36.74
CA GLY A 199 -23.70 -5.08 -35.69
C GLY A 199 -23.11 -5.28 -34.31
N ASP A 200 -22.34 -6.35 -34.13
CA ASP A 200 -21.58 -6.55 -32.89
C ASP A 200 -20.52 -5.47 -32.70
N ALA A 201 -19.86 -5.07 -33.80
CA ALA A 201 -18.89 -3.98 -33.75
C ALA A 201 -19.55 -2.68 -33.33
N LEU A 202 -20.75 -2.43 -33.84
CA LEU A 202 -21.48 -1.23 -33.48
C LEU A 202 -22.04 -1.32 -32.06
N LYS A 203 -22.28 -2.54 -31.55
CA LYS A 203 -22.73 -2.68 -30.17
C LYS A 203 -21.58 -2.61 -29.19
N ASP A 204 -20.35 -2.80 -29.69
CA ASP A 204 -19.17 -2.68 -28.84
C ASP A 204 -18.98 -1.27 -28.32
N HIS A 205 -19.32 -0.27 -29.14
CA HIS A 205 -19.06 1.12 -28.80
C HIS A 205 -20.32 1.97 -28.72
N ALA A 206 -21.20 1.87 -29.73
CA ALA A 206 -22.44 2.63 -29.87
C ALA A 206 -22.20 4.14 -29.85
N SER A 207 -22.49 4.76 -28.70
CA SER A 207 -22.35 6.21 -28.46
C SER A 207 -23.11 7.06 -29.47
N ILE A 213 -22.98 8.71 -37.18
CA ILE A 213 -22.32 7.49 -37.61
C ILE A 213 -22.73 7.13 -39.06
N CYS A 214 -24.03 7.23 -39.35
CA CYS A 214 -24.66 7.12 -40.66
C CYS A 214 -24.28 5.77 -41.30
N THR A 215 -24.82 4.70 -40.75
CA THR A 215 -24.60 3.35 -41.24
C THR A 215 -25.70 2.99 -42.24
N ILE A 216 -25.30 2.57 -43.43
CA ILE A 216 -26.23 2.29 -44.53
C ILE A 216 -26.24 0.79 -44.79
N GLY A 217 -27.41 0.19 -44.71
CA GLY A 217 -27.62 -1.18 -45.15
C GLY A 217 -28.36 -1.20 -46.48
N ILE A 218 -27.85 -1.97 -47.42
CA ILE A 218 -28.43 -2.10 -48.75
C ILE A 218 -28.87 -3.55 -48.93
N ALA A 219 -30.18 -3.76 -49.02
CA ALA A 219 -30.74 -5.11 -48.91
C ALA A 219 -31.84 -5.34 -49.93
N PRO A 220 -32.07 -6.60 -50.33
CA PRO A 220 -33.24 -6.90 -51.17
C PRO A 220 -34.55 -6.80 -50.40
N TRP A 221 -35.63 -6.49 -51.13
CA TRP A 221 -36.95 -6.42 -50.54
C TRP A 221 -37.54 -7.81 -50.27
N GLY A 222 -37.30 -8.77 -51.14
CA GLY A 222 -37.98 -10.05 -51.09
C GLY A 222 -37.56 -10.95 -49.95
N ILE A 223 -36.54 -10.56 -49.20
CA ILE A 223 -35.90 -11.40 -48.20
C ILE A 223 -36.25 -10.95 -46.77
N VAL A 224 -36.56 -9.67 -46.58
CA VAL A 224 -36.86 -9.15 -45.25
C VAL A 224 -38.22 -9.67 -44.78
N GLU A 225 -38.29 -10.05 -43.51
CA GLU A 225 -39.51 -10.57 -42.92
C GLU A 225 -40.45 -9.42 -42.59
N ASN A 226 -41.77 -9.72 -42.60
CA ASN A 226 -42.86 -8.78 -42.35
C ASN A 226 -42.86 -7.64 -43.37
N GLN A 227 -43.03 -8.03 -44.63
CA GLN A 227 -43.09 -7.09 -45.73
C GLN A 227 -44.32 -6.19 -45.65
N GLU A 228 -45.48 -6.77 -45.32
CA GLU A 228 -46.70 -5.99 -45.22
C GLU A 228 -46.69 -5.08 -43.99
N ASP A 229 -46.02 -5.51 -42.91
CA ASP A 229 -45.87 -4.66 -41.74
C ASP A 229 -44.93 -3.48 -42.01
N LEU A 230 -44.00 -3.65 -42.95
CA LEU A 230 -43.06 -2.61 -43.34
C LEU A 230 -43.61 -1.70 -44.44
N ILE A 231 -44.91 -1.68 -44.63
CA ILE A 231 -45.55 -0.77 -45.58
C ILE A 231 -45.98 0.49 -44.84
N GLY A 232 -45.50 1.64 -45.30
CA GLY A 232 -45.85 2.89 -44.65
C GLY A 232 -45.58 4.07 -45.55
N ARG A 233 -46.22 5.19 -45.21
CA ARG A 233 -46.07 6.45 -45.95
C ARG A 233 -45.54 7.48 -44.95
N ASP A 234 -44.21 7.50 -44.78
CA ASP A 234 -43.49 8.34 -43.80
C ASP A 234 -44.06 8.15 -42.39
N VAL A 235 -44.35 6.89 -42.06
CA VAL A 235 -45.05 6.57 -40.83
C VAL A 235 -44.12 5.81 -39.90
N VAL A 236 -44.33 6.01 -38.60
CA VAL A 236 -43.56 5.30 -37.58
C VAL A 236 -44.14 3.89 -37.50
N ARG A 237 -43.45 2.94 -38.13
CA ARG A 237 -43.90 1.56 -38.17
C ARG A 237 -43.19 0.76 -37.10
N PRO A 238 -43.91 0.18 -36.13
CA PRO A 238 -43.24 -0.61 -35.10
C PRO A 238 -42.76 -1.95 -35.65
N TYR A 239 -41.45 -2.18 -35.53
CA TYR A 239 -40.84 -3.40 -36.01
C TYR A 239 -40.19 -4.13 -34.85
N GLN A 240 -40.52 -5.41 -34.72
CA GLN A 240 -39.90 -6.27 -33.72
C GLN A 240 -38.59 -6.80 -34.28
N THR A 241 -37.71 -7.22 -33.37
CA THR A 241 -36.47 -7.92 -33.70
C THR A 241 -36.67 -9.43 -33.82
N MET A 242 -37.87 -9.85 -34.21
CA MET A 242 -38.29 -11.24 -34.09
C MET A 242 -37.96 -12.00 -35.39
N SER A 243 -37.20 -13.09 -35.26
CA SER A 243 -36.86 -13.94 -36.39
C SER A 243 -37.32 -15.36 -36.10
N ASN A 244 -38.23 -15.86 -36.91
CA ASN A 244 -38.69 -17.24 -36.77
C ASN A 244 -37.63 -18.19 -37.33
N PRO A 245 -37.15 -19.16 -36.54
CA PRO A 245 -36.16 -20.12 -37.07
C PRO A 245 -36.71 -21.03 -38.18
N MET A 246 -38.03 -21.24 -38.23
CA MET A 246 -38.59 -22.07 -39.30
C MET A 246 -38.54 -21.36 -40.65
N SER A 247 -38.69 -20.05 -40.66
CA SER A 247 -38.69 -19.30 -41.91
C SER A 247 -37.27 -19.11 -42.42
N LYS A 248 -37.09 -19.24 -43.73
CA LYS A 248 -35.80 -18.97 -44.36
C LYS A 248 -35.53 -17.48 -44.53
N LEU A 249 -36.54 -16.64 -44.34
CA LEU A 249 -36.36 -15.21 -44.42
C LEU A 249 -35.56 -14.70 -43.23
N THR A 250 -34.70 -13.72 -43.48
CA THR A 250 -33.83 -13.14 -42.47
C THR A 250 -34.22 -11.71 -42.19
N VAL A 251 -34.11 -11.29 -40.94
CA VAL A 251 -34.40 -9.92 -40.55
C VAL A 251 -33.22 -9.04 -40.93
N LEU A 252 -33.42 -7.73 -40.90
CA LEU A 252 -32.34 -6.78 -41.14
C LEU A 252 -31.51 -6.62 -39.86
N ASN A 253 -30.36 -5.97 -40.01
CA ASN A 253 -29.57 -5.62 -38.83
C ASN A 253 -30.27 -4.47 -38.11
N SER A 254 -30.56 -4.68 -36.82
CA SER A 254 -31.48 -3.83 -36.07
C SER A 254 -30.91 -2.45 -35.76
N MET A 255 -29.59 -2.31 -35.63
CA MET A 255 -29.00 -1.03 -35.23
C MET A 255 -28.21 -0.40 -36.39
N HIS A 256 -28.85 -0.29 -37.54
CA HIS A 256 -28.41 0.66 -38.54
C HIS A 256 -29.12 1.99 -38.36
N SER A 257 -28.86 2.90 -39.31
CA SER A 257 -29.51 4.20 -39.33
C SER A 257 -30.10 4.58 -40.68
N HIS A 258 -29.67 3.95 -41.78
CA HIS A 258 -30.26 4.20 -43.09
C HIS A 258 -30.33 2.89 -43.87
N PHE A 259 -31.40 2.74 -44.65
CA PHE A 259 -31.63 1.50 -45.39
C PHE A 259 -32.08 1.79 -46.82
N ILE A 260 -31.28 1.32 -47.77
CA ILE A 260 -31.65 1.25 -49.18
C ILE A 260 -32.15 -0.16 -49.41
N LEU A 261 -33.47 -0.32 -49.41
CA LEU A 261 -34.10 -1.63 -49.48
C LEU A 261 -34.73 -1.67 -50.87
N ALA A 262 -34.18 -2.48 -51.76
CA ALA A 262 -34.47 -2.40 -53.18
C ALA A 262 -35.12 -3.68 -53.68
N ASP A 263 -36.16 -3.52 -54.48
CA ASP A 263 -36.97 -4.64 -54.96
C ASP A 263 -36.61 -5.00 -56.40
N ASN A 264 -36.44 -6.30 -56.65
CA ASN A 264 -36.32 -6.82 -58.00
C ASN A 264 -37.50 -7.68 -58.42
N GLY A 265 -38.35 -8.07 -57.47
CA GLY A 265 -39.52 -8.87 -57.79
C GLY A 265 -39.52 -10.23 -57.12
N THR A 266 -38.37 -10.88 -57.07
CA THR A 266 -38.28 -12.21 -56.50
C THR A 266 -38.13 -12.14 -54.98
N THR A 267 -38.39 -13.26 -54.32
CA THR A 267 -38.28 -13.39 -52.88
C THR A 267 -37.33 -14.53 -52.54
N GLY A 268 -36.48 -14.30 -51.55
CA GLY A 268 -35.62 -15.34 -51.04
C GLY A 268 -34.39 -15.65 -51.87
N LYS A 269 -34.05 -14.82 -52.85
CA LYS A 269 -32.89 -15.05 -53.70
C LYS A 269 -31.98 -13.84 -53.68
N TYR A 270 -30.67 -14.11 -53.74
CA TYR A 270 -29.63 -13.10 -53.76
C TYR A 270 -29.32 -12.71 -55.21
N GLY A 271 -28.23 -11.97 -55.40
CA GLY A 271 -27.77 -11.60 -56.72
C GLY A 271 -28.35 -10.32 -57.27
N ALA A 272 -29.44 -9.81 -56.70
CA ALA A 272 -30.02 -8.56 -57.17
C ALA A 272 -29.33 -7.33 -56.61
N GLU A 273 -28.38 -7.50 -55.70
CA GLU A 273 -27.72 -6.36 -55.05
C GLU A 273 -26.22 -6.31 -55.29
N VAL A 274 -25.69 -7.14 -56.19
CA VAL A 274 -24.27 -7.02 -56.53
C VAL A 274 -24.05 -5.85 -57.47
N LYS A 275 -24.80 -5.82 -58.58
CA LYS A 275 -24.64 -4.77 -59.59
C LYS A 275 -25.13 -3.43 -59.07
N LEU A 276 -26.21 -3.43 -58.28
CA LEU A 276 -26.77 -2.19 -57.74
C LEU A 276 -25.78 -1.52 -56.78
N ARG A 277 -25.30 -2.27 -55.79
CA ARG A 277 -24.39 -1.71 -54.80
C ARG A 277 -23.04 -1.37 -55.43
N ARG A 278 -22.62 -2.16 -56.42
CA ARG A 278 -21.43 -1.86 -57.19
C ARG A 278 -21.57 -0.54 -57.94
N GLN A 279 -22.75 -0.30 -58.53
CA GLN A 279 -23.02 0.94 -59.25
C GLN A 279 -23.10 2.14 -58.33
N LEU A 280 -23.74 2.00 -57.16
CA LEU A 280 -23.72 3.08 -56.17
C LEU A 280 -22.32 3.39 -55.68
N GLU A 281 -21.48 2.36 -55.47
CA GLU A 281 -20.14 2.64 -54.94
C GLU A 281 -19.26 3.28 -56.01
N LYS A 282 -19.40 2.84 -57.27
CA LYS A 282 -18.73 3.52 -58.39
C LYS A 282 -19.21 4.95 -58.55
N HIS A 283 -20.52 5.18 -58.36
CA HIS A 283 -21.08 6.52 -58.48
C HIS A 283 -20.52 7.47 -57.43
N ILE A 284 -20.55 7.04 -56.16
CA ILE A 284 -20.02 7.86 -55.07
C ILE A 284 -18.52 8.08 -55.23
N SER A 285 -17.82 7.08 -55.79
CA SER A 285 -16.39 7.23 -56.09
C SER A 285 -16.12 8.33 -57.12
N LEU A 286 -17.11 8.65 -57.96
CA LEU A 286 -16.90 9.67 -58.99
C LEU A 286 -16.95 11.09 -58.42
N GLN A 287 -17.84 11.36 -57.46
CA GLN A 287 -17.92 12.72 -56.93
C GLN A 287 -16.70 13.11 -56.10
N LYS A 288 -16.11 14.24 -56.44
CA LYS A 288 -14.94 14.74 -55.73
C LYS A 288 -15.34 15.39 -54.41
N ILE A 289 -14.43 15.28 -53.45
CA ILE A 289 -14.58 15.93 -52.15
C ILE A 289 -14.00 17.35 -52.27
N ASN A 290 -14.50 18.26 -51.43
CA ASN A 290 -14.08 19.66 -51.49
C ASN A 290 -12.62 19.83 -51.09
N THR A 291 -12.09 18.92 -50.28
CA THR A 291 -10.67 18.97 -49.92
C THR A 291 -9.79 18.57 -51.10
N ARG A 292 -10.23 17.57 -51.87
CA ARG A 292 -9.58 17.09 -53.10
C ARG A 292 -8.13 16.68 -52.88
N ILE A 293 -7.94 15.76 -51.93
CA ILE A 293 -6.57 15.27 -51.60
C ILE A 293 -6.26 14.07 -52.51
N GLY A 294 -7.06 13.00 -52.43
CA GLY A 294 -6.84 11.81 -53.26
C GLY A 294 -7.76 11.82 -54.47
N GLN A 295 -8.66 10.83 -54.57
CA GLN A 295 -9.59 10.73 -55.72
C GLN A 295 -10.97 11.25 -55.30
N GLY A 296 -11.12 11.70 -54.06
CA GLY A 296 -12.42 12.19 -53.55
C GLY A 296 -13.16 11.09 -52.82
N VAL A 297 -13.74 11.40 -51.65
CA VAL A 297 -14.49 10.39 -50.84
C VAL A 297 -13.92 8.99 -51.14
N PRO A 298 -12.62 8.71 -50.89
CA PRO A 298 -12.00 7.43 -51.28
C PRO A 298 -12.73 6.21 -50.72
N VAL A 299 -12.78 5.16 -51.55
CA VAL A 299 -13.50 3.93 -51.25
C VAL A 299 -12.49 2.81 -50.98
N VAL A 300 -12.89 1.85 -50.15
CA VAL A 300 -12.06 0.70 -49.78
C VAL A 300 -13.01 -0.40 -49.28
N ALA A 301 -12.61 -1.65 -49.48
CA ALA A 301 -13.47 -2.78 -49.15
C ALA A 301 -12.86 -3.60 -48.01
N LEU A 302 -13.66 -3.87 -47.00
CA LEU A 302 -13.27 -4.69 -45.86
C LEU A 302 -13.75 -6.12 -46.11
N ILE A 303 -12.81 -7.04 -46.34
CA ILE A 303 -13.16 -8.42 -46.68
C ILE A 303 -12.91 -9.29 -45.46
N VAL A 304 -13.97 -9.92 -44.97
CA VAL A 304 -13.89 -10.91 -43.90
C VAL A 304 -14.50 -12.21 -44.41
N GLU A 305 -13.65 -13.23 -44.54
CA GLU A 305 -14.00 -14.58 -45.01
C GLU A 305 -14.58 -14.52 -46.43
N GLY A 306 -15.90 -14.58 -46.58
CA GLY A 306 -16.50 -14.60 -47.89
C GLY A 306 -16.44 -15.97 -48.54
N GLY A 307 -16.99 -16.04 -49.75
CA GLY A 307 -17.04 -17.27 -50.50
C GLY A 307 -16.32 -17.20 -51.83
N PRO A 308 -16.73 -18.03 -52.79
CA PRO A 308 -16.16 -17.94 -54.13
C PRO A 308 -16.60 -16.71 -54.90
N ASN A 309 -17.75 -16.11 -54.54
CA ASN A 309 -18.23 -14.94 -55.28
C ASN A 309 -17.44 -13.69 -54.93
N VAL A 310 -17.02 -13.55 -53.68
CA VAL A 310 -16.31 -12.34 -53.28
C VAL A 310 -14.91 -12.28 -53.87
N ILE A 311 -14.37 -13.40 -54.35
CA ILE A 311 -13.15 -13.37 -55.15
C ILE A 311 -13.38 -12.59 -56.44
N SER A 312 -14.53 -12.82 -57.09
CA SER A 312 -14.86 -12.06 -58.29
C SER A 312 -15.22 -10.61 -57.96
N ILE A 313 -15.77 -10.34 -56.77
CA ILE A 313 -16.02 -8.95 -56.39
C ILE A 313 -14.72 -8.21 -56.15
N VAL A 314 -13.74 -8.85 -55.49
CA VAL A 314 -12.42 -8.23 -55.31
C VAL A 314 -11.70 -8.08 -56.65
N LEU A 315 -11.89 -9.05 -57.56
CA LEU A 315 -11.33 -8.93 -58.91
C LEU A 315 -11.94 -7.77 -59.67
N GLU A 316 -13.25 -7.54 -59.53
CA GLU A 316 -13.87 -6.37 -60.13
C GLU A 316 -13.43 -5.08 -59.45
N TYR A 317 -13.08 -5.15 -58.16
CA TYR A 317 -12.61 -3.96 -57.45
C TYR A 317 -11.21 -3.56 -57.90
N LEU A 318 -10.30 -4.52 -58.04
CA LEU A 318 -8.92 -4.20 -58.40
C LEU A 318 -8.80 -3.88 -59.88
N ARG A 319 -9.59 -4.56 -60.73
CA ARG A 319 -9.64 -4.26 -62.16
C ARG A 319 -10.75 -3.23 -62.37
N ASP A 320 -10.47 -2.00 -61.96
CA ASP A 320 -11.45 -0.92 -62.01
C ASP A 320 -10.68 0.39 -62.09
N THR A 321 -11.28 1.38 -62.75
CA THR A 321 -10.72 2.72 -62.70
C THR A 321 -11.58 3.63 -61.83
N PRO A 322 -11.01 4.29 -60.81
CA PRO A 322 -9.64 4.15 -60.27
C PRO A 322 -9.48 2.85 -59.49
N PRO A 323 -8.26 2.31 -59.34
CA PRO A 323 -8.08 1.01 -58.68
C PRO A 323 -8.43 1.07 -57.20
N VAL A 324 -9.53 0.43 -56.84
CA VAL A 324 -10.08 0.46 -55.49
C VAL A 324 -9.18 -0.38 -54.60
N PRO A 325 -8.59 0.18 -53.55
CA PRO A 325 -7.84 -0.64 -52.59
C PRO A 325 -8.79 -1.55 -51.82
N VAL A 326 -8.32 -2.75 -51.50
CA VAL A 326 -9.08 -3.66 -50.66
C VAL A 326 -8.16 -4.18 -49.56
N VAL A 327 -8.76 -4.50 -48.42
CA VAL A 327 -8.08 -5.17 -47.32
C VAL A 327 -8.67 -6.57 -47.18
N VAL A 328 -7.80 -7.54 -46.94
CA VAL A 328 -8.21 -8.91 -46.63
C VAL A 328 -7.69 -9.27 -45.24
N CYS A 329 -8.55 -9.89 -44.45
CA CYS A 329 -8.26 -10.16 -43.05
C CYS A 329 -8.00 -11.64 -42.86
N ASP A 330 -7.24 -11.96 -41.81
CA ASP A 330 -6.76 -13.30 -41.59
C ASP A 330 -7.45 -13.93 -40.38
N GLY A 331 -7.73 -15.24 -40.48
CA GLY A 331 -8.24 -16.01 -39.37
C GLY A 331 -9.74 -16.24 -39.38
N SER A 332 -10.47 -15.74 -40.37
CA SER A 332 -11.93 -15.88 -40.34
C SER A 332 -12.40 -17.14 -41.06
N GLY A 333 -11.86 -17.43 -42.24
CA GLY A 333 -12.19 -18.65 -42.95
C GLY A 333 -12.24 -18.47 -44.45
N ARG A 334 -12.27 -19.62 -45.14
CA ARG A 334 -12.74 -19.76 -46.54
C ARG A 334 -11.90 -18.93 -47.49
N ALA A 335 -12.46 -17.91 -48.16
CA ALA A 335 -11.75 -17.18 -49.19
C ALA A 335 -10.63 -16.31 -48.64
N SER A 336 -10.82 -15.73 -47.46
CA SER A 336 -9.81 -14.83 -46.92
C SER A 336 -8.57 -15.59 -46.48
N ASP A 337 -8.73 -16.81 -45.95
CA ASP A 337 -7.56 -17.58 -45.57
C ASP A 337 -6.83 -18.17 -46.77
N ILE A 338 -7.52 -18.50 -47.86
CA ILE A 338 -6.77 -18.97 -49.03
C ILE A 338 -6.07 -17.78 -49.72
N LEU A 339 -6.66 -16.58 -49.67
CA LEU A 339 -5.94 -15.40 -50.12
C LEU A 339 -4.74 -15.09 -49.22
N ALA A 340 -4.89 -15.31 -47.91
CA ALA A 340 -3.78 -15.11 -46.98
C ALA A 340 -2.67 -16.14 -47.20
N PHE A 341 -3.05 -17.38 -47.48
CA PHE A 341 -2.06 -18.42 -47.77
C PHE A 341 -1.36 -18.16 -49.10
N GLY A 342 -2.06 -17.61 -50.07
CA GLY A 342 -1.41 -17.20 -51.32
C GLY A 342 -0.65 -15.91 -51.21
N HIS A 343 -0.88 -15.12 -50.16
CA HIS A 343 -0.21 -13.83 -49.97
C HIS A 343 1.02 -13.92 -49.08
N LYS A 344 1.00 -14.72 -48.02
CA LYS A 344 2.20 -14.87 -47.20
C LYS A 344 3.22 -15.76 -47.89
N TYR A 345 2.77 -16.74 -48.66
CA TYR A 345 3.63 -17.50 -49.55
C TYR A 345 3.33 -17.03 -50.97
N SER A 346 3.98 -15.94 -51.36
CA SER A 346 3.67 -15.30 -52.63
C SER A 346 4.91 -15.07 -53.47
N GLU A 347 6.08 -14.97 -52.81
CA GLU A 347 7.36 -14.58 -53.40
C GLU A 347 7.26 -13.27 -54.15
N GLU A 348 7.46 -13.30 -55.47
CA GLU A 348 7.40 -12.11 -56.30
C GLU A 348 6.02 -11.98 -56.93
N GLY A 349 5.02 -11.75 -56.07
CA GLY A 349 3.65 -11.52 -56.52
C GLY A 349 3.01 -12.73 -57.14
N GLY A 350 2.89 -12.75 -58.47
CA GLY A 350 2.26 -13.86 -59.16
C GLY A 350 3.10 -15.12 -59.29
N LEU A 351 4.35 -15.06 -58.82
CA LEU A 351 5.27 -16.21 -58.92
C LEU A 351 4.87 -17.29 -57.91
N ILE A 352 3.89 -18.13 -58.27
CA ILE A 352 3.38 -19.18 -57.32
C ILE A 352 4.35 -20.38 -57.34
N ASN A 353 4.47 -21.08 -56.21
CA ASN A 353 5.37 -22.27 -56.12
C ASN A 353 4.59 -23.51 -56.58
N GLU A 354 5.14 -24.70 -56.29
CA GLU A 354 4.46 -25.97 -56.68
C GLU A 354 3.74 -26.55 -55.46
N SER A 355 4.49 -27.03 -54.47
CA SER A 355 3.89 -27.60 -53.28
C SER A 355 2.95 -26.61 -52.62
N LEU A 356 3.20 -25.33 -52.80
CA LEU A 356 2.26 -24.37 -52.25
C LEU A 356 1.00 -24.21 -53.13
N ARG A 357 1.18 -24.29 -54.46
CA ARG A 357 0.01 -24.21 -55.38
C ARG A 357 -0.89 -25.43 -55.09
N ASP A 358 -0.28 -26.54 -54.68
CA ASP A 358 -1.05 -27.77 -54.36
C ASP A 358 -1.66 -27.63 -52.96
N GLN A 359 -0.87 -27.18 -51.99
CA GLN A 359 -1.38 -27.00 -50.64
C GLN A 359 -2.59 -26.08 -50.63
N LEU A 360 -2.54 -25.03 -51.45
CA LEU A 360 -3.70 -24.17 -51.68
C LEU A 360 -4.87 -24.93 -52.30
N LEU A 361 -4.60 -25.82 -53.26
CA LEU A 361 -5.70 -26.56 -53.90
C LEU A 361 -6.36 -27.55 -52.93
N VAL A 362 -5.57 -28.22 -52.08
CA VAL A 362 -6.21 -29.15 -51.14
C VAL A 362 -6.95 -28.40 -50.04
N THR A 363 -6.47 -27.21 -49.64
CA THR A 363 -7.25 -26.43 -48.69
C THR A 363 -8.50 -25.81 -49.33
N ILE A 364 -8.50 -25.57 -50.64
CA ILE A 364 -9.72 -25.19 -51.32
C ILE A 364 -10.70 -26.35 -51.37
N GLN A 365 -10.21 -27.55 -51.73
CA GLN A 365 -11.05 -28.74 -51.80
C GLN A 365 -11.52 -29.22 -50.44
N LYS A 366 -10.92 -28.74 -49.34
CA LYS A 366 -11.42 -29.04 -48.00
C LYS A 366 -12.32 -27.94 -47.46
N THR A 367 -11.96 -26.67 -47.65
CA THR A 367 -12.72 -25.57 -47.07
C THR A 367 -13.94 -25.22 -47.91
N PHE A 368 -13.74 -24.82 -49.16
CA PHE A 368 -14.84 -24.62 -50.10
C PHE A 368 -15.52 -25.93 -50.49
N THR A 369 -14.82 -27.06 -50.40
CA THR A 369 -15.24 -28.37 -50.92
C THR A 369 -15.61 -28.24 -52.40
N TYR A 370 -14.59 -28.02 -53.22
CA TYR A 370 -14.77 -27.84 -54.65
C TYR A 370 -14.21 -29.03 -55.42
N THR A 371 -14.57 -29.09 -56.71
CA THR A 371 -14.05 -30.12 -57.60
C THR A 371 -12.68 -29.69 -58.12
N ARG A 372 -12.11 -30.52 -59.00
CA ARG A 372 -10.77 -30.24 -59.54
C ARG A 372 -10.79 -29.06 -60.49
N THR A 373 -11.75 -29.05 -61.43
CA THR A 373 -11.81 -27.95 -62.39
C THR A 373 -12.36 -26.67 -61.78
N GLN A 374 -13.21 -26.78 -60.74
CA GLN A 374 -13.66 -25.58 -60.04
C GLN A 374 -12.52 -24.93 -59.26
N ALA A 375 -11.69 -25.76 -58.62
CA ALA A 375 -10.50 -25.25 -57.94
C ALA A 375 -9.48 -24.70 -58.93
N GLN A 376 -9.38 -25.30 -60.12
CA GLN A 376 -8.50 -24.74 -61.15
C GLN A 376 -9.00 -23.38 -61.64
N HIS A 377 -10.31 -23.24 -61.85
CA HIS A 377 -10.87 -21.95 -62.29
C HIS A 377 -10.74 -20.88 -61.22
N LEU A 378 -11.07 -21.22 -59.96
CA LEU A 378 -10.86 -20.29 -58.85
C LEU A 378 -9.39 -19.98 -58.66
N PHE A 379 -8.50 -20.90 -59.03
CA PHE A 379 -7.08 -20.57 -58.95
C PHE A 379 -6.66 -19.60 -60.05
N ILE A 380 -7.23 -19.73 -61.25
CA ILE A 380 -6.95 -18.76 -62.31
C ILE A 380 -7.42 -17.37 -61.89
N ILE A 381 -8.61 -17.29 -61.28
CA ILE A 381 -9.10 -16.03 -60.76
C ILE A 381 -8.22 -15.52 -59.61
N LEU A 382 -7.68 -16.42 -58.80
CA LEU A 382 -6.76 -16.02 -57.73
C LEU A 382 -5.44 -15.49 -58.29
N MET A 383 -4.96 -16.05 -59.40
CA MET A 383 -3.77 -15.51 -60.07
C MET A 383 -4.06 -14.13 -60.64
N GLU A 384 -5.25 -13.93 -61.20
CA GLU A 384 -5.65 -12.62 -61.68
C GLU A 384 -5.77 -11.60 -60.55
N CYS A 385 -6.20 -12.06 -59.37
CA CYS A 385 -6.29 -11.17 -58.22
C CYS A 385 -4.92 -10.86 -57.63
N MET A 386 -4.02 -11.85 -57.62
CA MET A 386 -2.68 -11.67 -57.09
C MET A 386 -1.74 -10.99 -58.08
N LYS A 387 -2.20 -10.75 -59.32
CA LYS A 387 -1.46 -9.87 -60.23
C LYS A 387 -1.34 -8.46 -59.63
N LYS A 388 -2.44 -7.95 -59.07
CA LYS A 388 -2.40 -6.69 -58.32
C LYS A 388 -2.32 -6.98 -56.82
N LYS A 389 -1.14 -7.45 -56.40
CA LYS A 389 -0.92 -7.68 -54.97
C LYS A 389 -0.56 -6.40 -54.23
N GLU A 390 -0.21 -5.33 -54.95
CA GLU A 390 0.09 -4.07 -54.29
C GLU A 390 -1.18 -3.35 -53.85
N LEU A 391 -2.29 -3.52 -54.59
CA LEU A 391 -3.54 -2.89 -54.20
C LEU A 391 -4.19 -3.60 -53.03
N ILE A 392 -3.97 -4.91 -52.88
CA ILE A 392 -4.51 -5.60 -51.72
C ILE A 392 -3.59 -5.36 -50.54
N THR A 393 -4.19 -5.17 -49.36
CA THR A 393 -3.44 -5.12 -48.12
C THR A 393 -3.93 -6.25 -47.22
N VAL A 394 -2.99 -6.99 -46.65
CA VAL A 394 -3.29 -8.19 -45.89
C VAL A 394 -3.13 -7.85 -44.41
N PHE A 395 -4.25 -7.70 -43.71
CA PHE A 395 -4.24 -7.57 -42.27
C PHE A 395 -4.06 -8.95 -41.64
N ARG A 396 -3.16 -9.04 -40.67
CA ARG A 396 -2.99 -10.25 -39.88
C ARG A 396 -2.99 -9.87 -38.41
N MET A 397 -3.50 -10.77 -37.57
CA MET A 397 -3.65 -10.48 -36.15
C MET A 397 -2.29 -10.42 -35.47
N GLY A 398 -1.97 -9.27 -34.89
CA GLY A 398 -0.69 -9.07 -34.24
C GLY A 398 0.36 -8.48 -35.17
N GLN A 403 -2.05 -2.64 -32.35
CA GLN A 403 -2.36 -3.10 -33.70
C GLN A 403 -3.81 -3.55 -33.80
N ASP A 404 -4.53 -2.92 -34.73
CA ASP A 404 -5.93 -3.24 -35.01
C ASP A 404 -6.13 -3.13 -36.51
N ILE A 405 -7.39 -3.07 -36.95
CA ILE A 405 -7.67 -2.79 -38.36
C ILE A 405 -7.75 -1.29 -38.63
N ASP A 406 -7.41 -0.46 -37.65
CA ASP A 406 -7.16 0.95 -37.92
C ASP A 406 -5.99 1.11 -38.88
N LEU A 407 -4.87 0.43 -38.60
CA LEU A 407 -3.73 0.49 -39.48
C LEU A 407 -4.04 -0.14 -40.84
N ALA A 408 -4.88 -1.18 -40.85
CA ALA A 408 -5.22 -1.87 -42.10
C ALA A 408 -5.92 -0.95 -43.09
N ILE A 409 -7.10 -0.42 -42.72
CA ILE A 409 -7.82 0.38 -43.70
C ILE A 409 -7.30 1.81 -43.79
N LEU A 410 -6.61 2.32 -42.77
CA LEU A 410 -6.01 3.64 -42.95
C LEU A 410 -4.76 3.60 -43.84
N THR A 411 -3.92 2.58 -43.71
CA THR A 411 -2.86 2.34 -44.68
C THR A 411 -3.43 2.02 -46.06
N ALA A 412 -4.59 1.35 -46.12
CA ALA A 412 -5.26 1.12 -47.39
C ALA A 412 -5.72 2.43 -48.03
N LEU A 413 -6.23 3.36 -47.21
CA LEU A 413 -6.64 4.69 -47.66
C LEU A 413 -5.45 5.43 -48.25
N LEU A 414 -4.36 5.50 -47.47
CA LEU A 414 -3.16 6.20 -47.90
C LEU A 414 -2.42 5.48 -49.03
N LYS A 415 -2.72 4.19 -49.21
CA LYS A 415 -2.01 3.36 -50.18
C LYS A 415 -2.69 3.44 -51.55
N GLY A 416 -4.00 3.27 -51.58
CA GLY A 416 -4.79 3.37 -52.79
C GLY A 416 -5.34 4.76 -53.08
N ALA A 417 -5.02 5.75 -52.24
CA ALA A 417 -5.49 7.10 -52.47
C ALA A 417 -4.73 7.81 -53.57
N ASN A 418 -3.54 7.30 -53.92
CA ASN A 418 -2.73 7.76 -55.06
C ASN A 418 -2.34 9.24 -54.93
N ALA A 419 -2.25 9.72 -53.71
CA ALA A 419 -1.94 11.12 -53.45
C ALA A 419 -0.43 11.31 -53.34
N SER A 420 -0.02 12.57 -53.24
CA SER A 420 1.37 12.90 -52.98
C SER A 420 1.68 12.60 -51.52
N ALA A 421 2.90 12.13 -51.25
CA ALA A 421 3.39 11.87 -49.91
C ALA A 421 3.34 13.06 -48.94
N PRO A 422 3.65 14.35 -49.35
CA PRO A 422 3.42 15.46 -48.40
C PRO A 422 1.97 15.64 -47.98
N ASP A 423 1.03 15.45 -48.91
CA ASP A 423 -0.38 15.63 -48.57
C ASP A 423 -0.87 14.45 -47.73
N GLN A 424 -0.27 13.27 -47.94
CA GLN A 424 -0.46 12.10 -47.10
C GLN A 424 -0.03 12.40 -45.66
N LEU A 425 1.14 13.03 -45.52
CA LEU A 425 1.60 13.48 -44.21
C LEU A 425 0.66 14.51 -43.60
N SER A 426 0.13 15.44 -44.43
CA SER A 426 -0.78 16.46 -43.94
C SER A 426 -2.08 15.87 -43.39
N LEU A 427 -2.63 14.88 -44.09
CA LEU A 427 -3.83 14.22 -43.59
C LEU A 427 -3.53 13.35 -42.37
N ALA A 428 -2.31 12.80 -42.32
CA ALA A 428 -1.85 12.10 -41.11
C ALA A 428 -1.76 13.04 -39.91
N LEU A 429 -1.29 14.27 -40.14
CA LEU A 429 -1.32 15.30 -39.10
C LEU A 429 -2.75 15.65 -38.70
N ALA A 430 -3.68 15.61 -39.67
CA ALA A 430 -5.09 15.77 -39.35
C ALA A 430 -5.68 14.57 -38.62
N TRP A 431 -4.97 13.46 -38.56
CA TRP A 431 -5.46 12.24 -37.92
C TRP A 431 -4.97 12.00 -36.50
N ASN A 432 -3.68 12.28 -36.23
CA ASN A 432 -2.81 11.78 -35.12
C ASN A 432 -2.48 10.32 -35.29
N ARG A 433 -2.64 9.75 -36.49
CA ARG A 433 -2.24 8.38 -36.75
C ARG A 433 -0.76 8.39 -37.12
N VAL A 434 0.08 8.48 -36.09
CA VAL A 434 1.51 8.75 -36.30
C VAL A 434 2.23 7.48 -36.73
N ASP A 435 1.71 6.30 -36.40
CA ASP A 435 2.42 5.08 -36.71
C ASP A 435 1.99 4.48 -38.06
N ILE A 436 0.79 4.84 -38.53
CA ILE A 436 0.46 4.59 -39.94
C ILE A 436 1.33 5.47 -40.84
N ALA A 437 1.55 6.73 -40.43
CA ALA A 437 2.43 7.63 -41.18
C ALA A 437 3.87 7.15 -41.13
N ARG A 438 4.28 6.58 -39.99
CA ARG A 438 5.64 6.08 -39.86
C ARG A 438 5.84 4.80 -40.68
N SER A 439 4.82 3.94 -40.71
CA SER A 439 4.95 2.68 -41.44
C SER A 439 4.83 2.88 -42.96
N GLN A 440 3.97 3.80 -43.40
CA GLN A 440 3.69 3.96 -44.83
C GLN A 440 4.52 5.00 -45.55
N ILE A 441 4.42 6.27 -45.14
CA ILE A 441 5.04 7.34 -45.90
C ILE A 441 6.55 7.32 -45.69
N PHE A 442 6.99 7.11 -44.46
CA PHE A 442 8.40 6.91 -44.16
C PHE A 442 8.76 5.47 -44.47
N ILE A 443 9.26 5.23 -45.69
CA ILE A 443 9.71 3.92 -46.11
C ILE A 443 11.13 4.09 -46.67
N TYR A 444 11.89 3.01 -46.71
CA TYR A 444 13.26 3.08 -47.19
C TYR A 444 13.29 3.30 -48.69
N GLY A 445 14.01 4.34 -49.12
CA GLY A 445 14.12 4.68 -50.51
C GLY A 445 12.95 5.47 -51.08
N GLN A 446 12.04 5.94 -50.22
CA GLN A 446 10.89 6.75 -50.62
C GLN A 446 11.35 8.06 -51.24
N GLN A 447 10.76 8.44 -52.38
CA GLN A 447 11.06 9.73 -53.00
C GLN A 447 10.52 10.87 -52.16
N TRP A 448 11.42 11.77 -51.75
CA TRP A 448 11.06 12.68 -50.68
C TRP A 448 11.10 14.12 -51.15
N PRO A 449 10.02 14.88 -51.01
CA PRO A 449 10.06 16.30 -51.38
C PRO A 449 10.81 17.15 -50.37
N VAL A 450 10.96 18.45 -50.66
CA VAL A 450 11.64 19.38 -49.77
C VAL A 450 10.77 20.63 -49.63
N GLY A 451 10.95 21.33 -48.52
CA GLY A 451 10.22 22.57 -48.29
C GLY A 451 8.88 22.35 -47.62
N SER A 452 8.04 21.51 -48.23
CA SER A 452 6.72 21.21 -47.66
C SER A 452 6.83 20.36 -46.40
N LEU A 453 7.95 19.67 -46.19
CA LEU A 453 8.19 18.99 -44.91
C LEU A 453 8.24 19.99 -43.77
N GLU A 454 8.94 21.10 -43.98
CA GLU A 454 9.05 22.12 -42.94
C GLU A 454 7.74 22.86 -42.75
N GLN A 455 6.96 23.02 -43.82
CA GLN A 455 5.65 23.66 -43.71
C GLN A 455 4.67 22.77 -42.95
N ALA A 456 4.71 21.47 -43.22
CA ALA A 456 3.89 20.52 -42.47
C ALA A 456 4.37 20.41 -41.02
N MET A 457 5.68 20.57 -40.79
CA MET A 457 6.21 20.63 -39.44
C MET A 457 5.69 21.85 -38.69
N LEU A 458 5.60 22.99 -39.38
CA LEU A 458 5.03 24.20 -38.80
C LEU A 458 3.55 24.00 -38.47
N ASP A 459 2.82 23.34 -39.37
CA ASP A 459 1.41 23.06 -39.14
C ASP A 459 1.22 22.10 -37.98
N ALA A 460 2.14 21.14 -37.81
CA ALA A 460 2.12 20.26 -36.65
C ALA A 460 2.43 21.02 -35.38
N LEU A 461 3.38 21.95 -35.43
CA LEU A 461 3.79 22.66 -34.23
C LEU A 461 2.75 23.67 -33.79
N VAL A 462 1.93 24.17 -34.72
CA VAL A 462 0.86 25.06 -34.30
C VAL A 462 -0.40 24.30 -33.89
N LEU A 463 -0.48 23.00 -34.18
CA LEU A 463 -1.57 22.18 -33.69
C LEU A 463 -1.17 21.21 -32.58
N ASP A 464 0.04 21.37 -32.02
CA ASP A 464 0.52 20.60 -30.87
C ASP A 464 0.59 19.10 -31.14
N ARG A 465 1.15 18.72 -32.30
CA ARG A 465 1.28 17.32 -32.66
C ARG A 465 2.71 16.87 -32.36
N VAL A 466 2.98 16.61 -31.08
CA VAL A 466 4.36 16.47 -30.61
C VAL A 466 5.04 15.20 -31.14
N ASP A 467 4.28 14.09 -31.23
CA ASP A 467 4.86 12.84 -31.71
C ASP A 467 5.21 12.89 -33.20
N PHE A 468 4.49 13.72 -33.96
CA PHE A 468 4.84 13.94 -35.36
C PHE A 468 6.13 14.73 -35.47
N VAL A 469 6.31 15.74 -34.62
CA VAL A 469 7.55 16.52 -34.60
C VAL A 469 8.72 15.63 -34.21
N LYS A 470 8.50 14.74 -33.23
CA LYS A 470 9.46 13.68 -32.91
C LYS A 470 9.79 12.81 -34.12
N LEU A 471 8.76 12.48 -34.90
CA LEU A 471 8.96 11.59 -36.07
C LEU A 471 9.80 12.33 -37.13
N LEU A 472 9.51 13.60 -37.38
CA LEU A 472 10.23 14.35 -38.44
C LEU A 472 11.67 14.63 -38.01
N ILE A 473 11.87 15.05 -36.75
CA ILE A 473 13.23 15.30 -36.25
C ILE A 473 14.02 13.99 -36.18
N GLU A 474 13.33 12.87 -35.94
CA GLU A 474 13.96 11.56 -36.02
C GLU A 474 14.45 11.26 -37.44
N ASN A 475 13.64 11.68 -38.43
CA ASN A 475 14.02 11.44 -39.86
C ASN A 475 14.79 12.66 -40.37
N GLY A 476 15.95 12.96 -39.75
CA GLY A 476 16.75 14.13 -40.18
C GLY A 476 16.03 15.42 -39.93
N VAL A 477 15.96 16.30 -40.94
CA VAL A 477 15.26 17.62 -40.82
C VAL A 477 15.76 18.33 -39.55
N SER A 478 17.02 18.81 -39.57
CA SER A 478 17.60 19.49 -38.38
C SER A 478 16.75 20.71 -38.00
N MET A 479 16.60 20.97 -36.69
CA MET A 479 15.74 22.10 -36.23
C MET A 479 16.29 23.43 -36.73
N HIS A 480 17.61 23.64 -36.65
CA HIS A 480 18.20 24.95 -37.04
C HIS A 480 17.81 25.29 -38.48
N ARG A 481 17.86 24.29 -39.37
CA ARG A 481 17.51 24.51 -40.80
C ARG A 481 16.04 24.96 -40.89
N PHE A 482 15.20 24.54 -39.95
CA PHE A 482 13.78 24.88 -40.02
C PHE A 482 13.52 26.28 -39.45
N LEU A 483 14.44 26.83 -38.67
CA LEU A 483 14.23 28.13 -38.03
C LEU A 483 14.84 29.25 -38.84
N THR A 484 14.01 30.23 -39.19
CA THR A 484 14.40 31.46 -39.84
C THR A 484 13.69 32.55 -39.03
N ILE A 485 14.13 33.81 -39.15
CA ILE A 485 13.45 34.94 -38.54
C ILE A 485 12.00 35.00 -39.01
N SER A 486 11.81 34.82 -40.32
CA SER A 486 10.45 34.85 -40.88
C SER A 486 9.65 33.61 -40.49
N ARG A 487 10.31 32.45 -40.43
CA ARG A 487 9.57 31.22 -40.12
C ARG A 487 9.14 31.20 -38.66
N LEU A 488 10.02 31.63 -37.75
CA LEU A 488 9.61 31.80 -36.35
C LEU A 488 8.66 32.98 -36.19
N GLU A 489 8.73 33.96 -37.09
CA GLU A 489 7.76 35.06 -37.07
C GLU A 489 6.37 34.56 -37.39
N GLU A 490 6.27 33.66 -38.36
CA GLU A 490 5.00 32.97 -38.65
C GLU A 490 4.63 32.06 -37.49
N LEU A 491 5.62 31.47 -36.84
CA LEU A 491 5.40 30.48 -35.80
C LEU A 491 4.88 31.14 -34.52
N TYR A 492 5.18 32.42 -34.31
CA TYR A 492 4.57 33.10 -33.17
C TYR A 492 3.20 33.68 -33.50
N ASN A 493 3.01 34.19 -34.72
CA ASN A 493 1.79 34.94 -35.02
C ASN A 493 0.57 34.05 -35.17
N THR A 494 0.77 32.74 -35.33
CA THR A 494 -0.34 31.81 -35.45
C THR A 494 -1.00 31.58 -34.09
N ARG A 495 -2.31 31.82 -34.04
CA ARG A 495 -3.08 31.66 -32.81
C ARG A 495 -3.88 30.37 -32.76
N HIS A 496 -4.35 29.86 -33.90
CA HIS A 496 -5.21 28.67 -33.91
C HIS A 496 -4.42 27.42 -33.54
N GLY A 497 -5.06 26.54 -32.78
CA GLY A 497 -4.40 25.41 -32.18
C GLY A 497 -4.97 25.15 -30.81
N PRO A 498 -4.13 25.21 -29.77
CA PRO A 498 -4.63 25.14 -28.40
C PRO A 498 -5.06 26.50 -27.88
N SER A 499 -5.49 26.55 -26.63
CA SER A 499 -5.84 27.79 -25.95
C SER A 499 -4.57 28.42 -25.39
N ASN A 500 -4.41 29.71 -25.61
CA ASN A 500 -3.28 30.48 -25.09
C ASN A 500 -3.78 31.73 -24.35
N THR A 501 -3.03 32.14 -23.33
CA THR A 501 -3.31 33.40 -22.63
C THR A 501 -2.52 34.54 -23.21
N LEU A 502 -1.94 34.33 -24.40
CA LEU A 502 -0.99 35.22 -25.04
C LEU A 502 -1.50 36.64 -25.27
N TYR A 503 -2.67 36.80 -25.91
CA TYR A 503 -3.19 38.10 -26.33
C TYR A 503 -3.43 39.10 -25.20
N HIS A 504 -4.19 38.67 -24.18
CA HIS A 504 -4.65 39.49 -23.08
C HIS A 504 -3.47 40.07 -22.30
N LEU A 505 -2.38 39.31 -22.25
CA LEU A 505 -1.15 39.70 -21.58
C LEU A 505 -0.17 40.46 -22.46
N VAL A 506 -0.12 40.19 -23.77
CA VAL A 506 0.85 40.92 -24.60
C VAL A 506 0.32 42.31 -24.90
N ARG A 507 -1.00 42.51 -24.85
CA ARG A 507 -1.46 43.88 -25.00
C ARG A 507 -1.28 44.67 -23.71
N ASP A 508 -1.22 43.96 -22.57
CA ASP A 508 -1.01 44.58 -21.26
C ASP A 508 0.30 45.32 -21.18
N VAL A 509 1.42 44.68 -21.53
CA VAL A 509 2.71 45.36 -21.46
C VAL A 509 2.82 46.43 -22.54
N LYS A 510 2.19 46.19 -23.70
CA LYS A 510 2.30 47.12 -24.82
C LYS A 510 1.45 48.37 -24.61
N LYS A 511 0.45 48.31 -23.73
CA LYS A 511 -0.35 49.48 -23.42
C LYS A 511 0.08 50.12 -22.10
N ARG A 512 0.17 49.31 -21.04
CA ARG A 512 0.51 49.80 -19.71
C ARG A 512 1.96 50.30 -19.66
N GLU A 513 2.87 49.66 -20.40
CA GLU A 513 4.24 50.14 -20.47
C GLU A 513 4.31 51.42 -21.29
N TYR A 514 3.43 51.57 -22.26
CA TYR A 514 3.41 52.77 -23.10
C TYR A 514 2.74 53.94 -22.38
N PRO A 527 -7.14 46.68 -31.06
CA PRO A 527 -6.25 46.32 -32.17
C PRO A 527 -6.14 44.80 -32.31
N PRO A 528 -5.88 44.29 -33.51
CA PRO A 528 -5.61 42.85 -33.65
C PRO A 528 -4.21 42.42 -33.26
N ASP A 529 -3.27 43.38 -33.14
CA ASP A 529 -1.85 43.14 -32.89
C ASP A 529 -1.30 42.15 -33.91
N TYR A 530 -1.49 42.48 -35.19
CA TYR A 530 -1.13 41.58 -36.28
C TYR A 530 0.37 41.39 -36.37
N ARG A 531 0.79 40.11 -36.49
CA ARG A 531 2.15 39.65 -36.30
C ARG A 531 2.67 40.17 -34.94
N ILE A 532 2.18 39.53 -33.87
CA ILE A 532 2.63 39.83 -32.51
C ILE A 532 4.14 39.64 -32.51
N SER A 533 4.86 40.74 -32.26
CA SER A 533 6.28 40.82 -32.60
C SER A 533 7.13 40.00 -31.65
N LEU A 534 8.27 39.53 -32.16
CA LEU A 534 9.26 38.93 -31.26
C LEU A 534 9.83 39.96 -30.28
N ILE A 535 9.77 41.25 -30.65
CA ILE A 535 10.25 42.32 -29.79
C ILE A 535 9.38 42.47 -28.53
N ASP A 536 8.05 42.56 -28.68
CA ASP A 536 7.26 42.79 -27.47
C ASP A 536 6.98 41.49 -26.74
N ILE A 537 7.19 40.34 -27.40
CA ILE A 537 7.28 39.09 -26.64
C ILE A 537 8.56 39.06 -25.81
N GLY A 538 9.63 39.66 -26.33
CA GLY A 538 10.78 39.98 -25.50
C GLY A 538 10.43 40.87 -24.32
N LEU A 539 9.58 41.87 -24.55
CA LEU A 539 9.12 42.73 -23.46
C LEU A 539 8.20 41.97 -22.49
N VAL A 540 7.45 40.99 -22.99
CA VAL A 540 6.66 40.09 -22.15
C VAL A 540 7.59 39.28 -21.25
N ILE A 541 8.71 38.82 -21.81
CA ILE A 541 9.75 38.18 -21.01
C ILE A 541 10.31 39.16 -19.97
N GLU A 542 10.42 40.44 -20.33
CA GLU A 542 10.97 41.41 -19.39
C GLU A 542 10.01 41.70 -18.24
N TYR A 543 8.70 41.67 -18.50
CA TYR A 543 7.75 41.92 -17.42
C TYR A 543 7.55 40.66 -16.59
N LEU A 544 7.23 39.54 -17.24
CA LEU A 544 6.90 38.29 -16.57
C LEU A 544 8.13 37.74 -15.87
N MET A 545 9.26 37.64 -16.58
CA MET A 545 10.53 37.28 -15.98
C MET A 545 10.94 38.26 -14.90
N GLY A 546 10.81 39.56 -15.16
CA GLY A 546 11.16 40.58 -14.20
C GLY A 546 12.65 40.85 -14.14
N GLY A 547 13.01 41.82 -13.32
CA GLY A 547 14.40 42.17 -13.08
C GLY A 547 15.09 42.84 -14.26
N ALA A 548 16.42 42.74 -14.22
CA ALA A 548 17.30 43.32 -15.23
C ALA A 548 17.71 42.32 -16.29
N TYR A 549 16.77 41.47 -16.72
CA TYR A 549 17.09 40.29 -17.52
C TYR A 549 17.67 40.65 -18.88
N ARG A 550 17.01 41.57 -19.59
CA ARG A 550 17.40 42.19 -20.86
C ARG A 550 17.82 41.14 -21.90
N CYS A 551 16.83 40.41 -22.41
CA CYS A 551 17.04 39.28 -23.31
C CYS A 551 17.61 39.70 -24.65
N ASN A 552 17.91 38.68 -25.46
CA ASN A 552 18.43 38.88 -26.81
C ASN A 552 17.39 39.53 -27.72
N TYR A 553 16.10 39.32 -27.46
CA TYR A 553 15.06 39.98 -28.24
C TYR A 553 15.07 41.48 -28.02
N THR A 554 15.40 41.92 -26.80
CA THR A 554 15.35 43.33 -26.46
C THR A 554 16.72 44.02 -26.59
N ARG A 555 17.73 43.32 -27.08
CA ARG A 555 19.00 43.94 -27.43
C ARG A 555 18.81 44.82 -28.67
N LYS A 556 19.47 45.98 -28.67
CA LYS A 556 19.31 46.98 -29.72
C LYS A 556 19.84 46.51 -31.07
N ARG A 557 20.82 45.60 -31.03
CA ARG A 557 21.33 45.01 -32.29
C ARG A 557 20.19 44.18 -32.92
N PHE A 558 19.45 43.42 -32.10
CA PHE A 558 18.30 42.64 -32.62
C PHE A 558 17.18 43.61 -32.98
N ARG A 559 17.06 44.72 -32.26
CA ARG A 559 16.04 45.74 -32.59
C ARG A 559 16.28 46.23 -34.03
N THR A 560 17.54 46.46 -34.39
CA THR A 560 17.85 46.89 -35.75
C THR A 560 17.82 45.72 -36.73
N LEU A 561 17.98 44.49 -36.24
CA LEU A 561 17.69 43.34 -37.10
C LEU A 561 16.18 43.13 -37.28
N TYR A 562 15.37 43.58 -36.33
CA TYR A 562 13.92 43.50 -36.53
C TYR A 562 13.44 44.52 -37.54
N HIS A 563 13.95 45.75 -37.47
CA HIS A 563 13.61 46.74 -38.49
C HIS A 563 14.31 46.45 -39.81
N ASN A 564 15.46 45.77 -39.76
CA ASN A 564 16.16 45.39 -40.99
C ASN A 564 15.43 44.26 -41.70
N LEU A 565 14.89 43.31 -40.94
CA LEU A 565 14.12 42.19 -41.47
C LEU A 565 12.63 42.37 -41.26
N PHE A 566 12.11 43.55 -41.62
CA PHE A 566 10.73 43.95 -41.39
C PHE A 566 9.72 43.06 -42.11
N GLU A 607 22.78 30.95 -41.51
CA GLU A 607 23.21 31.56 -40.25
C GLU A 607 22.80 33.02 -40.21
N ILE A 608 22.38 33.55 -41.36
CA ILE A 608 22.04 34.97 -41.51
C ILE A 608 20.76 35.26 -40.73
N ASN A 609 19.72 34.45 -40.96
CA ASN A 609 18.46 34.56 -40.23
C ASN A 609 18.23 33.35 -39.32
N HIS A 610 19.22 32.46 -39.24
CA HIS A 610 19.09 31.20 -38.51
C HIS A 610 19.56 31.40 -37.08
N PHE A 611 18.71 31.00 -36.13
CA PHE A 611 19.06 31.06 -34.71
C PHE A 611 20.16 30.04 -34.41
N PRO A 612 21.20 30.41 -33.66
CA PRO A 612 22.32 29.49 -33.44
C PRO A 612 22.05 28.41 -32.40
N PHE A 613 21.03 28.60 -31.56
CA PHE A 613 20.68 27.63 -30.52
C PHE A 613 19.16 27.45 -30.46
N PRO A 614 18.56 26.69 -31.45
CA PRO A 614 17.09 26.69 -31.67
C PRO A 614 16.18 26.38 -30.50
N PHE A 615 16.47 25.26 -29.84
CA PHE A 615 15.61 24.57 -28.88
C PHE A 615 15.24 25.46 -27.71
N HIS A 616 16.12 26.40 -27.38
CA HIS A 616 15.95 27.46 -26.39
C HIS A 616 14.72 28.32 -26.68
N GLU A 617 14.73 28.96 -27.86
CA GLU A 617 13.62 29.84 -28.24
C GLU A 617 12.36 29.04 -28.50
N LEU A 618 12.50 27.80 -28.98
CA LEU A 618 11.32 26.94 -29.14
C LEU A 618 10.71 26.58 -27.79
N MET A 619 11.53 26.42 -26.76
CA MET A 619 11.00 26.26 -25.41
C MET A 619 10.24 27.50 -24.96
N VAL A 620 10.83 28.68 -25.16
CA VAL A 620 10.17 29.93 -24.75
C VAL A 620 8.80 30.06 -25.43
N TRP A 621 8.76 29.74 -26.72
CA TRP A 621 7.52 29.67 -27.50
C TRP A 621 6.52 28.69 -26.91
N ALA A 622 6.95 27.44 -26.72
CA ALA A 622 6.04 26.38 -26.29
C ALA A 622 5.55 26.60 -24.86
N VAL A 623 6.34 27.27 -24.04
CA VAL A 623 5.87 27.63 -22.71
C VAL A 623 4.80 28.71 -22.80
N LEU A 624 5.04 29.75 -23.61
CA LEU A 624 4.09 30.89 -23.66
C LEU A 624 2.78 30.46 -24.36
N MET A 625 2.78 29.30 -25.02
CA MET A 625 1.57 28.84 -25.75
C MET A 625 0.82 27.79 -24.91
N LYS A 626 1.12 27.74 -23.61
CA LYS A 626 0.47 26.78 -22.69
C LYS A 626 0.68 25.33 -23.16
N ARG A 627 1.77 25.09 -23.89
CA ARG A 627 2.03 23.79 -24.53
C ARG A 627 3.02 22.97 -23.71
N GLN A 628 2.52 22.38 -22.62
CA GLN A 628 3.31 21.49 -21.75
C GLN A 628 3.93 20.31 -22.49
N LYS A 629 3.07 19.57 -23.20
CA LYS A 629 3.46 18.34 -23.89
C LYS A 629 4.42 18.59 -25.04
N MET A 630 4.51 19.84 -25.51
CA MET A 630 5.50 20.20 -26.52
C MET A 630 6.79 20.67 -25.88
N ALA A 631 6.67 21.43 -24.79
CA ALA A 631 7.79 22.02 -24.07
C ALA A 631 8.70 20.95 -23.47
N LEU A 632 8.11 19.86 -22.95
CA LEU A 632 8.93 18.78 -22.41
C LEU A 632 9.77 18.10 -23.48
N PHE A 633 9.21 17.95 -24.69
CA PHE A 633 9.98 17.43 -25.81
C PHE A 633 11.12 18.36 -26.19
N PHE A 634 10.86 19.67 -26.22
CA PHE A 634 11.96 20.59 -26.51
C PHE A 634 12.95 20.68 -25.35
N TRP A 635 12.54 20.28 -24.15
CA TRP A 635 13.50 20.23 -23.05
C TRP A 635 14.37 19.00 -23.16
N GLN A 636 13.81 17.91 -23.72
CA GLN A 636 14.56 16.67 -23.90
C GLN A 636 15.77 16.86 -24.81
N HIS A 637 15.61 17.59 -25.90
CA HIS A 637 16.72 17.91 -26.78
C HIS A 637 17.30 19.26 -26.38
N GLY A 638 18.28 19.71 -27.13
CA GLY A 638 18.89 20.99 -26.85
C GLY A 638 19.96 20.93 -25.78
N GLU A 639 20.49 22.10 -25.48
CA GLU A 639 21.64 22.27 -24.60
C GLU A 639 21.23 23.28 -23.52
N GLU A 640 21.99 23.33 -22.42
CA GLU A 640 21.78 24.22 -21.26
C GLU A 640 20.45 23.92 -20.58
N ALA A 641 20.36 22.70 -20.05
CA ALA A 641 19.10 22.12 -19.59
C ALA A 641 18.53 22.78 -18.34
N MET A 642 19.35 22.93 -17.29
CA MET A 642 18.88 23.54 -16.04
C MET A 642 18.47 24.98 -16.21
N ALA A 643 19.23 25.71 -17.04
CA ALA A 643 18.91 27.09 -17.40
C ALA A 643 17.50 27.19 -17.98
N LYS A 644 17.23 26.34 -18.97
CA LYS A 644 15.94 26.33 -19.64
C LYS A 644 14.82 25.91 -18.69
N ALA A 645 15.08 24.92 -17.83
CA ALA A 645 14.08 24.45 -16.88
C ALA A 645 13.72 25.53 -15.86
N LEU A 646 14.73 26.26 -15.37
CA LEU A 646 14.49 27.30 -14.38
C LEU A 646 13.77 28.49 -15.00
N VAL A 647 14.12 28.84 -16.25
CA VAL A 647 13.40 29.86 -17.01
C VAL A 647 11.94 29.48 -17.20
N ALA A 648 11.71 28.22 -17.57
CA ALA A 648 10.34 27.73 -17.74
C ALA A 648 9.55 27.79 -16.44
N CYS A 649 10.20 27.44 -15.33
CA CYS A 649 9.61 27.54 -14.00
C CYS A 649 9.19 28.97 -13.64
N LYS A 650 10.09 29.93 -13.89
CA LYS A 650 9.78 31.33 -13.62
C LYS A 650 8.64 31.83 -14.49
N LEU A 651 8.65 31.48 -15.78
CA LEU A 651 7.59 31.93 -16.68
C LEU A 651 6.23 31.33 -16.31
N CYS A 652 6.20 30.04 -15.93
CA CYS A 652 4.94 29.43 -15.52
C CYS A 652 4.44 30.02 -14.19
N LYS A 653 5.35 30.30 -13.25
CA LYS A 653 4.99 30.96 -12.00
C LYS A 653 4.38 32.34 -12.25
N ALA A 654 5.02 33.10 -13.14
CA ALA A 654 4.58 34.46 -13.43
C ALA A 654 3.25 34.50 -14.18
N MET A 655 3.07 33.59 -15.16
CA MET A 655 1.79 33.52 -15.84
C MET A 655 0.68 33.02 -14.93
N ALA A 656 1.01 32.14 -13.97
CA ALA A 656 0.04 31.74 -12.95
C ALA A 656 -0.39 32.92 -12.08
N HIS A 657 0.57 33.75 -11.69
CA HIS A 657 0.25 34.92 -10.86
C HIS A 657 -0.56 35.94 -11.67
N GLU A 658 -0.23 36.11 -12.95
CA GLU A 658 -0.98 37.04 -13.79
C GLU A 658 -2.40 36.54 -14.03
N ALA A 659 -2.57 35.23 -14.18
CA ALA A 659 -3.90 34.66 -14.33
C ALA A 659 -4.69 34.79 -13.03
N SER A 660 -4.01 34.69 -11.88
CA SER A 660 -4.73 34.74 -10.61
C SER A 660 -5.14 36.18 -10.26
N GLU A 661 -4.30 37.16 -10.55
CA GLU A 661 -4.67 38.53 -10.16
C GLU A 661 -5.54 39.19 -11.22
N ASN A 662 -5.56 38.61 -12.42
CA ASN A 662 -6.45 39.15 -13.49
C ASN A 662 -7.81 38.45 -13.38
N ASP A 663 -7.96 37.57 -12.39
CA ASP A 663 -9.23 36.81 -12.21
C ASP A 663 -9.64 36.19 -13.54
N MET A 664 -8.66 35.77 -14.35
CA MET A 664 -8.96 35.17 -15.68
C MET A 664 -9.76 33.87 -15.48
N VAL A 665 -9.22 32.92 -14.69
CA VAL A 665 -9.93 31.63 -14.42
C VAL A 665 -9.13 30.90 -13.32
N ASP A 666 -9.76 29.98 -12.58
CA ASP A 666 -9.07 29.33 -11.44
C ASP A 666 -8.30 28.10 -11.94
N ASP A 667 -8.91 27.33 -12.85
CA ASP A 667 -8.27 26.08 -13.34
C ASP A 667 -6.94 26.40 -14.04
N ILE A 668 -6.90 27.46 -14.85
CA ILE A 668 -5.68 27.72 -15.61
C ILE A 668 -4.61 28.29 -14.68
N SER A 669 -5.01 29.04 -13.65
CA SER A 669 -4.07 29.45 -12.61
C SER A 669 -3.56 28.23 -11.87
N GLN A 670 -4.46 27.29 -11.58
CA GLN A 670 -4.10 26.04 -10.93
C GLN A 670 -3.09 25.24 -11.76
N GLU A 671 -3.32 25.14 -13.07
CA GLU A 671 -2.48 24.24 -13.85
C GLU A 671 -1.19 24.93 -14.31
N LEU A 672 -1.20 26.26 -14.32
CA LEU A 672 0.05 27.00 -14.57
C LEU A 672 0.90 26.82 -13.31
N ASN A 673 0.27 26.81 -12.13
CA ASN A 673 1.01 26.51 -10.90
C ASN A 673 1.54 25.09 -10.92
N HIS A 674 0.76 24.16 -11.48
CA HIS A 674 1.23 22.78 -11.65
C HIS A 674 2.38 22.71 -12.66
N ASN A 675 2.34 23.57 -13.69
CA ASN A 675 3.42 23.62 -14.67
C ASN A 675 4.70 24.16 -14.04
N SER A 676 4.60 25.19 -13.21
CA SER A 676 5.79 25.67 -12.52
C SER A 676 6.34 24.62 -11.59
N ARG A 677 5.45 23.87 -10.92
CA ARG A 677 5.90 22.76 -10.08
C ARG A 677 6.61 21.67 -10.87
N ASP A 678 6.12 21.29 -12.06
CA ASP A 678 6.75 20.12 -12.66
C ASP A 678 7.98 20.50 -13.50
N PHE A 679 8.02 21.69 -14.14
CA PHE A 679 9.30 22.13 -14.70
C PHE A 679 10.37 22.31 -13.62
N GLY A 680 10.01 22.91 -12.48
CA GLY A 680 10.95 22.99 -11.39
C GLY A 680 11.31 21.64 -10.81
N GLN A 681 10.34 20.72 -10.79
CA GLN A 681 10.61 19.35 -10.28
C GLN A 681 11.63 18.68 -11.21
N LEU A 682 11.44 18.80 -12.52
CA LEU A 682 12.42 18.22 -13.49
C LEU A 682 13.80 18.78 -13.16
N ALA A 683 13.87 20.10 -12.93
CA ALA A 683 15.17 20.74 -12.58
C ALA A 683 15.71 20.10 -11.29
N VAL A 684 14.82 19.78 -10.34
CA VAL A 684 15.28 19.22 -9.07
C VAL A 684 15.93 17.85 -9.24
N GLU A 685 15.27 16.90 -9.93
CA GLU A 685 15.96 15.60 -10.09
C GLU A 685 17.15 15.70 -11.04
N LEU A 686 17.16 16.68 -11.94
CA LEU A 686 18.37 16.88 -12.74
C LEU A 686 19.53 17.33 -11.87
N LEU A 687 19.26 18.22 -10.91
CA LEU A 687 20.27 18.63 -9.94
C LEU A 687 20.65 17.47 -9.03
N ASP A 688 19.68 16.62 -8.69
CA ASP A 688 19.95 15.45 -7.86
C ASP A 688 20.91 14.50 -8.54
N GLN A 689 20.69 14.24 -9.84
CA GLN A 689 21.54 13.27 -10.53
C GLN A 689 22.92 13.86 -10.76
N SER A 690 22.98 15.17 -11.03
CA SER A 690 24.29 15.82 -11.16
C SER A 690 25.01 15.87 -9.82
N TYR A 691 24.27 15.87 -8.72
CA TYR A 691 24.88 15.79 -7.40
C TYR A 691 25.49 14.41 -7.16
N LYS A 692 24.74 13.35 -7.42
CA LYS A 692 25.26 12.00 -7.20
C LYS A 692 26.32 11.62 -8.23
N GLN A 693 26.28 12.24 -9.42
CA GLN A 693 27.17 11.85 -10.50
C GLN A 693 28.59 12.33 -10.25
N ASP A 694 28.77 13.64 -10.20
CA ASP A 694 30.08 14.23 -9.90
C ASP A 694 29.84 15.60 -9.27
N GLU A 695 30.47 15.85 -8.12
CA GLU A 695 30.26 17.10 -7.40
C GLU A 695 30.82 18.30 -8.16
N GLN A 696 32.07 18.20 -8.63
CA GLN A 696 32.83 19.32 -9.19
C GLN A 696 32.20 19.89 -10.45
N LEU A 697 31.87 19.02 -11.40
CA LEU A 697 31.20 19.46 -12.62
C LEU A 697 29.81 20.01 -12.34
N ALA A 698 29.15 19.52 -11.28
CA ALA A 698 27.91 20.13 -10.84
C ALA A 698 28.13 21.55 -10.32
N MET A 699 29.27 21.78 -9.65
CA MET A 699 29.60 23.14 -9.20
C MET A 699 29.84 24.08 -10.38
N LYS A 700 30.66 23.66 -11.36
CA LYS A 700 30.86 24.52 -12.54
C LYS A 700 29.60 24.64 -13.38
N LEU A 701 28.68 23.69 -13.27
CA LEU A 701 27.36 23.85 -13.87
C LEU A 701 26.53 24.92 -13.15
N LEU A 702 26.58 24.93 -11.82
CA LEU A 702 25.81 25.92 -11.09
C LEU A 702 26.43 27.31 -11.11
N THR A 703 27.70 27.45 -11.49
CA THR A 703 28.36 28.75 -11.42
C THR A 703 28.52 29.47 -12.75
N TYR A 704 28.47 28.77 -13.89
CA TYR A 704 28.95 29.34 -15.14
C TYR A 704 27.94 30.34 -15.70
N GLU A 705 28.40 31.10 -16.69
CA GLU A 705 27.65 32.23 -17.22
C GLU A 705 26.78 31.79 -18.40
N LEU A 706 25.47 31.95 -18.23
CA LEU A 706 24.46 31.63 -19.22
C LEU A 706 24.37 32.76 -20.24
N LYS A 707 25.28 32.76 -21.23
CA LYS A 707 25.38 33.89 -22.15
C LYS A 707 24.16 34.07 -23.04
N ASN A 708 23.42 32.99 -23.29
CA ASN A 708 22.18 33.13 -24.04
C ASN A 708 20.99 33.52 -23.18
N TRP A 709 21.14 33.53 -21.85
CA TRP A 709 20.05 33.85 -20.93
C TRP A 709 20.55 34.86 -19.91
N SER A 710 20.43 36.17 -20.23
CA SER A 710 20.66 37.31 -19.31
C SER A 710 22.13 37.53 -18.95
N ASN A 711 23.03 36.67 -19.44
CA ASN A 711 24.42 36.53 -18.99
C ASN A 711 24.50 36.34 -17.48
N ALA A 712 23.52 35.62 -16.92
CA ALA A 712 23.35 35.36 -15.50
C ALA A 712 23.96 34.01 -15.13
N THR A 713 23.58 33.50 -13.96
CA THR A 713 23.96 32.17 -13.52
C THR A 713 22.70 31.44 -13.07
N CYS A 714 22.80 30.13 -12.94
CA CYS A 714 21.68 29.26 -12.59
C CYS A 714 21.06 29.57 -11.23
N LEU A 715 21.90 29.89 -10.23
CA LEU A 715 21.40 30.27 -8.92
C LEU A 715 20.56 31.54 -8.98
N GLN A 716 20.97 32.48 -9.83
CA GLN A 716 20.23 33.73 -10.02
C GLN A 716 18.83 33.46 -10.58
N LEU A 717 18.73 32.58 -11.58
CA LEU A 717 17.43 32.21 -12.12
C LEU A 717 16.63 31.40 -11.11
N ALA A 718 17.32 30.65 -10.25
CA ALA A 718 16.63 29.88 -9.23
C ALA A 718 15.97 30.77 -8.18
N VAL A 719 16.71 31.78 -7.71
CA VAL A 719 16.17 32.64 -6.66
C VAL A 719 15.24 33.68 -7.24
N ALA A 720 15.33 33.91 -8.55
CA ALA A 720 14.31 34.70 -9.22
C ALA A 720 12.98 33.96 -9.24
N ALA A 721 13.02 32.63 -9.37
CA ALA A 721 11.84 31.81 -9.53
C ALA A 721 11.06 31.60 -8.25
N LYS A 722 11.61 32.04 -7.10
CA LYS A 722 11.15 31.68 -5.75
C LYS A 722 11.05 30.15 -5.63
N HIS A 723 12.05 29.45 -6.18
CA HIS A 723 11.97 28.01 -6.29
C HIS A 723 12.80 27.35 -5.20
N ARG A 724 12.19 27.29 -4.01
CA ARG A 724 12.74 26.94 -2.71
C ARG A 724 13.63 25.70 -2.65
N ASP A 725 13.15 24.57 -3.15
CA ASP A 725 13.86 23.31 -2.91
C ASP A 725 15.05 23.10 -3.84
N PHE A 726 15.22 23.94 -4.86
CA PHE A 726 16.45 23.90 -5.65
C PHE A 726 17.61 24.44 -4.83
N ILE A 727 17.40 25.59 -4.19
CA ILE A 727 18.42 26.18 -3.32
C ILE A 727 18.62 25.32 -2.07
N ALA A 728 17.53 24.77 -1.54
CA ALA A 728 17.60 23.97 -0.33
C ALA A 728 18.27 22.62 -0.54
N HIS A 729 18.51 22.22 -1.78
CA HIS A 729 19.26 21.00 -2.06
C HIS A 729 20.71 21.20 -1.66
N THR A 730 21.34 20.11 -1.20
CA THR A 730 22.66 20.09 -0.57
C THR A 730 23.79 20.71 -1.39
N CYS A 731 23.77 20.52 -2.71
CA CYS A 731 24.81 21.04 -3.61
C CYS A 731 24.94 22.55 -3.55
N SER A 732 23.84 23.27 -3.77
CA SER A 732 23.91 24.72 -3.79
C SER A 732 24.02 25.29 -2.39
N GLN A 733 23.52 24.56 -1.38
CA GLN A 733 23.82 24.90 0.02
C GLN A 733 25.31 24.84 0.31
N MET A 734 25.99 23.82 -0.20
CA MET A 734 27.43 23.73 0.01
C MET A 734 28.16 24.80 -0.79
N LEU A 735 27.60 25.18 -1.95
CA LEU A 735 28.17 26.28 -2.72
C LEU A 735 28.04 27.62 -1.98
N LEU A 736 26.87 27.86 -1.38
CA LEU A 736 26.66 29.07 -0.59
C LEU A 736 27.52 29.08 0.66
N THR A 737 27.74 27.90 1.25
CA THR A 737 28.70 27.77 2.35
C THR A 737 30.13 28.08 1.87
N ASP A 738 30.45 27.69 0.63
CA ASP A 738 31.77 27.98 0.08
C ASP A 738 31.99 29.47 -0.12
N MET A 739 30.98 30.19 -0.59
CA MET A 739 31.05 31.66 -0.55
C MET A 739 31.08 32.19 0.88
N TRP A 740 30.35 31.54 1.78
CA TRP A 740 30.19 32.07 3.12
C TRP A 740 31.49 32.00 3.91
N MET A 741 32.30 30.98 3.65
CA MET A 741 33.61 30.91 4.27
C MET A 741 34.61 31.77 3.50
N GLY A 742 34.22 32.25 2.33
CA GLY A 742 35.02 33.12 1.50
C GLY A 742 36.24 32.40 0.97
N ARG A 743 37.41 33.02 1.20
CA ARG A 743 38.69 32.38 0.78
C ARG A 743 39.19 31.51 1.96
N LEU A 744 38.91 31.95 3.19
CA LEU A 744 39.32 31.16 4.39
C LEU A 744 38.66 29.77 4.32
N ARG A 745 39.35 28.75 4.82
CA ARG A 745 38.83 27.39 4.75
C ARG A 745 38.88 26.64 6.08
N MET A 746 38.75 27.34 7.21
CA MET A 746 38.81 26.74 8.54
C MET A 746 37.72 25.69 8.76
N ARG A 747 36.46 26.15 8.83
CA ARG A 747 35.27 25.32 9.05
C ARG A 747 35.44 24.44 10.29
N LYS A 748 35.67 25.11 11.43
CA LYS A 748 35.77 24.43 12.72
C LYS A 748 35.46 25.45 13.80
N ASN A 749 34.21 25.43 14.30
CA ASN A 749 33.68 26.43 15.25
C ASN A 749 33.92 27.84 14.74
N SER A 750 33.40 28.12 13.54
CA SER A 750 33.71 29.29 12.72
C SER A 750 33.45 30.61 13.42
N GLY A 751 32.38 30.65 14.23
CA GLY A 751 31.99 31.90 14.92
C GLY A 751 33.07 32.39 15.87
N LEU A 752 33.37 31.62 16.91
CA LEU A 752 34.36 32.07 17.92
C LEU A 752 35.67 32.41 17.18
N LYS A 753 36.02 31.61 16.17
CA LYS A 753 37.26 31.85 15.39
C LYS A 753 37.22 33.25 14.76
N VAL A 754 36.14 33.57 14.05
CA VAL A 754 36.07 34.85 13.34
C VAL A 754 36.02 36.01 14.35
N ILE A 755 35.43 35.80 15.53
CA ILE A 755 35.55 36.85 16.55
C ILE A 755 36.97 36.94 17.10
N LEU A 756 37.64 35.80 17.30
CA LEU A 756 39.04 35.87 17.75
C LEU A 756 39.98 36.32 16.63
N GLY A 757 39.54 36.35 15.39
CA GLY A 757 40.32 36.95 14.32
C GLY A 757 39.95 38.39 14.07
N ILE A 758 38.80 38.83 14.57
CA ILE A 758 38.33 40.18 14.26
C ILE A 758 38.75 41.17 15.34
N LEU A 759 39.02 40.69 16.55
CA LEU A 759 39.78 41.44 17.55
C LEU A 759 40.99 40.59 17.91
N LEU A 760 42.04 41.26 18.36
CA LEU A 760 43.39 40.71 18.43
C LEU A 760 43.82 40.12 17.09
N PRO A 761 44.27 40.95 16.14
CA PRO A 761 44.64 40.45 14.79
C PRO A 761 45.77 39.43 14.77
N PRO A 762 46.60 39.22 15.85
CA PRO A 762 47.40 37.99 15.88
C PRO A 762 46.64 36.68 16.09
N SER A 763 45.71 36.34 15.20
CA SER A 763 45.10 35.02 15.14
C SER A 763 44.92 34.59 13.69
N ILE A 764 44.93 35.55 12.76
CA ILE A 764 44.69 35.23 11.36
C ILE A 764 45.87 34.51 10.76
N LEU A 765 47.06 34.67 11.36
CA LEU A 765 48.26 34.04 10.81
C LEU A 765 48.24 32.53 11.02
N SER A 766 47.47 32.06 12.01
CA SER A 766 47.26 30.65 12.24
C SER A 766 46.01 30.11 11.57
N LEU A 767 45.28 30.93 10.82
CA LEU A 767 44.10 30.49 10.10
C LEU A 767 44.45 30.09 8.67
N GLU A 768 43.77 29.06 8.18
CA GLU A 768 44.11 28.44 6.91
C GLU A 768 43.29 29.07 5.79
N PHE A 769 43.97 29.47 4.72
CA PHE A 769 43.31 29.95 3.51
C PHE A 769 43.47 28.91 2.42
N LYS A 770 42.88 29.18 1.25
CA LYS A 770 43.00 28.30 0.10
C LYS A 770 43.57 29.09 -1.07
N ASN A 771 44.02 28.35 -2.09
CA ASN A 771 44.60 28.96 -3.27
C ASN A 771 43.53 29.29 -4.31
N ILE A 835 53.47 41.14 1.23
CA ILE A 835 52.64 40.43 0.26
C ILE A 835 51.75 39.32 0.88
N PRO A 836 52.28 38.41 1.80
CA PRO A 836 51.36 37.53 2.54
C PRO A 836 50.32 38.29 3.34
N LEU A 837 50.76 39.32 4.08
CA LEU A 837 49.82 40.17 4.79
C LEU A 837 48.95 40.96 3.81
N GLY A 838 49.53 41.44 2.71
CA GLY A 838 48.84 42.22 1.70
C GLY A 838 47.66 41.53 1.03
N ARG A 839 47.80 40.24 0.77
CA ARG A 839 46.68 39.44 0.27
C ARG A 839 45.80 38.94 1.41
N LYS A 840 46.41 38.66 2.57
CA LYS A 840 45.74 37.85 3.58
C LYS A 840 44.83 38.67 4.49
N ILE A 841 45.23 39.89 4.89
CA ILE A 841 44.31 40.75 5.63
C ILE A 841 43.21 41.25 4.70
N TYR A 842 43.49 41.31 3.40
CA TYR A 842 42.48 41.72 2.43
C TYR A 842 41.45 40.62 2.20
N GLU A 843 41.88 39.37 2.13
CA GLU A 843 40.93 38.27 1.98
C GLU A 843 40.23 37.96 3.30
N PHE A 844 40.91 38.16 4.42
CA PHE A 844 40.23 38.06 5.70
C PHE A 844 39.27 39.21 5.93
N TYR A 845 39.46 40.36 5.28
CA TYR A 845 38.52 41.46 5.41
C TYR A 845 37.54 41.53 4.25
N ASN A 846 37.51 40.52 3.38
CA ASN A 846 36.48 40.42 2.37
C ASN A 846 35.75 39.08 2.34
N ALA A 847 35.97 38.22 3.32
CA ALA A 847 35.10 37.07 3.49
C ALA A 847 33.72 37.56 3.95
N PRO A 848 32.63 37.03 3.38
CA PRO A 848 31.29 37.49 3.77
C PRO A 848 30.92 37.25 5.23
N ILE A 849 31.40 36.16 5.83
CA ILE A 849 31.16 35.92 7.25
C ILE A 849 31.84 36.98 8.11
N VAL A 850 32.98 37.49 7.65
CA VAL A 850 33.72 38.51 8.40
C VAL A 850 32.98 39.82 8.34
N LYS A 851 32.53 40.22 7.15
CA LYS A 851 31.74 41.43 6.94
C LYS A 851 30.48 41.36 7.78
N PHE A 852 29.84 40.18 7.81
CA PHE A 852 28.70 39.94 8.69
C PHE A 852 28.98 40.16 10.17
N TRP A 853 29.92 39.42 10.74
CA TRP A 853 30.21 39.52 12.17
C TRP A 853 30.72 40.89 12.58
N PHE A 854 31.51 41.55 11.74
CA PHE A 854 32.07 42.84 12.13
C PHE A 854 31.02 43.94 11.95
N TYR A 855 30.12 43.77 10.97
CA TYR A 855 28.91 44.59 10.87
C TYR A 855 28.00 44.39 12.08
N THR A 856 27.86 43.14 12.55
CA THR A 856 27.03 42.84 13.71
C THR A 856 27.61 43.45 14.98
N LEU A 857 28.94 43.38 15.15
CA LEU A 857 29.56 44.00 16.32
C LEU A 857 29.41 45.51 16.29
N ALA A 858 29.45 46.11 15.09
CA ALA A 858 29.13 47.53 14.97
C ALA A 858 27.67 47.80 15.36
N TYR A 859 26.76 46.91 14.98
CA TYR A 859 25.35 47.07 15.37
C TYR A 859 25.11 46.93 16.88
N ILE A 860 25.77 45.97 17.52
CA ILE A 860 25.66 45.76 18.96
C ILE A 860 26.24 46.97 19.68
N GLY A 861 27.39 47.47 19.19
CA GLY A 861 27.98 48.69 19.71
C GLY A 861 27.07 49.89 19.56
N TYR A 862 26.39 49.98 18.41
CA TYR A 862 25.39 51.02 18.21
C TYR A 862 24.24 50.95 19.20
N LEU A 863 23.69 49.76 19.42
CA LEU A 863 22.57 49.66 20.36
C LEU A 863 23.02 49.95 21.79
N MET A 864 24.23 49.52 22.15
CA MET A 864 24.71 49.76 23.50
C MET A 864 25.13 51.21 23.73
N LEU A 865 25.53 51.95 22.69
CA LEU A 865 25.71 53.38 22.86
C LEU A 865 24.42 54.16 22.83
N PHE A 866 23.46 53.79 21.98
CA PHE A 866 22.22 54.56 21.94
C PHE A 866 21.34 54.25 23.14
N ASN A 867 21.58 53.11 23.80
CA ASN A 867 21.02 52.81 25.11
C ASN A 867 21.48 53.84 26.14
N TYR A 868 22.77 54.16 26.15
CA TYR A 868 23.27 55.17 27.07
C TYR A 868 22.76 56.55 26.68
N ILE A 869 22.57 56.79 25.38
CA ILE A 869 22.05 58.10 24.97
C ILE A 869 20.59 58.29 25.38
N VAL A 870 19.80 57.23 25.32
CA VAL A 870 18.36 57.45 25.44
C VAL A 870 17.93 57.52 26.91
N LEU A 871 18.65 56.85 27.82
CA LEU A 871 18.30 56.94 29.24
C LEU A 871 18.91 58.16 29.92
N VAL A 872 20.22 58.38 29.74
CA VAL A 872 20.92 59.50 30.38
C VAL A 872 20.45 60.81 29.75
N LYS A 873 20.49 61.90 30.52
CA LYS A 873 19.92 63.20 30.23
C LYS A 873 20.60 63.85 29.02
N MET A 874 20.06 65.00 28.63
CA MET A 874 20.51 65.76 27.48
C MET A 874 21.16 67.06 27.93
N GLU A 875 21.88 67.68 27.00
CA GLU A 875 22.48 69.00 27.20
C GLU A 875 22.05 69.86 26.03
N ARG A 876 22.65 71.06 25.94
CA ARG A 876 22.34 71.98 24.84
C ARG A 876 22.82 71.42 23.50
N TRP A 877 24.04 70.90 23.47
CA TRP A 877 24.61 70.21 22.33
C TRP A 877 24.76 68.73 22.66
N PRO A 878 24.64 67.84 21.69
CA PRO A 878 24.72 66.40 21.98
C PRO A 878 26.10 65.96 22.44
N SER A 879 26.10 64.87 23.21
CA SER A 879 27.33 64.25 23.68
C SER A 879 28.03 63.55 22.52
N THR A 880 29.30 63.20 22.75
CA THR A 880 30.11 62.52 21.75
C THR A 880 29.53 61.16 21.39
N GLN A 881 28.96 60.47 22.40
CA GLN A 881 28.37 59.15 22.18
C GLN A 881 27.14 59.26 21.29
N GLU A 882 26.43 60.38 21.36
CA GLU A 882 25.30 60.63 20.48
C GLU A 882 25.76 61.07 19.09
N TRP A 883 26.95 61.69 19.02
CA TRP A 883 27.53 61.99 17.71
C TRP A 883 27.88 60.72 16.96
N ILE A 884 28.34 59.68 17.68
CA ILE A 884 28.53 58.37 17.06
C ILE A 884 27.20 57.79 16.56
N VAL A 885 26.13 58.00 17.32
CA VAL A 885 24.80 57.52 16.94
C VAL A 885 24.31 58.18 15.65
N ILE A 886 24.36 59.51 15.61
CA ILE A 886 23.85 60.24 14.45
C ILE A 886 24.77 60.01 13.26
N SER A 887 26.06 59.75 13.53
CA SER A 887 26.98 59.35 12.46
C SER A 887 26.58 58.01 11.86
N TYR A 888 26.20 57.04 12.72
CA TYR A 888 25.80 55.73 12.20
C TYR A 888 24.54 55.83 11.36
N ILE A 889 23.56 56.61 11.83
CA ILE A 889 22.31 56.77 11.08
C ILE A 889 22.55 57.47 9.74
N PHE A 890 23.36 58.53 9.75
CA PHE A 890 23.62 59.29 8.53
C PHE A 890 24.36 58.45 7.50
N THR A 891 25.44 57.77 7.93
CA THR A 891 26.18 56.92 7.01
C THR A 891 25.39 55.68 6.59
N LEU A 892 24.48 55.20 7.46
CA LEU A 892 23.62 54.10 7.07
C LEU A 892 22.65 54.51 5.98
N GLY A 893 22.15 55.75 6.06
CA GLY A 893 21.35 56.30 4.98
C GLY A 893 22.15 56.47 3.69
N ILE A 894 23.43 56.86 3.82
CA ILE A 894 24.30 56.96 2.65
C ILE A 894 24.54 55.57 2.03
N GLU A 895 24.67 54.55 2.88
CA GLU A 895 24.86 53.18 2.38
C GLU A 895 23.62 52.67 1.67
N LYS A 896 22.43 52.99 2.22
CA LYS A 896 21.18 52.69 1.51
C LYS A 896 21.10 53.42 0.19
N MET A 897 21.53 54.68 0.14
CA MET A 897 21.56 55.42 -1.12
C MET A 897 22.48 54.76 -2.14
N ARG A 898 23.64 54.27 -1.66
CA ARG A 898 24.57 53.53 -2.51
C ARG A 898 23.92 52.27 -3.07
N GLU A 899 23.26 51.50 -2.22
CA GLU A 899 22.75 50.21 -2.70
C GLU A 899 21.38 50.35 -3.38
N ILE A 900 20.81 51.55 -3.41
CA ILE A 900 19.70 51.81 -4.34
C ILE A 900 20.21 52.26 -5.70
N LEU A 901 21.10 53.27 -5.74
CA LEU A 901 21.53 53.81 -7.03
C LEU A 901 22.47 52.89 -7.79
N MET A 902 23.22 52.03 -7.10
CA MET A 902 24.07 51.07 -7.79
C MET A 902 23.34 49.75 -7.93
N SER A 903 22.20 49.76 -8.60
CA SER A 903 21.37 48.58 -8.78
C SER A 903 21.32 48.20 -10.26
N GLU A 904 20.99 46.94 -10.52
CA GLU A 904 20.98 46.39 -11.87
C GLU A 904 19.98 47.05 -12.83
N PRO A 905 18.70 47.41 -12.42
CA PRO A 905 17.84 48.15 -13.36
C PRO A 905 18.36 49.50 -13.83
N GLY A 906 17.99 49.86 -15.07
CA GLY A 906 18.46 51.11 -15.64
C GLY A 906 17.70 52.32 -15.13
N LYS A 907 16.38 52.23 -15.06
CA LYS A 907 15.55 53.35 -14.64
C LYS A 907 15.65 53.56 -13.14
N LEU A 908 15.58 54.82 -12.70
CA LEU A 908 15.64 55.12 -11.28
C LEU A 908 14.37 54.67 -10.57
N LEU A 909 13.22 54.84 -11.22
CA LEU A 909 11.96 54.32 -10.69
C LEU A 909 11.99 52.81 -10.61
N GLN A 910 12.64 52.15 -11.57
CA GLN A 910 12.79 50.70 -11.52
C GLN A 910 13.67 50.28 -10.35
N LYS A 911 14.78 50.99 -10.09
CA LYS A 911 15.66 50.62 -9.00
C LYS A 911 15.02 50.83 -7.64
N VAL A 912 14.31 51.95 -7.46
CA VAL A 912 13.63 52.15 -6.18
C VAL A 912 12.47 51.16 -6.04
N LYS A 913 11.84 50.76 -7.15
CA LYS A 913 10.76 49.77 -7.10
C LYS A 913 11.28 48.41 -6.65
N VAL A 914 12.41 47.98 -7.21
CA VAL A 914 13.12 46.76 -6.79
C VAL A 914 13.51 46.86 -5.32
N TRP A 915 13.90 48.06 -4.88
CA TRP A 915 14.29 48.24 -3.48
C TRP A 915 13.09 48.14 -2.54
N LEU A 916 11.89 48.50 -3.00
CA LEU A 916 10.77 48.63 -2.06
C LEU A 916 10.08 47.31 -1.71
N GLN A 917 10.31 46.21 -2.45
CA GLN A 917 9.60 44.99 -2.05
C GLN A 917 10.12 44.36 -0.77
N GLU A 918 11.37 44.59 -0.39
CA GLU A 918 11.88 43.92 0.79
C GLU A 918 11.53 44.78 2.00
N TYR A 919 10.90 44.16 3.01
CA TYR A 919 10.14 44.92 4.01
C TYR A 919 11.07 45.67 4.96
N TRP A 920 12.25 45.09 5.20
CA TRP A 920 13.16 45.66 6.19
C TRP A 920 13.77 46.96 5.66
N ASN A 921 13.81 47.10 4.33
CA ASN A 921 14.33 48.31 3.71
C ASN A 921 13.42 49.50 3.92
N VAL A 922 12.10 49.31 3.75
CA VAL A 922 11.19 50.44 3.92
C VAL A 922 11.05 50.78 5.39
N THR A 923 11.14 49.78 6.27
CA THR A 923 11.15 50.09 7.70
C THR A 923 12.44 50.81 8.12
N ASP A 924 13.57 50.47 7.49
CA ASP A 924 14.80 51.26 7.66
C ASP A 924 14.63 52.69 7.22
N LEU A 925 14.03 52.89 6.05
CA LEU A 925 13.91 54.23 5.50
C LEU A 925 13.05 55.12 6.39
N ILE A 926 11.91 54.59 6.85
CA ILE A 926 11.06 55.40 7.73
C ILE A 926 11.73 55.62 9.09
N ALA A 927 12.54 54.64 9.55
CA ALA A 927 13.27 54.82 10.80
C ALA A 927 14.31 55.93 10.71
N ILE A 928 15.05 55.98 9.60
CA ILE A 928 16.04 57.03 9.40
C ILE A 928 15.36 58.39 9.27
N LEU A 929 14.17 58.42 8.65
CA LEU A 929 13.41 59.66 8.54
C LEU A 929 12.97 60.19 9.91
N LEU A 930 12.39 59.32 10.75
CA LEU A 930 12.02 59.74 12.10
C LEU A 930 13.23 60.08 12.97
N PHE A 931 14.39 59.44 12.74
CA PHE A 931 15.51 59.80 13.60
C PHE A 931 16.10 61.15 13.19
N SER A 932 16.06 61.48 11.90
CA SER A 932 16.53 62.80 11.48
C SER A 932 15.58 63.89 11.98
N VAL A 933 14.27 63.60 11.98
CA VAL A 933 13.31 64.53 12.58
C VAL A 933 13.54 64.68 14.08
N GLY A 934 13.85 63.57 14.77
CA GLY A 934 14.16 63.64 16.18
C GLY A 934 15.45 64.41 16.46
N MET A 935 16.43 64.29 15.57
CA MET A 935 17.67 65.03 15.72
C MET A 935 17.46 66.53 15.54
N ILE A 936 16.68 66.93 14.53
CA ILE A 936 16.50 68.35 14.27
C ILE A 936 15.59 68.98 15.33
N LEU A 937 14.71 68.17 15.95
CA LEU A 937 14.02 68.66 17.13
C LEU A 937 14.95 68.70 18.35
N ARG A 938 15.92 67.79 18.40
CA ARG A 938 16.83 67.72 19.54
C ARG A 938 17.81 68.89 19.57
N LEU A 939 18.18 69.46 18.42
CA LEU A 939 19.02 70.65 18.40
C LEU A 939 18.25 71.93 18.68
N GLN A 940 16.92 71.86 18.83
CA GLN A 940 16.16 72.99 19.34
C GLN A 940 16.03 72.90 20.86
N ASP A 941 15.58 74.00 21.45
CA ASP A 941 15.43 74.08 22.90
C ASP A 941 14.05 73.57 23.31
N GLN A 942 13.67 73.79 24.57
CA GLN A 942 12.37 73.39 25.08
C GLN A 942 11.26 74.18 24.39
N PRO A 943 10.07 73.55 24.17
CA PRO A 943 9.68 72.17 24.50
C PRO A 943 9.98 71.16 23.40
N PHE A 944 10.71 71.54 22.36
CA PHE A 944 10.94 70.63 21.22
C PHE A 944 11.97 69.56 21.56
N ARG A 945 12.80 69.82 22.57
CA ARG A 945 13.94 68.96 22.88
C ARG A 945 13.46 67.63 23.46
N SER A 946 12.51 67.70 24.38
CA SER A 946 11.92 66.50 24.96
C SER A 946 11.11 65.73 23.93
N ASP A 947 10.48 66.45 22.98
CA ASP A 947 9.80 65.80 21.86
C ASP A 947 10.76 64.99 21.00
N GLY A 948 11.92 65.57 20.69
CA GLY A 948 12.93 64.84 19.94
C GLY A 948 13.46 63.63 20.70
N ARG A 949 13.59 63.76 22.02
CA ARG A 949 13.97 62.61 22.85
C ARG A 949 12.92 61.51 22.87
N VAL A 950 11.63 61.86 22.84
CA VAL A 950 10.56 60.85 22.75
C VAL A 950 10.64 60.14 21.40
N ILE A 951 10.92 60.89 20.33
CA ILE A 951 11.10 60.28 19.01
C ILE A 951 12.30 59.34 19.00
N TYR A 952 13.36 59.70 19.74
CA TYR A 952 14.50 58.81 19.93
C TYR A 952 14.10 57.50 20.61
N CYS A 953 13.22 57.59 21.60
CA CYS A 953 12.73 56.39 22.31
C CYS A 953 11.94 55.48 21.37
N VAL A 954 11.04 56.08 20.59
CA VAL A 954 10.22 55.34 19.63
C VAL A 954 11.09 54.67 18.58
N ASN A 955 12.20 55.30 18.21
CA ASN A 955 13.10 54.68 17.25
C ASN A 955 13.97 53.61 17.91
N ILE A 956 14.24 53.76 19.21
CA ILE A 956 14.99 52.75 19.98
C ILE A 956 14.28 51.42 19.96
N ILE A 957 12.93 51.47 20.02
CA ILE A 957 12.10 50.29 19.78
C ILE A 957 12.50 49.57 18.48
N TYR A 958 12.54 50.30 17.37
CA TYR A 958 12.75 49.66 16.07
C TYR A 958 14.18 49.14 15.93
N TRP A 959 15.17 49.90 16.42
CA TRP A 959 16.54 49.42 16.28
C TRP A 959 16.83 48.29 17.26
N TYR A 960 15.98 48.09 18.26
CA TYR A 960 15.96 46.81 18.96
C TYR A 960 15.37 45.70 18.10
N ILE A 961 14.22 45.96 17.44
CA ILE A 961 13.51 44.91 16.69
C ILE A 961 14.31 44.39 15.50
N ARG A 962 15.21 45.22 14.95
CA ARG A 962 16.03 44.82 13.81
C ARG A 962 17.01 43.67 14.11
N LEU A 963 17.23 43.34 15.39
CA LEU A 963 18.09 42.20 15.74
C LEU A 963 17.54 40.85 15.30
N LEU A 964 16.25 40.77 14.96
CA LEU A 964 15.69 39.51 14.47
C LEU A 964 16.26 39.14 13.11
N ASP A 965 16.58 40.15 12.30
CA ASP A 965 17.25 39.95 11.01
C ASP A 965 18.63 39.34 11.24
N ILE A 966 19.35 39.81 12.26
CA ILE A 966 20.62 39.21 12.64
C ILE A 966 20.45 37.81 13.19
N PHE A 967 19.38 37.54 13.93
CA PHE A 967 19.10 36.21 14.45
C PHE A 967 18.70 35.22 13.35
N GLY A 968 18.23 35.71 12.22
CA GLY A 968 17.86 34.87 11.09
C GLY A 968 18.97 34.07 10.43
N VAL A 969 20.22 34.46 10.66
CA VAL A 969 21.38 33.83 10.07
C VAL A 969 21.57 32.41 10.58
N ASN A 970 21.46 32.25 11.91
CA ASN A 970 21.69 30.99 12.60
C ASN A 970 20.64 29.96 12.20
N LYS A 971 21.05 28.69 12.13
CA LYS A 971 20.19 27.62 11.64
C LYS A 971 19.05 27.27 12.60
N TYR A 972 19.09 27.77 13.83
CA TYR A 972 18.06 27.42 14.80
C TYR A 972 17.07 28.56 15.04
N LEU A 973 17.55 29.77 15.28
CA LEU A 973 16.68 30.89 15.62
C LEU A 973 15.92 31.41 14.40
N GLY A 974 16.57 31.38 13.24
CA GLY A 974 15.99 31.75 11.95
C GLY A 974 14.61 31.21 11.61
N PRO A 975 14.42 29.86 11.66
CA PRO A 975 13.07 29.30 11.51
C PRO A 975 12.06 29.81 12.52
N TYR A 976 12.46 30.02 13.78
CA TYR A 976 11.55 30.59 14.77
C TYR A 976 11.13 32.01 14.41
N VAL A 977 12.06 32.79 13.82
CA VAL A 977 11.71 34.12 13.30
C VAL A 977 10.67 33.99 12.20
N MET A 978 10.86 33.01 11.31
CA MET A 978 9.88 32.78 10.22
C MET A 978 8.51 32.46 10.84
N MET A 979 8.51 31.58 11.85
CA MET A 979 7.24 31.23 12.55
C MET A 979 6.58 32.52 13.05
N ILE A 980 7.33 33.35 13.77
CA ILE A 980 6.78 34.64 14.24
C ILE A 980 6.07 35.35 13.10
N GLY A 981 6.74 35.39 11.94
CA GLY A 981 6.21 36.08 10.78
C GLY A 981 4.91 35.49 10.26
N LYS A 982 4.81 34.15 10.26
CA LYS A 982 3.59 33.55 9.74
C LYS A 982 2.47 33.50 10.77
N MET A 983 2.79 33.51 12.07
CA MET A 983 1.70 33.45 13.03
C MET A 983 1.16 34.83 13.36
N MET A 984 1.84 35.89 12.90
CA MET A 984 1.35 37.26 13.12
C MET A 984 0.00 37.52 12.44
N ILE A 985 -0.27 36.85 11.32
CA ILE A 985 -1.55 37.05 10.61
C ILE A 985 -2.69 36.44 11.41
N ASP A 986 -2.46 35.25 11.96
CA ASP A 986 -3.43 34.60 12.82
C ASP A 986 -3.68 35.43 14.07
N MET A 987 -2.61 36.03 14.59
CA MET A 987 -2.73 37.02 15.66
C MET A 987 -3.61 38.19 15.26
N MET A 988 -3.46 38.71 14.04
CA MET A 988 -4.27 39.83 13.58
C MET A 988 -5.76 39.48 13.55
N TYR A 989 -6.08 38.25 13.14
CA TYR A 989 -7.47 37.78 13.15
C TYR A 989 -8.02 37.72 14.58
N PHE A 990 -7.22 37.17 15.50
CA PHE A 990 -7.57 37.14 16.92
C PHE A 990 -7.77 38.55 17.47
N VAL A 991 -6.92 39.49 17.05
CA VAL A 991 -7.03 40.87 17.53
C VAL A 991 -8.33 41.51 17.07
N ILE A 992 -8.76 41.25 15.83
CA ILE A 992 -10.05 41.78 15.35
C ILE A 992 -11.21 41.27 16.19
N ILE A 993 -11.24 39.96 16.46
CA ILE A 993 -12.37 39.42 17.22
C ILE A 993 -12.31 39.88 18.68
N MET A 994 -11.08 39.95 19.21
CA MET A 994 -10.91 40.46 20.59
C MET A 994 -11.50 41.87 20.65
N LEU A 995 -11.16 42.71 19.66
CA LEU A 995 -11.71 44.08 19.59
C LEU A 995 -13.24 44.00 19.73
N VAL A 996 -13.90 43.22 18.86
CA VAL A 996 -15.36 43.08 18.93
C VAL A 996 -15.84 42.81 20.37
N VAL A 997 -15.23 41.82 21.01
CA VAL A 997 -15.63 41.42 22.37
C VAL A 997 -15.27 42.50 23.39
N LEU A 998 -14.15 43.19 23.16
CA LEU A 998 -13.63 44.12 24.15
C LEU A 998 -14.34 45.47 24.08
N MET A 999 -14.63 45.97 22.86
CA MET A 999 -15.69 46.97 22.69
C MET A 999 -16.99 46.61 23.40
N SER A 1000 -17.44 45.35 23.32
CA SER A 1000 -18.69 44.97 23.97
C SER A 1000 -18.64 45.20 25.47
N PHE A 1001 -17.59 44.67 26.12
CA PHE A 1001 -17.48 44.82 27.57
C PHE A 1001 -17.20 46.27 27.96
N GLY A 1002 -16.36 46.97 27.21
CA GLY A 1002 -16.02 48.35 27.54
C GLY A 1002 -17.17 49.32 27.46
N VAL A 1003 -17.94 49.26 26.36
CA VAL A 1003 -19.09 50.14 26.23
C VAL A 1003 -20.19 49.78 27.22
N ALA A 1004 -20.42 48.48 27.43
CA ALA A 1004 -21.40 48.05 28.43
C ALA A 1004 -21.01 48.49 29.83
N ARG A 1005 -19.72 48.36 30.17
CA ARG A 1005 -19.26 48.69 31.50
C ARG A 1005 -19.32 50.18 31.78
N GLN A 1006 -18.91 51.00 30.79
CA GLN A 1006 -18.98 52.44 30.97
C GLN A 1006 -20.42 52.93 31.03
N ALA A 1007 -21.33 52.26 30.35
CA ALA A 1007 -22.68 52.79 30.34
C ALA A 1007 -23.58 52.20 31.44
N ILE A 1008 -23.18 51.10 32.09
CA ILE A 1008 -23.81 50.71 33.35
C ILE A 1008 -23.26 51.56 34.51
N LEU A 1009 -21.96 51.84 34.48
CA LEU A 1009 -21.34 52.88 35.30
C LEU A 1009 -21.58 54.25 34.67
N PHE A 1010 -20.70 55.23 34.96
CA PHE A 1010 -20.85 56.70 35.04
C PHE A 1010 -21.87 57.22 34.04
N PRO A 1011 -22.99 57.77 34.51
CA PRO A 1011 -24.16 57.96 33.64
C PRO A 1011 -24.41 59.36 33.06
N ASN A 1012 -23.69 60.40 33.50
CA ASN A 1012 -24.02 61.76 33.04
C ASN A 1012 -22.69 62.45 32.72
N GLU A 1013 -22.27 62.31 31.47
CA GLU A 1013 -21.03 62.92 30.98
C GLU A 1013 -21.36 63.82 29.81
N GLU A 1014 -20.87 65.06 29.88
CA GLU A 1014 -20.78 65.90 28.70
C GLU A 1014 -19.81 65.24 27.72
N PRO A 1015 -20.07 65.37 26.41
CA PRO A 1015 -19.18 64.75 25.40
C PRO A 1015 -17.72 65.17 25.53
N SER A 1016 -16.91 64.22 25.97
CA SER A 1016 -15.48 64.40 26.16
C SER A 1016 -14.81 63.22 25.48
N TRP A 1017 -13.57 63.41 25.05
CA TRP A 1017 -12.94 62.39 24.23
C TRP A 1017 -12.11 61.45 25.10
N LYS A 1018 -12.18 61.62 26.43
CA LYS A 1018 -11.56 60.73 27.42
C LYS A 1018 -12.29 59.39 27.52
N LEU A 1019 -13.56 59.37 27.11
CA LEU A 1019 -14.39 58.17 27.28
C LEU A 1019 -13.87 56.98 26.49
N ALA A 1020 -13.18 57.24 25.37
CA ALA A 1020 -12.54 56.16 24.61
C ALA A 1020 -11.41 55.49 25.40
N LYS A 1021 -10.64 56.29 26.14
CA LYS A 1021 -9.64 55.75 27.06
C LYS A 1021 -10.33 54.92 28.13
N ASN A 1022 -11.48 55.37 28.61
CA ASN A 1022 -12.14 54.54 29.63
C ASN A 1022 -12.85 53.32 29.03
N ILE A 1023 -13.04 53.29 27.71
CA ILE A 1023 -13.45 52.04 27.05
C ILE A 1023 -12.29 51.04 27.02
N PHE A 1024 -11.13 51.49 26.54
CA PHE A 1024 -10.01 50.57 26.31
C PHE A 1024 -9.03 50.44 27.45
N TYR A 1025 -9.24 51.11 28.58
CA TYR A 1025 -8.21 50.99 29.60
C TYR A 1025 -8.42 49.74 30.44
N MET A 1026 -9.48 49.72 31.21
CA MET A 1026 -9.71 48.68 32.22
C MET A 1026 -10.23 47.33 31.70
N PRO A 1027 -11.06 47.24 30.63
CA PRO A 1027 -11.27 45.92 30.01
C PRO A 1027 -10.03 45.24 29.45
N TYR A 1028 -9.01 46.00 29.02
CA TYR A 1028 -7.94 45.39 28.25
C TYR A 1028 -6.96 44.63 29.14
N TRP A 1029 -6.67 45.15 30.33
CA TRP A 1029 -5.65 44.50 31.15
C TRP A 1029 -6.20 43.28 31.89
N MET A 1030 -7.52 43.04 31.80
CA MET A 1030 -8.11 41.84 32.37
C MET A 1030 -7.77 40.59 31.56
N ILE A 1031 -7.30 40.76 30.32
CA ILE A 1031 -6.80 39.64 29.53
C ILE A 1031 -5.55 39.04 30.13
N TYR A 1032 -4.72 39.85 30.78
CA TYR A 1032 -3.36 39.45 31.12
C TYR A 1032 -3.18 39.23 32.62
N GLY A 1033 -4.26 39.11 33.38
CA GLY A 1033 -4.15 38.73 34.77
C GLY A 1033 -4.77 39.69 35.78
N GLU A 1034 -4.68 41.00 35.52
CA GLU A 1034 -5.17 41.98 36.47
C GLU A 1034 -6.66 42.23 36.29
N VAL A 1035 -7.46 41.73 37.24
CA VAL A 1035 -8.91 41.81 37.17
C VAL A 1035 -9.45 43.07 37.81
N PHE A 1036 -8.56 43.93 38.33
CA PHE A 1036 -8.89 45.20 38.98
C PHE A 1036 -9.84 45.00 40.16
N ALA A 1037 -9.43 44.13 41.10
CA ALA A 1037 -10.28 43.55 42.12
C ALA A 1037 -10.96 44.56 43.05
N ASP A 1038 -10.29 45.69 43.29
CA ASP A 1038 -10.88 46.73 44.14
C ASP A 1038 -12.02 47.44 43.42
N GLN A 1039 -11.84 47.73 42.13
CA GLN A 1039 -12.80 48.51 41.37
C GLN A 1039 -13.89 47.67 40.71
N ILE A 1040 -13.96 46.38 40.98
CA ILE A 1040 -15.07 45.54 40.51
C ILE A 1040 -16.03 45.37 41.67
N ASP A 1041 -17.33 45.31 41.33
CA ASP A 1041 -18.51 45.32 42.21
C ASP A 1041 -18.37 46.00 43.57
N PRO A 1042 -18.13 47.31 43.61
CA PRO A 1042 -17.75 47.99 44.86
C PRO A 1042 -18.91 48.03 45.83
N PRO A 1043 -18.71 48.17 47.16
CA PRO A 1043 -19.86 48.33 48.11
C PRO A 1043 -20.50 49.71 47.90
N CYS A 1044 -21.69 49.75 47.32
CA CYS A 1044 -22.40 51.04 47.08
C CYS A 1044 -23.75 51.05 47.81
N GLY A 1045 -24.17 52.23 48.31
CA GLY A 1045 -25.49 52.34 48.97
C GLY A 1045 -25.41 52.16 50.47
N GLN A 1046 -24.29 51.60 50.97
CA GLN A 1046 -24.18 51.35 52.40
C GLN A 1046 -23.50 52.50 53.13
N LEU A 1058 -21.45 55.96 51.96
CA LEU A 1058 -20.98 55.63 50.63
C LEU A 1058 -21.95 56.16 49.58
N PRO A 1059 -21.48 56.47 48.37
CA PRO A 1059 -22.38 56.89 47.29
C PRO A 1059 -23.33 55.77 46.89
N PRO A 1060 -24.61 56.06 46.54
CA PRO A 1060 -25.61 54.98 46.25
C PRO A 1060 -25.40 54.44 44.83
N CYS A 1061 -25.70 53.15 44.63
CA CYS A 1061 -25.59 52.56 43.28
C CYS A 1061 -26.50 53.36 42.33
N LYS A 1062 -25.95 53.82 41.20
CA LYS A 1062 -26.74 54.69 40.28
C LYS A 1062 -27.89 53.91 39.63
N THR A 1063 -27.63 52.70 39.12
CA THR A 1063 -28.65 51.98 38.39
C THR A 1063 -28.56 50.55 38.91
N GLY A 1064 -29.07 49.60 38.17
CA GLY A 1064 -28.78 48.21 38.47
C GLY A 1064 -27.33 48.00 38.16
N ALA A 1065 -26.45 48.03 39.17
CA ALA A 1065 -25.03 47.78 38.94
C ALA A 1065 -24.65 46.30 39.07
N TRP A 1066 -25.66 45.45 39.23
CA TRP A 1066 -25.46 44.01 39.25
C TRP A 1066 -25.34 43.41 37.86
N ILE A 1067 -25.65 44.16 36.81
CA ILE A 1067 -25.42 43.67 35.45
C ILE A 1067 -23.93 43.60 35.14
N VAL A 1068 -23.15 44.58 35.61
CA VAL A 1068 -21.74 44.67 35.21
C VAL A 1068 -20.82 43.56 35.79
N PRO A 1069 -21.08 42.98 36.99
CA PRO A 1069 -20.31 41.75 37.29
C PRO A 1069 -20.64 40.57 36.40
N ALA A 1070 -21.90 40.43 35.97
CA ALA A 1070 -22.27 39.33 35.08
C ALA A 1070 -21.65 39.51 33.70
N ILE A 1071 -21.68 40.75 33.19
CA ILE A 1071 -21.04 41.06 31.91
C ILE A 1071 -19.54 40.87 32.01
N MET A 1072 -18.96 41.20 33.17
CA MET A 1072 -17.53 40.99 33.37
C MET A 1072 -17.18 39.50 33.42
N ALA A 1073 -18.06 38.70 34.04
CA ALA A 1073 -17.86 37.26 34.07
C ALA A 1073 -17.91 36.66 32.67
N CYS A 1074 -18.88 37.10 31.88
CA CYS A 1074 -19.01 36.63 30.50
C CYS A 1074 -17.82 37.07 29.64
N TYR A 1075 -17.35 38.30 29.85
CA TYR A 1075 -16.15 38.79 29.17
C TYR A 1075 -14.90 37.99 29.52
N LEU A 1076 -14.62 37.79 30.81
CA LEU A 1076 -13.43 37.03 31.18
C LEU A 1076 -13.51 35.60 30.68
N LEU A 1077 -14.71 34.99 30.70
CA LEU A 1077 -14.90 33.66 30.13
C LEU A 1077 -14.58 33.63 28.64
N VAL A 1078 -15.35 34.38 27.83
CA VAL A 1078 -15.25 34.34 26.37
C VAL A 1078 -13.89 34.83 25.89
N ALA A 1079 -13.31 35.82 26.56
CA ALA A 1079 -12.04 36.40 26.10
C ALA A 1079 -10.85 35.54 26.55
N ASN A 1080 -10.72 35.32 27.87
CA ASN A 1080 -9.53 34.68 28.40
C ASN A 1080 -9.52 33.19 28.09
N ILE A 1081 -10.68 32.56 27.90
CA ILE A 1081 -10.68 31.13 27.71
C ILE A 1081 -10.86 30.77 26.24
N LEU A 1082 -12.02 31.13 25.65
CA LEU A 1082 -12.38 30.70 24.30
C LEU A 1082 -11.40 31.14 23.23
N LEU A 1083 -11.25 32.45 23.06
CA LEU A 1083 -10.46 32.99 21.97
C LEU A 1083 -8.98 32.73 22.16
N VAL A 1084 -8.51 32.85 23.41
CA VAL A 1084 -7.09 32.63 23.72
C VAL A 1084 -6.70 31.18 23.46
N ASN A 1085 -7.51 30.24 23.94
CA ASN A 1085 -7.17 28.83 23.77
C ASN A 1085 -7.37 28.38 22.33
N LEU A 1086 -8.31 29.02 21.61
CA LEU A 1086 -8.43 28.72 20.20
C LEU A 1086 -7.26 29.30 19.41
N LEU A 1087 -6.70 30.43 19.85
CA LEU A 1087 -5.49 30.94 19.20
C LEU A 1087 -4.30 30.01 19.45
N ILE A 1088 -4.22 29.44 20.66
CA ILE A 1088 -3.26 28.36 20.94
C ILE A 1088 -3.43 27.21 19.97
N ALA A 1089 -4.69 26.79 19.76
CA ALA A 1089 -5.00 25.70 18.84
C ALA A 1089 -4.63 26.06 17.40
N VAL A 1090 -4.82 27.33 17.02
CA VAL A 1090 -4.41 27.80 15.69
C VAL A 1090 -2.91 27.65 15.50
N PHE A 1091 -2.14 28.06 16.52
CA PHE A 1091 -0.68 27.94 16.43
C PHE A 1091 -0.23 26.49 16.36
N ASN A 1092 -0.87 25.61 17.14
CA ASN A 1092 -0.50 24.19 17.10
C ASN A 1092 -0.85 23.56 15.76
N ASN A 1093 -2.02 23.89 15.21
CA ASN A 1093 -2.43 23.24 13.97
C ASN A 1093 -1.91 23.95 12.74
N THR A 1094 -1.12 25.03 12.91
CA THR A 1094 -0.40 25.63 11.80
C THR A 1094 1.10 25.33 11.85
N PHE A 1095 1.61 24.91 13.03
CA PHE A 1095 3.06 24.83 13.24
C PHE A 1095 3.73 23.75 12.40
N PHE A 1096 3.04 22.64 12.09
CA PHE A 1096 3.74 21.60 11.33
C PHE A 1096 3.67 21.85 9.83
N GLU A 1097 2.67 22.60 9.37
CA GLU A 1097 2.72 23.11 8.00
C GLU A 1097 3.87 24.10 7.84
N VAL A 1098 4.03 25.01 8.80
CA VAL A 1098 5.07 26.03 8.66
C VAL A 1098 6.45 25.43 8.91
N LYS A 1099 6.54 24.52 9.88
CA LYS A 1099 7.80 23.95 10.34
C LYS A 1099 8.53 23.11 9.29
N SER A 1100 7.78 22.30 8.53
CA SER A 1100 8.39 21.49 7.48
C SER A 1100 8.90 22.37 6.33
N ILE A 1101 8.21 23.50 6.12
CA ILE A 1101 8.71 24.50 5.17
C ILE A 1101 9.98 25.15 5.70
N SER A 1102 10.02 25.39 7.02
CA SER A 1102 10.83 26.43 7.66
C SER A 1102 12.34 26.33 7.42
N ASN A 1103 12.93 25.16 7.69
CA ASN A 1103 14.36 24.91 7.56
C ASN A 1103 14.81 25.26 6.15
N GLN A 1104 14.09 24.66 5.19
CA GLN A 1104 14.34 24.85 3.78
C GLN A 1104 14.22 26.30 3.37
N VAL A 1105 13.19 27.01 3.88
CA VAL A 1105 12.99 28.36 3.35
C VAL A 1105 14.00 29.30 4.00
N TRP A 1106 14.51 28.94 5.19
CA TRP A 1106 15.64 29.64 5.77
C TRP A 1106 16.85 29.50 4.86
N LYS A 1107 17.01 28.29 4.31
CA LYS A 1107 18.05 28.01 3.31
C LYS A 1107 17.91 28.94 2.12
N PHE A 1108 16.66 29.17 1.66
CA PHE A 1108 16.46 30.02 0.52
C PHE A 1108 16.72 31.49 0.88
N GLN A 1109 16.59 31.85 2.15
CA GLN A 1109 16.95 33.19 2.57
C GLN A 1109 18.46 33.39 2.52
N ARG A 1110 19.22 32.31 2.78
CA ARG A 1110 20.67 32.33 2.89
C ARG A 1110 21.36 33.03 1.73
N TYR A 1111 20.97 32.67 0.50
CA TYR A 1111 21.51 33.23 -0.73
C TYR A 1111 21.52 34.74 -0.72
N GLN A 1112 20.37 35.34 -0.33
CA GLN A 1112 20.23 36.80 -0.38
C GLN A 1112 21.24 37.45 0.54
N LEU A 1113 21.42 36.84 1.72
CA LEU A 1113 22.42 37.30 2.68
C LEU A 1113 23.82 37.18 2.09
N ILE A 1114 24.07 36.06 1.38
CA ILE A 1114 25.36 35.82 0.72
C ILE A 1114 25.63 36.91 -0.30
N MET A 1115 24.58 37.42 -0.95
CA MET A 1115 24.77 38.54 -1.86
C MET A 1115 25.12 39.81 -1.09
N THR A 1116 24.36 40.11 -0.03
CA THR A 1116 24.47 41.44 0.60
C THR A 1116 25.80 41.60 1.31
N PHE A 1117 26.22 40.58 2.06
CA PHE A 1117 27.50 40.65 2.75
C PHE A 1117 28.65 40.24 1.85
N HIS A 1118 28.41 40.16 0.54
CA HIS A 1118 29.50 40.19 -0.44
C HIS A 1118 29.53 41.50 -1.20
N GLU A 1119 28.44 42.25 -1.25
CA GLU A 1119 28.36 43.45 -2.07
C GLU A 1119 28.65 44.71 -1.28
N ARG A 1120 28.22 44.75 -0.02
CA ARG A 1120 28.49 45.89 0.84
C ARG A 1120 29.97 45.95 1.17
N PRO A 1121 30.53 47.15 1.43
CA PRO A 1121 31.99 47.27 1.60
C PRO A 1121 32.52 46.67 2.89
N VAL A 1122 33.83 46.78 3.06
CA VAL A 1122 34.55 46.25 4.22
C VAL A 1122 34.11 46.96 5.49
N LEU A 1123 33.78 48.24 5.39
CA LEU A 1123 33.60 49.06 6.57
C LEU A 1123 32.12 49.08 6.98
N PRO A 1124 31.80 48.75 8.23
CA PRO A 1124 30.46 48.94 8.77
C PRO A 1124 30.14 50.42 8.88
N PRO A 1125 28.86 50.80 9.05
CA PRO A 1125 28.43 52.21 8.86
C PRO A 1125 29.17 53.26 9.70
N PRO A 1126 29.53 53.04 11.00
CA PRO A 1126 30.26 54.12 11.72
C PRO A 1126 31.63 54.48 11.14
N LEU A 1127 32.17 53.66 10.25
CA LEU A 1127 33.39 53.99 9.52
C LEU A 1127 33.17 54.08 8.00
N ILE A 1128 31.97 53.73 7.49
CA ILE A 1128 31.80 53.37 6.08
C ILE A 1128 31.99 54.58 5.17
N ILE A 1129 31.89 55.78 5.73
CA ILE A 1129 32.04 57.03 5.00
C ILE A 1129 33.43 57.14 4.39
N PHE A 1130 34.43 56.51 5.03
CA PHE A 1130 35.77 56.43 4.45
C PHE A 1130 35.74 55.64 3.14
N SER A 1131 34.96 54.55 3.11
CA SER A 1131 34.71 53.82 1.87
C SER A 1131 34.02 54.72 0.83
N HIS A 1132 33.08 55.56 1.27
CA HIS A 1132 32.45 56.49 0.32
C HIS A 1132 33.39 57.60 -0.11
N MET A 1133 34.56 57.72 0.53
CA MET A 1133 35.65 58.45 -0.11
C MET A 1133 36.28 57.59 -1.20
N THR A 1134 36.76 56.41 -0.82
CA THR A 1134 37.79 55.69 -1.56
C THR A 1134 37.29 55.26 -2.94
N MET A 1135 36.11 54.64 -2.97
CA MET A 1135 35.52 54.17 -4.23
C MET A 1135 35.29 55.31 -5.19
N ILE A 1136 34.91 56.49 -4.68
CA ILE A 1136 34.64 57.63 -5.55
C ILE A 1136 35.94 58.10 -6.19
N PHE A 1137 37.05 58.03 -5.44
CA PHE A 1137 38.35 58.33 -6.02
C PHE A 1137 38.69 57.36 -7.14
N GLN A 1138 38.44 56.06 -6.92
CA GLN A 1138 38.72 55.10 -7.97
C GLN A 1138 37.65 55.08 -9.05
N HIS A 1139 36.65 55.97 -8.97
CA HIS A 1139 35.70 56.16 -10.04
C HIS A 1139 35.85 57.51 -10.72
N LEU A 1140 36.75 58.36 -10.21
CA LEU A 1140 36.88 59.73 -10.76
C LEU A 1140 38.28 60.31 -10.52
N CYS A 1141 39.32 59.46 -10.58
CA CYS A 1141 40.71 59.97 -10.44
C CYS A 1141 41.55 59.49 -11.64
N CYS A 1142 41.52 58.19 -11.92
CA CYS A 1142 42.31 57.63 -13.05
C CYS A 1142 41.44 56.70 -13.89
N ARG A 1143 40.79 55.72 -13.26
CA ARG A 1143 39.97 54.77 -14.00
C ARG A 1143 38.95 55.45 -14.91
N TRP A 1144 38.68 56.74 -14.71
CA TRP A 1144 37.68 57.43 -15.51
C TRP A 1144 38.28 58.56 -16.32
N ARG A 1145 39.04 59.43 -15.66
CA ARG A 1145 39.61 60.60 -16.29
C ARG A 1145 41.09 60.40 -16.63
N GLY A 1157 31.78 37.24 -8.75
CA GLY A 1157 32.40 36.54 -7.61
C GLY A 1157 32.16 35.06 -7.71
N LEU A 1158 30.92 34.64 -7.93
CA LEU A 1158 30.60 33.21 -8.14
C LEU A 1158 30.49 32.98 -9.65
N LYS A 1159 29.74 33.82 -10.35
CA LYS A 1159 29.70 33.68 -11.81
C LYS A 1159 31.12 33.35 -12.26
N LEU A 1160 31.34 32.16 -12.83
CA LEU A 1160 32.70 31.74 -13.24
C LEU A 1160 32.92 32.04 -14.73
N PHE A 1161 33.54 33.17 -15.07
CA PHE A 1161 33.79 33.43 -16.48
C PHE A 1161 34.49 32.22 -17.07
N ILE A 1162 33.79 31.49 -17.95
CA ILE A 1162 34.14 30.12 -18.27
C ILE A 1162 34.96 30.08 -19.55
N THR A 1163 35.95 29.19 -19.57
CA THR A 1163 36.72 28.89 -20.77
C THR A 1163 35.86 27.98 -21.64
N ASP A 1164 36.04 28.06 -22.96
CA ASP A 1164 35.16 27.44 -23.94
C ASP A 1164 35.25 25.91 -23.86
N ASP A 1165 36.45 25.38 -23.62
CA ASP A 1165 36.60 23.93 -23.52
C ASP A 1165 35.91 23.37 -22.27
N GLU A 1166 35.94 24.11 -21.17
CA GLU A 1166 35.17 23.70 -20.00
C GLU A 1166 33.68 23.92 -20.20
N LEU A 1167 33.31 24.87 -21.06
CA LEU A 1167 31.90 25.05 -21.41
C LEU A 1167 31.37 23.83 -22.16
N LYS A 1168 32.16 23.32 -23.11
CA LYS A 1168 31.76 22.11 -23.83
C LYS A 1168 31.78 20.88 -22.92
N LYS A 1169 32.71 20.85 -21.95
CA LYS A 1169 32.78 19.74 -20.99
C LYS A 1169 31.55 19.70 -20.09
N VAL A 1170 31.17 20.86 -19.54
CA VAL A 1170 29.96 20.91 -18.72
C VAL A 1170 28.71 20.71 -19.58
N HIS A 1171 28.79 21.07 -20.87
CA HIS A 1171 27.71 20.80 -21.82
C HIS A 1171 27.42 19.32 -22.06
N ASP A 1172 28.44 18.53 -22.42
CA ASP A 1172 28.14 17.12 -22.66
C ASP A 1172 27.97 16.38 -21.32
N PHE A 1173 28.47 16.98 -20.23
CA PHE A 1173 28.10 16.53 -18.90
C PHE A 1173 26.59 16.61 -18.69
N GLU A 1174 26.00 17.78 -18.98
CA GLU A 1174 24.55 17.98 -18.95
C GLU A 1174 23.82 16.96 -19.81
N GLU A 1175 24.37 16.69 -20.99
CA GLU A 1175 23.78 15.70 -21.90
C GLU A 1175 23.70 14.32 -21.24
N GLN A 1176 24.80 13.93 -20.58
CA GLN A 1176 24.83 12.65 -19.87
C GLN A 1176 23.82 12.63 -18.72
N CYS A 1177 23.70 13.76 -17.99
CA CYS A 1177 22.73 13.85 -16.89
C CYS A 1177 21.29 13.65 -17.36
N ILE A 1178 20.88 14.41 -18.37
CA ILE A 1178 19.48 14.35 -18.79
C ILE A 1178 19.16 13.00 -19.44
N GLU A 1179 20.15 12.42 -20.14
CA GLU A 1179 19.95 11.12 -20.78
C GLU A 1179 19.79 10.02 -19.73
N GLU A 1180 20.67 9.99 -18.73
CA GLU A 1180 20.59 8.94 -17.71
C GLU A 1180 19.34 9.10 -16.86
N TYR A 1181 18.94 10.35 -16.61
CA TYR A 1181 17.76 10.59 -15.79
C TYR A 1181 16.49 10.09 -16.48
N PHE A 1182 16.35 10.38 -17.79
CA PHE A 1182 15.17 9.88 -18.50
C PHE A 1182 15.18 8.37 -18.65
N ARG A 1183 16.37 7.78 -18.84
CA ARG A 1183 16.48 6.32 -18.85
C ARG A 1183 16.08 5.72 -17.50
N GLU A 1184 16.47 6.36 -16.41
CA GLU A 1184 16.13 5.83 -15.09
C GLU A 1184 14.65 5.99 -14.78
N LYS A 1185 14.02 7.06 -15.26
CA LYS A 1185 12.57 7.20 -15.13
C LYS A 1185 11.84 6.10 -15.89
N ASP A 1186 12.29 5.81 -17.13
CA ASP A 1186 11.69 4.71 -17.89
C ASP A 1186 11.95 3.36 -17.22
N ASP A 1187 13.12 3.20 -16.62
CA ASP A 1187 13.48 1.95 -15.95
C ASP A 1187 12.62 1.73 -14.71
N ARG A 1188 12.37 2.81 -13.94
CA ARG A 1188 11.46 2.69 -12.80
C ARG A 1188 10.02 2.48 -13.25
N PHE A 1189 9.68 3.02 -14.42
CA PHE A 1189 8.34 2.81 -14.96
C PHE A 1189 8.12 1.35 -15.34
N ASN A 1190 9.15 0.70 -15.88
CA ASN A 1190 9.01 -0.71 -16.21
C ASN A 1190 9.24 -1.65 -15.02
N SER A 1191 9.80 -1.17 -13.91
CA SER A 1191 10.01 -2.03 -12.75
C SER A 1191 8.96 -1.80 -11.67
N SER A 1192 8.00 -0.92 -11.92
CA SER A 1192 6.86 -0.73 -11.03
C SER A 1192 6.00 -1.98 -11.07
N ASN A 1193 5.32 -2.26 -9.96
CA ASN A 1193 4.42 -3.40 -9.88
C ASN A 1193 3.26 -3.26 -10.87
N ASP A 1194 2.72 -2.04 -10.97
CA ASP A 1194 1.55 -1.71 -11.78
C ASP A 1194 1.72 -2.12 -13.24
N GLU A 1195 2.83 -1.71 -13.85
CA GLU A 1195 3.05 -1.99 -15.26
C GLU A 1195 3.35 -3.47 -15.49
N ARG A 1196 3.96 -4.13 -14.50
CA ARG A 1196 4.18 -5.58 -14.59
C ARG A 1196 2.87 -6.36 -14.57
N ILE A 1197 1.91 -5.96 -13.72
CA ILE A 1197 0.58 -6.57 -13.76
C ILE A 1197 -0.10 -6.33 -15.09
N ARG A 1198 0.05 -5.11 -15.63
CA ARG A 1198 -0.57 -4.78 -16.91
C ARG A 1198 -0.02 -5.64 -18.06
N VAL A 1199 1.31 -5.75 -18.13
CA VAL A 1199 1.93 -6.47 -19.25
C VAL A 1199 1.70 -7.98 -19.11
N THR A 1200 1.67 -8.47 -17.86
CA THR A 1200 1.37 -9.89 -17.63
C THR A 1200 -0.07 -10.22 -18.03
N SER A 1201 -1.02 -9.34 -17.68
CA SER A 1201 -2.41 -9.56 -18.04
C SER A 1201 -2.63 -9.54 -19.55
N GLU A 1202 -1.98 -8.60 -20.24
CA GLU A 1202 -2.11 -8.52 -21.69
C GLU A 1202 -1.51 -9.74 -22.38
N ARG A 1203 -0.34 -10.19 -21.92
CA ARG A 1203 0.29 -11.30 -22.61
C ARG A 1203 -0.39 -12.63 -22.27
N VAL A 1204 -1.00 -12.71 -21.09
CA VAL A 1204 -1.86 -13.85 -20.75
C VAL A 1204 -3.10 -13.88 -21.64
N GLU A 1205 -3.66 -12.70 -21.92
CA GLU A 1205 -4.72 -12.58 -22.93
C GLU A 1205 -4.30 -13.08 -24.31
N ASN A 1206 -3.06 -12.82 -24.72
CA ASN A 1206 -2.59 -13.38 -25.98
C ASN A 1206 -2.47 -14.90 -25.93
N MET A 1207 -1.89 -15.42 -24.84
CA MET A 1207 -1.80 -16.85 -24.58
C MET A 1207 -3.11 -17.60 -24.62
N SER A 1208 -4.18 -16.96 -24.15
CA SER A 1208 -5.50 -17.58 -24.08
C SER A 1208 -5.95 -18.04 -25.45
N MET A 1209 -6.11 -17.08 -26.37
CA MET A 1209 -6.49 -17.34 -27.75
C MET A 1209 -5.53 -18.27 -28.47
N ARG A 1210 -4.22 -18.08 -28.25
CA ARG A 1210 -3.29 -18.89 -29.04
C ARG A 1210 -3.28 -20.34 -28.55
N LEU A 1211 -3.46 -20.57 -27.25
CA LEU A 1211 -3.49 -21.95 -26.74
C LEU A 1211 -4.81 -22.62 -27.10
N GLU A 1212 -5.90 -21.86 -27.13
CA GLU A 1212 -7.17 -22.37 -27.64
C GLU A 1212 -7.03 -22.85 -29.09
N GLU A 1213 -6.35 -22.06 -29.91
CA GLU A 1213 -6.23 -22.42 -31.33
C GLU A 1213 -5.28 -23.61 -31.51
N VAL A 1214 -4.22 -23.69 -30.68
CA VAL A 1214 -3.35 -24.88 -30.64
C VAL A 1214 -4.16 -26.14 -30.34
N ASN A 1215 -4.97 -26.09 -29.28
CA ASN A 1215 -5.69 -27.27 -28.86
C ASN A 1215 -6.72 -27.68 -29.92
N GLU A 1216 -7.39 -26.70 -30.55
CA GLU A 1216 -8.35 -26.98 -31.62
C GLU A 1216 -7.68 -27.63 -32.83
N ARG A 1217 -6.56 -27.03 -33.29
CA ARG A 1217 -5.76 -27.62 -34.36
C ARG A 1217 -5.37 -29.05 -34.06
N GLU A 1218 -4.97 -29.32 -32.81
CA GLU A 1218 -4.40 -30.62 -32.52
C GLU A 1218 -5.47 -31.64 -32.15
N HIS A 1219 -6.70 -31.19 -31.80
CA HIS A 1219 -7.86 -32.07 -31.88
C HIS A 1219 -8.06 -32.55 -33.32
N SER A 1220 -8.03 -31.59 -34.26
CA SER A 1220 -8.24 -31.93 -35.67
C SER A 1220 -7.18 -32.88 -36.20
N MET A 1221 -5.94 -32.71 -35.76
CA MET A 1221 -4.89 -33.57 -36.28
C MET A 1221 -4.81 -34.91 -35.54
N LYS A 1222 -5.35 -35.00 -34.32
CA LYS A 1222 -5.60 -36.34 -33.80
C LYS A 1222 -6.70 -37.05 -34.58
N ALA A 1223 -7.72 -36.31 -35.02
CA ALA A 1223 -8.74 -36.89 -35.89
C ALA A 1223 -8.13 -37.40 -37.21
N SER A 1224 -7.22 -36.60 -37.78
CA SER A 1224 -6.53 -37.00 -39.01
C SER A 1224 -5.63 -38.22 -38.79
N LEU A 1225 -4.89 -38.25 -37.67
CA LEU A 1225 -3.98 -39.35 -37.40
C LEU A 1225 -4.73 -40.64 -37.09
N GLN A 1226 -5.86 -40.53 -36.38
CA GLN A 1226 -6.67 -41.71 -36.07
C GLN A 1226 -7.36 -42.24 -37.32
N THR A 1227 -7.71 -41.34 -38.25
CA THR A 1227 -8.23 -41.80 -39.54
C THR A 1227 -7.13 -42.44 -40.38
N VAL A 1228 -5.90 -41.95 -40.26
CA VAL A 1228 -4.77 -42.53 -41.00
C VAL A 1228 -4.41 -43.90 -40.43
N ASP A 1229 -4.61 -44.09 -39.13
CA ASP A 1229 -4.34 -45.38 -38.49
C ASP A 1229 -5.30 -46.46 -39.00
N ILE A 1230 -6.58 -46.11 -39.12
CA ILE A 1230 -7.57 -47.06 -39.60
C ILE A 1230 -7.38 -47.34 -41.09
N ARG A 1231 -7.10 -46.29 -41.87
CA ARG A 1231 -6.96 -46.44 -43.31
C ARG A 1231 -5.62 -47.03 -43.72
N LEU A 1232 -4.67 -47.17 -42.80
CA LEU A 1232 -3.37 -47.74 -43.14
C LEU A 1232 -2.79 -48.48 -41.92
N SER B 30 44.57 -47.28 17.33
CA SER B 30 45.39 -48.45 17.07
C SER B 30 44.52 -49.71 16.97
N TRP B 31 43.33 -49.64 17.57
CA TRP B 31 42.37 -50.74 17.45
C TRP B 31 41.84 -50.85 16.03
N ILE B 32 41.77 -49.73 15.31
CA ILE B 32 41.41 -49.75 13.90
C ILE B 32 42.48 -50.46 13.06
N GLU B 33 43.75 -50.40 13.49
CA GLU B 33 44.79 -51.14 12.79
C GLU B 33 44.74 -52.62 13.13
N ARG B 34 44.40 -52.96 14.38
CA ARG B 34 44.44 -54.34 14.85
C ARG B 34 43.12 -55.07 14.65
N ALA B 35 42.08 -54.41 14.16
CA ALA B 35 40.78 -55.05 13.98
C ALA B 35 40.49 -55.43 12.54
N PHE B 36 40.77 -54.54 11.59
CA PHE B 36 40.34 -54.68 10.21
C PHE B 36 41.52 -54.99 9.30
N TYR B 37 41.20 -55.55 8.14
CA TYR B 37 42.18 -56.16 7.26
C TYR B 37 42.00 -55.61 5.84
N LYS B 38 42.91 -55.98 4.94
CA LYS B 38 42.88 -55.51 3.57
C LYS B 38 43.58 -56.54 2.69
N ARG B 39 43.39 -56.41 1.38
CA ARG B 39 44.08 -57.27 0.44
C ARG B 39 44.75 -56.42 -0.64
N GLU B 40 45.85 -56.95 -1.16
CA GLU B 40 46.66 -56.29 -2.17
C GLU B 40 46.99 -57.27 -3.29
N CYS B 41 47.23 -56.73 -4.49
CA CYS B 41 47.38 -57.55 -5.69
C CYS B 41 48.86 -57.83 -5.93
N VAL B 42 49.21 -59.11 -5.94
CA VAL B 42 50.50 -59.61 -6.43
C VAL B 42 50.15 -60.74 -7.39
N HIS B 43 50.48 -60.57 -8.67
CA HIS B 43 49.99 -61.49 -9.70
C HIS B 43 51.11 -61.79 -10.71
N ILE B 44 50.73 -62.49 -11.79
CA ILE B 44 51.69 -63.10 -12.71
C ILE B 44 51.72 -62.41 -14.06
N ILE B 45 50.92 -61.36 -14.25
CA ILE B 45 50.88 -60.48 -15.42
C ILE B 45 50.55 -61.28 -16.68
N PRO B 46 49.28 -61.67 -16.92
CA PRO B 46 48.92 -62.10 -18.28
C PRO B 46 48.58 -60.91 -19.16
N SER B 47 48.97 -60.93 -20.45
CA SER B 47 48.88 -59.73 -21.26
C SER B 47 47.44 -59.41 -21.66
N THR B 48 46.68 -60.43 -22.09
CA THR B 48 45.33 -60.32 -22.64
C THR B 48 45.25 -59.30 -23.78
N LYS B 49 44.60 -58.15 -23.54
CA LYS B 49 44.36 -57.20 -24.62
C LYS B 49 45.60 -56.35 -24.93
N ASP B 50 46.06 -55.56 -23.96
CA ASP B 50 47.18 -54.65 -24.16
C ASP B 50 48.46 -55.24 -23.57
N PRO B 51 49.63 -54.97 -24.17
CA PRO B 51 50.88 -55.48 -23.58
C PRO B 51 51.22 -54.84 -22.25
N HIS B 52 50.85 -53.58 -22.03
CA HIS B 52 51.05 -52.96 -20.73
C HIS B 52 50.03 -53.46 -19.72
N ARG B 53 48.77 -53.60 -20.14
CA ARG B 53 47.70 -53.98 -19.22
C ARG B 53 47.77 -55.45 -18.86
N CYS B 54 47.48 -55.76 -17.60
CA CYS B 54 47.40 -57.12 -17.11
C CYS B 54 45.93 -57.56 -17.09
N CYS B 55 45.67 -58.68 -16.41
CA CYS B 55 44.30 -59.09 -16.15
C CYS B 55 43.59 -58.12 -15.21
N CYS B 56 44.33 -57.55 -14.26
CA CYS B 56 43.79 -56.55 -13.35
C CYS B 56 43.73 -55.16 -13.96
N GLY B 57 44.30 -54.96 -15.15
CA GLY B 57 44.17 -53.72 -15.88
C GLY B 57 45.33 -52.76 -15.77
N ARG B 58 46.22 -52.93 -14.80
CA ARG B 58 47.26 -51.95 -14.55
C ARG B 58 48.44 -52.13 -15.51
N LEU B 59 49.26 -51.09 -15.61
CA LEU B 59 50.45 -51.12 -16.47
C LEU B 59 51.50 -52.05 -15.88
N ILE B 60 52.42 -52.50 -16.76
CA ILE B 60 53.25 -53.68 -16.50
C ILE B 60 54.22 -53.43 -15.34
N GLY B 61 54.82 -52.25 -15.29
CA GLY B 61 55.71 -51.92 -14.19
C GLY B 61 55.05 -51.26 -13.01
N GLN B 62 53.71 -51.17 -13.00
CA GLN B 62 52.98 -50.45 -11.97
C GLN B 62 52.38 -51.36 -10.90
N HIS B 63 52.54 -52.67 -11.01
CA HIS B 63 52.01 -53.58 -10.01
C HIS B 63 52.93 -53.62 -8.79
N VAL B 64 52.34 -53.34 -7.62
CA VAL B 64 53.02 -53.31 -6.32
C VAL B 64 54.22 -52.35 -6.30
N TRP B 92 40.15 -62.08 -5.40
CA TRP B 92 40.13 -63.52 -5.13
C TRP B 92 41.42 -64.16 -5.62
N SER B 93 41.66 -65.41 -5.18
CA SER B 93 42.85 -66.15 -5.59
C SER B 93 42.76 -66.65 -7.02
N ILE B 94 41.57 -66.76 -7.59
CA ILE B 94 41.39 -67.24 -8.95
C ILE B 94 41.77 -66.11 -9.90
N SER B 95 42.88 -66.29 -10.62
CA SER B 95 43.42 -65.48 -11.73
C SER B 95 44.00 -64.15 -11.24
N LYS B 96 43.85 -63.80 -9.96
CA LYS B 96 44.42 -62.57 -9.42
C LYS B 96 45.47 -62.81 -8.33
N HIS B 97 45.29 -63.84 -7.50
CA HIS B 97 46.22 -64.26 -6.44
C HIS B 97 46.50 -63.13 -5.44
N THR B 98 45.42 -62.48 -4.99
CA THR B 98 45.54 -61.40 -4.03
C THR B 98 45.92 -61.94 -2.65
N GLN B 99 46.59 -61.09 -1.86
CA GLN B 99 47.13 -61.48 -0.57
C GLN B 99 46.61 -60.56 0.52
N LEU B 100 46.59 -61.08 1.75
CA LEU B 100 45.98 -60.38 2.89
C LEU B 100 47.05 -59.70 3.73
N SER B 101 46.69 -58.57 4.33
CA SER B 101 47.60 -57.76 5.13
C SER B 101 46.77 -56.84 6.02
N PRO B 102 47.38 -56.23 7.04
CA PRO B 102 46.69 -55.14 7.74
C PRO B 102 46.56 -53.91 6.86
N THR B 103 45.55 -53.10 7.18
CA THR B 103 45.19 -51.93 6.38
C THR B 103 46.24 -50.84 6.48
N ASP B 104 46.34 -50.03 5.41
CA ASP B 104 47.22 -48.86 5.40
C ASP B 104 46.55 -47.63 4.79
N ALA B 105 45.24 -47.69 4.55
CA ALA B 105 44.51 -46.58 3.92
C ALA B 105 43.28 -46.29 4.76
N PHE B 106 43.45 -45.44 5.77
CA PHE B 106 42.37 -44.97 6.62
C PHE B 106 42.80 -43.66 7.26
N GLY B 107 41.82 -42.96 7.82
CA GLY B 107 42.06 -41.67 8.41
C GLY B 107 40.95 -40.71 8.09
N THR B 108 41.25 -39.42 7.96
CA THR B 108 40.27 -38.38 7.69
C THR B 108 40.64 -37.65 6.42
N ILE B 109 39.70 -37.58 5.47
CA ILE B 109 39.87 -36.81 4.25
C ILE B 109 39.19 -35.46 4.43
N GLU B 110 39.96 -34.39 4.30
CA GLU B 110 39.43 -33.03 4.29
C GLU B 110 39.31 -32.60 2.84
N PHE B 111 38.09 -32.28 2.42
CA PHE B 111 37.83 -31.88 1.03
C PHE B 111 38.16 -30.41 0.85
N GLN B 112 39.35 -30.13 0.34
CA GLN B 112 39.62 -28.82 -0.22
C GLN B 112 39.02 -28.74 -1.61
N GLY B 113 38.13 -27.77 -1.80
CA GLY B 113 37.34 -27.73 -3.02
C GLY B 113 36.04 -28.50 -2.86
N GLY B 114 35.18 -28.35 -3.86
CA GLY B 114 33.88 -28.98 -3.85
C GLY B 114 32.92 -28.44 -2.80
N GLY B 115 32.93 -27.13 -2.57
CA GLY B 115 32.02 -26.52 -1.62
C GLY B 115 32.68 -26.36 -0.25
N HIS B 116 31.94 -26.72 0.79
CA HIS B 116 32.43 -26.56 2.15
C HIS B 116 33.45 -27.65 2.50
N SER B 117 34.37 -27.30 3.40
CA SER B 117 35.37 -28.24 3.87
C SER B 117 34.76 -29.10 4.99
N ASN B 118 34.73 -30.41 4.78
CA ASN B 118 34.14 -31.33 5.74
C ASN B 118 35.06 -32.51 5.99
N LYS B 119 34.87 -33.16 7.14
CA LYS B 119 35.68 -34.32 7.53
C LYS B 119 34.94 -35.58 7.13
N ALA B 120 35.08 -35.98 5.87
CA ALA B 120 34.52 -37.23 5.36
C ALA B 120 35.60 -38.28 5.50
N MET B 121 35.51 -39.09 6.54
CA MET B 121 36.60 -39.97 6.94
C MET B 121 36.29 -41.40 6.51
N TYR B 122 37.34 -42.21 6.37
CA TYR B 122 37.30 -43.30 5.41
C TYR B 122 38.08 -44.51 5.90
N VAL B 123 37.67 -45.68 5.43
CA VAL B 123 38.39 -46.95 5.63
C VAL B 123 38.38 -47.72 4.31
N ARG B 124 39.54 -48.27 3.94
CA ARG B 124 39.60 -49.24 2.84
C ARG B 124 39.46 -50.65 3.39
N VAL B 125 38.56 -51.42 2.78
CA VAL B 125 37.97 -52.63 3.34
C VAL B 125 38.09 -53.74 2.30
N SER B 126 38.44 -54.94 2.75
CA SER B 126 38.38 -56.12 1.90
C SER B 126 36.93 -56.52 1.64
N PHE B 127 36.65 -56.98 0.42
CA PHE B 127 35.27 -57.18 -0.02
C PHE B 127 34.62 -58.44 0.58
N ASP B 128 35.31 -59.21 1.41
CA ASP B 128 34.73 -60.40 2.03
C ASP B 128 34.85 -60.38 3.55
N THR B 129 34.85 -59.20 4.17
CA THR B 129 35.04 -59.08 5.61
C THR B 129 33.75 -59.36 6.37
N LYS B 130 33.89 -59.54 7.68
CA LYS B 130 32.76 -59.70 8.57
C LYS B 130 32.28 -58.33 9.03
N PRO B 131 31.03 -57.95 8.75
CA PRO B 131 30.59 -56.56 8.97
C PRO B 131 30.18 -56.19 10.39
N ASP B 132 30.25 -57.10 11.36
CA ASP B 132 30.02 -56.72 12.74
C ASP B 132 31.17 -55.87 13.27
N LEU B 133 32.39 -56.14 12.80
CA LEU B 133 33.53 -55.31 13.16
C LEU B 133 33.38 -53.90 12.61
N LEU B 134 32.83 -53.76 11.40
CA LEU B 134 32.58 -52.39 10.89
C LEU B 134 31.40 -51.78 11.67
N LEU B 135 30.40 -52.58 12.04
CA LEU B 135 29.36 -52.03 12.91
C LEU B 135 29.99 -51.39 14.14
N HIS B 136 30.95 -52.08 14.75
CA HIS B 136 31.69 -51.51 15.87
C HIS B 136 32.49 -50.27 15.45
N LEU B 137 33.04 -50.30 14.22
CA LEU B 137 33.71 -49.14 13.65
C LEU B 137 32.77 -47.94 13.52
N MET B 138 31.54 -48.17 13.06
CA MET B 138 30.59 -47.09 12.90
C MET B 138 30.11 -46.55 14.25
N THR B 139 29.83 -47.46 15.19
CA THR B 139 29.26 -47.02 16.46
C THR B 139 30.30 -46.37 17.37
N LYS B 140 31.49 -46.97 17.49
CA LYS B 140 32.47 -46.55 18.48
C LYS B 140 33.55 -45.65 17.87
N GLU B 141 34.22 -46.13 16.81
CA GLU B 141 35.33 -45.37 16.24
C GLU B 141 34.85 -44.17 15.44
N TRP B 142 33.59 -44.19 14.98
CA TRP B 142 33.07 -43.15 14.12
C TRP B 142 32.04 -42.27 14.82
N GLN B 143 31.57 -42.68 16.00
CA GLN B 143 30.56 -41.98 16.81
C GLN B 143 29.26 -41.77 16.04
N LEU B 144 28.64 -42.88 15.67
CA LEU B 144 27.36 -42.87 14.96
C LEU B 144 26.36 -43.72 15.71
N GLU B 145 25.24 -43.10 16.10
CA GLU B 145 24.16 -43.83 16.74
C GLU B 145 23.38 -44.64 15.72
N LEU B 146 22.71 -45.68 16.20
CA LEU B 146 21.95 -46.56 15.32
C LEU B 146 20.71 -45.83 14.79
N PRO B 147 20.48 -45.84 13.47
CA PRO B 147 19.33 -45.11 12.93
C PRO B 147 18.04 -45.87 13.14
N LYS B 148 16.92 -45.14 13.11
CA LYS B 148 15.61 -45.74 13.07
C LYS B 148 15.05 -45.81 11.64
N LEU B 149 15.86 -45.48 10.65
CA LEU B 149 15.51 -45.66 9.23
C LEU B 149 16.79 -45.84 8.43
N LEU B 150 16.77 -46.79 7.49
CA LEU B 150 17.85 -46.96 6.54
C LEU B 150 17.29 -46.91 5.12
N ILE B 151 17.81 -45.98 4.31
CA ILE B 151 17.48 -45.93 2.90
C ILE B 151 18.75 -46.26 2.13
N SER B 152 18.57 -46.81 0.93
CA SER B 152 19.67 -47.35 0.14
C SER B 152 19.39 -47.04 -1.33
N VAL B 153 19.94 -45.94 -1.83
CA VAL B 153 19.61 -45.42 -3.14
C VAL B 153 20.50 -46.09 -4.19
N HIS B 154 19.89 -46.48 -5.30
CA HIS B 154 20.58 -47.14 -6.40
C HIS B 154 20.20 -46.45 -7.70
N GLY B 155 20.92 -46.80 -8.77
CA GLY B 155 20.63 -46.22 -10.06
C GLY B 155 21.73 -46.54 -11.05
N GLY B 156 21.68 -45.84 -12.18
CA GLY B 156 22.68 -46.07 -13.22
C GLY B 156 24.03 -45.51 -12.84
N LEU B 157 25.08 -46.22 -13.26
CA LEU B 157 26.44 -45.81 -12.95
C LEU B 157 27.00 -44.81 -13.95
N GLN B 158 26.23 -44.43 -14.97
CA GLN B 158 26.61 -43.34 -15.85
C GLN B 158 25.92 -42.04 -15.42
N ASN B 159 26.46 -40.93 -15.90
CA ASN B 159 25.85 -39.63 -15.63
C ASN B 159 24.56 -39.46 -16.43
N PHE B 160 23.58 -38.75 -15.85
CA PHE B 160 22.32 -38.50 -16.53
C PHE B 160 21.69 -37.21 -16.02
N GLU B 161 20.58 -36.83 -16.66
CA GLU B 161 19.80 -35.67 -16.28
C GLU B 161 18.37 -35.82 -16.80
N LEU B 162 17.40 -35.71 -15.90
CA LEU B 162 15.98 -35.69 -16.21
C LEU B 162 15.43 -34.28 -16.00
N GLN B 163 14.09 -34.18 -16.00
CA GLN B 163 13.41 -32.90 -15.86
C GLN B 163 13.74 -32.26 -14.50
N PRO B 164 13.88 -30.93 -14.45
CA PRO B 164 14.32 -30.29 -13.20
C PRO B 164 13.27 -30.29 -12.10
N LYS B 165 11.99 -30.46 -12.42
CA LYS B 165 11.00 -30.64 -11.37
C LYS B 165 11.14 -32.00 -10.69
N LEU B 166 11.50 -33.04 -11.46
CA LEU B 166 11.82 -34.33 -10.89
C LEU B 166 13.05 -34.24 -10.00
N LYS B 167 14.05 -33.47 -10.42
CA LYS B 167 15.21 -33.19 -9.58
C LYS B 167 14.87 -32.40 -8.33
N GLN B 168 13.96 -31.42 -8.40
CA GLN B 168 13.55 -30.68 -7.21
C GLN B 168 12.84 -31.59 -6.21
N VAL B 169 11.95 -32.45 -6.70
CA VAL B 169 11.22 -33.37 -5.82
C VAL B 169 12.18 -34.39 -5.20
N PHE B 170 13.01 -35.03 -6.04
CA PHE B 170 13.93 -36.06 -5.58
C PHE B 170 15.01 -35.47 -4.68
N GLY B 171 15.37 -34.21 -4.89
CA GLY B 171 16.28 -33.54 -3.99
C GLY B 171 15.64 -33.30 -2.64
N LYS B 172 14.55 -32.53 -2.63
CA LYS B 172 14.02 -32.00 -1.37
C LYS B 172 13.39 -33.09 -0.51
N GLY B 173 12.72 -34.07 -1.13
CA GLY B 173 12.04 -35.10 -0.36
C GLY B 173 13.00 -36.00 0.41
N LEU B 174 14.11 -36.37 -0.21
CA LEU B 174 15.10 -37.25 0.42
C LEU B 174 15.73 -36.58 1.63
N ILE B 175 16.10 -35.31 1.50
CA ILE B 175 16.78 -34.64 2.61
C ILE B 175 15.83 -34.29 3.74
N LYS B 176 14.58 -33.87 3.47
CA LYS B 176 13.72 -33.63 4.61
C LYS B 176 13.21 -34.94 5.21
N ALA B 177 13.20 -36.03 4.43
CA ALA B 177 12.94 -37.34 5.01
C ALA B 177 14.07 -37.77 5.95
N ALA B 178 15.32 -37.56 5.52
CA ALA B 178 16.47 -37.85 6.37
C ALA B 178 16.54 -36.94 7.59
N MET B 179 15.96 -35.75 7.53
CA MET B 179 15.85 -34.93 8.72
C MET B 179 14.70 -35.34 9.64
N THR B 180 13.54 -35.74 9.10
CA THR B 180 12.42 -36.07 9.96
C THR B 180 12.57 -37.47 10.56
N THR B 181 13.44 -38.30 9.99
CA THR B 181 13.65 -39.63 10.55
C THR B 181 15.02 -39.83 11.17
N GLY B 182 15.99 -38.97 10.86
CA GLY B 182 17.35 -39.15 11.32
C GLY B 182 18.01 -40.38 10.76
N ALA B 183 17.86 -40.59 9.45
CA ALA B 183 18.20 -41.84 8.81
C ALA B 183 19.67 -41.88 8.38
N TRP B 184 20.13 -43.09 8.09
CA TRP B 184 21.39 -43.33 7.42
C TRP B 184 21.09 -43.58 5.95
N ILE B 185 21.90 -43.04 5.05
CA ILE B 185 21.78 -43.34 3.63
C ILE B 185 23.00 -44.14 3.21
N PHE B 186 22.77 -45.18 2.41
CA PHE B 186 23.81 -45.99 1.77
C PHE B 186 23.72 -45.74 0.27
N THR B 187 24.86 -45.47 -0.35
CA THR B 187 24.90 -45.05 -1.73
C THR B 187 26.23 -45.48 -2.34
N GLY B 188 26.32 -45.39 -3.67
CA GLY B 188 27.42 -46.00 -4.41
C GLY B 188 28.76 -45.33 -4.29
N GLY B 189 28.83 -44.14 -3.69
CA GLY B 189 30.12 -43.53 -3.38
C GLY B 189 30.71 -42.62 -4.43
N VAL B 190 31.07 -43.17 -5.60
CA VAL B 190 31.72 -42.38 -6.63
C VAL B 190 30.73 -41.40 -7.26
N ASN B 191 31.26 -40.32 -7.81
CA ASN B 191 30.47 -39.18 -8.28
C ASN B 191 29.99 -39.41 -9.71
N THR B 192 29.14 -40.42 -9.88
CA THR B 192 28.51 -40.71 -11.16
C THR B 192 27.01 -40.85 -10.97
N GLY B 193 26.24 -40.12 -11.78
CA GLY B 193 24.81 -40.30 -11.88
C GLY B 193 23.96 -40.07 -10.66
N VAL B 194 23.44 -41.17 -10.09
CA VAL B 194 22.51 -41.09 -8.96
C VAL B 194 23.21 -40.57 -7.71
N ILE B 195 24.49 -40.88 -7.52
CA ILE B 195 25.23 -40.40 -6.36
C ILE B 195 25.48 -38.90 -6.50
N ARG B 196 25.68 -38.43 -7.73
CA ARG B 196 25.81 -37.00 -7.99
C ARG B 196 24.53 -36.24 -7.65
N HIS B 197 23.38 -36.84 -7.93
CA HIS B 197 22.12 -36.19 -7.61
C HIS B 197 21.81 -36.28 -6.12
N VAL B 198 22.30 -37.33 -5.44
CA VAL B 198 22.24 -37.38 -3.99
C VAL B 198 23.11 -36.28 -3.38
N GLY B 199 24.30 -36.05 -3.96
CA GLY B 199 25.14 -34.95 -3.51
C GLY B 199 24.52 -33.58 -3.76
N ASP B 200 23.79 -33.45 -4.88
CA ASP B 200 23.05 -32.22 -5.14
C ASP B 200 21.90 -32.05 -4.14
N ALA B 201 21.26 -33.15 -3.75
CA ALA B 201 20.23 -33.11 -2.72
C ALA B 201 20.78 -32.65 -1.38
N LEU B 202 21.93 -33.19 -0.98
CA LEU B 202 22.58 -32.74 0.26
C LEU B 202 23.12 -31.33 0.14
N LYS B 203 23.40 -30.87 -1.09
CA LYS B 203 23.75 -29.46 -1.27
C LYS B 203 22.53 -28.55 -1.19
N ASP B 204 21.33 -29.10 -1.43
CA ASP B 204 20.12 -28.28 -1.41
C ASP B 204 19.80 -27.77 0.00
N HIS B 205 20.08 -28.56 1.03
CA HIS B 205 19.77 -28.14 2.41
C HIS B 205 21.01 -28.09 3.29
N ALA B 206 21.81 -29.16 3.30
CA ALA B 206 22.96 -29.39 4.19
C ALA B 206 22.58 -29.21 5.66
N SER B 207 22.99 -28.08 6.26
CA SER B 207 22.76 -27.71 7.66
C SER B 207 23.24 -28.77 8.65
N ILE B 213 23.69 -35.92 9.17
CA ILE B 213 23.17 -36.45 7.91
C ILE B 213 23.57 -37.93 7.73
N CYS B 214 24.76 -38.28 8.22
CA CYS B 214 25.28 -39.66 8.27
C CYS B 214 25.26 -40.34 6.90
N THR B 215 26.03 -39.78 5.98
CA THR B 215 26.07 -40.24 4.60
C THR B 215 27.31 -41.10 4.40
N ILE B 216 27.10 -42.36 4.02
CA ILE B 216 28.19 -43.32 3.84
C ILE B 216 28.28 -43.68 2.37
N GLY B 217 29.43 -43.38 1.76
CA GLY B 217 29.70 -43.81 0.41
C GLY B 217 30.40 -45.15 0.38
N ILE B 218 29.69 -46.18 -0.06
CA ILE B 218 30.24 -47.53 -0.17
C ILE B 218 30.65 -47.71 -1.63
N ALA B 219 31.94 -47.55 -1.90
CA ALA B 219 32.46 -47.59 -3.26
C ALA B 219 33.64 -48.54 -3.34
N PRO B 220 33.88 -49.16 -4.49
CA PRO B 220 35.10 -49.96 -4.64
C PRO B 220 36.33 -49.08 -4.72
N TRP B 221 37.46 -49.64 -4.27
CA TRP B 221 38.71 -48.88 -4.28
C TRP B 221 39.28 -48.77 -5.69
N GLY B 222 39.04 -49.78 -6.53
CA GLY B 222 39.68 -49.89 -7.83
C GLY B 222 39.22 -48.90 -8.88
N ILE B 223 38.07 -48.26 -8.68
CA ILE B 223 37.51 -47.32 -9.64
C ILE B 223 37.78 -45.87 -9.25
N VAL B 224 38.00 -45.62 -7.95
CA VAL B 224 38.17 -44.26 -7.45
C VAL B 224 39.50 -43.68 -7.93
N GLU B 225 39.42 -42.49 -8.54
CA GLU B 225 40.60 -41.81 -9.08
C GLU B 225 41.50 -41.34 -7.94
N ASN B 226 42.81 -41.29 -8.24
CA ASN B 226 43.88 -40.89 -7.33
C ASN B 226 43.96 -41.82 -6.12
N GLN B 227 44.24 -43.09 -6.44
CA GLN B 227 44.40 -44.12 -5.41
C GLN B 227 45.61 -43.85 -4.53
N GLU B 228 46.75 -43.50 -5.15
CA GLU B 228 47.97 -43.23 -4.41
C GLU B 228 47.88 -41.94 -3.59
N ASP B 229 46.97 -41.03 -3.96
CA ASP B 229 46.77 -39.82 -3.17
C ASP B 229 46.03 -40.11 -1.87
N LEU B 230 45.27 -41.22 -1.83
CA LEU B 230 44.47 -41.58 -0.67
C LEU B 230 45.09 -42.71 0.15
N ILE B 231 46.42 -42.73 0.27
CA ILE B 231 47.12 -43.73 1.05
C ILE B 231 47.73 -43.05 2.27
N GLY B 232 47.44 -43.58 3.46
CA GLY B 232 48.08 -43.05 4.65
C GLY B 232 47.47 -43.58 5.92
N ARG B 233 48.12 -43.19 7.03
CA ARG B 233 47.90 -43.76 8.36
C ARG B 233 47.39 -42.66 9.30
N ASP B 234 46.06 -42.50 9.36
CA ASP B 234 45.36 -41.59 10.29
C ASP B 234 45.83 -40.14 10.16
N VAL B 235 45.98 -39.67 8.92
CA VAL B 235 46.40 -38.30 8.68
C VAL B 235 45.55 -37.70 7.56
N VAL B 236 45.62 -36.38 7.46
CA VAL B 236 44.80 -35.63 6.50
C VAL B 236 45.48 -35.65 5.14
N ARG B 237 44.78 -36.20 4.15
CA ARG B 237 45.21 -36.14 2.75
C ARG B 237 44.28 -35.30 1.92
N PRO B 238 44.82 -34.28 1.24
CA PRO B 238 44.00 -33.41 0.39
C PRO B 238 43.54 -34.15 -0.86
N TYR B 239 42.25 -34.46 -0.93
CA TYR B 239 41.65 -35.09 -2.10
C TYR B 239 41.04 -34.02 -2.97
N GLN B 240 41.38 -34.04 -4.24
CA GLN B 240 40.96 -33.05 -5.23
C GLN B 240 39.68 -33.46 -5.94
N THR B 241 39.42 -32.82 -7.08
CA THR B 241 38.19 -32.96 -7.83
C THR B 241 38.52 -33.65 -9.14
N MET B 242 37.64 -33.54 -10.13
CA MET B 242 37.75 -34.18 -11.45
C MET B 242 38.81 -33.60 -12.37
N SER B 243 40.07 -33.64 -11.91
CA SER B 243 41.20 -33.03 -12.62
C SER B 243 41.58 -33.78 -13.88
N ASN B 244 41.14 -35.02 -14.02
CA ASN B 244 41.28 -35.70 -15.31
C ASN B 244 39.89 -36.07 -15.80
N PRO B 245 39.33 -35.32 -16.76
CA PRO B 245 37.94 -35.58 -17.18
C PRO B 245 37.78 -36.74 -18.14
N MET B 246 38.83 -37.14 -18.85
CA MET B 246 38.79 -38.28 -19.75
C MET B 246 39.39 -39.53 -19.12
N SER B 247 39.57 -39.51 -17.80
CA SER B 247 40.13 -40.64 -17.08
C SER B 247 39.15 -41.80 -17.03
N LYS B 248 39.67 -43.03 -17.06
CA LYS B 248 38.83 -44.21 -16.82
C LYS B 248 38.48 -44.36 -15.36
N LEU B 249 39.14 -43.64 -14.46
CA LEU B 249 38.85 -43.66 -13.03
C LEU B 249 38.08 -42.40 -12.66
N THR B 250 37.01 -42.56 -11.89
CA THR B 250 36.12 -41.46 -11.52
C THR B 250 36.29 -41.12 -10.06
N VAL B 251 36.13 -39.84 -9.72
CA VAL B 251 36.30 -39.37 -8.36
C VAL B 251 35.14 -39.84 -7.48
N LEU B 252 35.30 -39.64 -6.17
CA LEU B 252 34.21 -39.76 -5.23
C LEU B 252 33.39 -38.46 -5.21
N ASN B 253 32.17 -38.56 -4.67
CA ASN B 253 31.36 -37.37 -4.46
C ASN B 253 31.92 -36.57 -3.30
N SER B 254 31.87 -35.24 -3.43
CA SER B 254 32.59 -34.37 -2.52
C SER B 254 31.89 -34.25 -1.16
N MET B 255 30.60 -34.53 -1.09
CA MET B 255 29.79 -34.14 0.06
C MET B 255 29.21 -35.37 0.78
N HIS B 256 30.06 -36.34 1.09
CA HIS B 256 29.75 -37.33 2.11
C HIS B 256 30.36 -36.97 3.45
N SER B 257 30.20 -37.88 4.41
CA SER B 257 30.75 -37.72 5.75
C SER B 257 31.46 -39.00 6.19
N HIS B 258 31.15 -40.12 5.54
CA HIS B 258 31.87 -41.36 5.79
C HIS B 258 32.07 -42.10 4.47
N PHE B 259 33.19 -42.81 4.38
CA PHE B 259 33.56 -43.52 3.16
C PHE B 259 34.10 -44.91 3.48
N ILE B 260 33.58 -45.91 2.76
CA ILE B 260 34.06 -47.28 2.83
C ILE B 260 34.43 -47.66 1.41
N LEU B 261 35.73 -47.81 1.14
CA LEU B 261 36.22 -48.14 -0.20
C LEU B 261 36.76 -49.56 -0.18
N ALA B 262 36.24 -50.41 -1.06
CA ALA B 262 36.41 -51.85 -0.98
C ALA B 262 37.34 -52.34 -2.09
N ASP B 263 38.52 -52.81 -1.69
CA ASP B 263 39.52 -53.25 -2.66
C ASP B 263 39.37 -54.73 -2.97
N ASN B 264 39.20 -55.03 -4.26
CA ASN B 264 39.22 -56.42 -4.75
C ASN B 264 40.48 -56.74 -5.55
N GLY B 265 41.30 -55.74 -5.85
CA GLY B 265 42.53 -55.97 -6.60
C GLY B 265 42.54 -55.36 -7.98
N THR B 266 41.41 -55.43 -8.68
CA THR B 266 41.34 -54.94 -10.05
C THR B 266 41.22 -53.42 -10.08
N THR B 267 41.35 -52.87 -11.27
CA THR B 267 41.26 -51.42 -11.50
C THR B 267 40.28 -51.13 -12.62
N GLY B 268 39.29 -50.29 -12.35
CA GLY B 268 38.38 -49.84 -13.37
C GLY B 268 37.30 -50.80 -13.78
N LYS B 269 37.05 -51.85 -13.00
CA LYS B 269 36.01 -52.82 -13.30
C LYS B 269 35.04 -52.91 -12.13
N TYR B 270 33.74 -52.82 -12.44
CA TYR B 270 32.69 -52.82 -11.43
C TYR B 270 32.41 -54.24 -10.94
N GLY B 271 31.36 -54.39 -10.15
CA GLY B 271 31.00 -55.67 -9.58
C GLY B 271 31.65 -56.00 -8.26
N ALA B 272 32.58 -55.16 -7.79
CA ALA B 272 33.26 -55.39 -6.52
C ALA B 272 32.49 -54.83 -5.32
N GLU B 273 31.35 -54.18 -5.55
CA GLU B 273 30.60 -53.56 -4.48
C GLU B 273 29.23 -54.16 -4.22
N VAL B 274 28.66 -54.93 -5.17
CA VAL B 274 27.25 -55.29 -5.09
C VAL B 274 27.02 -56.31 -3.98
N LYS B 275 27.79 -57.40 -3.98
CA LYS B 275 27.62 -58.45 -2.97
C LYS B 275 28.01 -57.96 -1.59
N LEU B 276 29.07 -57.15 -1.50
CA LEU B 276 29.52 -56.64 -0.21
C LEU B 276 28.51 -55.70 0.41
N ARG B 277 28.03 -54.71 -0.35
CA ARG B 277 27.05 -53.75 0.15
C ARG B 277 25.72 -54.44 0.48
N ARG B 278 25.36 -55.46 -0.32
CA ARG B 278 24.21 -56.29 0.00
C ARG B 278 24.38 -56.97 1.35
N GLN B 279 25.58 -57.53 1.60
CA GLN B 279 25.86 -58.16 2.90
C GLN B 279 25.85 -57.15 4.04
N LEU B 280 26.37 -55.94 3.81
CA LEU B 280 26.39 -54.93 4.88
C LEU B 280 24.98 -54.47 5.22
N GLU B 281 24.14 -54.25 4.21
CA GLU B 281 22.79 -53.77 4.48
C GLU B 281 21.94 -54.87 5.12
N LYS B 282 22.17 -56.13 4.72
CA LYS B 282 21.59 -57.25 5.45
C LYS B 282 22.07 -57.29 6.90
N HIS B 283 23.35 -57.02 7.14
CA HIS B 283 23.88 -57.09 8.50
C HIS B 283 23.30 -56.00 9.38
N ILE B 284 23.13 -54.78 8.84
CA ILE B 284 22.46 -53.73 9.60
C ILE B 284 20.99 -54.07 9.83
N SER B 285 20.34 -54.78 8.87
CA SER B 285 18.94 -55.14 9.07
C SER B 285 18.77 -56.21 10.14
N LEU B 286 19.73 -57.14 10.29
CA LEU B 286 19.68 -58.11 11.38
C LEU B 286 19.97 -57.51 12.76
N GLN B 287 20.58 -56.33 12.84
CA GLN B 287 20.75 -55.70 14.14
C GLN B 287 19.42 -55.19 14.67
N LYS B 288 19.20 -55.40 15.97
CA LYS B 288 17.97 -54.95 16.59
C LYS B 288 17.95 -53.43 16.69
N ILE B 289 16.83 -52.84 16.26
CA ILE B 289 16.67 -51.40 16.31
C ILE B 289 16.48 -50.96 17.76
N ASN B 290 16.76 -49.68 18.03
CA ASN B 290 16.75 -49.13 19.39
C ASN B 290 15.37 -49.12 20.05
N THR B 291 14.28 -49.20 19.27
CA THR B 291 12.97 -49.35 19.89
C THR B 291 12.82 -50.73 20.51
N ARG B 292 13.39 -51.76 19.87
CA ARG B 292 13.59 -53.11 20.41
C ARG B 292 12.27 -53.80 20.76
N ILE B 293 11.33 -53.84 19.81
CA ILE B 293 10.04 -54.48 20.04
C ILE B 293 9.95 -55.83 19.31
N GLY B 294 10.85 -56.10 18.39
CA GLY B 294 10.76 -57.30 17.57
C GLY B 294 10.84 -57.00 16.09
N GLN B 295 11.48 -55.88 15.76
CA GLN B 295 11.76 -55.50 14.39
C GLN B 295 13.22 -55.07 14.31
N GLY B 296 13.76 -55.08 13.10
CA GLY B 296 15.06 -54.53 12.84
C GLY B 296 14.94 -53.07 12.43
N VAL B 297 15.99 -52.57 11.80
CA VAL B 297 15.87 -51.25 11.17
C VAL B 297 15.04 -51.39 9.89
N PRO B 298 14.20 -50.42 9.56
CA PRO B 298 13.42 -50.51 8.31
C PRO B 298 14.27 -50.14 7.11
N VAL B 299 14.52 -51.12 6.25
CA VAL B 299 15.37 -50.95 5.08
C VAL B 299 14.48 -50.74 3.87
N VAL B 300 14.70 -49.66 3.15
CA VAL B 300 14.02 -49.39 1.89
C VAL B 300 15.06 -49.00 0.86
N ALA B 301 14.83 -49.42 -0.38
CA ALA B 301 15.74 -49.15 -1.49
C ALA B 301 15.07 -48.17 -2.43
N LEU B 302 15.70 -47.02 -2.63
CA LEU B 302 15.17 -46.01 -3.53
C LEU B 302 15.77 -46.22 -4.92
N ILE B 303 14.95 -46.63 -5.87
CA ILE B 303 15.40 -46.95 -7.22
C ILE B 303 14.95 -45.84 -8.15
N VAL B 304 15.89 -45.07 -8.67
CA VAL B 304 15.61 -44.09 -9.71
C VAL B 304 16.46 -44.47 -10.93
N GLU B 305 15.77 -44.53 -12.09
CA GLU B 305 16.28 -45.01 -13.38
C GLU B 305 16.82 -46.43 -13.23
N GLY B 306 18.13 -46.61 -13.09
CA GLY B 306 18.71 -47.92 -12.95
C GLY B 306 18.85 -48.65 -14.28
N GLY B 307 19.49 -49.81 -14.22
CA GLY B 307 19.74 -50.62 -15.39
C GLY B 307 19.12 -52.00 -15.31
N PRO B 308 19.67 -52.95 -16.07
CA PRO B 308 19.16 -54.32 -15.99
C PRO B 308 19.55 -55.04 -14.71
N ASN B 309 20.67 -54.67 -14.08
CA ASN B 309 21.12 -55.36 -12.89
C ASN B 309 20.27 -55.02 -11.67
N VAL B 310 19.78 -53.79 -11.59
CA VAL B 310 19.02 -53.38 -10.41
C VAL B 310 17.66 -54.06 -10.37
N ILE B 311 17.18 -54.60 -11.49
CA ILE B 311 15.99 -55.45 -11.47
C ILE B 311 16.25 -56.71 -10.65
N SER B 312 17.43 -57.32 -10.84
CA SER B 312 17.79 -58.47 -10.03
C SER B 312 18.09 -58.08 -8.58
N ILE B 313 18.57 -56.86 -8.34
CA ILE B 313 18.72 -56.42 -6.95
C ILE B 313 17.37 -56.22 -6.28
N VAL B 314 16.37 -55.69 -7.01
CA VAL B 314 15.00 -55.61 -6.52
C VAL B 314 14.43 -57.00 -6.25
N LEU B 315 14.75 -57.97 -7.12
CA LEU B 315 14.32 -59.35 -6.90
C LEU B 315 14.96 -59.95 -5.65
N GLU B 316 16.23 -59.64 -5.40
CA GLU B 316 16.87 -60.06 -4.15
C GLU B 316 16.30 -59.34 -2.94
N TYR B 317 15.81 -58.11 -3.12
CA TYR B 317 15.22 -57.36 -2.02
C TYR B 317 13.84 -57.90 -1.66
N LEU B 318 13.06 -58.31 -2.66
CA LEU B 318 11.72 -58.84 -2.42
C LEU B 318 11.78 -60.23 -1.82
N ARG B 319 12.50 -61.14 -2.47
CA ARG B 319 12.69 -62.51 -1.98
C ARG B 319 13.80 -62.49 -0.93
N ASP B 320 13.42 -62.11 0.29
CA ASP B 320 14.36 -61.91 1.37
C ASP B 320 13.60 -62.03 2.68
N THR B 321 14.28 -62.50 3.72
CA THR B 321 13.70 -62.56 5.07
C THR B 321 14.48 -61.63 5.98
N PRO B 322 13.90 -60.51 6.43
CA PRO B 322 12.54 -59.99 6.19
C PRO B 322 12.40 -59.36 4.80
N PRO B 323 11.18 -59.33 4.24
CA PRO B 323 10.98 -58.76 2.90
C PRO B 323 11.18 -57.25 2.92
N VAL B 324 12.26 -56.81 2.27
CA VAL B 324 12.60 -55.39 2.18
C VAL B 324 11.60 -54.71 1.26
N PRO B 325 10.88 -53.70 1.74
CA PRO B 325 10.08 -52.87 0.82
C PRO B 325 10.99 -52.06 -0.07
N VAL B 326 10.70 -52.08 -1.36
CA VAL B 326 11.46 -51.32 -2.35
C VAL B 326 10.53 -50.28 -2.98
N VAL B 327 11.05 -49.08 -3.18
CA VAL B 327 10.28 -48.02 -3.81
C VAL B 327 10.89 -47.72 -5.18
N VAL B 328 10.02 -47.56 -6.18
CA VAL B 328 10.48 -47.19 -7.51
C VAL B 328 9.90 -45.84 -7.92
N CYS B 329 10.77 -44.99 -8.43
CA CYS B 329 10.43 -43.63 -8.85
C CYS B 329 10.01 -43.67 -10.31
N ASP B 330 9.11 -42.76 -10.70
CA ASP B 330 8.58 -42.73 -12.05
C ASP B 330 9.04 -41.47 -12.78
N GLY B 331 9.29 -41.62 -14.09
CA GLY B 331 9.55 -40.50 -14.97
C GLY B 331 11.01 -40.22 -15.28
N SER B 332 11.93 -41.10 -14.86
CA SER B 332 13.35 -40.77 -15.00
C SER B 332 14.04 -41.54 -16.12
N GLY B 333 13.51 -42.69 -16.54
CA GLY B 333 14.03 -43.38 -17.71
C GLY B 333 14.49 -44.79 -17.40
N ARG B 334 14.61 -45.57 -18.47
CA ARG B 334 15.24 -46.90 -18.50
C ARG B 334 14.47 -47.87 -17.60
N ALA B 335 15.09 -48.43 -16.54
CA ALA B 335 14.45 -49.48 -15.76
C ALA B 335 13.28 -48.97 -14.94
N SER B 336 13.35 -47.73 -14.48
CA SER B 336 12.28 -47.17 -13.68
C SER B 336 11.00 -46.97 -14.49
N ASP B 337 11.10 -46.54 -15.74
CA ASP B 337 9.88 -46.41 -16.54
C ASP B 337 9.35 -47.74 -17.05
N ILE B 338 10.20 -48.77 -17.22
CA ILE B 338 9.60 -50.04 -17.61
C ILE B 338 8.93 -50.70 -16.40
N LEU B 339 9.49 -50.52 -15.19
CA LEU B 339 8.76 -50.94 -13.99
C LEU B 339 7.50 -50.10 -13.78
N ALA B 340 7.55 -48.81 -14.13
CA ALA B 340 6.39 -47.95 -13.99
C ALA B 340 5.28 -48.35 -14.97
N PHE B 341 5.65 -48.69 -16.20
CA PHE B 341 4.68 -49.13 -17.20
C PHE B 341 4.18 -50.54 -16.93
N GLY B 342 4.96 -51.37 -16.24
CA GLY B 342 4.49 -52.67 -15.84
C GLY B 342 3.86 -52.68 -14.46
N HIS B 343 3.79 -51.51 -13.83
CA HIS B 343 3.13 -51.34 -12.54
C HIS B 343 1.81 -50.57 -12.63
N LYS B 344 1.73 -49.51 -13.43
CA LYS B 344 0.45 -48.83 -13.59
C LYS B 344 -0.49 -49.66 -14.47
N TYR B 345 0.06 -50.34 -15.48
CA TYR B 345 -0.68 -51.34 -16.25
C TYR B 345 -0.29 -52.73 -15.78
N SER B 346 -0.81 -53.12 -14.62
CA SER B 346 -0.42 -54.35 -13.98
C SER B 346 -1.57 -55.22 -13.51
N GLU B 347 -2.76 -54.62 -13.28
CA GLU B 347 -3.97 -55.28 -12.77
C GLU B 347 -3.70 -56.00 -11.45
N GLU B 348 -3.95 -57.32 -11.42
CA GLU B 348 -3.83 -58.09 -10.19
C GLU B 348 -2.49 -58.83 -10.18
N GLY B 349 -1.44 -58.10 -9.80
CA GLY B 349 -0.13 -58.68 -9.67
C GLY B 349 0.54 -59.00 -10.99
N GLY B 350 0.61 -60.29 -11.32
CA GLY B 350 1.24 -60.73 -12.54
C GLY B 350 0.34 -60.85 -13.75
N LEU B 351 -0.91 -60.38 -13.66
CA LEU B 351 -1.86 -60.51 -14.76
C LEU B 351 -1.72 -59.31 -15.69
N ILE B 352 -1.00 -59.50 -16.79
CA ILE B 352 -0.73 -58.47 -17.79
C ILE B 352 -1.27 -58.99 -19.11
N ASN B 353 -1.66 -58.08 -20.02
CA ASN B 353 -2.14 -58.49 -21.34
C ASN B 353 -1.06 -58.24 -22.40
N GLU B 354 -1.45 -58.31 -23.68
CA GLU B 354 -0.53 -58.54 -24.80
C GLU B 354 -0.03 -57.27 -25.49
N SER B 355 -0.91 -56.31 -25.76
CA SER B 355 -0.47 -55.07 -26.40
C SER B 355 0.46 -54.29 -25.48
N LEU B 356 0.18 -54.32 -24.18
CA LEU B 356 1.01 -53.61 -23.22
C LEU B 356 2.34 -54.32 -22.99
N ARG B 357 2.38 -55.66 -23.03
CA ARG B 357 3.68 -56.33 -22.91
C ARG B 357 4.52 -56.13 -24.17
N ASP B 358 3.87 -56.00 -25.33
CA ASP B 358 4.62 -55.67 -26.55
C ASP B 358 5.14 -54.24 -26.53
N GLN B 359 4.35 -53.30 -26.00
CA GLN B 359 4.84 -51.94 -25.80
C GLN B 359 6.00 -51.90 -24.80
N LEU B 360 5.91 -52.73 -23.76
CA LEU B 360 7.01 -52.84 -22.80
C LEU B 360 8.26 -53.41 -23.44
N LEU B 361 8.11 -54.42 -24.32
CA LEU B 361 9.26 -55.01 -24.99
C LEU B 361 9.92 -54.03 -25.95
N VAL B 362 9.12 -53.24 -26.68
CA VAL B 362 9.75 -52.29 -27.60
C VAL B 362 10.36 -51.12 -26.85
N THR B 363 9.81 -50.74 -25.69
CA THR B 363 10.49 -49.70 -24.90
C THR B 363 11.75 -50.23 -24.22
N ILE B 364 11.79 -51.52 -23.87
CA ILE B 364 13.03 -52.12 -23.39
C ILE B 364 14.08 -52.14 -24.49
N GLN B 365 13.68 -52.52 -25.71
CA GLN B 365 14.61 -52.55 -26.83
C GLN B 365 15.03 -51.16 -27.27
N LYS B 366 14.24 -50.13 -26.99
CA LYS B 366 14.63 -48.77 -27.31
C LYS B 366 15.50 -48.13 -26.23
N THR B 367 15.15 -48.32 -24.96
CA THR B 367 15.88 -47.67 -23.87
C THR B 367 17.18 -48.37 -23.55
N PHE B 368 17.12 -49.67 -23.23
CA PHE B 368 18.30 -50.44 -22.89
C PHE B 368 19.14 -50.83 -24.10
N THR B 369 18.58 -50.72 -25.31
CA THR B 369 19.20 -51.09 -26.60
C THR B 369 19.74 -52.53 -26.56
N TYR B 370 18.98 -53.41 -25.93
CA TYR B 370 19.37 -54.80 -25.74
C TYR B 370 18.80 -55.67 -26.86
N THR B 371 19.38 -56.86 -26.99
CA THR B 371 18.92 -57.84 -27.98
C THR B 371 17.61 -58.47 -27.49
N ARG B 372 16.96 -59.22 -28.40
CA ARG B 372 15.63 -59.76 -28.12
C ARG B 372 15.66 -60.82 -27.02
N THR B 373 16.70 -61.66 -26.99
CA THR B 373 16.76 -62.70 -25.97
C THR B 373 17.09 -62.12 -24.59
N GLN B 374 17.88 -61.05 -24.54
CA GLN B 374 18.13 -60.38 -23.26
C GLN B 374 16.87 -59.65 -22.79
N ALA B 375 16.09 -59.12 -23.73
CA ALA B 375 14.81 -58.51 -23.39
C ALA B 375 13.82 -59.54 -22.87
N GLN B 376 13.82 -60.75 -23.45
CA GLN B 376 12.95 -61.81 -22.97
C GLN B 376 13.37 -62.29 -21.58
N HIS B 377 14.67 -62.44 -21.35
CA HIS B 377 15.16 -62.83 -20.03
C HIS B 377 14.87 -61.76 -18.98
N LEU B 378 15.05 -60.48 -19.35
CA LEU B 378 14.73 -59.40 -18.44
C LEU B 378 13.24 -59.29 -18.20
N PHE B 379 12.42 -59.68 -19.18
CA PHE B 379 10.98 -59.71 -18.96
C PHE B 379 10.58 -60.86 -18.04
N ILE B 380 11.31 -61.98 -18.09
CA ILE B 380 11.11 -63.07 -17.14
C ILE B 380 11.44 -62.61 -15.72
N ILE B 381 12.55 -61.89 -15.57
CA ILE B 381 12.91 -61.31 -14.27
C ILE B 381 11.89 -60.23 -13.85
N LEU B 382 11.33 -59.50 -14.81
CA LEU B 382 10.30 -58.50 -14.50
C LEU B 382 9.03 -59.16 -14.00
N MET B 383 8.64 -60.31 -14.57
CA MET B 383 7.51 -61.06 -14.06
C MET B 383 7.80 -61.61 -12.66
N GLU B 384 9.03 -62.07 -12.42
CA GLU B 384 9.42 -62.53 -11.09
C GLU B 384 9.37 -61.41 -10.06
N CYS B 385 9.74 -60.19 -10.46
CA CYS B 385 9.66 -59.04 -9.57
C CYS B 385 8.22 -58.57 -9.36
N MET B 386 7.38 -58.64 -10.40
CA MET B 386 5.99 -58.22 -10.30
C MET B 386 5.11 -59.28 -9.66
N LYS B 387 5.65 -60.47 -9.38
CA LYS B 387 4.93 -61.45 -8.56
C LYS B 387 4.60 -60.88 -7.19
N LYS B 388 5.56 -60.18 -6.57
CA LYS B 388 5.32 -59.48 -5.31
C LYS B 388 5.11 -58.00 -5.60
N LYS B 389 3.88 -57.65 -5.95
CA LYS B 389 3.54 -56.24 -6.16
C LYS B 389 3.11 -55.55 -4.88
N GLU B 390 2.86 -56.30 -3.81
CA GLU B 390 2.39 -55.71 -2.57
C GLU B 390 3.54 -55.20 -1.71
N LEU B 391 4.69 -55.86 -1.76
CA LEU B 391 5.85 -55.40 -1.01
C LEU B 391 6.58 -54.24 -1.68
N ILE B 392 6.32 -53.99 -2.96
CA ILE B 392 6.87 -52.80 -3.60
C ILE B 392 5.93 -51.64 -3.35
N THR B 393 6.47 -50.44 -3.43
CA THR B 393 5.68 -49.23 -3.55
C THR B 393 6.20 -48.41 -4.73
N VAL B 394 5.28 -48.06 -5.62
CA VAL B 394 5.63 -47.34 -6.84
C VAL B 394 5.35 -45.87 -6.56
N PHE B 395 6.40 -45.14 -6.19
CA PHE B 395 6.31 -43.70 -6.10
C PHE B 395 6.08 -43.11 -7.48
N ARG B 396 4.86 -42.66 -7.71
CA ARG B 396 4.49 -41.97 -8.94
C ARG B 396 4.51 -40.48 -8.63
N MET B 397 5.17 -39.70 -9.47
CA MET B 397 5.35 -38.28 -9.20
C MET B 397 4.00 -37.59 -9.40
N GLY B 398 3.40 -37.15 -8.31
CA GLY B 398 2.07 -36.59 -8.33
C GLY B 398 1.06 -37.49 -7.65
N GLN B 403 3.50 -33.82 -2.44
CA GLN B 403 4.01 -35.18 -2.55
C GLN B 403 5.50 -35.22 -2.86
N ASP B 404 6.20 -36.09 -2.15
CA ASP B 404 7.62 -36.31 -2.31
C ASP B 404 7.89 -37.78 -1.99
N ILE B 405 9.15 -38.14 -1.74
CA ILE B 405 9.44 -39.50 -1.34
C ILE B 405 9.45 -39.58 0.17
N ASP B 406 8.92 -38.55 0.84
CA ASP B 406 8.54 -38.68 2.23
C ASP B 406 7.44 -39.71 2.37
N LEU B 407 6.38 -39.56 1.56
CA LEU B 407 5.28 -40.51 1.59
C LEU B 407 5.72 -41.88 1.08
N ALA B 408 6.60 -41.92 0.08
CA ALA B 408 7.05 -43.19 -0.48
C ALA B 408 7.84 -44.01 0.54
N ILE B 409 8.86 -43.40 1.14
CA ILE B 409 9.70 -44.10 2.11
C ILE B 409 8.95 -44.41 3.40
N LEU B 410 8.13 -43.47 3.89
CA LEU B 410 7.39 -43.73 5.12
C LEU B 410 6.26 -44.74 4.93
N THR B 411 5.60 -44.74 3.75
CA THR B 411 4.61 -45.75 3.43
C THR B 411 5.26 -47.12 3.31
N ALA B 412 6.47 -47.17 2.72
CA ALA B 412 7.21 -48.42 2.69
C ALA B 412 7.61 -48.89 4.07
N LEU B 413 7.93 -47.94 4.96
CA LEU B 413 8.26 -48.29 6.36
C LEU B 413 7.03 -48.98 6.98
N LEU B 414 5.85 -48.34 6.86
CA LEU B 414 4.61 -48.91 7.41
C LEU B 414 4.40 -50.32 6.80
N LYS B 415 4.52 -50.45 5.48
CA LYS B 415 4.29 -51.73 4.82
C LYS B 415 5.45 -52.71 5.01
N GLY B 416 6.47 -52.33 5.77
CA GLY B 416 7.65 -53.15 5.96
C GLY B 416 7.57 -54.12 7.12
N ALA B 417 8.24 -53.77 8.23
CA ALA B 417 8.43 -54.63 9.40
C ALA B 417 7.15 -55.13 10.05
N ASN B 418 6.03 -54.45 9.80
CA ASN B 418 4.67 -54.94 10.05
C ASN B 418 4.40 -55.13 11.54
N ALA B 419 4.61 -54.07 12.31
CA ALA B 419 4.20 -54.05 13.71
C ALA B 419 2.69 -53.82 13.81
N SER B 420 2.22 -53.74 15.06
CA SER B 420 0.81 -53.46 15.33
C SER B 420 0.44 -52.07 14.83
N ALA B 421 -0.74 -51.97 14.22
CA ALA B 421 -1.25 -50.70 13.68
C ALA B 421 -1.36 -49.56 14.68
N PRO B 422 -1.78 -49.75 15.99
CA PRO B 422 -1.65 -48.65 16.96
C PRO B 422 -0.22 -48.14 17.15
N ASP B 423 0.76 -49.04 17.12
CA ASP B 423 2.14 -48.61 17.29
C ASP B 423 2.63 -47.88 16.04
N GLN B 424 2.16 -48.32 14.87
CA GLN B 424 2.41 -47.62 13.61
C GLN B 424 1.83 -46.20 13.65
N LEU B 425 0.63 -46.09 14.21
CA LEU B 425 0.02 -44.78 14.42
C LEU B 425 0.80 -43.94 15.41
N SER B 426 1.40 -44.59 16.41
CA SER B 426 2.22 -43.88 17.40
C SER B 426 3.49 -43.30 16.77
N LEU B 427 4.14 -44.07 15.89
CA LEU B 427 5.24 -43.54 15.09
C LEU B 427 4.78 -42.40 14.20
N ALA B 428 3.57 -42.52 13.63
CA ALA B 428 3.02 -41.44 12.81
C ALA B 428 2.82 -40.16 13.62
N LEU B 429 2.33 -40.29 14.86
CA LEU B 429 2.21 -39.13 15.75
C LEU B 429 3.57 -38.55 16.08
N ALA B 430 4.57 -39.42 16.26
CA ALA B 430 5.93 -38.93 16.53
C ALA B 430 6.55 -38.26 15.31
N TRP B 431 6.05 -38.56 14.10
CA TRP B 431 6.70 -38.07 12.90
C TRP B 431 6.20 -36.68 12.49
N ASN B 432 5.09 -36.22 13.07
CA ASN B 432 4.34 -35.03 12.66
C ASN B 432 3.88 -35.11 11.21
N ARG B 433 3.52 -36.32 10.77
CA ARG B 433 3.07 -36.58 9.41
C ARG B 433 1.70 -37.25 9.41
N VAL B 434 0.65 -36.44 9.29
CA VAL B 434 -0.74 -36.89 9.36
C VAL B 434 -1.13 -37.66 8.10
N ASP B 435 -0.71 -37.14 6.94
CA ASP B 435 -1.04 -37.70 5.64
C ASP B 435 -0.66 -39.17 5.43
N ILE B 436 0.44 -39.61 6.04
CA ILE B 436 0.85 -41.02 6.03
C ILE B 436 -0.22 -41.86 6.71
N ALA B 437 -0.69 -41.38 7.85
CA ALA B 437 -1.69 -42.09 8.63
C ALA B 437 -3.05 -42.07 7.94
N ARG B 438 -3.43 -40.96 7.30
CA ARG B 438 -4.74 -40.93 6.68
C ARG B 438 -4.79 -41.78 5.43
N SER B 439 -3.64 -41.99 4.76
CA SER B 439 -3.71 -42.77 3.52
C SER B 439 -3.44 -44.26 3.76
N GLN B 440 -2.44 -44.61 4.58
CA GLN B 440 -2.18 -46.06 4.70
C GLN B 440 -2.52 -46.70 6.04
N ILE B 441 -2.28 -46.02 7.15
CA ILE B 441 -2.52 -46.59 8.47
C ILE B 441 -4.03 -46.74 8.67
N PHE B 442 -4.77 -45.74 8.21
CA PHE B 442 -6.23 -45.76 8.25
C PHE B 442 -6.71 -46.41 6.96
N ILE B 443 -6.56 -47.72 6.89
CA ILE B 443 -6.82 -48.48 5.67
C ILE B 443 -8.19 -49.13 5.78
N TYR B 444 -8.69 -49.57 4.64
CA TYR B 444 -9.95 -50.30 4.62
C TYR B 444 -9.73 -51.70 5.19
N GLY B 445 -10.19 -51.92 6.42
CA GLY B 445 -9.98 -53.18 7.09
C GLY B 445 -8.66 -53.34 7.81
N GLN B 446 -7.92 -52.25 8.05
CA GLN B 446 -6.86 -52.27 9.04
C GLN B 446 -7.50 -52.57 10.39
N GLN B 447 -7.19 -53.73 10.97
CA GLN B 447 -7.96 -54.26 12.09
C GLN B 447 -7.67 -53.50 13.38
N TRP B 448 -8.56 -52.58 13.72
CA TRP B 448 -8.27 -51.66 14.80
C TRP B 448 -8.56 -52.32 16.14
N PRO B 449 -7.62 -52.30 17.09
CA PRO B 449 -7.82 -53.01 18.36
C PRO B 449 -8.75 -52.29 19.33
N VAL B 450 -8.88 -52.81 20.54
CA VAL B 450 -9.79 -52.25 21.53
C VAL B 450 -8.99 -51.42 22.53
N GLY B 451 -9.36 -50.16 22.67
CA GLY B 451 -8.77 -49.30 23.68
C GLY B 451 -7.55 -48.52 23.24
N SER B 452 -6.82 -49.05 22.26
CA SER B 452 -5.59 -48.40 21.84
C SER B 452 -5.87 -47.15 20.99
N LEU B 453 -7.06 -47.09 20.39
CA LEU B 453 -7.47 -45.89 19.69
C LEU B 453 -7.64 -44.72 20.65
N GLU B 454 -8.28 -44.97 21.79
CA GLU B 454 -8.43 -43.92 22.81
C GLU B 454 -7.10 -43.61 23.49
N GLN B 455 -6.24 -44.62 23.62
CA GLN B 455 -4.90 -44.38 24.16
C GLN B 455 -4.07 -43.51 23.22
N ALA B 456 -4.18 -43.75 21.92
CA ALA B 456 -3.51 -42.91 20.95
C ALA B 456 -4.15 -41.53 20.87
N MET B 457 -5.46 -41.45 21.17
CA MET B 457 -6.15 -40.17 21.29
C MET B 457 -5.56 -39.35 22.43
N LEU B 458 -5.38 -39.99 23.59
CA LEU B 458 -4.77 -39.35 24.75
C LEU B 458 -3.34 -38.91 24.45
N ASP B 459 -2.57 -39.80 23.80
CA ASP B 459 -1.17 -39.53 23.47
C ASP B 459 -1.07 -38.40 22.43
N ALA B 460 -2.06 -38.30 21.54
CA ALA B 460 -2.12 -37.20 20.58
C ALA B 460 -2.47 -35.88 21.25
N LEU B 461 -3.37 -35.93 22.23
CA LEU B 461 -3.72 -34.72 22.98
C LEU B 461 -2.53 -34.19 23.77
N VAL B 462 -1.79 -35.07 24.44
CA VAL B 462 -0.79 -34.59 25.39
C VAL B 462 0.49 -34.12 24.70
N LEU B 463 0.64 -34.38 23.41
CA LEU B 463 1.78 -33.83 22.68
C LEU B 463 1.44 -32.61 21.83
N ASP B 464 0.20 -32.09 21.93
CA ASP B 464 -0.30 -30.94 21.17
C ASP B 464 -0.21 -31.26 19.68
N ARG B 465 -1.02 -32.22 19.23
CA ARG B 465 -1.08 -32.67 17.85
C ARG B 465 -2.49 -32.43 17.31
N VAL B 466 -2.78 -31.20 16.90
CA VAL B 466 -4.15 -30.76 16.60
C VAL B 466 -4.76 -31.47 15.39
N ASP B 467 -3.94 -31.72 14.37
CA ASP B 467 -4.46 -32.27 13.14
C ASP B 467 -4.44 -33.80 13.15
N PHE B 468 -3.57 -34.40 13.97
CA PHE B 468 -3.77 -35.81 14.34
C PHE B 468 -5.07 -36.00 15.12
N VAL B 469 -5.40 -35.03 15.98
CA VAL B 469 -6.66 -35.07 16.72
C VAL B 469 -7.84 -34.99 15.76
N LYS B 470 -7.74 -34.09 14.76
CA LYS B 470 -8.75 -34.01 13.71
C LYS B 470 -8.86 -35.32 12.92
N LEU B 471 -7.72 -35.96 12.66
CA LEU B 471 -7.69 -37.24 11.96
C LEU B 471 -8.42 -38.33 12.74
N LEU B 472 -8.18 -38.40 14.05
CA LEU B 472 -8.71 -39.54 14.79
C LEU B 472 -10.15 -39.30 15.22
N ILE B 473 -10.56 -38.04 15.39
CA ILE B 473 -11.99 -37.74 15.53
C ILE B 473 -12.71 -37.97 14.19
N GLU B 474 -11.98 -37.81 13.08
CA GLU B 474 -12.56 -38.09 11.76
C GLU B 474 -12.82 -39.58 11.58
N ASN B 475 -12.02 -40.44 12.23
CA ASN B 475 -12.31 -41.87 12.30
C ASN B 475 -13.64 -42.13 12.99
N GLY B 476 -13.93 -41.35 14.04
CA GLY B 476 -15.23 -41.48 14.71
C GLY B 476 -15.08 -41.99 16.14
N VAL B 477 -14.01 -41.60 16.81
CA VAL B 477 -13.83 -41.99 18.25
C VAL B 477 -14.68 -41.02 19.10
N SER B 478 -15.91 -41.41 19.43
CA SER B 478 -16.81 -40.51 20.21
C SER B 478 -15.98 -39.79 21.29
N MET B 479 -15.96 -38.46 21.25
CA MET B 479 -15.12 -37.72 22.18
C MET B 479 -15.79 -37.69 23.54
N HIS B 480 -17.12 -37.83 23.54
CA HIS B 480 -17.91 -38.02 24.74
C HIS B 480 -17.61 -39.36 25.40
N ARG B 481 -17.40 -40.39 24.59
CA ARG B 481 -16.96 -41.68 25.12
C ARG B 481 -15.54 -41.61 25.67
N PHE B 482 -14.76 -40.60 25.26
CA PHE B 482 -13.36 -40.57 25.67
C PHE B 482 -13.17 -39.98 27.06
N LEU B 483 -13.74 -38.80 27.32
CA LEU B 483 -13.43 -38.06 28.55
C LEU B 483 -13.96 -38.75 29.81
N THR B 484 -13.07 -39.48 30.48
CA THR B 484 -13.33 -40.07 31.77
C THR B 484 -12.79 -39.05 32.77
N ILE B 485 -13.25 -39.12 34.02
CA ILE B 485 -12.67 -38.28 35.07
C ILE B 485 -11.20 -38.62 35.26
N SER B 486 -10.86 -39.90 35.18
CA SER B 486 -9.47 -40.34 35.29
C SER B 486 -8.64 -39.86 34.11
N ARG B 487 -9.18 -40.00 32.89
CA ARG B 487 -8.45 -39.55 31.70
C ARG B 487 -8.28 -38.04 31.67
N LEU B 488 -9.29 -37.30 32.14
CA LEU B 488 -9.15 -35.85 32.26
C LEU B 488 -8.13 -35.46 33.31
N GLU B 489 -8.11 -36.18 34.43
CA GLU B 489 -7.15 -35.92 35.50
C GLU B 489 -5.72 -36.14 35.01
N GLU B 490 -5.49 -37.23 34.29
CA GLU B 490 -4.15 -37.46 33.75
C GLU B 490 -3.92 -36.63 32.48
N LEU B 491 -4.97 -36.08 31.89
CA LEU B 491 -4.85 -35.16 30.76
C LEU B 491 -4.28 -33.84 31.24
N TYR B 492 -4.68 -33.40 32.42
CA TYR B 492 -3.98 -32.27 33.04
C TYR B 492 -2.64 -32.67 33.63
N ASN B 493 -2.47 -33.93 34.04
CA ASN B 493 -1.22 -34.36 34.68
C ASN B 493 -0.25 -34.96 33.67
N THR B 494 0.21 -34.12 32.75
CA THR B 494 1.22 -34.52 31.79
C THR B 494 2.22 -33.38 31.63
N ARG B 495 3.50 -33.71 31.75
CA ARG B 495 4.57 -32.72 31.74
C ARG B 495 5.10 -32.46 30.34
N HIS B 496 4.38 -32.89 29.30
CA HIS B 496 4.79 -32.67 27.92
C HIS B 496 4.23 -31.38 27.35
N GLY B 497 4.45 -31.15 26.06
CA GLY B 497 3.95 -29.97 25.38
C GLY B 497 4.67 -28.70 25.76
N PRO B 498 3.97 -27.57 25.67
CA PRO B 498 4.61 -26.28 25.95
C PRO B 498 4.68 -25.98 27.43
N SER B 499 5.13 -24.77 27.78
CA SER B 499 5.21 -24.36 29.17
C SER B 499 3.82 -24.28 29.79
N ASN B 500 3.70 -24.77 31.02
CA ASN B 500 2.43 -24.87 31.73
C ASN B 500 2.48 -23.91 32.91
N THR B 501 1.65 -22.87 32.86
CA THR B 501 1.60 -21.91 33.96
C THR B 501 0.85 -22.46 35.18
N LEU B 502 0.07 -23.53 34.98
CA LEU B 502 -0.85 -24.07 35.99
C LEU B 502 -0.16 -24.56 37.25
N TYR B 503 1.14 -24.89 37.18
CA TYR B 503 1.97 -25.11 38.37
C TYR B 503 1.89 -23.97 39.38
N HIS B 504 2.28 -22.77 38.95
CA HIS B 504 2.35 -21.64 39.87
C HIS B 504 0.95 -21.25 40.30
N LEU B 505 -0.04 -21.40 39.40
CA LEU B 505 -1.43 -21.11 39.74
C LEU B 505 -1.97 -22.03 40.84
N VAL B 506 -1.70 -23.34 40.74
CA VAL B 506 -2.25 -24.23 41.76
C VAL B 506 -1.51 -24.05 43.08
N ARG B 507 -0.23 -23.66 43.02
CA ARG B 507 0.45 -23.30 44.28
C ARG B 507 -0.11 -22.01 44.90
N ASP B 508 -0.49 -21.02 44.07
CA ASP B 508 -1.13 -19.81 44.62
C ASP B 508 -2.51 -20.10 45.20
N VAL B 509 -3.29 -20.97 44.56
CA VAL B 509 -4.58 -21.36 45.12
C VAL B 509 -4.39 -22.17 46.40
N LYS B 510 -3.37 -23.04 46.44
CA LYS B 510 -3.08 -23.78 47.67
C LYS B 510 -2.62 -22.85 48.79
N LYS B 511 -1.96 -21.74 48.44
CA LYS B 511 -1.54 -20.79 49.47
C LYS B 511 -2.71 -19.95 49.96
N ARG B 512 -3.49 -19.38 49.04
CA ARG B 512 -4.57 -18.46 49.36
C ARG B 512 -5.82 -19.18 49.94
N GLU B 513 -6.00 -20.47 49.65
CA GLU B 513 -7.11 -21.24 50.22
C GLU B 513 -6.96 -21.51 51.70
N TYR B 514 -5.72 -21.53 52.21
CA TYR B 514 -5.46 -21.70 53.63
C TYR B 514 -4.12 -21.06 54.01
N PRO B 527 6.75 -30.81 47.41
CA PRO B 527 6.17 -31.84 46.56
C PRO B 527 6.04 -31.38 45.10
N PRO B 528 5.84 -32.32 44.17
CA PRO B 528 5.48 -31.93 42.80
C PRO B 528 3.98 -31.78 42.62
N ASP B 529 3.24 -31.86 43.74
CA ASP B 529 1.78 -31.83 43.82
C ASP B 529 1.19 -32.91 42.91
N TYR B 530 1.56 -34.16 43.15
CA TYR B 530 1.19 -35.27 42.28
C TYR B 530 -0.32 -35.50 42.29
N ARG B 531 -0.84 -35.89 41.11
CA ARG B 531 -2.27 -35.95 40.82
C ARG B 531 -2.92 -34.58 41.11
N ILE B 532 -2.61 -33.60 40.26
CA ILE B 532 -3.29 -32.31 40.35
C ILE B 532 -4.76 -32.54 40.09
N SER B 533 -5.58 -32.38 41.13
CA SER B 533 -6.98 -32.75 41.11
C SER B 533 -7.76 -31.77 40.25
N LEU B 534 -8.88 -32.26 39.71
CA LEU B 534 -9.80 -31.38 39.00
C LEU B 534 -10.43 -30.36 39.94
N ILE B 535 -10.50 -30.66 41.24
CA ILE B 535 -11.04 -29.73 42.22
C ILE B 535 -10.15 -28.49 42.33
N ASP B 536 -8.83 -28.72 42.35
CA ASP B 536 -7.87 -27.64 42.49
C ASP B 536 -7.87 -26.73 41.26
N ILE B 537 -7.92 -27.31 40.06
CA ILE B 537 -7.95 -26.47 38.87
C ILE B 537 -9.32 -25.82 38.71
N GLY B 538 -10.38 -26.43 39.24
CA GLY B 538 -11.66 -25.75 39.29
C GLY B 538 -11.59 -24.50 40.15
N LEU B 539 -10.87 -24.62 41.27
CA LEU B 539 -10.53 -23.46 42.09
C LEU B 539 -9.65 -22.46 41.34
N VAL B 540 -8.86 -22.94 40.39
CA VAL B 540 -8.04 -22.02 39.58
C VAL B 540 -8.94 -21.18 38.66
N ILE B 541 -9.96 -21.78 38.05
CA ILE B 541 -10.98 -20.95 37.37
C ILE B 541 -11.75 -20.07 38.37
N GLU B 542 -12.00 -20.56 39.59
CA GLU B 542 -12.60 -19.71 40.62
C GLU B 542 -11.77 -18.46 40.93
N TYR B 543 -10.45 -18.62 40.97
CA TYR B 543 -9.58 -17.48 41.26
C TYR B 543 -9.43 -16.57 40.04
N LEU B 544 -9.07 -17.15 38.88
CA LEU B 544 -8.82 -16.36 37.68
C LEU B 544 -10.09 -15.70 37.17
N MET B 545 -11.16 -16.48 37.03
CA MET B 545 -12.45 -15.94 36.59
C MET B 545 -12.99 -14.92 37.58
N GLY B 546 -12.96 -15.25 38.87
CA GLY B 546 -13.45 -14.33 39.89
C GLY B 546 -14.95 -14.17 39.84
N GLY B 547 -15.43 -13.08 40.43
CA GLY B 547 -16.84 -12.74 40.46
C GLY B 547 -17.71 -13.78 41.13
N ALA B 548 -18.60 -14.39 40.35
CA ALA B 548 -19.53 -15.37 40.89
C ALA B 548 -19.63 -16.64 40.05
N TYR B 549 -18.66 -16.93 39.19
CA TYR B 549 -18.64 -18.22 38.50
C TYR B 549 -18.28 -19.30 39.50
N ARG B 550 -19.29 -20.05 39.92
CA ARG B 550 -19.09 -21.25 40.73
C ARG B 550 -19.13 -22.43 39.76
N CYS B 551 -17.95 -23.00 39.52
CA CYS B 551 -17.74 -24.06 38.53
C CYS B 551 -18.53 -25.31 38.89
N ASN B 552 -18.75 -26.16 37.89
CA ASN B 552 -19.33 -27.47 38.16
C ASN B 552 -18.35 -28.30 39.00
N TYR B 553 -17.06 -28.18 38.72
CA TYR B 553 -15.98 -28.85 39.44
C TYR B 553 -16.01 -28.51 40.92
N THR B 554 -16.03 -27.20 41.20
CA THR B 554 -15.91 -26.68 42.56
C THR B 554 -17.27 -26.68 43.27
N ARG B 555 -18.35 -26.98 42.55
CA ARG B 555 -19.64 -27.15 43.19
C ARG B 555 -19.65 -28.44 44.01
N LYS B 556 -20.26 -28.37 45.19
CA LYS B 556 -20.29 -29.48 46.15
C LYS B 556 -20.97 -30.73 45.59
N ARG B 557 -21.95 -30.51 44.70
CA ARG B 557 -22.68 -31.56 43.98
C ARG B 557 -21.74 -32.53 43.29
N PHE B 558 -20.79 -31.98 42.53
CA PHE B 558 -19.93 -32.87 41.77
C PHE B 558 -18.80 -33.39 42.65
N ARG B 559 -18.55 -32.76 43.80
CA ARG B 559 -17.65 -33.41 44.77
C ARG B 559 -18.31 -34.63 45.42
N THR B 560 -19.62 -34.58 45.67
CA THR B 560 -20.27 -35.79 46.17
C THR B 560 -20.38 -36.84 45.07
N LEU B 561 -20.37 -36.42 43.81
CA LEU B 561 -20.12 -37.38 42.73
C LEU B 561 -18.69 -37.94 42.81
N TYR B 562 -17.72 -37.09 43.17
CA TYR B 562 -16.31 -37.46 43.14
C TYR B 562 -15.92 -38.38 44.30
N HIS B 563 -16.68 -38.33 45.40
CA HIS B 563 -16.39 -39.19 46.55
C HIS B 563 -16.63 -40.67 46.26
N ASN B 564 -17.39 -40.99 45.21
CA ASN B 564 -17.55 -42.39 44.80
C ASN B 564 -16.22 -42.93 44.30
N LEU B 565 -15.50 -42.15 43.50
CA LEU B 565 -14.20 -42.52 42.95
C LEU B 565 -13.04 -41.78 43.62
N PHE B 566 -13.19 -41.42 44.89
CA PHE B 566 -12.22 -40.60 45.61
C PHE B 566 -10.91 -41.36 45.88
N GLU B 607 -21.34 -42.38 30.57
CA GLU B 607 -21.97 -41.24 31.22
C GLU B 607 -21.52 -41.20 32.68
N ILE B 608 -21.07 -42.36 33.17
CA ILE B 608 -20.71 -42.62 34.56
C ILE B 608 -19.61 -41.68 35.04
N ASN B 609 -18.57 -41.53 34.24
CA ASN B 609 -17.52 -40.56 34.51
C ASN B 609 -17.31 -39.64 33.31
N HIS B 610 -18.38 -39.46 32.52
CA HIS B 610 -18.29 -38.83 31.21
C HIS B 610 -19.21 -37.62 31.18
N PHE B 611 -18.66 -36.46 30.82
CA PHE B 611 -19.41 -35.21 30.80
C PHE B 611 -20.40 -35.17 29.65
N PRO B 612 -21.53 -34.48 29.81
CA PRO B 612 -22.50 -34.38 28.71
C PRO B 612 -22.13 -33.33 27.67
N PHE B 613 -21.22 -32.42 28.01
CA PHE B 613 -20.63 -31.49 27.03
C PHE B 613 -19.11 -31.51 27.16
N PRO B 614 -18.43 -32.54 26.64
CA PRO B 614 -16.96 -32.66 26.86
C PRO B 614 -16.12 -31.53 26.28
N PHE B 615 -16.58 -30.93 25.18
CA PHE B 615 -15.78 -29.95 24.45
C PHE B 615 -15.60 -28.68 25.27
N HIS B 616 -16.55 -28.43 26.18
CA HIS B 616 -16.51 -27.31 27.14
C HIS B 616 -15.26 -27.39 28.02
N GLU B 617 -15.20 -28.46 28.81
CA GLU B 617 -14.10 -28.67 29.75
C GLU B 617 -12.80 -28.88 29.00
N LEU B 618 -12.90 -29.49 27.82
CA LEU B 618 -11.70 -29.70 26.96
C LEU B 618 -11.12 -28.33 26.59
N MET B 619 -11.98 -27.42 26.11
CA MET B 619 -11.52 -26.06 25.79
C MET B 619 -10.85 -25.47 27.03
N VAL B 620 -11.47 -25.65 28.21
CA VAL B 620 -10.91 -25.06 29.43
C VAL B 620 -9.51 -25.59 29.70
N TRP B 621 -9.33 -26.90 29.48
CA TRP B 621 -8.04 -27.56 29.54
C TRP B 621 -7.04 -26.99 28.53
N ALA B 622 -7.50 -26.79 27.29
CA ALA B 622 -6.61 -26.27 26.25
C ALA B 622 -6.19 -24.83 26.51
N VAL B 623 -7.12 -24.01 27.00
CA VAL B 623 -6.84 -22.59 27.22
C VAL B 623 -5.91 -22.40 28.40
N LEU B 624 -6.13 -23.15 29.49
CA LEU B 624 -5.26 -23.01 30.66
C LEU B 624 -3.83 -23.46 30.36
N MET B 625 -3.65 -24.45 29.49
CA MET B 625 -2.31 -24.98 29.21
C MET B 625 -1.73 -24.51 27.89
N LYS B 626 -1.98 -23.24 27.50
CA LYS B 626 -1.27 -22.46 26.47
C LYS B 626 -1.66 -22.88 25.04
N ARG B 627 -2.38 -24.00 24.90
CA ARG B 627 -2.61 -24.63 23.61
C ARG B 627 -3.74 -23.92 22.87
N GLN B 628 -3.39 -23.14 21.85
CA GLN B 628 -4.29 -22.18 21.23
C GLN B 628 -4.92 -22.67 19.93
N LYS B 629 -4.15 -23.33 19.07
CA LYS B 629 -4.72 -23.99 17.91
C LYS B 629 -5.62 -25.15 18.33
N MET B 630 -5.30 -25.78 19.46
CA MET B 630 -6.20 -26.72 20.12
C MET B 630 -7.50 -26.02 20.50
N ALA B 631 -7.40 -24.80 21.03
CA ALA B 631 -8.57 -24.05 21.48
C ALA B 631 -9.47 -23.64 20.31
N LEU B 632 -8.87 -23.19 19.21
CA LEU B 632 -9.65 -22.94 17.98
C LEU B 632 -10.33 -24.19 17.46
N PHE B 633 -9.62 -25.32 17.49
CA PHE B 633 -10.19 -26.59 17.05
C PHE B 633 -11.39 -26.98 17.91
N PHE B 634 -11.27 -26.82 19.23
CA PHE B 634 -12.36 -27.23 20.09
C PHE B 634 -13.42 -26.14 20.17
N TRP B 635 -13.13 -24.96 19.61
CA TRP B 635 -14.15 -23.94 19.51
C TRP B 635 -15.04 -24.22 18.32
N GLN B 636 -14.44 -24.73 17.24
CA GLN B 636 -15.24 -25.07 16.07
C GLN B 636 -16.13 -26.28 16.33
N HIS B 637 -15.59 -27.32 16.96
CA HIS B 637 -16.37 -28.51 17.30
C HIS B 637 -16.92 -28.35 18.71
N GLY B 638 -18.21 -28.14 18.82
CA GLY B 638 -18.83 -28.01 20.12
C GLY B 638 -20.11 -27.20 20.03
N GLU B 639 -20.69 -26.97 21.19
CA GLU B 639 -21.94 -26.21 21.32
C GLU B 639 -21.70 -25.08 22.33
N GLU B 640 -22.54 -24.03 22.24
CA GLU B 640 -22.47 -22.83 23.08
C GLU B 640 -21.14 -22.11 22.87
N ALA B 641 -20.90 -21.73 21.60
CA ALA B 641 -19.59 -21.25 21.18
C ALA B 641 -19.30 -19.84 21.68
N MET B 642 -20.34 -18.99 21.76
CA MET B 642 -20.20 -17.63 22.26
C MET B 642 -19.73 -17.60 23.71
N ALA B 643 -20.34 -18.44 24.54
CA ALA B 643 -19.98 -18.57 25.95
C ALA B 643 -18.55 -19.07 26.09
N LYS B 644 -18.17 -20.04 25.24
CA LYS B 644 -16.80 -20.52 25.19
C LYS B 644 -15.79 -19.43 24.84
N ALA B 645 -16.13 -18.60 23.86
CA ALA B 645 -15.28 -17.49 23.44
C ALA B 645 -15.07 -16.51 24.58
N LEU B 646 -16.15 -16.18 25.30
CA LEU B 646 -16.03 -15.22 26.40
C LEU B 646 -15.26 -15.79 27.58
N VAL B 647 -15.49 -17.06 27.94
CA VAL B 647 -14.77 -17.62 29.09
C VAL B 647 -13.30 -17.82 28.76
N ALA B 648 -12.99 -18.12 27.48
CA ALA B 648 -11.59 -18.24 27.09
C ALA B 648 -10.92 -16.89 27.10
N CYS B 649 -11.63 -15.84 26.67
CA CYS B 649 -11.10 -14.49 26.72
C CYS B 649 -10.79 -14.02 28.14
N LYS B 650 -11.74 -14.24 29.07
CA LYS B 650 -11.50 -13.86 30.46
C LYS B 650 -10.40 -14.69 31.11
N LEU B 651 -10.41 -16.01 30.89
CA LEU B 651 -9.42 -16.91 31.48
C LEU B 651 -8.02 -16.56 30.98
N CYS B 652 -7.91 -16.24 29.69
CA CYS B 652 -6.63 -15.91 29.10
C CYS B 652 -6.13 -14.55 29.56
N LYS B 653 -7.05 -13.58 29.67
CA LYS B 653 -6.69 -12.26 30.20
C LYS B 653 -6.29 -12.33 31.67
N ALA B 654 -6.95 -13.21 32.43
CA ALA B 654 -6.63 -13.39 33.84
C ALA B 654 -5.27 -14.04 34.02
N MET B 655 -4.94 -15.01 33.16
CA MET B 655 -3.60 -15.59 33.18
C MET B 655 -2.56 -14.57 32.72
N ALA B 656 -2.95 -13.64 31.83
CA ALA B 656 -2.05 -12.57 31.43
C ALA B 656 -1.72 -11.65 32.61
N HIS B 657 -2.75 -11.23 33.35
CA HIS B 657 -2.53 -10.40 34.54
C HIS B 657 -1.77 -11.15 35.63
N GLU B 658 -2.03 -12.46 35.74
CA GLU B 658 -1.32 -13.28 36.72
C GLU B 658 0.16 -13.40 36.37
N ALA B 659 0.46 -13.64 35.09
CA ALA B 659 1.85 -13.78 34.65
C ALA B 659 2.59 -12.45 34.71
N SER B 660 1.88 -11.34 34.48
CA SER B 660 2.50 -10.03 34.69
C SER B 660 2.68 -9.72 36.17
N GLU B 661 1.90 -10.37 37.04
CA GLU B 661 2.06 -10.19 38.47
C GLU B 661 3.33 -10.88 38.98
N ASN B 662 3.74 -11.98 38.34
CA ASN B 662 4.94 -12.65 38.82
C ASN B 662 6.22 -12.14 38.17
N ASP B 663 6.12 -11.16 37.27
CA ASP B 663 7.24 -10.52 36.59
C ASP B 663 8.07 -11.54 35.80
N MET B 664 7.36 -12.30 34.98
CA MET B 664 7.96 -13.21 34.03
C MET B 664 8.33 -12.43 32.77
N VAL B 665 8.67 -13.18 31.72
CA VAL B 665 9.07 -12.59 30.45
C VAL B 665 7.86 -11.92 29.82
N ASP B 666 8.08 -10.83 29.07
CA ASP B 666 6.97 -10.18 28.39
C ASP B 666 6.48 -10.99 27.20
N ASP B 667 7.24 -12.02 26.80
CA ASP B 667 6.83 -12.98 25.80
C ASP B 667 5.58 -13.72 26.29
N ILE B 668 5.58 -14.20 27.53
CA ILE B 668 4.43 -14.97 28.00
C ILE B 668 3.23 -14.07 28.27
N SER B 669 3.46 -12.87 28.79
CA SER B 669 2.37 -11.91 28.98
C SER B 669 1.81 -11.45 27.64
N GLN B 670 2.70 -11.27 26.67
CA GLN B 670 2.32 -10.90 25.31
C GLN B 670 1.50 -12.00 24.63
N GLU B 671 1.88 -13.27 24.81
CA GLU B 671 1.16 -14.33 24.12
C GLU B 671 -0.20 -14.59 24.77
N LEU B 672 -0.28 -14.48 26.11
CA LEU B 672 -1.58 -14.54 26.76
C LEU B 672 -2.48 -13.36 26.37
N ASN B 673 -1.90 -12.16 26.26
CA ASN B 673 -2.68 -10.99 25.86
C ASN B 673 -3.15 -11.11 24.42
N HIS B 674 -2.26 -11.56 23.53
CA HIS B 674 -2.61 -11.72 22.12
C HIS B 674 -3.64 -12.81 21.92
N ASN B 675 -3.51 -13.92 22.65
CA ASN B 675 -4.46 -15.03 22.57
C ASN B 675 -5.85 -14.61 23.06
N SER B 676 -5.90 -13.83 24.15
CA SER B 676 -7.19 -13.33 24.63
C SER B 676 -7.81 -12.33 23.66
N ARG B 677 -6.98 -11.48 23.03
CA ARG B 677 -7.50 -10.60 21.98
C ARG B 677 -8.02 -11.39 20.78
N ASP B 678 -7.39 -12.53 20.48
CA ASP B 678 -7.89 -13.38 19.39
C ASP B 678 -9.25 -13.96 19.72
N PHE B 679 -9.41 -14.54 20.93
CA PHE B 679 -10.74 -15.01 21.34
C PHE B 679 -11.81 -13.91 21.38
N GLY B 680 -11.43 -12.71 21.84
CA GLY B 680 -12.38 -11.61 21.84
C GLY B 680 -12.78 -11.19 20.44
N GLN B 681 -11.84 -11.26 19.50
CA GLN B 681 -12.16 -10.93 18.11
C GLN B 681 -13.07 -12.00 17.50
N LEU B 682 -12.87 -13.26 17.87
CA LEU B 682 -13.81 -14.32 17.45
C LEU B 682 -15.20 -14.08 18.02
N ALA B 683 -15.27 -13.64 19.29
CA ALA B 683 -16.55 -13.36 19.93
C ALA B 683 -17.30 -12.24 19.21
N VAL B 684 -16.58 -11.17 18.87
CA VAL B 684 -17.17 -10.05 18.13
C VAL B 684 -17.62 -10.50 16.74
N GLU B 685 -16.78 -11.28 16.05
CA GLU B 685 -17.10 -11.72 14.70
C GLU B 685 -18.32 -12.63 14.68
N LEU B 686 -18.41 -13.54 15.65
CA LEU B 686 -19.55 -14.43 15.74
C LEU B 686 -20.81 -13.66 16.11
N LEU B 687 -20.67 -12.63 16.95
CA LEU B 687 -21.80 -11.78 17.30
C LEU B 687 -22.34 -11.04 16.09
N ASP B 688 -21.45 -10.44 15.28
CA ASP B 688 -21.93 -9.66 14.14
C ASP B 688 -22.45 -10.57 13.04
N GLN B 689 -21.92 -11.80 12.95
CA GLN B 689 -22.46 -12.77 12.00
C GLN B 689 -23.87 -13.18 12.40
N SER B 690 -24.08 -13.42 13.70
CA SER B 690 -25.41 -13.75 14.21
C SER B 690 -26.37 -12.57 14.03
N TYR B 691 -25.85 -11.35 14.13
CA TYR B 691 -26.64 -10.15 13.91
C TYR B 691 -27.08 -10.07 12.45
N LYS B 692 -26.18 -10.35 11.50
CA LYS B 692 -26.53 -10.30 10.09
C LYS B 692 -27.49 -11.42 9.68
N GLN B 693 -27.39 -12.59 10.31
CA GLN B 693 -28.30 -13.67 9.95
C GLN B 693 -29.73 -13.45 10.43
N ASP B 694 -29.94 -13.32 11.73
CA ASP B 694 -31.28 -13.16 12.31
C ASP B 694 -31.14 -12.43 13.64
N GLU B 695 -31.94 -11.37 13.81
CA GLU B 695 -31.76 -10.43 14.90
C GLU B 695 -32.38 -10.88 16.22
N GLN B 696 -33.62 -11.38 16.17
CA GLN B 696 -34.32 -11.80 17.38
C GLN B 696 -33.61 -12.99 18.03
N LEU B 697 -33.17 -13.94 17.22
CA LEU B 697 -32.40 -15.06 17.73
C LEU B 697 -31.02 -14.62 18.22
N ALA B 698 -30.50 -13.50 17.70
CA ALA B 698 -29.27 -12.94 18.25
C ALA B 698 -29.49 -12.39 19.66
N MET B 699 -30.62 -11.69 19.89
CA MET B 699 -30.95 -11.28 21.25
C MET B 699 -31.16 -12.48 22.17
N LYS B 700 -31.86 -13.50 21.68
CA LYS B 700 -32.10 -14.71 22.49
C LYS B 700 -30.80 -15.45 22.79
N LEU B 701 -29.87 -15.47 21.83
CA LEU B 701 -28.50 -15.91 22.04
C LEU B 701 -27.79 -15.12 23.13
N LEU B 702 -27.98 -13.80 23.14
CA LEU B 702 -27.20 -12.97 24.10
C LEU B 702 -27.97 -12.78 25.42
N THR B 703 -28.96 -13.63 25.70
CA THR B 703 -29.77 -13.39 26.92
C THR B 703 -30.14 -14.68 27.62
N TYR B 704 -29.78 -15.85 27.07
CA TYR B 704 -30.28 -17.05 27.74
C TYR B 704 -29.33 -17.46 28.86
N GLU B 705 -29.80 -18.38 29.70
CA GLU B 705 -29.00 -18.85 30.81
C GLU B 705 -28.13 -20.04 30.39
N LEU B 706 -26.94 -20.09 30.97
CA LEU B 706 -25.90 -21.04 30.61
C LEU B 706 -25.68 -21.97 31.80
N LYS B 707 -26.48 -23.03 31.87
CA LYS B 707 -26.43 -23.97 32.99
C LYS B 707 -25.08 -24.66 33.11
N ASN B 708 -24.46 -24.97 31.96
CA ASN B 708 -23.10 -25.50 31.98
C ASN B 708 -22.09 -24.44 32.41
N TRP B 709 -22.28 -23.19 31.97
CA TRP B 709 -21.33 -22.14 32.28
C TRP B 709 -21.76 -21.33 33.50
N SER B 710 -22.13 -22.05 34.56
CA SER B 710 -22.40 -21.52 35.92
C SER B 710 -23.52 -20.47 35.91
N ASN B 711 -24.68 -20.88 35.40
CA ASN B 711 -25.99 -20.21 35.45
C ASN B 711 -25.97 -18.70 35.22
N ALA B 712 -25.27 -18.25 34.19
CA ALA B 712 -25.15 -16.83 33.90
C ALA B 712 -25.43 -16.61 32.42
N THR B 713 -25.36 -15.36 31.98
CA THR B 713 -25.66 -15.01 30.60
C THR B 713 -24.49 -14.26 30.00
N CYS B 714 -24.47 -14.18 28.67
CA CYS B 714 -23.32 -13.71 27.89
C CYS B 714 -22.86 -12.30 28.26
N LEU B 715 -23.81 -11.42 28.58
CA LEU B 715 -23.43 -10.06 28.95
C LEU B 715 -22.68 -10.03 30.28
N GLN B 716 -23.08 -10.87 31.24
CA GLN B 716 -22.36 -10.96 32.51
C GLN B 716 -20.94 -11.48 32.30
N LEU B 717 -20.79 -12.49 31.45
CA LEU B 717 -19.47 -13.03 31.13
C LEU B 717 -18.62 -11.99 30.42
N ALA B 718 -19.25 -11.19 29.57
CA ALA B 718 -18.54 -10.19 28.79
C ALA B 718 -18.12 -9.00 29.63
N VAL B 719 -18.95 -8.59 30.58
CA VAL B 719 -18.58 -7.46 31.43
C VAL B 719 -17.57 -7.92 32.48
N ALA B 720 -17.62 -9.21 32.85
CA ALA B 720 -16.55 -9.77 33.67
C ALA B 720 -15.25 -9.83 32.89
N ALA B 721 -15.32 -10.10 31.59
CA ALA B 721 -14.15 -10.10 30.72
C ALA B 721 -13.51 -8.74 30.56
N LYS B 722 -14.27 -7.66 30.78
CA LYS B 722 -13.95 -6.30 30.34
C LYS B 722 -13.55 -6.35 28.85
N HIS B 723 -14.38 -7.00 28.06
CA HIS B 723 -14.15 -6.98 26.62
C HIS B 723 -15.05 -5.92 26.03
N ARG B 724 -14.53 -4.69 26.01
CA ARG B 724 -15.21 -3.44 25.70
C ARG B 724 -15.93 -3.48 24.35
N ASP B 725 -15.34 -4.15 23.36
CA ASP B 725 -15.89 -4.11 22.01
C ASP B 725 -17.18 -4.93 21.93
N PHE B 726 -17.30 -5.97 22.77
CA PHE B 726 -18.50 -6.81 22.72
C PHE B 726 -19.70 -6.08 23.33
N ILE B 727 -19.43 -5.15 24.24
CA ILE B 727 -20.54 -4.32 24.81
C ILE B 727 -20.51 -2.98 24.06
N ALA B 728 -20.07 -3.02 22.79
CA ALA B 728 -20.03 -1.80 21.98
C ALA B 728 -20.75 -2.05 20.66
N HIS B 729 -20.92 -3.32 20.32
CA HIS B 729 -21.65 -3.70 19.12
C HIS B 729 -23.12 -3.41 19.33
N THR B 730 -23.79 -3.00 18.25
CA THR B 730 -25.15 -2.46 18.28
C THR B 730 -26.21 -3.39 18.86
N CYS B 731 -26.00 -4.71 18.79
CA CYS B 731 -26.92 -5.67 19.39
C CYS B 731 -27.08 -5.48 20.89
N SER B 732 -25.96 -5.45 21.60
CA SER B 732 -25.98 -5.31 23.06
C SER B 732 -26.48 -3.93 23.47
N GLN B 733 -26.12 -2.91 22.69
CA GLN B 733 -26.59 -1.55 22.99
C GLN B 733 -28.08 -1.40 22.75
N MET B 734 -28.61 -2.07 21.73
CA MET B 734 -30.06 -2.07 21.49
C MET B 734 -30.80 -2.79 22.61
N LEU B 735 -30.23 -3.91 23.07
CA LEU B 735 -30.79 -4.62 24.22
C LEU B 735 -30.78 -3.76 25.48
N LEU B 736 -29.67 -3.06 25.72
CA LEU B 736 -29.58 -2.23 26.92
C LEU B 736 -30.43 -0.97 26.80
N THR B 737 -30.68 -0.51 25.56
CA THR B 737 -31.67 0.54 25.34
C THR B 737 -33.06 0.06 25.75
N ASP B 738 -33.41 -1.15 25.33
CA ASP B 738 -34.69 -1.76 25.70
C ASP B 738 -34.78 -1.96 27.21
N MET B 739 -33.65 -2.31 27.83
CA MET B 739 -33.64 -2.54 29.28
C MET B 739 -33.75 -1.22 30.04
N TRP B 740 -32.99 -0.21 29.61
CA TRP B 740 -32.99 1.14 30.16
C TRP B 740 -34.36 1.81 30.10
N MET B 741 -35.03 1.73 28.95
CA MET B 741 -36.39 2.23 28.89
C MET B 741 -37.34 1.33 29.67
N GLY B 742 -37.02 0.07 29.79
CA GLY B 742 -37.84 -0.82 30.57
C GLY B 742 -39.07 -1.27 29.81
N ARG B 743 -40.18 -1.33 30.54
CA ARG B 743 -41.42 -1.86 30.03
C ARG B 743 -42.23 -0.72 29.38
N LEU B 744 -41.71 0.50 29.48
CA LEU B 744 -42.36 1.64 28.78
C LEU B 744 -41.67 1.82 27.42
N ARG B 745 -42.40 2.28 26.41
CA ARG B 745 -41.83 2.41 25.04
C ARG B 745 -42.20 3.78 24.44
N MET B 746 -42.08 4.85 25.24
CA MET B 746 -42.45 6.18 24.76
C MET B 746 -41.43 6.74 23.77
N ARG B 747 -40.24 7.08 24.28
CA ARG B 747 -39.02 7.34 23.49
C ARG B 747 -39.24 8.43 22.43
N LYS B 748 -39.41 9.64 22.95
CA LYS B 748 -39.47 10.85 22.13
C LYS B 748 -39.01 11.99 23.04
N ASN B 749 -37.74 12.37 22.94
CA ASN B 749 -37.06 13.29 23.86
C ASN B 749 -37.24 12.82 25.30
N SER B 750 -36.62 11.67 25.57
CA SER B 750 -37.00 10.81 26.70
C SER B 750 -36.79 11.48 28.05
N GLY B 751 -35.66 12.19 28.20
CA GLY B 751 -35.37 12.82 29.49
C GLY B 751 -36.34 13.93 29.85
N LEU B 752 -36.67 14.78 28.86
CA LEU B 752 -37.67 15.82 29.09
C LEU B 752 -39.03 15.22 29.38
N LYS B 753 -39.41 14.17 28.66
CA LYS B 753 -40.71 13.54 28.89
C LYS B 753 -40.79 12.86 30.24
N VAL B 754 -39.69 12.30 30.74
CA VAL B 754 -39.77 11.67 32.06
C VAL B 754 -39.69 12.71 33.19
N ILE B 755 -38.99 13.83 32.98
CA ILE B 755 -39.00 14.83 34.06
C ILE B 755 -40.34 15.58 34.08
N LEU B 756 -41.06 15.64 32.95
CA LEU B 756 -42.45 16.05 33.05
C LEU B 756 -43.39 14.91 33.45
N GLY B 757 -42.94 13.66 33.38
CA GLY B 757 -43.72 12.55 33.86
C GLY B 757 -43.77 12.42 35.38
N ILE B 758 -42.64 12.64 36.05
CA ILE B 758 -42.62 12.48 37.50
C ILE B 758 -43.13 13.73 38.21
N LEU B 759 -42.63 14.91 37.79
CA LEU B 759 -43.22 16.15 38.33
C LEU B 759 -44.66 16.20 37.80
N LEU B 760 -45.59 16.86 38.51
CA LEU B 760 -47.01 16.80 38.09
C LEU B 760 -47.29 15.32 37.80
N PRO B 761 -47.32 14.43 38.82
CA PRO B 761 -47.41 12.96 38.60
C PRO B 761 -48.58 12.50 37.73
N PRO B 762 -49.74 13.23 37.68
CA PRO B 762 -50.61 12.82 36.55
C PRO B 762 -50.23 13.41 35.19
N SER B 763 -49.19 12.84 34.60
CA SER B 763 -48.81 13.10 33.22
C SER B 763 -48.49 11.82 32.46
N ILE B 764 -48.43 10.67 33.13
CA ILE B 764 -48.02 9.42 32.49
C ILE B 764 -49.16 8.71 31.79
N LEU B 765 -50.38 9.26 31.86
CA LEU B 765 -51.51 8.67 31.15
C LEU B 765 -51.39 8.86 29.65
N SER B 766 -50.63 9.86 29.20
CA SER B 766 -50.43 10.14 27.79
C SER B 766 -49.20 9.46 27.21
N LEU B 767 -48.48 8.68 28.02
CA LEU B 767 -47.27 7.99 27.57
C LEU B 767 -47.60 6.54 27.27
N GLU B 768 -47.13 6.05 26.13
CA GLU B 768 -47.44 4.71 25.68
C GLU B 768 -46.46 3.69 26.26
N PHE B 769 -46.95 2.46 26.45
CA PHE B 769 -46.20 1.40 27.09
C PHE B 769 -46.24 0.17 26.20
N LYS B 770 -45.36 -0.79 26.49
CA LYS B 770 -45.34 -2.02 25.69
C LYS B 770 -46.54 -2.90 26.02
N ASN B 771 -47.19 -3.41 25.00
CA ASN B 771 -48.35 -4.29 25.16
C ASN B 771 -47.92 -5.69 25.51
N LEU B 834 -58.72 0.76 36.50
CA LEU B 834 -58.23 0.30 37.80
C LEU B 834 -56.95 -0.51 37.62
N ILE B 835 -57.08 -1.71 37.05
CA ILE B 835 -55.92 -2.51 36.65
C ILE B 835 -55.12 -1.84 35.54
N PRO B 836 -55.72 -1.29 34.41
CA PRO B 836 -54.84 -0.66 33.40
C PRO B 836 -54.34 0.73 33.77
N LEU B 837 -54.52 1.17 35.02
CA LEU B 837 -53.90 2.39 35.51
C LEU B 837 -52.88 2.04 36.59
N GLY B 838 -53.19 1.07 37.44
CA GLY B 838 -52.22 0.58 38.41
C GLY B 838 -51.03 -0.09 37.75
N ARG B 839 -51.27 -0.82 36.66
CA ARG B 839 -50.14 -1.33 35.89
C ARG B 839 -49.32 -0.21 35.27
N LYS B 840 -49.97 0.85 34.79
CA LYS B 840 -49.21 1.97 34.21
C LYS B 840 -48.35 2.67 35.25
N ILE B 841 -48.87 2.90 36.45
CA ILE B 841 -48.06 3.58 37.47
C ILE B 841 -46.95 2.66 37.99
N TYR B 842 -47.20 1.33 38.01
CA TYR B 842 -46.17 0.42 38.48
C TYR B 842 -45.07 0.24 37.43
N GLU B 843 -45.45 0.18 36.15
CA GLU B 843 -44.49 0.17 35.05
C GLU B 843 -43.68 1.47 35.00
N PHE B 844 -44.34 2.60 35.21
CA PHE B 844 -43.62 3.86 35.18
C PHE B 844 -42.87 4.11 36.49
N TYR B 845 -43.04 3.31 37.55
CA TYR B 845 -42.18 3.43 38.72
C TYR B 845 -41.13 2.32 38.82
N ASN B 846 -41.00 1.46 37.80
CA ASN B 846 -39.97 0.43 37.85
C ASN B 846 -39.11 0.31 36.60
N ALA B 847 -39.11 1.31 35.72
CA ALA B 847 -38.08 1.40 34.70
C ALA B 847 -36.75 1.77 35.35
N PRO B 848 -35.62 1.40 34.77
CA PRO B 848 -34.35 1.92 35.28
C PRO B 848 -34.19 3.44 35.14
N ILE B 849 -34.75 4.00 34.07
CA ILE B 849 -34.56 5.42 33.78
C ILE B 849 -35.31 6.30 34.78
N VAL B 850 -36.49 5.85 35.23
CA VAL B 850 -37.25 6.64 36.19
C VAL B 850 -36.58 6.61 37.56
N LYS B 851 -35.99 5.45 37.91
CA LYS B 851 -35.25 5.33 39.16
C LYS B 851 -34.01 6.21 39.12
N PHE B 852 -33.32 6.25 37.98
CA PHE B 852 -32.20 7.17 37.76
C PHE B 852 -32.57 8.62 37.96
N TRP B 853 -33.55 9.13 37.21
CA TRP B 853 -33.89 10.55 37.27
C TRP B 853 -34.42 10.94 38.65
N PHE B 854 -35.23 10.08 39.25
CA PHE B 854 -35.88 10.46 40.50
C PHE B 854 -34.91 10.31 41.68
N TYR B 855 -33.93 9.40 41.53
CA TYR B 855 -32.79 9.34 42.44
C TYR B 855 -31.88 10.55 42.29
N THR B 856 -31.69 11.03 41.06
CA THR B 856 -30.86 12.21 40.83
C THR B 856 -31.53 13.47 41.39
N LEU B 857 -32.85 13.55 41.29
CA LEU B 857 -33.58 14.63 41.94
C LEU B 857 -33.45 14.55 43.46
N ALA B 858 -33.45 13.33 44.01
CA ALA B 858 -33.17 13.16 45.44
C ALA B 858 -31.78 13.66 45.80
N TYR B 859 -30.78 13.37 44.97
CA TYR B 859 -29.41 13.83 45.23
C TYR B 859 -29.28 15.34 45.17
N ILE B 860 -29.86 15.97 44.16
CA ILE B 860 -29.70 17.42 44.01
C ILE B 860 -30.49 18.15 45.09
N GLY B 861 -31.63 17.60 45.50
CA GLY B 861 -32.37 18.11 46.64
C GLY B 861 -31.60 17.97 47.93
N TYR B 862 -30.93 16.83 48.10
CA TYR B 862 -29.99 16.67 49.22
C TYR B 862 -28.89 17.71 49.24
N LEU B 863 -28.29 18.00 48.09
CA LEU B 863 -27.14 18.89 48.09
C LEU B 863 -27.58 20.32 48.36
N MET B 864 -28.78 20.69 47.87
CA MET B 864 -29.37 21.98 48.21
C MET B 864 -29.65 22.11 49.71
N LEU B 865 -30.24 21.06 50.31
CA LEU B 865 -30.55 21.14 51.74
C LEU B 865 -29.29 21.13 52.60
N PHE B 866 -28.26 20.41 52.18
CA PHE B 866 -27.04 20.37 52.99
C PHE B 866 -26.25 21.67 52.84
N ASN B 867 -26.34 22.30 51.67
CA ASN B 867 -25.81 23.66 51.50
C ASN B 867 -26.53 24.66 52.41
N TYR B 868 -27.85 24.51 52.54
CA TYR B 868 -28.60 25.36 53.46
C TYR B 868 -28.25 25.09 54.92
N ILE B 869 -27.90 23.85 55.28
CA ILE B 869 -27.36 23.59 56.62
C ILE B 869 -26.00 24.22 56.88
N VAL B 870 -25.04 24.03 55.99
CA VAL B 870 -23.64 24.32 56.30
C VAL B 870 -23.36 25.82 56.34
N LEU B 871 -24.18 26.62 55.64
CA LEU B 871 -23.94 28.06 55.59
C LEU B 871 -24.64 28.80 56.73
N VAL B 872 -25.85 28.39 57.07
CA VAL B 872 -26.68 29.07 58.06
C VAL B 872 -26.19 28.66 59.46
N LYS B 873 -26.42 29.51 60.46
CA LYS B 873 -26.12 29.27 61.86
C LYS B 873 -26.69 27.95 62.35
N MET B 874 -26.00 27.35 63.31
CA MET B 874 -26.38 26.07 63.90
C MET B 874 -26.70 26.28 65.38
N GLU B 875 -27.99 26.21 65.73
CA GLU B 875 -28.35 26.21 67.13
C GLU B 875 -28.10 24.83 67.73
N ARG B 876 -28.33 24.69 69.04
CA ARG B 876 -27.87 23.52 69.78
C ARG B 876 -28.60 22.24 69.37
N TRP B 877 -29.87 22.32 69.02
CA TRP B 877 -30.59 21.15 68.51
C TRP B 877 -30.74 21.31 67.01
N PRO B 878 -30.43 20.28 66.21
CA PRO B 878 -30.38 20.43 64.76
C PRO B 878 -31.73 20.78 64.14
N SER B 879 -31.66 21.52 63.03
CA SER B 879 -32.85 21.95 62.32
C SER B 879 -33.50 20.79 61.59
N THR B 880 -34.73 21.03 61.11
CA THR B 880 -35.51 20.02 60.40
C THR B 880 -34.82 19.59 59.11
N GLN B 881 -34.19 20.56 58.42
CA GLN B 881 -33.43 20.27 57.21
C GLN B 881 -32.26 19.35 57.54
N GLU B 882 -31.62 19.57 58.69
CA GLU B 882 -30.51 18.72 59.12
C GLU B 882 -31.00 17.31 59.44
N TRP B 883 -32.22 17.18 59.97
CA TRP B 883 -32.76 15.85 60.18
C TRP B 883 -33.00 15.14 58.85
N ILE B 884 -33.44 15.87 57.83
CA ILE B 884 -33.58 15.29 56.48
C ILE B 884 -32.21 14.85 55.95
N VAL B 885 -31.19 15.67 56.19
CA VAL B 885 -29.82 15.36 55.78
C VAL B 885 -29.30 14.08 56.44
N ILE B 886 -29.44 14.00 57.76
CA ILE B 886 -28.86 12.87 58.49
C ILE B 886 -29.66 11.60 58.24
N SER B 887 -30.97 11.73 57.98
CA SER B 887 -31.72 10.57 57.51
C SER B 887 -31.28 10.11 56.12
N TYR B 888 -30.94 11.05 55.21
CA TYR B 888 -30.44 10.63 53.91
C TYR B 888 -29.15 9.83 54.06
N ILE B 889 -28.23 10.32 54.90
CA ILE B 889 -26.95 9.63 55.07
C ILE B 889 -27.15 8.26 55.75
N PHE B 890 -28.04 8.21 56.74
CA PHE B 890 -28.28 6.96 57.45
C PHE B 890 -28.92 5.91 56.53
N THR B 891 -29.94 6.31 55.76
CA THR B 891 -30.56 5.38 54.83
C THR B 891 -29.64 5.05 53.66
N LEU B 892 -28.72 5.95 53.29
CA LEU B 892 -27.73 5.61 52.29
C LEU B 892 -26.76 4.55 52.80
N GLY B 893 -26.39 4.64 54.08
CA GLY B 893 -25.61 3.58 54.70
C GLY B 893 -26.35 2.26 54.77
N ILE B 894 -27.66 2.31 55.06
CA ILE B 894 -28.48 1.10 55.06
C ILE B 894 -28.62 0.54 53.64
N GLU B 895 -28.64 1.42 52.63
CA GLU B 895 -28.64 0.99 51.24
C GLU B 895 -27.34 0.27 50.87
N LYS B 896 -26.20 0.80 51.32
CA LYS B 896 -24.93 0.13 51.08
C LYS B 896 -24.86 -1.20 51.82
N MET B 897 -25.45 -1.26 53.01
CA MET B 897 -25.47 -2.50 53.79
C MET B 897 -26.42 -3.54 53.14
N ARG B 898 -27.50 -3.06 52.54
CA ARG B 898 -28.42 -3.96 51.84
C ARG B 898 -27.72 -4.52 50.62
N GLU B 899 -26.96 -3.66 49.94
CA GLU B 899 -26.25 -4.05 48.73
C GLU B 899 -25.10 -5.00 49.04
N ILE B 900 -24.47 -4.84 50.21
CA ILE B 900 -23.37 -5.74 50.57
C ILE B 900 -23.93 -7.10 51.01
N LEU B 901 -25.14 -7.13 51.59
CA LEU B 901 -25.72 -8.44 51.87
C LEU B 901 -26.22 -9.12 50.61
N MET B 902 -26.74 -8.35 49.65
CA MET B 902 -27.30 -8.95 48.46
C MET B 902 -26.29 -9.04 47.33
N SER B 903 -25.18 -9.74 47.58
CA SER B 903 -24.15 -9.99 46.57
C SER B 903 -24.13 -11.49 46.24
N GLU B 904 -23.90 -11.81 44.97
CA GLU B 904 -23.93 -13.20 44.51
C GLU B 904 -22.81 -14.09 45.06
N PRO B 905 -21.56 -13.61 45.35
CA PRO B 905 -20.66 -14.42 46.18
C PRO B 905 -21.23 -14.78 47.54
N GLY B 906 -21.05 -16.04 47.95
CA GLY B 906 -21.69 -16.51 49.16
C GLY B 906 -21.00 -16.03 50.43
N LYS B 907 -19.67 -16.08 50.44
CA LYS B 907 -18.91 -15.68 51.62
C LYS B 907 -18.94 -14.17 51.77
N LEU B 908 -19.09 -13.71 53.02
CA LEU B 908 -19.21 -12.28 53.29
C LEU B 908 -17.89 -11.55 53.03
N LEU B 909 -16.77 -12.23 53.26
CA LEU B 909 -15.47 -11.67 52.90
C LEU B 909 -15.33 -11.47 51.39
N GLN B 910 -15.83 -12.42 50.60
CA GLN B 910 -15.86 -12.27 49.15
C GLN B 910 -16.76 -11.10 48.74
N LYS B 911 -17.89 -10.95 49.45
CA LYS B 911 -18.83 -9.85 49.21
C LYS B 911 -18.16 -8.49 49.43
N VAL B 912 -17.51 -8.32 50.59
CA VAL B 912 -16.87 -7.04 50.89
C VAL B 912 -15.67 -6.80 49.99
N LYS B 913 -15.00 -7.89 49.57
CA LYS B 913 -13.87 -7.74 48.65
C LYS B 913 -14.31 -7.21 47.28
N VAL B 914 -15.34 -7.85 46.70
CA VAL B 914 -15.78 -7.44 45.36
C VAL B 914 -16.45 -6.07 45.42
N TRP B 915 -16.97 -5.68 46.59
CA TRP B 915 -17.51 -4.34 46.72
C TRP B 915 -16.40 -3.31 46.87
N LEU B 916 -15.31 -3.66 47.55
CA LEU B 916 -14.19 -2.72 47.69
C LEU B 916 -13.39 -2.59 46.40
N GLN B 917 -13.59 -3.52 45.44
CA GLN B 917 -13.06 -3.30 44.10
C GLN B 917 -13.57 -2.02 43.43
N GLU B 918 -14.79 -1.60 43.75
CA GLU B 918 -15.34 -0.41 43.10
C GLU B 918 -15.02 0.82 43.97
N TYR B 919 -14.37 1.82 43.37
CA TYR B 919 -13.72 2.89 44.13
C TYR B 919 -14.71 3.86 44.75
N TRP B 920 -15.76 4.21 43.99
CA TRP B 920 -16.75 5.17 44.47
C TRP B 920 -17.49 4.65 45.69
N ASN B 921 -17.71 3.34 45.76
CA ASN B 921 -18.44 2.75 46.87
C ASN B 921 -17.65 2.80 48.17
N VAL B 922 -16.34 2.50 48.11
CA VAL B 922 -15.53 2.59 49.32
C VAL B 922 -15.37 4.05 49.75
N THR B 923 -15.21 4.98 48.80
CA THR B 923 -15.14 6.39 49.20
C THR B 923 -16.47 6.90 49.75
N ASP B 924 -17.59 6.29 49.33
CA ASP B 924 -18.87 6.53 49.99
C ASP B 924 -18.87 6.03 51.42
N LEU B 925 -18.20 4.89 51.68
CA LEU B 925 -18.11 4.37 53.05
C LEU B 925 -17.33 5.32 53.97
N ILE B 926 -16.14 5.78 53.55
CA ILE B 926 -15.43 6.81 54.35
C ILE B 926 -16.23 8.10 54.46
N ALA B 927 -17.04 8.43 53.45
CA ALA B 927 -17.92 9.60 53.54
C ALA B 927 -18.96 9.47 54.64
N ILE B 928 -19.69 8.34 54.65
CA ILE B 928 -20.75 8.14 55.65
C ILE B 928 -20.16 8.04 57.04
N LEU B 929 -18.97 7.44 57.15
CA LEU B 929 -18.30 7.32 58.45
C LEU B 929 -17.87 8.69 58.99
N LEU B 930 -17.27 9.53 58.15
CA LEU B 930 -16.91 10.87 58.60
C LEU B 930 -18.12 11.75 58.87
N PHE B 931 -19.22 11.56 58.12
CA PHE B 931 -20.38 12.41 58.40
C PHE B 931 -21.02 12.00 59.72
N SER B 932 -20.99 10.71 60.05
CA SER B 932 -21.53 10.28 61.34
C SER B 932 -20.63 10.71 62.50
N VAL B 933 -19.31 10.73 62.26
CA VAL B 933 -18.37 11.29 63.24
C VAL B 933 -18.64 12.79 63.44
N GLY B 934 -18.90 13.50 62.34
CA GLY B 934 -19.26 14.90 62.45
C GLY B 934 -20.58 15.12 63.16
N MET B 935 -21.53 14.21 62.97
CA MET B 935 -22.81 14.28 63.68
C MET B 935 -22.63 14.06 65.18
N ILE B 936 -21.84 13.06 65.57
CA ILE B 936 -21.69 12.75 66.99
C ILE B 936 -20.83 13.82 67.68
N LEU B 937 -19.96 14.49 66.92
CA LEU B 937 -19.29 15.66 67.47
C LEU B 937 -20.21 16.87 67.51
N ARG B 938 -21.18 16.92 66.59
CA ARG B 938 -22.09 18.06 66.51
C ARG B 938 -23.13 18.04 67.63
N LEU B 939 -23.58 16.85 68.04
CA LEU B 939 -24.58 16.81 69.10
C LEU B 939 -23.98 16.94 70.50
N GLN B 940 -22.66 17.05 70.63
CA GLN B 940 -22.04 17.37 71.91
C GLN B 940 -21.99 18.89 72.09
N ASP B 941 -21.24 19.38 73.08
CA ASP B 941 -21.15 20.80 73.38
C ASP B 941 -19.85 21.36 72.82
N GLN B 942 -19.57 22.62 73.18
CA GLN B 942 -18.34 23.28 72.79
C GLN B 942 -17.14 22.59 73.43
N PRO B 943 -15.97 22.56 72.76
CA PRO B 943 -15.64 23.11 71.43
C PRO B 943 -15.86 22.12 70.29
N PHE B 944 -16.51 20.97 70.53
CA PHE B 944 -16.60 19.95 69.49
C PHE B 944 -17.67 20.29 68.46
N ARG B 945 -18.52 21.27 68.74
CA ARG B 945 -19.50 21.76 67.78
C ARG B 945 -18.83 22.38 66.57
N SER B 946 -17.81 23.19 66.81
CA SER B 946 -17.06 23.84 65.73
C SER B 946 -16.32 22.81 64.87
N ASP B 947 -15.74 21.80 65.51
CA ASP B 947 -15.05 20.75 64.77
C ASP B 947 -16.06 19.92 63.99
N GLY B 948 -17.28 19.77 64.51
CA GLY B 948 -18.34 19.14 63.74
C GLY B 948 -18.71 19.94 62.49
N ARG B 949 -18.67 21.27 62.60
CA ARG B 949 -18.90 22.11 61.42
C ARG B 949 -17.78 21.92 60.38
N VAL B 950 -16.54 21.81 60.87
CA VAL B 950 -15.39 21.49 60.01
C VAL B 950 -15.62 20.18 59.26
N ILE B 951 -16.05 19.14 59.98
CA ILE B 951 -16.22 17.82 59.36
C ILE B 951 -17.38 17.84 58.36
N TYR B 952 -18.43 18.63 58.67
CA TYR B 952 -19.55 18.80 57.74
C TYR B 952 -19.11 19.44 56.44
N CYS B 953 -18.22 20.44 56.53
CA CYS B 953 -17.63 21.04 55.34
C CYS B 953 -16.83 20.03 54.53
N VAL B 954 -16.04 19.20 55.23
CA VAL B 954 -15.20 18.18 54.60
C VAL B 954 -16.06 17.19 53.82
N ASN B 955 -17.24 16.86 54.35
CA ASN B 955 -18.18 16.03 53.60
C ASN B 955 -18.79 16.78 52.40
N ILE B 956 -18.99 18.10 52.53
CA ILE B 956 -19.62 18.89 51.46
C ILE B 956 -18.80 18.82 50.17
N ILE B 957 -17.46 18.91 50.29
CA ILE B 957 -16.60 18.71 49.10
C ILE B 957 -16.86 17.34 48.44
N TYR B 958 -16.94 16.28 49.23
CA TYR B 958 -17.03 14.94 48.64
C TYR B 958 -18.38 14.72 47.97
N TRP B 959 -19.47 15.24 48.55
CA TRP B 959 -20.75 15.05 47.88
C TRP B 959 -20.85 15.88 46.61
N TYR B 960 -20.15 17.02 46.57
CA TYR B 960 -19.97 17.69 45.27
C TYR B 960 -19.19 16.84 44.27
N ILE B 961 -18.20 16.08 44.75
CA ILE B 961 -17.47 15.19 43.85
C ILE B 961 -18.36 14.04 43.36
N ARG B 962 -19.29 13.58 44.20
CA ARG B 962 -20.22 12.53 43.76
C ARG B 962 -21.25 13.05 42.75
N LEU B 963 -21.54 14.34 42.78
CA LEU B 963 -22.45 14.81 41.72
C LEU B 963 -21.73 14.84 40.36
N LEU B 964 -20.40 14.91 40.38
CA LEU B 964 -19.66 14.82 39.10
C LEU B 964 -19.85 13.39 38.58
N ASP B 965 -19.95 12.42 39.48
CA ASP B 965 -20.15 10.99 39.08
C ASP B 965 -21.57 10.80 38.55
N ILE B 966 -22.57 11.38 39.22
CA ILE B 966 -23.99 11.22 38.78
C ILE B 966 -24.20 12.03 37.49
N PHE B 967 -23.28 12.94 37.19
CA PHE B 967 -23.36 13.74 35.93
C PHE B 967 -22.38 13.09 34.95
N GLY B 968 -21.78 11.96 35.35
CA GLY B 968 -20.83 11.26 34.48
C GLY B 968 -21.55 10.42 33.44
N VAL B 969 -22.81 10.76 33.15
CA VAL B 969 -23.56 10.06 32.05
C VAL B 969 -23.54 10.99 30.83
N ASN B 970 -24.71 11.33 30.28
CA ASN B 970 -24.82 12.31 29.14
C ASN B 970 -24.33 11.71 27.82
N LYS B 971 -23.21 10.95 27.83
CA LYS B 971 -22.61 10.38 26.60
C LYS B 971 -21.76 11.46 25.89
N TYR B 972 -21.92 12.72 26.31
CA TYR B 972 -21.11 13.83 25.73
C TYR B 972 -20.32 14.45 26.88
N LEU B 973 -20.60 13.98 28.11
CA LEU B 973 -19.87 14.48 29.28
C LEU B 973 -19.22 13.35 30.06
N GLY B 974 -19.79 12.15 29.98
CA GLY B 974 -19.12 10.91 30.33
C GLY B 974 -17.67 10.76 29.86
N PRO B 975 -17.40 10.94 28.54
CA PRO B 975 -16.01 11.01 28.09
C PRO B 975 -15.18 12.09 28.77
N TYR B 976 -15.74 13.28 29.07
CA TYR B 976 -15.00 14.30 29.79
C TYR B 976 -14.57 13.81 31.18
N VAL B 977 -15.46 13.06 31.84
CA VAL B 977 -15.12 12.43 33.12
C VAL B 977 -13.98 11.44 32.97
N MET B 978 -14.02 10.62 31.90
CA MET B 978 -12.92 9.68 31.66
C MET B 978 -11.61 10.39 31.32
N MET B 979 -11.71 11.53 30.63
CA MET B 979 -10.49 12.31 30.33
C MET B 979 -9.84 12.72 31.66
N ILE B 980 -10.60 13.39 32.54
CA ILE B 980 -10.07 13.76 33.89
C ILE B 980 -9.43 12.52 34.51
N GLY B 981 -10.21 11.44 34.68
CA GLY B 981 -9.69 10.21 35.22
C GLY B 981 -8.32 9.81 34.69
N LYS B 982 -8.10 10.01 33.39
CA LYS B 982 -6.79 9.65 32.83
C LYS B 982 -5.74 10.73 33.08
N MET B 983 -6.15 12.00 33.16
CA MET B 983 -5.15 13.06 33.18
C MET B 983 -4.59 13.29 34.59
N MET B 984 -5.31 12.81 35.61
CA MET B 984 -4.85 12.98 37.00
C MET B 984 -3.50 12.31 37.26
N ILE B 985 -3.24 11.16 36.62
CA ILE B 985 -1.99 10.44 36.79
C ILE B 985 -0.81 11.25 36.25
N ASP B 986 -1.01 11.94 35.13
CA ASP B 986 0.03 12.80 34.59
C ASP B 986 0.26 14.04 35.46
N MET B 987 -0.83 14.56 36.04
CA MET B 987 -0.68 15.63 37.03
C MET B 987 0.13 15.18 38.25
N MET B 988 0.08 13.89 38.62
CA MET B 988 0.91 13.42 39.74
C MET B 988 2.41 13.58 39.49
N TYR B 989 2.86 13.27 38.27
CA TYR B 989 4.26 13.46 37.89
C TYR B 989 4.60 14.95 37.87
N PHE B 990 3.67 15.77 37.36
CA PHE B 990 3.79 17.22 37.44
C PHE B 990 3.95 17.70 38.89
N VAL B 991 3.18 17.12 39.81
CA VAL B 991 3.22 17.53 41.22
C VAL B 991 4.56 17.18 41.84
N ILE B 992 5.15 16.05 41.44
CA ILE B 992 6.47 15.66 41.95
C ILE B 992 7.55 16.66 41.50
N ILE B 993 7.57 16.98 40.19
CA ILE B 993 8.63 17.86 39.68
C ILE B 993 8.43 19.30 40.19
N MET B 994 7.16 19.74 40.22
CA MET B 994 6.85 21.06 40.75
C MET B 994 7.14 21.13 42.25
N LEU B 995 6.98 20.01 42.95
CA LEU B 995 7.31 19.93 44.37
C LEU B 995 8.78 20.20 44.63
N VAL B 996 9.67 19.53 43.87
CA VAL B 996 11.09 19.73 44.15
C VAL B 996 11.55 21.14 43.75
N VAL B 997 11.05 21.68 42.63
CA VAL B 997 11.51 23.03 42.26
C VAL B 997 10.88 24.09 43.17
N LEU B 998 9.63 23.90 43.58
CA LEU B 998 8.92 24.87 44.41
C LEU B 998 9.50 24.90 45.82
N MET B 999 9.75 23.74 46.39
CA MET B 999 10.31 23.72 47.72
C MET B 999 11.81 24.03 47.73
N SER B 1000 12.50 23.91 46.59
CA SER B 1000 13.81 24.53 46.40
C SER B 1000 13.74 26.05 46.54
N PHE B 1001 12.80 26.68 45.81
CA PHE B 1001 12.65 28.13 45.92
C PHE B 1001 12.20 28.53 47.32
N GLY B 1002 11.34 27.72 47.95
CA GLY B 1002 10.87 28.02 49.28
C GLY B 1002 11.95 28.06 50.34
N VAL B 1003 12.81 27.02 50.35
CA VAL B 1003 13.90 27.00 51.32
C VAL B 1003 14.92 28.09 50.99
N ALA B 1004 15.08 28.41 49.69
CA ALA B 1004 15.97 29.50 49.29
C ALA B 1004 15.48 30.84 49.80
N ARG B 1005 14.20 31.14 49.59
CA ARG B 1005 13.69 32.48 49.87
C ARG B 1005 13.57 32.70 51.37
N GLN B 1006 13.25 31.63 52.12
CA GLN B 1006 13.29 31.76 53.57
C GLN B 1006 14.71 31.92 54.09
N ALA B 1007 15.65 31.12 53.57
CA ALA B 1007 16.99 31.09 54.16
C ALA B 1007 17.81 32.32 53.79
N ILE B 1008 17.53 32.93 52.63
CA ILE B 1008 18.20 34.18 52.27
C ILE B 1008 17.66 35.34 53.07
N LEU B 1009 16.33 35.55 53.05
CA LEU B 1009 15.75 36.78 53.58
C LEU B 1009 15.74 36.79 55.11
N PHE B 1010 15.17 35.76 55.71
CA PHE B 1010 15.08 35.70 57.17
C PHE B 1010 16.35 35.07 57.73
N PRO B 1011 17.24 35.85 58.35
CA PRO B 1011 18.60 35.34 58.65
C PRO B 1011 18.79 34.65 60.00
N ASN B 1012 18.03 35.01 61.02
CA ASN B 1012 18.25 34.45 62.35
C ASN B 1012 16.90 34.07 62.93
N GLU B 1013 16.45 32.85 62.62
CA GLU B 1013 15.21 32.30 63.15
C GLU B 1013 15.48 31.02 63.91
N GLU B 1014 14.71 30.84 64.98
CA GLU B 1014 14.76 29.71 65.87
C GLU B 1014 13.93 28.56 65.31
N PRO B 1015 14.14 27.30 65.80
CA PRO B 1015 13.31 26.19 65.33
C PRO B 1015 11.82 26.34 65.65
N SER B 1016 11.03 26.49 64.60
CA SER B 1016 9.57 26.58 64.68
C SER B 1016 9.01 25.99 63.41
N TRP B 1017 7.79 25.46 63.47
CA TRP B 1017 7.17 24.85 62.31
C TRP B 1017 6.68 25.88 61.28
N LYS B 1018 6.64 27.16 61.63
CA LYS B 1018 6.15 28.20 60.73
C LYS B 1018 7.09 28.41 59.54
N LEU B 1019 8.35 27.96 59.68
CA LEU B 1019 9.33 28.01 58.60
C LEU B 1019 8.89 27.21 57.38
N ALA B 1020 8.31 26.03 57.61
CA ALA B 1020 7.80 25.22 56.51
C ALA B 1020 6.62 25.90 55.83
N LYS B 1021 5.81 26.62 56.60
CA LYS B 1021 4.70 27.39 56.03
C LYS B 1021 5.23 28.51 55.14
N ASN B 1022 6.34 29.14 55.53
CA ASN B 1022 6.96 30.13 54.66
C ASN B 1022 7.58 29.49 53.42
N ILE B 1023 8.12 28.27 53.56
CA ILE B 1023 8.68 27.56 52.41
C ILE B 1023 7.59 27.25 51.39
N PHE B 1024 6.45 26.77 51.85
CA PHE B 1024 5.42 26.31 50.94
C PHE B 1024 4.33 27.35 50.67
N TYR B 1025 4.45 28.56 51.22
CA TYR B 1025 3.38 29.52 51.04
C TYR B 1025 3.63 30.49 49.89
N MET B 1026 4.70 31.29 49.98
CA MET B 1026 4.98 32.33 48.99
C MET B 1026 5.26 31.85 47.56
N PRO B 1027 6.13 30.79 47.29
CA PRO B 1027 6.29 30.35 45.89
C PRO B 1027 5.04 29.84 45.18
N TYR B 1028 4.14 29.21 45.93
CA TYR B 1028 3.05 28.43 45.34
C TYR B 1028 2.03 29.26 44.58
N TRP B 1029 1.61 30.40 45.11
CA TRP B 1029 0.61 31.22 44.42
C TRP B 1029 1.17 31.97 43.21
N MET B 1030 2.49 32.03 43.08
CA MET B 1030 3.09 32.68 41.93
C MET B 1030 2.95 31.85 40.66
N ILE B 1031 2.62 30.57 40.80
CA ILE B 1031 2.19 29.78 39.66
C ILE B 1031 0.89 30.35 39.09
N TYR B 1032 -0.04 30.72 39.96
CA TYR B 1032 -1.42 30.96 39.58
C TYR B 1032 -1.74 32.45 39.46
N GLY B 1033 -0.79 33.26 39.01
CA GLY B 1033 -1.05 34.69 38.95
C GLY B 1033 -0.14 35.55 39.79
N GLU B 1034 -0.66 36.03 40.93
CA GLU B 1034 -0.04 36.97 41.86
C GLU B 1034 1.41 36.68 42.22
N VAL B 1035 2.29 37.65 41.97
CA VAL B 1035 3.73 37.47 42.12
C VAL B 1035 4.24 38.06 43.44
N PHE B 1036 3.34 38.59 44.28
CA PHE B 1036 3.64 39.23 45.57
C PHE B 1036 4.61 40.41 45.39
N ALA B 1037 4.14 41.41 44.64
CA ALA B 1037 4.94 42.53 44.12
C ALA B 1037 5.57 43.38 45.21
N ASP B 1038 4.85 43.60 46.30
CA ASP B 1038 5.36 44.34 47.44
C ASP B 1038 6.53 43.61 48.10
N GLN B 1039 6.45 42.28 48.20
CA GLN B 1039 7.47 41.52 48.92
C GLN B 1039 8.78 41.38 48.15
N ILE B 1040 8.80 41.70 46.86
CA ILE B 1040 9.97 41.39 46.03
C ILE B 1040 10.79 42.65 45.81
N ASP B 1041 12.10 42.52 46.00
CA ASP B 1041 13.05 43.63 46.10
C ASP B 1041 12.55 44.77 47.00
N PRO B 1042 12.47 44.55 48.32
CA PRO B 1042 12.01 45.62 49.21
C PRO B 1042 13.05 46.72 49.30
N PRO B 1043 12.61 47.99 49.31
CA PRO B 1043 13.55 49.10 49.54
C PRO B 1043 14.24 48.98 50.90
N CYS B 1044 15.56 48.88 50.88
CA CYS B 1044 16.34 48.68 52.10
C CYS B 1044 17.61 49.52 52.02
N GLY B 1045 18.16 49.82 53.19
CA GLY B 1045 19.37 50.63 53.26
C GLY B 1045 19.17 52.10 52.98
N GLN B 1046 17.94 52.60 53.06
CA GLN B 1046 17.64 53.99 52.80
C GLN B 1046 16.65 54.49 53.85
N LEU B 1058 13.86 52.61 56.82
CA LEU B 1058 13.75 51.24 56.38
C LEU B 1058 14.89 50.39 56.97
N PRO B 1059 14.64 49.11 57.25
CA PRO B 1059 15.68 48.27 57.86
C PRO B 1059 16.79 47.95 56.87
N PRO B 1060 17.99 47.64 57.35
CA PRO B 1060 19.10 47.35 56.42
C PRO B 1060 18.92 46.03 55.71
N CYS B 1061 19.57 45.89 54.55
CA CYS B 1061 19.42 44.66 53.74
C CYS B 1061 20.12 43.49 54.47
N LYS B 1062 19.59 42.28 54.37
CA LYS B 1062 20.15 41.12 55.11
C LYS B 1062 21.01 40.25 54.17
N THR B 1063 22.29 40.04 54.52
CA THR B 1063 23.18 39.17 53.71
C THR B 1063 23.10 39.53 52.24
N GLY B 1064 23.08 38.53 51.37
CA GLY B 1064 23.01 38.78 49.91
C GLY B 1064 21.58 38.69 49.41
N ALA B 1065 20.69 39.50 50.00
CA ALA B 1065 19.28 39.45 49.62
C ALA B 1065 19.01 39.87 48.18
N TRP B 1066 20.05 40.20 47.42
CA TRP B 1066 19.93 40.49 46.00
C TRP B 1066 19.83 39.23 45.14
N ILE B 1067 20.15 38.06 45.70
CA ILE B 1067 20.16 36.84 44.90
C ILE B 1067 18.74 36.30 44.72
N VAL B 1068 17.88 36.54 45.71
CA VAL B 1068 16.53 35.94 45.68
C VAL B 1068 15.61 36.53 44.58
N PRO B 1069 15.78 37.83 44.09
CA PRO B 1069 15.11 38.17 42.82
C PRO B 1069 15.49 37.31 41.63
N ALA B 1070 16.77 36.97 41.50
CA ALA B 1070 17.23 36.16 40.38
C ALA B 1070 16.74 34.72 40.52
N ILE B 1071 16.73 34.19 41.75
CA ILE B 1071 16.22 32.85 41.98
C ILE B 1071 14.71 32.80 41.69
N MET B 1072 14.01 33.89 42.03
CA MET B 1072 12.59 34.00 41.69
C MET B 1072 12.37 34.05 40.19
N ALA B 1073 13.24 34.76 39.47
CA ALA B 1073 13.17 34.82 38.01
C ALA B 1073 13.32 33.42 37.41
N CYS B 1074 14.29 32.67 37.91
CA CYS B 1074 14.51 31.29 37.46
C CYS B 1074 13.31 30.40 37.78
N TYR B 1075 12.73 30.58 38.98
CA TYR B 1075 11.60 29.76 39.40
C TYR B 1075 10.36 30.02 38.56
N LEU B 1076 9.96 31.28 38.40
CA LEU B 1076 8.78 31.58 37.57
C LEU B 1076 9.01 31.21 36.13
N LEU B 1077 10.26 31.30 35.63
CA LEU B 1077 10.56 30.82 34.29
C LEU B 1077 10.29 29.32 34.17
N VAL B 1078 10.97 28.49 34.97
CA VAL B 1078 10.84 27.04 34.83
C VAL B 1078 9.49 26.52 35.30
N ALA B 1079 8.72 27.33 36.02
CA ALA B 1079 7.40 26.92 36.48
C ALA B 1079 6.30 27.30 35.49
N ASN B 1080 6.18 28.57 35.16
CA ASN B 1080 5.09 29.02 34.30
C ASN B 1080 5.39 28.83 32.82
N ILE B 1081 6.61 28.47 32.43
CA ILE B 1081 6.92 28.45 31.01
C ILE B 1081 7.22 27.01 30.61
N LEU B 1082 7.81 26.25 31.53
CA LEU B 1082 8.21 24.88 31.20
C LEU B 1082 7.25 23.79 31.66
N LEU B 1083 6.98 23.69 32.96
CA LEU B 1083 6.30 22.50 33.48
C LEU B 1083 4.80 22.47 33.18
N VAL B 1084 4.13 23.63 33.35
CA VAL B 1084 2.71 23.73 33.04
C VAL B 1084 2.49 23.45 31.56
N ASN B 1085 3.45 23.83 30.74
CA ASN B 1085 3.26 23.66 29.31
C ASN B 1085 3.72 22.27 28.86
N LEU B 1086 4.52 21.59 29.69
CA LEU B 1086 4.64 20.14 29.56
C LEU B 1086 3.31 19.46 29.84
N LEU B 1087 2.55 19.99 30.80
CA LEU B 1087 1.29 19.34 31.11
C LEU B 1087 0.25 19.62 30.02
N ILE B 1088 0.37 20.78 29.33
CA ILE B 1088 -0.28 20.98 28.02
C ILE B 1088 0.03 19.83 27.07
N ALA B 1089 1.32 19.55 26.85
CA ALA B 1089 1.71 18.59 25.81
C ALA B 1089 1.27 17.17 26.13
N VAL B 1090 1.46 16.76 27.38
CA VAL B 1090 1.09 15.44 27.86
C VAL B 1090 -0.42 15.29 27.80
N PHE B 1091 -1.16 16.35 28.16
CA PHE B 1091 -2.60 16.23 28.16
C PHE B 1091 -3.14 16.17 26.73
N ASN B 1092 -2.44 16.84 25.80
CA ASN B 1092 -2.78 16.78 24.38
C ASN B 1092 -2.68 15.37 23.83
N ASN B 1093 -1.54 14.68 24.02
CA ASN B 1093 -1.48 13.37 23.38
C ASN B 1093 -2.29 12.32 24.14
N THR B 1094 -2.46 12.50 25.47
CA THR B 1094 -3.31 11.57 26.21
C THR B 1094 -4.77 11.71 25.78
N PHE B 1095 -5.19 12.94 25.46
CA PHE B 1095 -6.46 13.16 24.81
C PHE B 1095 -6.52 12.50 23.44
N PHE B 1096 -5.40 12.44 22.74
CA PHE B 1096 -5.37 11.75 21.45
C PHE B 1096 -5.61 10.24 21.59
N GLU B 1097 -5.08 9.59 22.64
CA GLU B 1097 -5.50 8.19 22.82
C GLU B 1097 -6.95 8.07 23.29
N VAL B 1098 -7.38 8.95 24.21
CA VAL B 1098 -8.67 8.72 24.86
C VAL B 1098 -9.82 9.06 23.91
N LYS B 1099 -9.60 9.97 22.96
CA LYS B 1099 -10.60 10.22 21.91
C LYS B 1099 -10.78 9.02 20.98
N SER B 1100 -9.74 8.20 20.82
CA SER B 1100 -9.84 7.02 19.96
C SER B 1100 -10.84 6.00 20.51
N ILE B 1101 -10.90 5.88 21.84
CA ILE B 1101 -11.88 4.99 22.45
C ILE B 1101 -13.20 5.74 22.60
N SER B 1102 -13.20 6.74 23.49
CA SER B 1102 -14.25 7.71 23.76
C SER B 1102 -15.62 7.03 23.96
N ASN B 1103 -16.54 7.21 23.01
CA ASN B 1103 -17.92 6.72 23.13
C ASN B 1103 -18.02 5.20 23.33
N GLN B 1104 -17.05 4.45 22.79
CA GLN B 1104 -16.87 3.03 23.04
C GLN B 1104 -16.87 2.68 24.52
N VAL B 1105 -15.98 3.29 25.31
CA VAL B 1105 -15.94 2.92 26.74
C VAL B 1105 -17.18 3.46 27.44
N TRP B 1106 -17.79 4.51 26.86
CA TRP B 1106 -19.09 4.99 27.34
C TRP B 1106 -20.11 3.88 27.36
N LYS B 1107 -20.21 3.13 26.26
CA LYS B 1107 -21.17 2.04 26.17
C LYS B 1107 -20.88 0.99 27.23
N PHE B 1108 -19.59 0.74 27.51
CA PHE B 1108 -19.21 -0.25 28.51
C PHE B 1108 -19.68 0.16 29.90
N GLN B 1109 -19.43 1.42 30.28
CA GLN B 1109 -19.79 1.82 31.64
C GLN B 1109 -21.29 1.94 31.76
N ARG B 1110 -21.96 2.19 30.64
CA ARG B 1110 -23.44 2.24 30.63
C ARG B 1110 -23.99 0.93 31.22
N TYR B 1111 -23.45 -0.22 30.80
CA TYR B 1111 -24.00 -1.49 31.27
C TYR B 1111 -24.09 -1.55 32.78
N GLN B 1112 -23.02 -1.10 33.46
CA GLN B 1112 -22.99 -1.18 34.92
C GLN B 1112 -24.10 -0.35 35.50
N LEU B 1113 -24.28 0.85 34.94
CA LEU B 1113 -25.31 1.78 35.37
C LEU B 1113 -26.69 1.16 35.16
N ILE B 1114 -26.87 0.48 34.02
CA ILE B 1114 -28.14 -0.19 33.69
C ILE B 1114 -28.51 -1.15 34.80
N MET B 1115 -27.54 -2.00 35.19
CA MET B 1115 -27.83 -3.08 36.11
C MET B 1115 -28.15 -2.53 37.48
N THR B 1116 -27.45 -1.46 37.88
CA THR B 1116 -27.67 -0.94 39.22
C THR B 1116 -29.03 -0.28 39.29
N PHE B 1117 -29.44 0.33 38.19
CA PHE B 1117 -30.72 1.03 38.22
C PHE B 1117 -31.86 0.08 37.89
N HIS B 1118 -31.55 -1.19 37.65
CA HIS B 1118 -32.61 -2.19 37.70
C HIS B 1118 -32.69 -2.80 39.10
N GLU B 1119 -31.56 -2.84 39.80
CA GLU B 1119 -31.47 -3.64 41.02
C GLU B 1119 -31.73 -2.78 42.25
N ARG B 1120 -31.80 -1.48 42.06
CA ARG B 1120 -32.06 -0.52 43.13
C ARG B 1120 -33.57 -0.49 43.42
N PRO B 1121 -34.00 -0.24 44.67
CA PRO B 1121 -35.44 -0.17 44.94
C PRO B 1121 -36.11 1.05 44.32
N VAL B 1122 -37.43 1.06 44.39
CA VAL B 1122 -38.29 2.06 43.77
C VAL B 1122 -38.07 3.46 44.34
N LEU B 1123 -37.78 3.55 45.63
CA LEU B 1123 -37.78 4.82 46.35
C LEU B 1123 -36.44 5.56 46.28
N PRO B 1124 -36.44 6.88 46.40
CA PRO B 1124 -35.21 7.63 46.59
C PRO B 1124 -34.63 7.33 47.96
N PRO B 1125 -33.32 7.53 48.17
CA PRO B 1125 -32.71 7.29 49.48
C PRO B 1125 -33.35 8.03 50.65
N PRO B 1126 -33.77 9.39 50.55
CA PRO B 1126 -34.30 10.07 51.76
C PRO B 1126 -35.50 9.43 52.44
N LEU B 1127 -36.25 8.63 51.71
CA LEU B 1127 -37.35 7.86 52.28
C LEU B 1127 -37.28 6.36 51.96
N ILE B 1128 -36.13 5.87 51.51
CA ILE B 1128 -35.96 4.49 51.03
C ILE B 1128 -36.16 3.49 52.15
N ILE B 1129 -36.07 3.96 53.39
CA ILE B 1129 -36.29 3.17 54.59
C ILE B 1129 -37.68 2.52 54.55
N PHE B 1130 -38.65 3.19 53.91
CA PHE B 1130 -39.98 2.60 53.71
C PHE B 1130 -39.90 1.29 52.93
N SER B 1131 -39.21 1.31 51.78
CA SER B 1131 -39.09 0.08 50.99
C SER B 1131 -38.22 -0.94 51.71
N HIS B 1132 -37.26 -0.48 52.53
CA HIS B 1132 -36.46 -1.42 53.30
C HIS B 1132 -37.34 -2.12 54.33
N MET B 1133 -38.34 -1.41 54.84
CA MET B 1133 -39.32 -2.00 55.74
C MET B 1133 -40.10 -3.10 55.04
N THR B 1134 -40.48 -2.88 53.77
CA THR B 1134 -41.23 -3.95 53.10
C THR B 1134 -40.30 -5.10 52.77
N MET B 1135 -39.00 -4.81 52.62
CA MET B 1135 -38.04 -5.88 52.35
C MET B 1135 -37.84 -6.73 53.59
N ILE B 1136 -38.11 -6.17 54.77
CA ILE B 1136 -37.99 -6.98 55.97
C ILE B 1136 -39.38 -7.45 56.42
N PHE B 1137 -40.44 -7.09 55.69
CA PHE B 1137 -41.77 -7.52 56.11
C PHE B 1137 -42.38 -8.53 55.14
N GLN B 1138 -42.60 -8.15 53.88
CA GLN B 1138 -43.22 -9.02 52.89
C GLN B 1138 -42.35 -10.26 52.63
N HIS B 1139 -41.06 -10.03 52.37
CA HIS B 1139 -40.11 -11.11 52.17
C HIS B 1139 -39.81 -11.89 53.44
N LEU B 1140 -40.38 -11.49 54.60
CA LEU B 1140 -40.28 -12.30 55.80
C LEU B 1140 -41.65 -12.76 56.29
N CYS B 1141 -42.71 -12.56 55.51
CA CYS B 1141 -44.03 -13.03 55.92
C CYS B 1141 -44.63 -13.98 54.89
N CYS B 1142 -44.66 -13.54 53.63
CA CYS B 1142 -45.11 -14.36 52.52
C CYS B 1142 -44.06 -15.43 52.18
N ARG B 1143 -42.81 -15.20 52.57
CA ARG B 1143 -41.73 -16.11 52.23
C ARG B 1143 -41.20 -16.89 53.41
N TRP B 1144 -41.06 -16.27 54.59
CA TRP B 1144 -40.50 -16.98 55.73
C TRP B 1144 -41.51 -17.93 56.38
N ARG B 1145 -42.80 -17.63 56.28
CA ARG B 1145 -43.81 -18.49 56.88
C ARG B 1145 -44.34 -19.50 55.87
N GLY B 1157 -33.41 -10.26 35.81
CA GLY B 1157 -33.38 -9.05 35.02
C GLY B 1157 -33.29 -9.33 33.52
N LEU B 1158 -32.08 -9.22 32.98
CA LEU B 1158 -31.87 -9.55 31.57
C LEU B 1158 -31.84 -11.04 31.34
N LYS B 1159 -31.63 -11.81 32.40
CA LYS B 1159 -31.55 -13.26 32.37
C LYS B 1159 -32.86 -13.88 31.90
N LEU B 1160 -32.84 -14.52 30.74
CA LEU B 1160 -34.05 -15.08 30.14
C LEU B 1160 -34.09 -16.58 30.37
N PHE B 1161 -34.98 -17.01 31.26
CA PHE B 1161 -35.25 -18.43 31.44
C PHE B 1161 -35.89 -18.99 30.18
N ILE B 1162 -35.26 -20.02 29.60
CA ILE B 1162 -35.61 -20.44 28.25
C ILE B 1162 -35.90 -21.94 28.27
N THR B 1163 -36.78 -22.36 27.35
CA THR B 1163 -37.15 -23.81 27.25
C THR B 1163 -36.08 -24.56 26.49
N ASP B 1164 -36.15 -25.90 26.52
CA ASP B 1164 -35.13 -26.75 25.84
C ASP B 1164 -35.26 -26.65 24.32
N ASP B 1165 -36.49 -26.59 23.81
CA ASP B 1165 -36.73 -26.50 22.34
C ASP B 1165 -36.10 -25.21 21.83
N GLU B 1166 -36.53 -24.05 22.35
CA GLU B 1166 -35.93 -22.76 21.94
C GLU B 1166 -34.42 -22.82 22.17
N LEU B 1167 -33.99 -23.56 23.20
CA LEU B 1167 -32.56 -23.72 23.44
C LEU B 1167 -31.87 -24.42 22.29
N LYS B 1168 -32.49 -25.49 21.76
CA LYS B 1168 -31.94 -26.17 20.59
C LYS B 1168 -32.02 -25.30 19.34
N LYS B 1169 -33.04 -24.45 19.26
CA LYS B 1169 -33.14 -23.48 18.17
C LYS B 1169 -31.97 -22.50 18.19
N VAL B 1170 -31.66 -21.98 19.37
CA VAL B 1170 -30.51 -21.09 19.54
C VAL B 1170 -29.21 -21.85 19.23
N HIS B 1171 -29.12 -23.11 19.65
CA HIS B 1171 -27.97 -23.96 19.36
C HIS B 1171 -27.69 -24.18 17.87
N ASP B 1172 -28.68 -24.62 17.09
CA ASP B 1172 -28.37 -24.87 15.68
C ASP B 1172 -28.28 -23.56 14.90
N PHE B 1173 -28.86 -22.48 15.44
CA PHE B 1173 -28.54 -21.15 14.95
C PHE B 1173 -27.06 -20.82 15.14
N GLU B 1174 -26.51 -21.14 16.31
CA GLU B 1174 -25.08 -20.97 16.59
C GLU B 1174 -24.20 -21.75 15.62
N GLU B 1175 -24.56 -23.02 15.38
CA GLU B 1175 -23.76 -23.83 14.45
C GLU B 1175 -23.78 -23.28 13.03
N GLN B 1176 -24.95 -22.85 12.56
CA GLN B 1176 -25.05 -22.25 11.23
C GLN B 1176 -24.25 -20.96 11.15
N CYS B 1177 -24.31 -20.14 12.21
CA CYS B 1177 -23.60 -18.85 12.22
C CYS B 1177 -22.09 -19.04 12.27
N ILE B 1178 -21.61 -20.00 13.06
CA ILE B 1178 -20.15 -20.20 13.16
C ILE B 1178 -19.61 -20.82 11.87
N GLU B 1179 -20.42 -21.66 11.19
CA GLU B 1179 -19.95 -22.23 9.93
C GLU B 1179 -19.95 -21.15 8.84
N GLU B 1180 -20.92 -20.23 8.89
CA GLU B 1180 -20.92 -19.08 7.98
C GLU B 1180 -19.72 -18.18 8.22
N TYR B 1181 -19.35 -17.97 9.49
CA TYR B 1181 -18.14 -17.21 9.81
C TYR B 1181 -16.89 -17.86 9.26
N PHE B 1182 -16.79 -19.19 9.38
CA PHE B 1182 -15.61 -19.88 8.88
C PHE B 1182 -15.53 -19.86 7.36
N ARG B 1183 -16.67 -20.04 6.66
CA ARG B 1183 -16.62 -19.94 5.20
C ARG B 1183 -16.32 -18.52 4.76
N GLU B 1184 -16.73 -17.52 5.55
CA GLU B 1184 -16.44 -16.14 5.20
C GLU B 1184 -14.94 -15.84 5.35
N LYS B 1185 -14.32 -16.41 6.39
CA LYS B 1185 -12.87 -16.24 6.54
C LYS B 1185 -12.10 -16.93 5.42
N ASP B 1186 -12.51 -18.14 5.03
CA ASP B 1186 -11.81 -18.83 3.95
C ASP B 1186 -12.04 -18.13 2.60
N ASP B 1187 -13.24 -17.60 2.37
CA ASP B 1187 -13.51 -16.88 1.13
C ASP B 1187 -12.80 -15.54 1.09
N ARG B 1188 -12.60 -14.91 2.25
CA ARG B 1188 -11.79 -13.70 2.30
C ARG B 1188 -10.32 -14.01 2.02
N PHE B 1189 -9.84 -15.14 2.56
CA PHE B 1189 -8.44 -15.53 2.36
C PHE B 1189 -8.16 -15.90 0.91
N ASN B 1190 -9.10 -16.61 0.28
CA ASN B 1190 -8.91 -17.01 -1.12
C ASN B 1190 -8.98 -15.80 -2.05
N SER B 1191 -9.89 -14.87 -1.77
CA SER B 1191 -10.06 -13.70 -2.64
C SER B 1191 -9.10 -12.58 -2.34
N SER B 1192 -8.30 -12.68 -1.28
CA SER B 1192 -7.29 -11.69 -0.98
C SER B 1192 -6.19 -11.72 -2.05
N ASN B 1193 -5.60 -10.56 -2.33
CA ASN B 1193 -4.64 -10.42 -3.42
C ASN B 1193 -3.40 -11.28 -3.20
N ASP B 1194 -3.00 -11.45 -1.94
CA ASP B 1194 -1.77 -12.18 -1.60
C ASP B 1194 -1.85 -13.63 -2.04
N GLU B 1195 -2.96 -14.30 -1.71
CA GLU B 1195 -3.19 -15.67 -2.10
C GLU B 1195 -3.25 -15.83 -3.62
N ARG B 1196 -3.88 -14.86 -4.30
CA ARG B 1196 -3.96 -14.90 -5.76
C ARG B 1196 -2.57 -14.81 -6.39
N ILE B 1197 -1.71 -13.92 -5.89
CA ILE B 1197 -0.35 -13.82 -6.40
C ILE B 1197 0.42 -15.11 -6.19
N ARG B 1198 0.28 -15.71 -4.99
CA ARG B 1198 1.03 -16.93 -4.70
C ARG B 1198 0.58 -18.10 -5.57
N VAL B 1199 -0.74 -18.24 -5.76
CA VAL B 1199 -1.24 -19.41 -6.47
C VAL B 1199 -0.97 -19.27 -7.97
N THR B 1200 -1.04 -18.03 -8.50
CA THR B 1200 -0.65 -17.83 -9.89
C THR B 1200 0.85 -18.03 -10.11
N SER B 1201 1.68 -17.64 -9.14
CA SER B 1201 3.12 -17.86 -9.26
C SER B 1201 3.45 -19.36 -9.32
N GLU B 1202 2.85 -20.14 -8.41
CA GLU B 1202 3.04 -21.58 -8.40
C GLU B 1202 2.51 -22.23 -9.67
N ARG B 1203 1.35 -21.77 -10.16
CA ARG B 1203 0.76 -22.40 -11.32
C ARG B 1203 1.49 -22.04 -12.62
N VAL B 1204 2.07 -20.84 -12.68
CA VAL B 1204 2.94 -20.51 -13.81
C VAL B 1204 4.22 -21.36 -13.77
N GLU B 1205 4.72 -21.68 -12.57
CA GLU B 1205 5.84 -22.62 -12.45
C GLU B 1205 5.49 -24.01 -13.02
N ASN B 1206 4.30 -24.52 -12.62
CA ASN B 1206 3.85 -25.83 -13.08
C ASN B 1206 3.67 -25.84 -14.60
N MET B 1207 3.04 -24.80 -15.14
CA MET B 1207 2.92 -24.64 -16.59
C MET B 1207 4.26 -24.53 -17.31
N SER B 1208 5.24 -23.89 -16.69
CA SER B 1208 6.57 -23.74 -17.30
C SER B 1208 7.21 -25.11 -17.50
N MET B 1209 7.10 -25.95 -16.48
CA MET B 1209 7.63 -27.31 -16.59
C MET B 1209 6.85 -28.13 -17.63
N ARG B 1210 5.52 -27.94 -17.67
CA ARG B 1210 4.73 -28.65 -18.67
C ARG B 1210 5.01 -28.16 -20.08
N LEU B 1211 5.35 -26.88 -20.23
CA LEU B 1211 5.72 -26.39 -21.55
C LEU B 1211 7.05 -26.95 -21.99
N GLU B 1212 8.01 -27.10 -21.04
CA GLU B 1212 9.27 -27.79 -21.32
C GLU B 1212 9.05 -29.18 -21.91
N GLU B 1213 8.23 -29.99 -21.23
CA GLU B 1213 7.99 -31.35 -21.73
C GLU B 1213 7.20 -31.36 -23.04
N VAL B 1214 6.25 -30.42 -23.24
CA VAL B 1214 5.54 -30.33 -24.51
C VAL B 1214 6.48 -30.02 -25.67
N ASN B 1215 7.36 -29.01 -25.50
CA ASN B 1215 8.28 -28.61 -26.56
C ASN B 1215 9.24 -29.74 -26.91
N GLU B 1216 9.82 -30.40 -25.89
CA GLU B 1216 10.76 -31.49 -26.16
C GLU B 1216 10.07 -32.69 -26.82
N ARG B 1217 8.95 -33.12 -26.25
CA ARG B 1217 8.31 -34.36 -26.68
C ARG B 1217 7.66 -34.20 -28.04
N GLU B 1218 7.15 -33.00 -28.34
CA GLU B 1218 6.47 -32.80 -29.61
C GLU B 1218 7.45 -32.31 -30.68
N HIS B 1219 8.63 -31.83 -30.28
CA HIS B 1219 9.72 -31.72 -31.25
C HIS B 1219 10.18 -33.11 -31.69
N SER B 1220 10.23 -34.07 -30.75
CA SER B 1220 10.49 -35.45 -31.11
C SER B 1220 9.38 -36.02 -31.99
N MET B 1221 8.13 -35.58 -31.75
CA MET B 1221 7.05 -35.85 -32.70
C MET B 1221 7.32 -35.34 -34.11
N LYS B 1222 7.79 -34.08 -34.25
CA LYS B 1222 8.07 -33.58 -35.60
C LYS B 1222 9.18 -34.38 -36.27
N ALA B 1223 10.23 -34.72 -35.52
CA ALA B 1223 11.32 -35.52 -36.08
C ALA B 1223 10.84 -36.89 -36.54
N SER B 1224 10.06 -37.59 -35.70
CA SER B 1224 9.56 -38.91 -36.05
C SER B 1224 8.55 -38.85 -37.19
N LEU B 1225 7.69 -37.84 -37.20
CA LEU B 1225 6.67 -37.71 -38.24
C LEU B 1225 7.30 -37.40 -39.60
N GLN B 1226 8.30 -36.51 -39.61
CA GLN B 1226 9.00 -36.21 -40.87
C GLN B 1226 9.79 -37.41 -41.37
N THR B 1227 10.42 -38.16 -40.45
CA THR B 1227 11.15 -39.35 -40.84
C THR B 1227 10.22 -40.44 -41.36
N VAL B 1228 9.04 -40.57 -40.76
CA VAL B 1228 8.07 -41.57 -41.20
C VAL B 1228 7.45 -41.18 -42.54
N ASP B 1229 7.20 -39.88 -42.74
CA ASP B 1229 6.66 -39.42 -44.02
C ASP B 1229 7.70 -39.49 -45.12
N ILE B 1230 8.99 -39.41 -44.77
CA ILE B 1230 10.06 -39.61 -45.75
C ILE B 1230 10.11 -41.06 -46.21
N ARG B 1231 9.90 -41.99 -45.27
CA ARG B 1231 9.99 -43.42 -45.60
C ARG B 1231 8.84 -43.87 -46.48
N LEU B 1232 7.63 -43.41 -46.19
CA LEU B 1232 6.47 -43.79 -46.98
C LEU B 1232 6.04 -42.65 -47.90
N SER C 30 -44.90 -49.12 13.26
CA SER C 30 -45.57 -50.40 13.18
C SER C 30 -46.35 -50.53 11.88
N TRP C 31 -46.69 -49.38 11.28
CA TRP C 31 -47.39 -49.39 10.01
C TRP C 31 -46.50 -49.85 8.87
N ILE C 32 -45.18 -49.67 9.01
CA ILE C 32 -44.23 -50.14 8.00
C ILE C 32 -44.21 -51.67 7.96
N GLU C 33 -44.24 -52.32 9.13
CA GLU C 33 -44.24 -53.77 9.16
C GLU C 33 -45.58 -54.34 8.73
N ARG C 34 -46.68 -53.67 9.09
CA ARG C 34 -48.02 -54.17 8.79
C ARG C 34 -48.54 -53.74 7.43
N ALA C 35 -47.82 -52.89 6.71
CA ALA C 35 -48.25 -52.40 5.41
C ALA C 35 -47.43 -52.93 4.26
N PHE C 36 -46.10 -53.00 4.42
CA PHE C 36 -45.20 -53.39 3.35
C PHE C 36 -44.87 -54.88 3.44
N TYR C 37 -44.23 -55.36 2.37
CA TYR C 37 -43.82 -56.75 2.25
C TYR C 37 -42.41 -56.82 1.67
N LYS C 38 -41.83 -58.01 1.79
CA LYS C 38 -40.48 -58.29 1.32
C LYS C 38 -40.46 -59.74 0.86
N ARG C 39 -39.40 -60.10 0.13
CA ARG C 39 -39.29 -61.44 -0.41
C ARG C 39 -37.99 -62.07 0.05
N GLU C 40 -38.07 -63.37 0.35
CA GLU C 40 -36.95 -64.14 0.87
C GLU C 40 -36.84 -65.46 0.13
N CYS C 41 -35.62 -65.94 -0.06
CA CYS C 41 -35.35 -67.07 -0.93
C CYS C 41 -35.53 -68.39 -0.18
N VAL C 42 -36.43 -69.23 -0.68
CA VAL C 42 -36.56 -70.63 -0.26
C VAL C 42 -36.65 -71.43 -1.55
N HIS C 43 -35.56 -72.10 -1.93
CA HIS C 43 -35.48 -72.68 -3.26
C HIS C 43 -34.74 -74.01 -3.33
N ILE C 44 -34.45 -74.47 -4.54
CA ILE C 44 -34.04 -75.85 -4.80
C ILE C 44 -32.54 -76.00 -4.91
N ILE C 45 -31.78 -74.92 -4.67
CA ILE C 45 -30.33 -74.82 -4.70
C ILE C 45 -29.79 -75.31 -6.05
N PRO C 46 -29.85 -74.52 -7.12
CA PRO C 46 -29.13 -74.89 -8.34
C PRO C 46 -27.66 -74.54 -8.21
N SER C 47 -26.81 -75.33 -8.88
CA SER C 47 -25.37 -75.12 -8.75
C SER C 47 -24.86 -74.09 -9.76
N THR C 48 -25.17 -74.32 -11.05
CA THR C 48 -24.64 -73.58 -12.20
C THR C 48 -23.11 -73.52 -12.19
N LYS C 49 -22.53 -72.37 -11.85
CA LYS C 49 -21.08 -72.22 -11.92
C LYS C 49 -20.39 -72.84 -10.72
N ASP C 50 -20.66 -72.33 -9.50
CA ASP C 50 -20.02 -72.78 -8.28
C ASP C 50 -20.97 -73.61 -7.44
N PRO C 51 -20.47 -74.63 -6.73
CA PRO C 51 -21.39 -75.46 -5.91
C PRO C 51 -21.97 -74.74 -4.71
N HIS C 52 -21.22 -73.80 -4.10
CA HIS C 52 -21.79 -73.01 -3.01
C HIS C 52 -22.72 -71.92 -3.54
N ARG C 53 -22.43 -71.38 -4.71
CA ARG C 53 -23.23 -70.30 -5.27
C ARG C 53 -24.53 -70.84 -5.86
N CYS C 54 -25.64 -70.30 -5.39
CA CYS C 54 -26.97 -70.71 -5.86
C CYS C 54 -27.43 -69.73 -6.93
N CYS C 55 -28.71 -69.79 -7.29
CA CYS C 55 -29.30 -68.78 -8.17
C CYS C 55 -29.32 -67.41 -7.50
N CYS C 56 -29.60 -67.37 -6.20
CA CYS C 56 -29.71 -66.12 -5.48
C CYS C 56 -28.38 -65.60 -4.96
N GLY C 57 -27.28 -66.33 -5.18
CA GLY C 57 -25.95 -65.86 -4.85
C GLY C 57 -25.49 -66.14 -3.43
N ARG C 58 -26.37 -66.63 -2.56
CA ARG C 58 -26.01 -66.86 -1.17
C ARG C 58 -25.29 -68.20 -1.01
N LEU C 59 -24.72 -68.41 0.17
CA LEU C 59 -24.05 -69.67 0.49
C LEU C 59 -25.09 -70.77 0.68
N ILE C 60 -24.60 -72.02 0.65
CA ILE C 60 -25.47 -73.20 0.61
C ILE C 60 -26.26 -73.36 1.90
N GLY C 61 -25.68 -73.01 3.03
CA GLY C 61 -26.40 -73.00 4.29
C GLY C 61 -26.99 -71.67 4.69
N GLN C 62 -26.93 -70.66 3.82
CA GLN C 62 -27.33 -69.30 4.16
C GLN C 62 -28.70 -68.91 3.64
N HIS C 63 -29.42 -69.81 2.98
CA HIS C 63 -30.76 -69.50 2.49
C HIS C 63 -31.75 -69.51 3.66
N VAL C 64 -32.35 -68.34 3.92
CA VAL C 64 -33.34 -68.11 4.98
C VAL C 64 -32.85 -68.51 6.37
N TRP C 92 -38.14 -63.41 -8.41
CA TRP C 92 -39.31 -64.09 -8.94
C TRP C 92 -39.35 -65.54 -8.50
N SER C 93 -40.44 -66.23 -8.83
CA SER C 93 -40.56 -67.65 -8.51
C SER C 93 -39.84 -68.55 -9.50
N ILE C 94 -39.50 -68.04 -10.68
CA ILE C 94 -38.83 -68.83 -11.71
C ILE C 94 -37.35 -68.93 -11.33
N SER C 95 -36.94 -70.13 -10.91
CA SER C 95 -35.56 -70.57 -10.59
C SER C 95 -35.03 -69.95 -9.30
N LYS C 96 -35.76 -69.02 -8.70
CA LYS C 96 -35.40 -68.43 -7.43
C LYS C 96 -36.39 -68.74 -6.31
N HIS C 97 -37.67 -68.94 -6.65
CA HIS C 97 -38.69 -69.53 -5.77
C HIS C 97 -38.90 -68.72 -4.49
N THR C 98 -38.77 -67.40 -4.60
CA THR C 98 -38.81 -66.55 -3.41
C THR C 98 -40.25 -66.40 -2.92
N GLN C 99 -40.39 -66.16 -1.62
CA GLN C 99 -41.67 -66.10 -0.94
C GLN C 99 -41.83 -64.79 -0.19
N LEU C 100 -43.08 -64.44 0.12
CA LEU C 100 -43.42 -63.14 0.70
C LEU C 100 -43.48 -63.23 2.21
N SER C 101 -42.99 -62.18 2.89
CA SER C 101 -42.97 -62.05 4.34
C SER C 101 -43.04 -60.56 4.66
N PRO C 102 -43.21 -60.12 5.90
CA PRO C 102 -43.06 -58.69 6.19
C PRO C 102 -41.60 -58.28 6.30
N THR C 103 -41.37 -56.98 6.10
CA THR C 103 -40.01 -56.43 6.03
C THR C 103 -39.37 -56.41 7.43
N ASP C 104 -38.03 -56.39 7.46
CA ASP C 104 -37.35 -56.45 8.75
C ASP C 104 -36.16 -55.52 8.89
N ALA C 105 -35.85 -54.66 7.90
CA ALA C 105 -34.61 -53.90 7.92
C ALA C 105 -34.90 -52.44 7.57
N PHE C 106 -35.19 -51.63 8.59
CA PHE C 106 -35.35 -50.19 8.43
C PHE C 106 -35.04 -49.51 9.76
N GLY C 107 -34.67 -48.24 9.68
CA GLY C 107 -34.27 -47.50 10.86
C GLY C 107 -33.34 -46.35 10.53
N THR C 108 -32.26 -46.19 11.30
CA THR C 108 -31.31 -45.10 11.10
C THR C 108 -29.90 -45.64 11.07
N ILE C 109 -29.15 -45.26 10.04
CA ILE C 109 -27.75 -45.63 9.87
C ILE C 109 -26.89 -44.52 10.44
N GLU C 110 -26.03 -44.87 11.39
CA GLU C 110 -25.05 -43.95 11.96
C GLU C 110 -23.68 -44.32 11.44
N PHE C 111 -22.94 -43.33 10.94
CA PHE C 111 -21.66 -43.56 10.29
C PHE C 111 -20.52 -43.19 11.23
N GLN C 112 -19.54 -44.09 11.34
CA GLN C 112 -18.28 -43.80 12.01
C GLN C 112 -17.19 -43.74 10.96
N GLY C 113 -16.67 -42.54 10.69
CA GLY C 113 -15.67 -42.35 9.66
C GLY C 113 -16.28 -42.01 8.32
N GLY C 114 -15.39 -41.63 7.39
CA GLY C 114 -15.78 -41.28 6.03
C GLY C 114 -16.69 -40.09 5.91
N GLY C 115 -16.37 -39.02 6.62
CA GLY C 115 -17.20 -37.82 6.64
C GLY C 115 -17.77 -37.55 8.01
N HIS C 116 -18.85 -36.79 8.07
CA HIS C 116 -19.50 -36.49 9.34
C HIS C 116 -20.50 -37.57 9.70
N SER C 117 -20.75 -37.70 10.99
CA SER C 117 -21.78 -38.64 11.48
C SER C 117 -23.16 -38.05 11.20
N ASN C 118 -23.89 -38.71 10.30
CA ASN C 118 -25.19 -38.20 9.87
C ASN C 118 -26.25 -39.30 9.98
N LYS C 119 -27.51 -38.86 10.08
CA LYS C 119 -28.64 -39.77 10.18
C LYS C 119 -29.15 -40.07 8.77
N ALA C 120 -28.65 -41.15 8.17
CA ALA C 120 -29.06 -41.60 6.85
C ALA C 120 -30.07 -42.72 7.05
N MET C 121 -31.34 -42.34 7.18
CA MET C 121 -32.39 -43.27 7.56
C MET C 121 -32.97 -43.95 6.32
N TYR C 122 -33.33 -45.23 6.47
CA TYR C 122 -33.36 -46.14 5.34
C TYR C 122 -34.50 -47.14 5.48
N VAL C 123 -34.65 -47.98 4.44
CA VAL C 123 -35.64 -49.06 4.43
C VAL C 123 -35.18 -50.08 3.40
N ARG C 124 -35.53 -51.36 3.62
CA ARG C 124 -35.44 -52.37 2.58
C ARG C 124 -36.85 -52.68 2.08
N VAL C 125 -37.03 -52.58 0.77
CA VAL C 125 -38.33 -52.67 0.12
C VAL C 125 -38.22 -53.73 -0.98
N SER C 126 -39.26 -54.57 -1.09
CA SER C 126 -39.34 -55.51 -2.19
C SER C 126 -39.49 -54.77 -3.52
N PHE C 127 -38.88 -55.32 -4.56
CA PHE C 127 -38.71 -54.59 -5.82
C PHE C 127 -40.00 -54.47 -6.64
N ASP C 128 -41.09 -55.13 -6.24
CA ASP C 128 -42.33 -55.07 -6.99
C ASP C 128 -43.48 -54.56 -6.14
N THR C 129 -43.21 -53.68 -5.18
CA THR C 129 -44.25 -53.15 -4.32
C THR C 129 -45.00 -52.00 -5.01
N LYS C 130 -46.06 -51.55 -4.36
CA LYS C 130 -46.85 -50.43 -4.88
C LYS C 130 -46.17 -49.11 -4.53
N PRO C 131 -45.91 -48.24 -5.50
CA PRO C 131 -45.22 -46.98 -5.19
C PRO C 131 -46.06 -45.97 -4.42
N ASP C 132 -47.38 -46.11 -4.39
CA ASP C 132 -48.23 -45.20 -3.62
C ASP C 132 -48.02 -45.39 -2.12
N LEU C 133 -47.82 -46.63 -1.68
CA LEU C 133 -47.60 -46.89 -0.27
C LEU C 133 -46.24 -46.35 0.19
N LEU C 134 -45.21 -46.45 -0.66
CA LEU C 134 -43.95 -45.83 -0.28
C LEU C 134 -43.97 -44.31 -0.45
N LEU C 135 -44.87 -43.77 -1.28
CA LEU C 135 -45.10 -42.33 -1.29
C LEU C 135 -45.74 -41.86 0.01
N HIS C 136 -46.70 -42.64 0.53
CA HIS C 136 -47.26 -42.36 1.85
C HIS C 136 -46.20 -42.52 2.95
N LEU C 137 -45.31 -43.50 2.77
CA LEU C 137 -44.16 -43.68 3.66
C LEU C 137 -43.24 -42.46 3.64
N MET C 138 -43.06 -41.86 2.47
CA MET C 138 -42.19 -40.70 2.34
C MET C 138 -42.84 -39.45 2.93
N THR C 139 -44.13 -39.26 2.66
CA THR C 139 -44.81 -38.06 3.12
C THR C 139 -45.10 -38.09 4.62
N LYS C 140 -45.57 -39.22 5.13
CA LYS C 140 -46.01 -39.30 6.52
C LYS C 140 -44.92 -39.84 7.43
N GLU C 141 -44.41 -41.04 7.12
CA GLU C 141 -43.49 -41.70 8.03
C GLU C 141 -42.08 -41.13 7.96
N TRP C 142 -41.77 -40.37 6.90
CA TRP C 142 -40.43 -39.84 6.72
C TRP C 142 -40.35 -38.33 6.85
N GLN C 143 -41.50 -37.64 6.86
CA GLN C 143 -41.63 -36.18 6.91
C GLN C 143 -40.89 -35.51 5.75
N LEU C 144 -41.39 -35.81 4.55
CA LEU C 144 -40.96 -35.14 3.33
C LEU C 144 -42.14 -34.45 2.66
N GLU C 145 -41.96 -33.18 2.34
CA GLU C 145 -42.91 -32.45 1.51
C GLU C 145 -42.71 -32.83 0.05
N LEU C 146 -43.70 -32.50 -0.77
CA LEU C 146 -43.60 -32.77 -2.19
C LEU C 146 -42.64 -31.76 -2.82
N PRO C 147 -41.58 -32.20 -3.49
CA PRO C 147 -40.55 -31.28 -3.95
C PRO C 147 -40.97 -30.49 -5.18
N LYS C 148 -40.27 -29.38 -5.41
CA LYS C 148 -40.50 -28.56 -6.59
C LYS C 148 -39.84 -29.17 -7.84
N LEU C 149 -38.67 -29.78 -7.70
CA LEU C 149 -37.94 -30.32 -8.83
C LEU C 149 -37.44 -31.73 -8.52
N LEU C 150 -37.38 -32.56 -9.55
CA LEU C 150 -36.75 -33.87 -9.47
C LEU C 150 -35.62 -33.93 -10.48
N ILE C 151 -34.43 -34.29 -10.02
CA ILE C 151 -33.36 -34.72 -10.92
C ILE C 151 -32.99 -36.15 -10.57
N SER C 152 -32.83 -36.97 -11.60
CA SER C 152 -32.59 -38.40 -11.47
C SER C 152 -31.30 -38.67 -12.24
N VAL C 153 -30.17 -38.57 -11.56
CA VAL C 153 -28.87 -38.67 -12.20
C VAL C 153 -28.52 -40.15 -12.43
N HIS C 154 -28.09 -40.47 -13.64
CA HIS C 154 -27.65 -41.81 -14.01
C HIS C 154 -26.21 -41.74 -14.50
N GLY C 155 -25.63 -42.92 -14.70
CA GLY C 155 -24.25 -42.98 -15.17
C GLY C 155 -23.75 -44.40 -15.15
N GLY C 156 -22.42 -44.53 -15.18
CA GLY C 156 -21.80 -45.84 -15.21
C GLY C 156 -21.90 -46.53 -13.86
N LEU C 157 -22.22 -47.83 -13.91
CA LEU C 157 -22.26 -48.62 -12.67
C LEU C 157 -20.87 -48.90 -12.15
N GLN C 158 -19.86 -48.87 -13.00
CA GLN C 158 -18.48 -49.03 -12.58
C GLN C 158 -17.87 -47.69 -12.19
N ASN C 159 -16.72 -47.76 -11.53
CA ASN C 159 -16.03 -46.54 -11.10
C ASN C 159 -15.37 -45.85 -12.30
N PHE C 160 -15.27 -44.52 -12.20
CA PHE C 160 -14.59 -43.72 -13.20
C PHE C 160 -14.14 -42.39 -12.61
N GLU C 161 -13.40 -41.63 -13.42
CA GLU C 161 -12.98 -40.27 -13.10
C GLU C 161 -13.06 -39.43 -14.37
N LEU C 162 -13.31 -38.14 -14.20
CA LEU C 162 -13.40 -37.17 -15.28
C LEU C 162 -12.31 -36.11 -15.12
N GLN C 163 -12.37 -35.08 -15.95
CA GLN C 163 -11.51 -33.92 -15.80
C GLN C 163 -11.87 -33.18 -14.51
N PRO C 164 -10.88 -32.56 -13.85
CA PRO C 164 -11.14 -32.04 -12.48
C PRO C 164 -12.04 -30.81 -12.43
N LYS C 165 -11.91 -29.90 -13.39
CA LYS C 165 -12.84 -28.76 -13.40
C LYS C 165 -14.21 -29.18 -13.90
N LEU C 166 -14.30 -30.28 -14.66
CA LEU C 166 -15.59 -30.90 -14.90
C LEU C 166 -16.21 -31.44 -13.61
N LYS C 167 -15.39 -31.99 -12.72
CA LYS C 167 -15.90 -32.35 -11.39
C LYS C 167 -16.35 -31.12 -10.60
N GLN C 168 -15.58 -30.02 -10.68
CA GLN C 168 -15.94 -28.81 -9.94
C GLN C 168 -17.25 -28.21 -10.45
N VAL C 169 -17.40 -28.14 -11.77
CA VAL C 169 -18.61 -27.58 -12.38
C VAL C 169 -19.79 -28.52 -12.16
N PHE C 170 -19.55 -29.84 -12.26
CA PHE C 170 -20.57 -30.85 -11.99
C PHE C 170 -21.03 -30.82 -10.53
N GLY C 171 -20.14 -30.46 -9.61
CA GLY C 171 -20.54 -30.29 -8.24
C GLY C 171 -21.35 -29.03 -8.03
N LYS C 172 -20.79 -27.90 -8.48
CA LYS C 172 -21.36 -26.59 -8.19
C LYS C 172 -22.72 -26.41 -8.85
N GLY C 173 -22.84 -26.79 -10.13
CA GLY C 173 -24.11 -26.64 -10.82
C GLY C 173 -25.22 -27.50 -10.25
N LEU C 174 -24.91 -28.77 -9.95
CA LEU C 174 -25.90 -29.68 -9.39
C LEU C 174 -26.37 -29.23 -8.02
N ILE C 175 -25.45 -28.94 -7.10
CA ILE C 175 -25.90 -28.62 -5.75
C ILE C 175 -26.48 -27.20 -5.69
N LYS C 176 -26.06 -26.29 -6.57
CA LYS C 176 -26.61 -24.94 -6.51
C LYS C 176 -28.01 -24.93 -7.14
N ALA C 177 -28.23 -25.77 -8.15
CA ALA C 177 -29.60 -25.97 -8.67
C ALA C 177 -30.48 -26.62 -7.62
N ALA C 178 -29.93 -27.58 -6.87
CA ALA C 178 -30.69 -28.23 -5.80
C ALA C 178 -31.04 -27.26 -4.67
N MET C 179 -30.18 -26.29 -4.40
CA MET C 179 -30.55 -25.27 -3.41
C MET C 179 -31.56 -24.28 -3.97
N THR C 180 -31.41 -23.86 -5.23
CA THR C 180 -32.32 -22.85 -5.77
C THR C 180 -33.70 -23.40 -6.09
N THR C 181 -33.85 -24.71 -6.26
CA THR C 181 -35.16 -25.28 -6.53
C THR C 181 -35.71 -26.14 -5.40
N GLY C 182 -34.89 -26.52 -4.42
CA GLY C 182 -35.32 -27.45 -3.39
C GLY C 182 -35.59 -28.83 -3.95
N ALA C 183 -34.69 -29.30 -4.82
CA ALA C 183 -34.92 -30.51 -5.58
C ALA C 183 -34.63 -31.76 -4.73
N TRP C 184 -35.03 -32.90 -5.29
CA TRP C 184 -34.66 -34.21 -4.76
C TRP C 184 -33.56 -34.81 -5.63
N ILE C 185 -32.81 -35.74 -5.05
CA ILE C 185 -31.61 -36.28 -5.67
C ILE C 185 -31.83 -37.78 -5.78
N PHE C 186 -32.11 -38.29 -6.98
CA PHE C 186 -32.19 -39.74 -7.20
C PHE C 186 -30.88 -40.25 -7.78
N THR C 187 -30.19 -41.08 -7.00
CA THR C 187 -28.96 -41.74 -7.41
C THR C 187 -29.15 -43.25 -7.40
N GLY C 188 -28.10 -43.97 -7.76
CA GLY C 188 -28.08 -45.41 -7.69
C GLY C 188 -27.77 -45.99 -6.32
N GLY C 189 -27.48 -45.13 -5.35
CA GLY C 189 -27.35 -45.55 -3.97
C GLY C 189 -25.95 -45.94 -3.52
N VAL C 190 -25.41 -47.03 -4.07
CA VAL C 190 -24.09 -47.51 -3.67
C VAL C 190 -23.03 -46.58 -4.25
N ASN C 191 -21.86 -46.54 -3.63
CA ASN C 191 -20.84 -45.52 -3.87
C ASN C 191 -19.92 -45.94 -5.02
N THR C 192 -20.51 -46.03 -6.22
CA THR C 192 -19.78 -46.38 -7.42
C THR C 192 -20.02 -45.35 -8.51
N GLY C 193 -18.92 -44.90 -9.12
CA GLY C 193 -18.98 -44.08 -10.33
C GLY C 193 -19.66 -42.73 -10.22
N VAL C 194 -20.87 -42.64 -10.78
CA VAL C 194 -21.60 -41.37 -10.81
C VAL C 194 -22.07 -41.00 -9.40
N ILE C 195 -22.39 -41.99 -8.57
CA ILE C 195 -22.79 -41.72 -7.20
C ILE C 195 -21.58 -41.26 -6.39
N ARG C 196 -20.38 -41.73 -6.75
CA ARG C 196 -19.16 -41.24 -6.11
C ARG C 196 -18.92 -39.76 -6.41
N HIS C 197 -19.18 -39.34 -7.66
CA HIS C 197 -19.04 -37.91 -7.96
C HIS C 197 -20.17 -37.08 -7.37
N VAL C 198 -21.36 -37.66 -7.21
CA VAL C 198 -22.43 -36.99 -6.48
C VAL C 198 -22.04 -36.81 -5.02
N GLY C 199 -21.41 -37.83 -4.42
CA GLY C 199 -20.93 -37.71 -3.06
C GLY C 199 -19.78 -36.72 -2.93
N ASP C 200 -18.93 -36.63 -3.95
CA ASP C 200 -17.91 -35.60 -3.98
C ASP C 200 -18.52 -34.21 -4.09
N ALA C 201 -19.61 -34.07 -4.84
CA ALA C 201 -20.36 -32.82 -4.90
C ALA C 201 -20.96 -32.48 -3.54
N LEU C 202 -21.49 -33.48 -2.84
CA LEU C 202 -22.05 -33.25 -1.51
C LEU C 202 -20.98 -32.99 -0.47
N LYS C 203 -19.76 -33.48 -0.68
CA LYS C 203 -18.66 -33.14 0.21
C LYS C 203 -18.05 -31.79 -0.12
N ASP C 204 -18.24 -31.29 -1.35
CA ASP C 204 -17.75 -29.96 -1.72
C ASP C 204 -18.46 -28.88 -0.92
N HIS C 205 -19.78 -28.99 -0.76
CA HIS C 205 -20.58 -27.93 -0.16
C HIS C 205 -21.28 -28.37 1.13
N ALA C 206 -22.08 -29.44 1.07
CA ALA C 206 -22.90 -29.99 2.16
C ALA C 206 -23.76 -28.93 2.84
N SER C 207 -23.49 -28.68 4.12
CA SER C 207 -24.04 -27.60 4.92
C SER C 207 -25.58 -27.54 4.96
N ILE C 213 -31.58 -30.79 1.56
CA ILE C 213 -31.20 -31.11 0.19
C ILE C 213 -31.95 -32.34 -0.30
N CYS C 214 -32.34 -33.21 0.64
CA CYS C 214 -33.26 -34.34 0.42
C CYS C 214 -32.75 -35.30 -0.64
N THR C 215 -31.64 -35.96 -0.32
CA THR C 215 -31.00 -36.92 -1.22
C THR C 215 -31.51 -38.32 -0.89
N ILE C 216 -32.04 -39.01 -1.90
CA ILE C 216 -32.56 -40.37 -1.78
C ILE C 216 -31.72 -41.28 -2.66
N GLY C 217 -30.94 -42.18 -2.04
CA GLY C 217 -30.24 -43.20 -2.78
C GLY C 217 -31.11 -44.43 -2.93
N ILE C 218 -31.30 -44.87 -4.17
CA ILE C 218 -32.12 -46.03 -4.49
C ILE C 218 -31.16 -47.12 -4.95
N ALA C 219 -30.81 -48.02 -4.02
CA ALA C 219 -29.86 -49.07 -4.35
C ALA C 219 -30.51 -50.44 -4.14
N PRO C 220 -30.12 -51.44 -4.91
CA PRO C 220 -30.55 -52.81 -4.59
C PRO C 220 -29.87 -53.32 -3.33
N TRP C 221 -30.57 -54.21 -2.64
CA TRP C 221 -30.06 -54.69 -1.35
C TRP C 221 -28.93 -55.70 -1.52
N GLY C 222 -28.92 -56.45 -2.62
CA GLY C 222 -28.01 -57.56 -2.81
C GLY C 222 -26.56 -57.18 -3.11
N ILE C 223 -26.25 -55.90 -3.20
CA ILE C 223 -24.90 -55.44 -3.54
C ILE C 223 -24.21 -54.77 -2.37
N VAL C 224 -24.96 -54.17 -1.43
CA VAL C 224 -24.36 -53.45 -0.31
C VAL C 224 -23.67 -54.43 0.63
N GLU C 225 -22.52 -54.02 1.16
CA GLU C 225 -21.72 -54.84 2.03
C GLU C 225 -22.31 -54.83 3.45
N ASN C 226 -22.10 -55.94 4.16
CA ASN C 226 -22.54 -56.17 5.55
C ASN C 226 -24.05 -56.12 5.65
N GLN C 227 -24.69 -57.05 4.94
CA GLN C 227 -26.15 -57.11 4.89
C GLN C 227 -26.74 -57.51 6.23
N GLU C 228 -26.13 -58.46 6.93
CA GLU C 228 -26.61 -58.85 8.25
C GLU C 228 -26.34 -57.77 9.30
N ASP C 229 -25.33 -56.92 9.08
CA ASP C 229 -25.11 -55.79 9.97
C ASP C 229 -26.18 -54.73 9.80
N LEU C 230 -26.82 -54.65 8.63
CA LEU C 230 -27.86 -53.66 8.34
C LEU C 230 -29.26 -54.20 8.60
N ILE C 231 -29.42 -55.11 9.55
CA ILE C 231 -30.72 -55.65 9.91
C ILE C 231 -31.14 -55.04 11.23
N GLY C 232 -32.27 -54.35 11.24
CA GLY C 232 -32.77 -53.74 12.45
C GLY C 232 -34.22 -53.32 12.30
N ARG C 233 -34.92 -53.27 13.42
CA ARG C 233 -36.34 -52.93 13.46
C ARG C 233 -36.46 -51.62 14.24
N ASP C 234 -36.39 -50.49 13.51
CA ASP C 234 -36.41 -49.12 14.06
C ASP C 234 -35.33 -48.93 15.13
N VAL C 235 -34.12 -49.39 14.81
CA VAL C 235 -33.00 -49.34 15.73
C VAL C 235 -31.85 -48.60 15.05
N VAL C 236 -31.12 -47.83 15.85
CA VAL C 236 -29.94 -47.13 15.37
C VAL C 236 -28.84 -48.16 15.19
N ARG C 237 -28.56 -48.52 13.94
CA ARG C 237 -27.57 -49.54 13.63
C ARG C 237 -26.24 -48.89 13.25
N PRO C 238 -25.15 -49.24 13.94
CA PRO C 238 -23.85 -48.68 13.56
C PRO C 238 -23.37 -49.28 12.25
N TYR C 239 -22.84 -48.41 11.40
CA TYR C 239 -22.34 -48.82 10.10
C TYR C 239 -21.09 -48.00 9.81
N GLN C 240 -20.16 -48.56 9.05
CA GLN C 240 -18.84 -47.98 8.91
C GLN C 240 -18.46 -47.91 7.44
N THR C 241 -17.42 -47.12 7.16
CA THR C 241 -16.94 -46.93 5.80
C THR C 241 -15.86 -47.93 5.42
N MET C 242 -15.94 -49.15 5.95
CA MET C 242 -15.30 -50.32 5.36
C MET C 242 -15.61 -50.39 3.87
N SER C 243 -14.58 -50.57 3.05
CA SER C 243 -14.76 -50.91 1.64
C SER C 243 -13.53 -51.69 1.17
N ASN C 244 -13.66 -53.00 1.14
CA ASN C 244 -12.51 -53.85 0.87
C ASN C 244 -12.19 -53.87 -0.63
N PRO C 245 -10.93 -53.68 -1.02
CA PRO C 245 -10.54 -53.94 -2.41
C PRO C 245 -10.70 -55.39 -2.81
N MET C 246 -10.59 -56.32 -1.85
CA MET C 246 -10.78 -57.73 -2.14
C MET C 246 -12.24 -58.07 -2.41
N SER C 247 -13.16 -57.53 -1.61
CA SER C 247 -14.57 -57.85 -1.77
C SER C 247 -15.16 -57.08 -2.93
N LYS C 248 -15.97 -57.77 -3.75
CA LYS C 248 -16.62 -57.15 -4.90
C LYS C 248 -17.85 -56.34 -4.50
N LEU C 249 -18.39 -56.56 -3.32
CA LEU C 249 -19.56 -55.80 -2.86
C LEU C 249 -19.16 -54.38 -2.50
N THR C 250 -19.99 -53.42 -2.90
CA THR C 250 -19.72 -52.01 -2.66
C THR C 250 -20.75 -51.43 -1.69
N VAL C 251 -20.27 -50.58 -0.79
CA VAL C 251 -21.11 -50.01 0.27
C VAL C 251 -21.89 -48.82 -0.27
N LEU C 252 -22.89 -48.40 0.50
CA LEU C 252 -23.66 -47.21 0.17
C LEU C 252 -22.80 -45.96 0.31
N ASN C 253 -23.20 -44.91 -0.40
CA ASN C 253 -22.50 -43.63 -0.31
C ASN C 253 -22.83 -43.01 1.04
N SER C 254 -21.81 -42.52 1.73
CA SER C 254 -21.92 -42.15 3.14
C SER C 254 -22.75 -40.89 3.38
N MET C 255 -22.93 -40.03 2.38
CA MET C 255 -23.52 -38.72 2.61
C MET C 255 -24.85 -38.53 1.89
N HIS C 256 -25.65 -39.59 1.75
CA HIS C 256 -27.05 -39.40 1.49
C HIS C 256 -27.85 -39.32 2.80
N SER C 257 -29.11 -38.92 2.68
CA SER C 257 -29.99 -38.79 3.83
C SER C 257 -31.16 -39.78 3.82
N HIS C 258 -31.47 -40.38 2.68
CA HIS C 258 -32.49 -41.42 2.62
C HIS C 258 -31.97 -42.56 1.76
N PHE C 259 -32.41 -43.78 2.06
CA PHE C 259 -31.95 -44.94 1.32
C PHE C 259 -33.07 -45.96 1.19
N ILE C 260 -33.32 -46.40 -0.04
CA ILE C 260 -34.28 -47.45 -0.34
C ILE C 260 -33.52 -48.60 -0.97
N LEU C 261 -33.56 -49.78 -0.33
CA LEU C 261 -32.80 -50.94 -0.76
C LEU C 261 -33.76 -51.96 -1.35
N ALA C 262 -33.66 -52.17 -2.66
CA ALA C 262 -34.60 -53.00 -3.41
C ALA C 262 -34.14 -54.45 -3.38
N ASP C 263 -34.85 -55.29 -2.64
CA ASP C 263 -34.52 -56.70 -2.55
C ASP C 263 -35.38 -57.50 -3.53
N ASN C 264 -34.73 -58.18 -4.47
CA ASN C 264 -35.40 -59.09 -5.38
C ASN C 264 -35.04 -60.55 -5.12
N GLY C 265 -34.09 -60.80 -4.23
CA GLY C 265 -33.68 -62.17 -3.92
C GLY C 265 -32.25 -62.47 -4.29
N THR C 266 -31.80 -61.97 -5.44
CA THR C 266 -30.45 -62.24 -5.89
C THR C 266 -29.46 -61.22 -5.28
N THR C 267 -28.18 -61.59 -5.32
CA THR C 267 -27.11 -60.76 -4.80
C THR C 267 -26.02 -60.60 -5.85
N GLY C 268 -25.43 -59.40 -5.89
CA GLY C 268 -24.29 -59.16 -6.75
C GLY C 268 -24.61 -58.96 -8.21
N LYS C 269 -25.87 -58.82 -8.57
CA LYS C 269 -26.28 -58.61 -9.96
C LYS C 269 -27.15 -57.36 -10.05
N TYR C 270 -27.01 -56.64 -11.15
CA TYR C 270 -27.75 -55.41 -11.36
C TYR C 270 -29.03 -55.70 -12.15
N GLY C 271 -29.76 -54.65 -12.52
CA GLY C 271 -31.01 -54.79 -13.24
C GLY C 271 -32.23 -54.97 -12.35
N ALA C 272 -32.05 -55.14 -11.05
CA ALA C 272 -33.17 -55.25 -10.11
C ALA C 272 -33.69 -53.90 -9.65
N GLU C 273 -33.05 -52.80 -10.08
CA GLU C 273 -33.39 -51.47 -9.62
C GLU C 273 -34.00 -50.60 -10.69
N VAL C 274 -33.88 -50.95 -11.97
CA VAL C 274 -34.28 -50.07 -13.06
C VAL C 274 -35.80 -49.93 -13.10
N LYS C 275 -36.51 -51.06 -13.04
CA LYS C 275 -37.97 -51.03 -13.16
C LYS C 275 -38.62 -50.39 -11.95
N LEU C 276 -38.12 -50.70 -10.74
CA LEU C 276 -38.70 -50.12 -9.52
C LEU C 276 -38.48 -48.62 -9.45
N ARG C 277 -37.25 -48.17 -9.73
CA ARG C 277 -36.96 -46.73 -9.71
C ARG C 277 -37.72 -46.01 -10.80
N ARG C 278 -37.86 -46.63 -11.98
CA ARG C 278 -38.64 -46.07 -13.07
C ARG C 278 -40.10 -45.89 -12.68
N GLN C 279 -40.72 -46.93 -12.10
CA GLN C 279 -42.13 -46.83 -11.75
C GLN C 279 -42.37 -45.92 -10.56
N LEU C 280 -41.44 -45.91 -9.59
CA LEU C 280 -41.58 -45.02 -8.42
C LEU C 280 -41.40 -43.56 -8.87
N GLU C 281 -40.45 -43.30 -9.77
CA GLU C 281 -40.28 -41.93 -10.32
C GLU C 281 -41.60 -41.54 -11.01
N LYS C 282 -42.07 -42.36 -11.95
CA LYS C 282 -43.34 -42.11 -12.60
C LYS C 282 -44.44 -41.77 -11.61
N HIS C 283 -44.49 -42.49 -10.48
CA HIS C 283 -45.55 -42.25 -9.50
C HIS C 283 -45.39 -40.92 -8.78
N ILE C 284 -44.14 -40.51 -8.53
CA ILE C 284 -43.92 -39.14 -8.02
C ILE C 284 -44.37 -38.13 -9.07
N SER C 285 -43.99 -38.35 -10.34
CA SER C 285 -44.31 -37.38 -11.39
C SER C 285 -45.81 -37.30 -11.71
N LEU C 286 -46.61 -38.29 -11.30
CA LEU C 286 -48.06 -38.18 -11.43
C LEU C 286 -48.66 -37.23 -10.40
N GLN C 287 -48.00 -37.02 -9.28
CA GLN C 287 -48.52 -36.14 -8.23
C GLN C 287 -48.47 -34.70 -8.69
N LYS C 288 -49.58 -33.99 -8.51
CA LYS C 288 -49.63 -32.57 -8.85
C LYS C 288 -48.75 -31.77 -7.89
N ILE C 289 -47.93 -30.88 -8.45
CA ILE C 289 -46.99 -30.09 -7.67
C ILE C 289 -47.76 -29.09 -6.80
N ASN C 290 -47.10 -28.60 -5.75
CA ASN C 290 -47.74 -27.79 -4.72
C ASN C 290 -48.22 -26.43 -5.22
N THR C 291 -47.78 -25.97 -6.39
CA THR C 291 -48.35 -24.76 -6.96
C THR C 291 -49.78 -24.97 -7.44
N ARG C 292 -50.10 -26.22 -7.83
CA ARG C 292 -51.46 -26.67 -8.18
C ARG C 292 -52.04 -25.89 -9.36
N ILE C 293 -51.23 -25.69 -10.40
CA ILE C 293 -51.66 -24.95 -11.58
C ILE C 293 -52.12 -25.89 -12.70
N GLY C 294 -51.70 -27.15 -12.68
CA GLY C 294 -52.07 -28.08 -13.73
C GLY C 294 -50.89 -28.83 -14.30
N GLN C 295 -49.78 -28.85 -13.57
CA GLN C 295 -48.63 -29.65 -13.92
C GLN C 295 -48.25 -30.52 -12.72
N GLY C 296 -47.59 -31.64 -13.00
CA GLY C 296 -47.05 -32.48 -11.96
C GLY C 296 -45.72 -31.94 -11.46
N VAL C 297 -45.07 -32.73 -10.60
CA VAL C 297 -43.70 -32.39 -10.25
C VAL C 297 -42.85 -32.77 -11.46
N PRO C 298 -41.98 -31.88 -11.93
CA PRO C 298 -41.18 -32.16 -13.12
C PRO C 298 -39.96 -32.99 -12.78
N VAL C 299 -39.57 -33.85 -13.71
CA VAL C 299 -38.38 -34.68 -13.56
C VAL C 299 -37.50 -34.53 -14.80
N VAL C 300 -36.19 -34.42 -14.56
CA VAL C 300 -35.19 -34.37 -15.61
C VAL C 300 -34.06 -35.32 -15.22
N ALA C 301 -33.52 -36.03 -16.22
CA ALA C 301 -32.48 -37.03 -15.98
C ALA C 301 -31.15 -36.45 -16.41
N LEU C 302 -30.25 -36.28 -15.46
CA LEU C 302 -28.90 -35.81 -15.73
C LEU C 302 -28.03 -37.00 -16.07
N ILE C 303 -27.45 -37.00 -17.26
CA ILE C 303 -26.65 -38.11 -17.74
C ILE C 303 -25.21 -37.64 -17.87
N VAL C 304 -24.31 -38.23 -17.11
CA VAL C 304 -22.88 -38.05 -17.30
C VAL C 304 -22.23 -39.42 -17.51
N GLU C 305 -21.53 -39.55 -18.64
CA GLU C 305 -20.92 -40.76 -19.16
C GLU C 305 -21.96 -41.88 -19.26
N GLY C 306 -21.94 -42.88 -18.39
CA GLY C 306 -22.80 -44.03 -18.55
C GLY C 306 -22.30 -44.99 -19.60
N GLY C 307 -23.11 -46.02 -19.86
CA GLY C 307 -22.75 -47.05 -20.81
C GLY C 307 -23.76 -47.22 -21.92
N PRO C 308 -23.84 -48.44 -22.47
CA PRO C 308 -24.87 -48.70 -23.49
C PRO C 308 -26.27 -48.80 -22.93
N ASN C 309 -26.42 -49.10 -21.64
CA ASN C 309 -27.76 -49.26 -21.06
C ASN C 309 -28.45 -47.91 -20.85
N VAL C 310 -27.68 -46.87 -20.51
CA VAL C 310 -28.29 -45.58 -20.23
C VAL C 310 -28.83 -44.92 -21.49
N ILE C 311 -28.39 -45.36 -22.68
CA ILE C 311 -29.02 -44.95 -23.93
C ILE C 311 -30.46 -45.43 -23.97
N SER C 312 -30.69 -46.69 -23.56
CA SER C 312 -32.07 -47.20 -23.51
C SER C 312 -32.86 -46.56 -22.36
N ILE C 313 -32.19 -46.14 -21.28
CA ILE C 313 -32.91 -45.39 -20.25
C ILE C 313 -33.33 -44.01 -20.76
N VAL C 314 -32.48 -43.36 -21.57
CA VAL C 314 -32.86 -42.11 -22.23
C VAL C 314 -34.01 -42.34 -23.21
N LEU C 315 -34.00 -43.49 -23.90
CA LEU C 315 -35.11 -43.84 -24.78
C LEU C 315 -36.42 -44.00 -24.00
N GLU C 316 -36.35 -44.66 -22.84
CA GLU C 316 -37.53 -44.83 -22.00
C GLU C 316 -38.01 -43.50 -21.42
N TYR C 317 -37.08 -42.57 -21.16
CA TYR C 317 -37.47 -41.28 -20.63
C TYR C 317 -38.10 -40.40 -21.70
N LEU C 318 -37.56 -40.42 -22.92
CA LEU C 318 -38.10 -39.58 -23.99
C LEU C 318 -39.44 -40.09 -24.49
N ARG C 319 -39.56 -41.40 -24.70
CA ARG C 319 -40.81 -42.01 -25.12
C ARG C 319 -41.62 -42.33 -23.86
N ASP C 320 -42.28 -41.30 -23.35
CA ASP C 320 -43.02 -41.39 -22.10
C ASP C 320 -44.08 -40.30 -22.09
N THR C 321 -45.19 -40.58 -21.42
CA THR C 321 -46.21 -39.56 -21.16
C THR C 321 -46.21 -39.23 -19.66
N PRO C 322 -45.86 -38.00 -19.25
CA PRO C 322 -45.44 -36.84 -20.04
C PRO C 322 -44.01 -36.96 -20.56
N PRO C 323 -43.66 -36.28 -21.66
CA PRO C 323 -42.30 -36.42 -22.22
C PRO C 323 -41.26 -35.83 -21.29
N VAL C 324 -40.47 -36.71 -20.67
CA VAL C 324 -39.48 -36.31 -19.67
C VAL C 324 -38.29 -35.71 -20.39
N PRO C 325 -37.95 -34.45 -20.11
CA PRO C 325 -36.71 -33.89 -20.67
C PRO C 325 -35.50 -34.56 -20.03
N VAL C 326 -34.43 -34.70 -20.80
CA VAL C 326 -33.15 -35.19 -20.29
C VAL C 326 -32.05 -34.25 -20.73
N VAL C 327 -30.96 -34.25 -19.98
CA VAL C 327 -29.76 -33.50 -20.31
C VAL C 327 -28.58 -34.47 -20.36
N VAL C 328 -27.66 -34.23 -21.29
CA VAL C 328 -26.43 -35.01 -21.37
C VAL C 328 -25.22 -34.09 -21.31
N CYS C 329 -24.17 -34.57 -20.63
CA CYS C 329 -22.96 -33.80 -20.42
C CYS C 329 -21.96 -34.09 -21.53
N ASP C 330 -20.88 -33.30 -21.54
CA ASP C 330 -19.82 -33.42 -22.53
C ASP C 330 -18.48 -33.32 -21.82
N GLY C 331 -17.61 -34.29 -22.08
CA GLY C 331 -16.24 -34.25 -21.60
C GLY C 331 -15.85 -35.32 -20.60
N SER C 332 -16.76 -36.22 -20.24
CA SER C 332 -16.42 -37.23 -19.24
C SER C 332 -15.95 -38.53 -19.86
N GLY C 333 -16.68 -39.07 -20.82
CA GLY C 333 -16.32 -40.33 -21.45
C GLY C 333 -17.53 -41.10 -21.94
N ARG C 334 -17.24 -42.09 -22.78
CA ARG C 334 -18.13 -43.21 -23.14
C ARG C 334 -19.43 -42.71 -23.77
N ALA C 335 -20.59 -42.90 -23.13
CA ALA C 335 -21.86 -42.63 -23.79
C ALA C 335 -22.14 -41.13 -23.94
N SER C 336 -21.70 -40.31 -22.97
CA SER C 336 -21.95 -38.88 -23.06
C SER C 336 -21.20 -38.24 -24.23
N ASP C 337 -19.96 -38.68 -24.46
CA ASP C 337 -19.21 -38.13 -25.58
C ASP C 337 -19.73 -38.61 -26.93
N ILE C 338 -20.26 -39.84 -27.01
CA ILE C 338 -20.78 -40.26 -28.32
C ILE C 338 -22.14 -39.63 -28.59
N LEU C 339 -22.93 -39.36 -27.54
CA LEU C 339 -24.15 -38.57 -27.74
C LEU C 339 -23.83 -37.12 -28.11
N ALA C 340 -22.78 -36.54 -27.51
CA ALA C 340 -22.37 -35.20 -27.90
C ALA C 340 -21.82 -35.16 -29.32
N PHE C 341 -21.12 -36.23 -29.72
CA PHE C 341 -20.59 -36.33 -31.09
C PHE C 341 -21.71 -36.45 -32.11
N GLY C 342 -22.74 -37.24 -31.79
CA GLY C 342 -23.91 -37.30 -32.65
C GLY C 342 -24.81 -36.08 -32.54
N HIS C 343 -24.62 -35.27 -31.51
CA HIS C 343 -25.49 -34.13 -31.26
C HIS C 343 -24.99 -32.82 -31.86
N LYS C 344 -23.69 -32.53 -31.78
CA LYS C 344 -23.25 -31.23 -32.28
C LYS C 344 -23.22 -31.18 -33.80
N TYR C 345 -23.09 -32.33 -34.45
CA TYR C 345 -23.23 -32.45 -35.90
C TYR C 345 -24.47 -33.29 -36.15
N SER C 346 -25.63 -32.62 -36.18
CA SER C 346 -26.92 -33.30 -36.27
C SER C 346 -27.85 -32.73 -37.33
N GLU C 347 -27.64 -31.48 -37.76
CA GLU C 347 -28.45 -30.75 -38.74
C GLU C 347 -29.92 -30.69 -38.34
N GLU C 348 -30.80 -31.21 -39.20
CA GLU C 348 -32.23 -31.17 -38.95
C GLU C 348 -32.69 -32.50 -38.33
N GLY C 349 -32.25 -32.72 -37.10
CA GLY C 349 -32.65 -33.89 -36.35
C GLY C 349 -31.98 -35.18 -36.79
N GLY C 350 -32.72 -36.04 -37.48
CA GLY C 350 -32.22 -37.32 -37.91
C GLY C 350 -31.45 -37.34 -39.21
N LEU C 351 -31.22 -36.18 -39.83
CA LEU C 351 -30.51 -36.11 -41.11
C LEU C 351 -29.01 -36.12 -40.83
N ILE C 352 -28.46 -37.34 -40.74
CA ILE C 352 -27.05 -37.54 -40.41
C ILE C 352 -26.41 -38.36 -41.53
N ASN C 353 -25.26 -37.91 -42.02
CA ASN C 353 -24.57 -38.58 -43.10
C ASN C 353 -23.59 -39.61 -42.53
N GLU C 354 -22.71 -40.14 -43.38
CA GLU C 354 -22.02 -41.39 -43.09
C GLU C 354 -20.61 -41.25 -42.56
N SER C 355 -19.92 -40.13 -42.82
CA SER C 355 -18.53 -40.00 -42.40
C SER C 355 -18.41 -39.87 -40.88
N LEU C 356 -19.23 -39.02 -40.26
CA LEU C 356 -19.27 -38.98 -38.81
C LEU C 356 -19.88 -40.24 -38.22
N ARG C 357 -20.71 -40.95 -39.00
CA ARG C 357 -21.21 -42.25 -38.55
C ARG C 357 -20.08 -43.27 -38.45
N ASP C 358 -19.17 -43.30 -39.43
CA ASP C 358 -18.02 -44.19 -39.35
C ASP C 358 -17.05 -43.76 -38.25
N GLN C 359 -16.90 -42.44 -38.05
CA GLN C 359 -16.09 -41.96 -36.93
C GLN C 359 -16.70 -42.35 -35.59
N LEU C 360 -18.03 -42.26 -35.48
CA LEU C 360 -18.72 -42.68 -34.26
C LEU C 360 -18.61 -44.18 -34.05
N LEU C 361 -18.64 -44.96 -35.14
CA LEU C 361 -18.49 -46.40 -35.02
C LEU C 361 -17.08 -46.80 -34.58
N VAL C 362 -16.05 -46.09 -35.08
CA VAL C 362 -14.71 -46.45 -34.63
C VAL C 362 -14.45 -45.96 -33.21
N THR C 363 -15.07 -44.85 -32.78
CA THR C 363 -14.95 -44.47 -31.38
C THR C 363 -15.79 -45.35 -30.45
N ILE C 364 -16.90 -45.92 -30.93
CA ILE C 364 -17.62 -46.92 -30.14
C ILE C 364 -16.81 -48.21 -30.05
N GLN C 365 -16.17 -48.63 -31.15
CA GLN C 365 -15.35 -49.82 -31.12
C GLN C 365 -14.04 -49.63 -30.38
N LYS C 366 -13.65 -48.38 -30.08
CA LYS C 366 -12.51 -48.10 -29.23
C LYS C 366 -12.89 -47.95 -27.76
N THR C 367 -13.95 -47.20 -27.45
CA THR C 367 -14.29 -46.94 -26.05
C THR C 367 -15.17 -48.02 -25.47
N PHE C 368 -16.32 -48.30 -26.10
CA PHE C 368 -17.21 -49.38 -25.68
C PHE C 368 -16.71 -50.75 -26.09
N THR C 369 -15.74 -50.82 -27.03
CA THR C 369 -15.24 -52.04 -27.68
C THR C 369 -16.39 -52.91 -28.20
N TYR C 370 -17.36 -52.27 -28.83
CA TYR C 370 -18.54 -52.95 -29.32
C TYR C 370 -18.36 -53.39 -30.77
N THR C 371 -19.22 -54.32 -31.18
CA THR C 371 -19.15 -54.94 -32.49
C THR C 371 -20.01 -54.16 -33.49
N ARG C 372 -20.26 -54.76 -34.66
CA ARG C 372 -20.98 -54.09 -35.74
C ARG C 372 -22.49 -54.18 -35.60
N THR C 373 -23.03 -55.40 -35.46
CA THR C 373 -24.48 -55.55 -35.40
C THR C 373 -25.06 -55.13 -34.06
N GLN C 374 -24.26 -55.21 -32.99
CA GLN C 374 -24.68 -54.65 -31.71
C GLN C 374 -24.81 -53.14 -31.79
N ALA C 375 -23.84 -52.48 -32.42
CA ALA C 375 -23.94 -51.06 -32.69
C ALA C 375 -25.06 -50.75 -33.68
N GLN C 376 -25.42 -51.71 -34.54
CA GLN C 376 -26.51 -51.50 -35.47
C GLN C 376 -27.87 -51.46 -34.75
N HIS C 377 -28.11 -52.41 -33.83
CA HIS C 377 -29.40 -52.35 -33.14
C HIS C 377 -29.43 -51.24 -32.10
N LEU C 378 -28.28 -50.92 -31.48
CA LEU C 378 -28.23 -49.73 -30.65
C LEU C 378 -28.32 -48.44 -31.45
N PHE C 379 -27.96 -48.47 -32.75
CA PHE C 379 -28.19 -47.33 -33.61
C PHE C 379 -29.66 -47.19 -33.98
N ILE C 380 -30.38 -48.31 -34.06
CA ILE C 380 -31.83 -48.27 -34.20
C ILE C 380 -32.46 -47.62 -32.96
N ILE C 381 -32.00 -48.02 -31.78
CA ILE C 381 -32.43 -47.39 -30.52
C ILE C 381 -32.06 -45.91 -30.49
N LEU C 382 -30.86 -45.55 -30.98
CA LEU C 382 -30.44 -44.16 -30.99
C LEU C 382 -31.21 -43.33 -32.01
N MET C 383 -31.65 -43.94 -33.12
CA MET C 383 -32.52 -43.24 -34.05
C MET C 383 -33.89 -43.00 -33.43
N GLU C 384 -34.39 -43.97 -32.66
CA GLU C 384 -35.62 -43.75 -31.89
C GLU C 384 -35.45 -42.67 -30.83
N CYS C 385 -34.24 -42.54 -30.28
CA CYS C 385 -33.96 -41.44 -29.36
C CYS C 385 -33.93 -40.10 -30.09
N MET C 386 -33.22 -40.04 -31.21
CA MET C 386 -33.02 -38.80 -31.96
C MET C 386 -34.24 -38.36 -32.75
N LYS C 387 -35.27 -39.22 -32.85
CA LYS C 387 -36.56 -38.77 -33.36
C LYS C 387 -37.14 -37.67 -32.48
N LYS C 388 -37.05 -37.83 -31.16
CA LYS C 388 -37.41 -36.76 -30.23
C LYS C 388 -36.14 -36.03 -29.78
N LYS C 389 -35.56 -35.27 -30.72
CA LYS C 389 -34.35 -34.51 -30.42
C LYS C 389 -34.64 -33.22 -29.66
N GLU C 390 -35.90 -32.77 -29.64
CA GLU C 390 -36.23 -31.53 -28.95
C GLU C 390 -36.29 -31.70 -27.43
N LEU C 391 -36.69 -32.88 -26.94
CA LEU C 391 -36.75 -33.10 -25.50
C LEU C 391 -35.37 -33.30 -24.88
N ILE C 392 -34.46 -33.95 -25.59
CA ILE C 392 -33.08 -34.07 -25.12
C ILE C 392 -32.39 -32.72 -25.30
N THR C 393 -31.60 -32.33 -24.31
CA THR C 393 -30.74 -31.17 -24.41
C THR C 393 -29.31 -31.56 -24.00
N VAL C 394 -28.34 -30.90 -24.62
CA VAL C 394 -26.95 -31.31 -24.53
C VAL C 394 -26.20 -30.18 -23.85
N PHE C 395 -25.97 -30.32 -22.55
CA PHE C 395 -25.04 -29.44 -21.86
C PHE C 395 -23.63 -29.70 -22.35
N ARG C 396 -23.05 -28.73 -23.05
CA ARG C 396 -21.68 -28.82 -23.51
C ARG C 396 -20.80 -27.95 -22.64
N MET C 397 -19.62 -28.44 -22.31
CA MET C 397 -18.71 -27.71 -21.44
C MET C 397 -18.15 -26.54 -22.22
N GLY C 398 -18.29 -25.33 -21.67
CA GLY C 398 -17.89 -24.12 -22.36
C GLY C 398 -18.95 -23.65 -23.34
N GLN C 403 -21.52 -20.33 -16.56
CA GLN C 403 -22.24 -21.47 -17.10
C GLN C 403 -21.95 -22.74 -16.29
N ASP C 404 -23.01 -23.50 -16.01
CA ASP C 404 -22.89 -24.73 -15.24
C ASP C 404 -24.07 -25.63 -15.60
N ILE C 405 -24.28 -26.67 -14.79
CA ILE C 405 -25.45 -27.54 -14.90
C ILE C 405 -26.68 -26.86 -14.29
N ASP C 406 -26.50 -25.69 -13.65
CA ASP C 406 -27.62 -24.84 -13.29
C ASP C 406 -28.46 -24.47 -14.51
N LEU C 407 -27.81 -23.93 -15.54
CA LEU C 407 -28.56 -23.55 -16.72
C LEU C 407 -29.02 -24.76 -17.52
N ALA C 408 -28.30 -25.88 -17.42
CA ALA C 408 -28.72 -27.10 -18.13
C ALA C 408 -30.03 -27.65 -17.57
N ILE C 409 -30.07 -27.86 -16.24
CA ILE C 409 -31.27 -28.38 -15.59
C ILE C 409 -32.41 -27.38 -15.69
N LEU C 410 -32.12 -26.09 -15.52
CA LEU C 410 -33.21 -25.12 -15.55
C LEU C 410 -33.71 -24.85 -16.98
N THR C 411 -32.84 -24.95 -17.99
CA THR C 411 -33.27 -24.90 -19.38
C THR C 411 -34.13 -26.11 -19.74
N ALA C 412 -33.73 -27.30 -19.31
CA ALA C 412 -34.56 -28.48 -19.54
C ALA C 412 -35.88 -28.38 -18.78
N LEU C 413 -35.87 -27.74 -17.62
CA LEU C 413 -37.10 -27.47 -16.87
C LEU C 413 -38.02 -26.52 -17.63
N LEU C 414 -37.46 -25.49 -18.25
CA LEU C 414 -38.27 -24.55 -19.04
C LEU C 414 -38.81 -25.22 -20.29
N LYS C 415 -38.02 -26.10 -20.92
CA LYS C 415 -38.44 -26.75 -22.16
C LYS C 415 -39.50 -27.81 -21.89
N GLY C 416 -39.32 -28.63 -20.86
CA GLY C 416 -40.29 -29.67 -20.56
C GLY C 416 -41.32 -29.26 -19.54
N ALA C 417 -41.79 -28.02 -19.62
CA ALA C 417 -42.77 -27.50 -18.69
C ALA C 417 -44.20 -27.58 -19.21
N ASN C 418 -44.37 -27.39 -20.52
CA ASN C 418 -45.68 -27.31 -21.19
C ASN C 418 -46.57 -26.24 -20.54
N ALA C 419 -46.04 -25.02 -20.50
CA ALA C 419 -46.72 -23.90 -19.85
C ALA C 419 -46.54 -22.66 -20.70
N SER C 420 -47.18 -21.57 -20.28
CA SER C 420 -47.10 -20.30 -20.97
C SER C 420 -45.92 -19.50 -20.43
N ALA C 421 -45.36 -18.65 -21.28
CA ALA C 421 -44.21 -17.80 -20.99
C ALA C 421 -44.38 -16.84 -19.81
N PRO C 422 -45.62 -16.27 -19.51
CA PRO C 422 -45.82 -15.58 -18.22
C PRO C 422 -45.40 -16.36 -16.98
N ASP C 423 -45.92 -17.58 -16.87
CA ASP C 423 -45.62 -18.43 -15.72
C ASP C 423 -44.16 -18.89 -15.76
N GLN C 424 -43.61 -19.05 -16.96
CA GLN C 424 -42.20 -19.39 -17.13
C GLN C 424 -41.30 -18.26 -16.62
N LEU C 425 -41.70 -17.02 -16.88
CA LEU C 425 -41.01 -15.87 -16.26
C LEU C 425 -41.21 -15.83 -14.76
N SER C 426 -42.41 -16.21 -14.28
CA SER C 426 -42.72 -16.13 -12.85
C SER C 426 -41.83 -17.06 -12.03
N LEU C 427 -41.63 -18.29 -12.53
CA LEU C 427 -40.67 -19.18 -11.90
C LEU C 427 -39.24 -18.65 -11.99
N ALA C 428 -38.90 -17.94 -13.06
CA ALA C 428 -37.58 -17.34 -13.18
C ALA C 428 -37.36 -16.26 -12.12
N LEU C 429 -38.40 -15.45 -11.87
CA LEU C 429 -38.34 -14.48 -10.76
C LEU C 429 -38.24 -15.20 -9.43
N ALA C 430 -38.89 -16.36 -9.31
CA ALA C 430 -38.78 -17.16 -8.08
C ALA C 430 -37.35 -17.66 -7.84
N TRP C 431 -36.62 -18.02 -8.89
CA TRP C 431 -35.27 -18.53 -8.68
C TRP C 431 -34.16 -17.49 -8.81
N ASN C 432 -34.49 -16.22 -9.06
CA ASN C 432 -33.57 -15.07 -9.30
C ASN C 432 -32.73 -15.19 -10.56
N ARG C 433 -32.92 -16.20 -11.40
CA ARG C 433 -31.99 -16.48 -12.49
C ARG C 433 -32.41 -15.81 -13.79
N VAL C 434 -31.91 -14.59 -14.00
CA VAL C 434 -32.28 -13.82 -15.23
C VAL C 434 -31.53 -14.42 -16.43
N ASP C 435 -30.48 -15.18 -16.17
CA ASP C 435 -29.67 -15.78 -17.27
C ASP C 435 -30.56 -16.72 -18.09
N ILE C 436 -31.30 -17.60 -17.42
CA ILE C 436 -32.14 -18.60 -18.15
C ILE C 436 -33.29 -17.87 -18.86
N ALA C 437 -33.74 -16.74 -18.30
CA ALA C 437 -34.83 -15.99 -18.93
C ALA C 437 -34.37 -15.35 -20.24
N ARG C 438 -33.15 -14.82 -20.24
CA ARG C 438 -32.55 -14.30 -21.47
C ARG C 438 -32.33 -15.40 -22.49
N SER C 439 -31.76 -16.52 -22.05
CA SER C 439 -31.31 -17.55 -22.98
C SER C 439 -32.48 -18.36 -23.55
N GLN C 440 -33.51 -18.65 -22.75
CA GLN C 440 -34.60 -19.50 -23.24
C GLN C 440 -35.95 -18.80 -23.24
N ILE C 441 -36.39 -18.21 -22.12
CA ILE C 441 -37.81 -17.91 -21.88
C ILE C 441 -38.30 -16.79 -22.79
N PHE C 442 -37.50 -15.74 -22.96
CA PHE C 442 -37.66 -14.82 -24.08
C PHE C 442 -37.16 -15.54 -25.34
N ILE C 443 -38.09 -16.27 -25.96
CA ILE C 443 -37.78 -17.18 -27.06
C ILE C 443 -38.12 -16.52 -28.38
N TYR C 444 -37.70 -17.14 -29.47
CA TYR C 444 -38.06 -16.65 -30.79
C TYR C 444 -39.33 -17.34 -31.27
N GLY C 445 -40.26 -16.54 -31.79
CA GLY C 445 -41.61 -16.99 -32.07
C GLY C 445 -42.38 -17.28 -30.80
N GLN C 446 -42.04 -16.59 -29.72
CA GLN C 446 -42.64 -16.84 -28.42
C GLN C 446 -43.90 -15.99 -28.27
N GLN C 447 -44.99 -16.62 -27.87
CA GLN C 447 -46.24 -15.92 -27.64
C GLN C 447 -46.16 -15.08 -26.37
N TRP C 448 -46.78 -13.90 -26.41
CA TRP C 448 -46.93 -13.04 -25.22
C TRP C 448 -48.37 -12.57 -25.12
N PRO C 449 -49.09 -12.98 -24.06
CA PRO C 449 -50.46 -12.49 -23.85
C PRO C 449 -50.52 -11.00 -23.59
N VAL C 450 -51.63 -10.37 -23.98
CA VAL C 450 -51.87 -8.96 -23.70
C VAL C 450 -52.05 -8.76 -22.20
N GLY C 451 -51.15 -7.99 -21.59
CA GLY C 451 -51.16 -7.77 -20.16
C GLY C 451 -50.19 -8.62 -19.39
N SER C 452 -49.48 -9.55 -20.04
CA SER C 452 -48.56 -10.43 -19.34
C SER C 452 -47.30 -9.69 -18.89
N LEU C 453 -46.72 -8.90 -19.80
CA LEU C 453 -45.45 -8.24 -19.50
C LEU C 453 -45.62 -7.12 -18.50
N GLU C 454 -46.79 -6.48 -18.46
CA GLU C 454 -47.04 -5.43 -17.49
C GLU C 454 -47.20 -5.99 -16.08
N GLN C 455 -47.92 -7.11 -15.95
CA GLN C 455 -48.02 -7.75 -14.64
C GLN C 455 -46.70 -8.37 -14.20
N ALA C 456 -45.91 -8.87 -15.16
CA ALA C 456 -44.57 -9.34 -14.85
C ALA C 456 -43.66 -8.18 -14.43
N MET C 457 -43.90 -7.01 -15.01
CA MET C 457 -43.16 -5.81 -14.63
C MET C 457 -43.51 -5.40 -13.20
N LEU C 458 -44.79 -5.50 -12.85
CA LEU C 458 -45.24 -5.24 -11.49
C LEU C 458 -44.59 -6.22 -10.51
N ASP C 459 -44.56 -7.50 -10.89
CA ASP C 459 -43.96 -8.53 -10.03
C ASP C 459 -42.45 -8.34 -9.90
N ALA C 460 -41.80 -7.82 -10.96
CA ALA C 460 -40.38 -7.54 -10.90
C ALA C 460 -40.08 -6.33 -10.01
N LEU C 461 -40.92 -5.28 -10.09
CA LEU C 461 -40.67 -4.08 -9.30
C LEU C 461 -40.97 -4.30 -7.81
N VAL C 462 -42.07 -4.99 -7.49
CA VAL C 462 -42.38 -5.15 -6.08
C VAL C 462 -41.55 -6.23 -5.39
N LEU C 463 -40.77 -6.99 -6.15
CA LEU C 463 -39.87 -7.99 -5.58
C LEU C 463 -38.40 -7.66 -5.83
N ASP C 464 -38.08 -6.36 -6.00
CA ASP C 464 -36.79 -5.69 -6.23
C ASP C 464 -35.77 -6.52 -7.02
N ARG C 465 -36.17 -7.00 -8.18
CA ARG C 465 -35.32 -7.77 -9.08
C ARG C 465 -34.87 -6.84 -10.20
N VAL C 466 -33.80 -6.09 -9.94
CA VAL C 466 -33.35 -5.02 -10.84
C VAL C 466 -32.86 -5.58 -12.18
N ASP C 467 -32.22 -6.74 -12.17
CA ASP C 467 -31.77 -7.36 -13.41
C ASP C 467 -32.91 -7.89 -14.28
N PHE C 468 -34.00 -8.32 -13.64
CA PHE C 468 -35.19 -8.73 -14.38
C PHE C 468 -35.89 -7.53 -14.98
N VAL C 469 -35.85 -6.40 -14.26
CA VAL C 469 -36.36 -5.13 -14.80
C VAL C 469 -35.55 -4.72 -16.02
N LYS C 470 -34.22 -4.84 -15.93
CA LYS C 470 -33.34 -4.56 -17.07
C LYS C 470 -33.69 -5.42 -18.27
N LEU C 471 -33.87 -6.73 -18.05
CA LEU C 471 -34.16 -7.65 -19.14
C LEU C 471 -35.51 -7.37 -19.77
N LEU C 472 -36.52 -7.06 -18.94
CA LEU C 472 -37.86 -6.86 -19.49
C LEU C 472 -37.98 -5.49 -20.16
N ILE C 473 -37.08 -4.56 -19.84
CA ILE C 473 -37.04 -3.32 -20.61
C ILE C 473 -36.30 -3.54 -21.93
N GLU C 474 -35.31 -4.44 -21.94
CA GLU C 474 -34.60 -4.73 -23.20
C GLU C 474 -35.49 -5.41 -24.24
N ASN C 475 -36.49 -6.14 -23.76
CA ASN C 475 -37.40 -6.88 -24.68
C ASN C 475 -38.47 -5.90 -25.21
N GLY C 476 -38.22 -4.59 -25.08
CA GLY C 476 -39.16 -3.59 -25.63
C GLY C 476 -40.37 -3.37 -24.75
N VAL C 477 -40.20 -2.69 -23.60
CA VAL C 477 -41.36 -2.36 -22.74
C VAL C 477 -41.37 -0.83 -22.53
N SER C 478 -42.46 -0.17 -22.89
CA SER C 478 -42.52 1.32 -22.78
C SER C 478 -42.93 1.72 -21.35
N MET C 479 -42.04 2.41 -20.63
CA MET C 479 -42.36 2.88 -19.26
C MET C 479 -43.60 3.79 -19.33
N HIS C 480 -43.72 4.59 -20.40
CA HIS C 480 -44.84 5.50 -20.51
C HIS C 480 -46.15 4.73 -20.49
N ARG C 481 -46.18 3.61 -21.21
CA ARG C 481 -47.38 2.75 -21.27
C ARG C 481 -47.62 2.02 -19.95
N PHE C 482 -46.56 1.54 -19.30
CA PHE C 482 -46.74 0.73 -18.10
C PHE C 482 -47.20 1.56 -16.92
N LEU C 483 -46.68 2.78 -16.77
CA LEU C 483 -47.15 3.65 -15.70
C LEU C 483 -48.57 4.14 -15.93
N THR C 484 -49.34 4.06 -14.86
CA THR C 484 -50.74 4.44 -14.76
C THR C 484 -50.91 4.73 -13.27
N ILE C 485 -51.88 5.59 -12.94
CA ILE C 485 -52.20 6.01 -11.58
C ILE C 485 -52.47 4.79 -10.71
N SER C 486 -53.29 3.87 -11.22
CA SER C 486 -53.59 2.63 -10.46
C SER C 486 -52.31 1.82 -10.27
N ARG C 487 -51.50 1.69 -11.32
CA ARG C 487 -50.25 0.88 -11.23
C ARG C 487 -49.38 1.39 -10.08
N LEU C 488 -49.02 2.67 -10.08
CA LEU C 488 -48.15 3.20 -9.05
C LEU C 488 -48.84 3.25 -7.69
N GLU C 489 -50.17 3.34 -7.69
CA GLU C 489 -50.93 3.23 -6.45
C GLU C 489 -50.80 1.84 -5.84
N GLU C 490 -50.86 0.80 -6.68
CA GLU C 490 -50.56 -0.56 -6.22
C GLU C 490 -49.10 -0.69 -5.82
N LEU C 491 -48.20 0.00 -6.53
CA LEU C 491 -46.78 -0.07 -6.25
C LEU C 491 -46.45 0.51 -4.87
N TYR C 492 -47.22 1.49 -4.42
CA TYR C 492 -47.07 1.95 -3.03
C TYR C 492 -47.73 1.01 -2.03
N ASN C 493 -48.81 0.32 -2.41
CA ASN C 493 -49.52 -0.45 -1.38
C ASN C 493 -49.04 -1.89 -1.25
N THR C 494 -48.07 -2.32 -2.05
CA THR C 494 -47.57 -3.70 -1.91
C THR C 494 -46.59 -3.79 -0.75
N ARG C 495 -46.79 -4.80 0.10
CA ARG C 495 -45.96 -5.03 1.28
C ARG C 495 -44.91 -6.10 1.03
N HIS C 496 -44.48 -6.29 -0.22
CA HIS C 496 -43.39 -7.20 -0.55
C HIS C 496 -42.06 -6.47 -0.56
N GLY C 497 -41.01 -7.15 -1.01
CA GLY C 497 -39.70 -6.56 -1.12
C GLY C 497 -38.99 -6.39 0.21
N PRO C 498 -38.12 -5.39 0.31
CA PRO C 498 -37.35 -5.21 1.55
C PRO C 498 -38.12 -4.45 2.60
N SER C 499 -37.47 -4.20 3.74
CA SER C 499 -38.09 -3.45 4.83
C SER C 499 -37.82 -1.97 4.63
N ASN C 500 -38.88 -1.18 4.70
CA ASN C 500 -38.81 0.25 4.45
C ASN C 500 -39.36 0.99 5.66
N THR C 501 -39.52 2.31 5.52
CA THR C 501 -40.03 3.13 6.61
C THR C 501 -41.27 3.92 6.24
N LEU C 502 -41.82 3.76 5.03
CA LEU C 502 -42.88 4.62 4.50
C LEU C 502 -44.18 4.55 5.32
N TYR C 503 -44.40 3.42 6.01
CA TYR C 503 -45.62 3.25 6.78
C TYR C 503 -45.69 4.24 7.93
N HIS C 504 -44.65 4.30 8.75
CA HIS C 504 -44.73 5.14 9.95
C HIS C 504 -44.58 6.60 9.58
N LEU C 505 -43.87 6.89 8.49
CA LEU C 505 -43.83 8.24 7.93
C LEU C 505 -45.20 8.72 7.48
N VAL C 506 -45.98 7.87 6.80
CA VAL C 506 -47.29 8.35 6.38
C VAL C 506 -48.24 8.39 7.58
N ARG C 507 -47.95 7.61 8.63
CA ARG C 507 -48.66 7.79 9.91
C ARG C 507 -48.35 9.14 10.54
N ASP C 508 -47.09 9.58 10.54
CA ASP C 508 -46.77 10.90 11.11
C ASP C 508 -47.34 12.02 10.25
N VAL C 509 -47.36 11.85 8.94
CA VAL C 509 -47.96 12.86 8.06
C VAL C 509 -49.47 12.92 8.27
N LYS C 510 -50.11 11.77 8.49
CA LYS C 510 -51.53 11.77 8.86
C LYS C 510 -51.75 12.36 10.25
N LYS C 511 -50.75 12.27 11.13
CA LYS C 511 -50.86 12.88 12.44
C LYS C 511 -50.76 14.40 12.36
N ARG C 512 -49.90 14.92 11.50
CA ARG C 512 -49.90 16.36 11.25
C ARG C 512 -51.15 16.79 10.50
N GLU C 513 -51.73 15.88 9.70
CA GLU C 513 -52.97 16.18 8.99
C GLU C 513 -54.18 16.16 9.92
N TYR C 514 -54.04 15.56 11.10
CA TYR C 514 -55.14 15.49 12.05
C TYR C 514 -55.20 16.73 12.93
N PRO C 527 -55.92 2.34 13.02
CA PRO C 527 -56.30 1.58 11.84
C PRO C 527 -55.10 0.99 11.09
N PRO C 528 -55.33 -0.02 10.25
CA PRO C 528 -54.25 -0.45 9.34
C PRO C 528 -53.83 0.62 8.36
N ASP C 529 -54.77 1.49 7.96
CA ASP C 529 -54.57 2.59 7.01
C ASP C 529 -54.01 2.05 5.69
N TYR C 530 -54.76 1.14 5.09
CA TYR C 530 -54.38 0.58 3.80
C TYR C 530 -54.73 1.55 2.69
N ARG C 531 -54.40 1.18 1.46
CA ARG C 531 -54.52 2.03 0.27
C ARG C 531 -53.77 3.35 0.50
N ILE C 532 -52.44 3.23 0.58
CA ILE C 532 -51.59 4.39 0.76
C ILE C 532 -51.71 5.30 -0.46
N SER C 533 -52.36 6.45 -0.28
CA SER C 533 -52.72 7.34 -1.37
C SER C 533 -51.52 8.18 -1.77
N LEU C 534 -51.47 8.49 -3.07
CA LEU C 534 -50.45 9.36 -3.63
C LEU C 534 -50.53 10.80 -3.11
N ILE C 535 -51.71 11.24 -2.66
CA ILE C 535 -51.82 12.56 -2.04
C ILE C 535 -51.02 12.60 -0.74
N ASP C 536 -51.15 11.55 0.06
CA ASP C 536 -50.38 11.44 1.30
C ASP C 536 -48.89 11.31 1.01
N ILE C 537 -48.52 10.65 -0.09
CA ILE C 537 -47.11 10.56 -0.48
C ILE C 537 -46.57 11.92 -0.91
N GLY C 538 -47.41 12.71 -1.60
CA GLY C 538 -47.07 14.09 -1.91
C GLY C 538 -46.80 14.90 -0.67
N LEU C 539 -47.63 14.68 0.36
CA LEU C 539 -47.41 15.36 1.64
C LEU C 539 -46.18 14.80 2.37
N VAL C 540 -45.82 13.54 2.12
CA VAL C 540 -44.58 12.98 2.66
C VAL C 540 -43.37 13.70 2.06
N ILE C 541 -43.40 13.95 0.75
CA ILE C 541 -42.33 14.73 0.11
C ILE C 541 -42.37 16.20 0.57
N GLU C 542 -43.57 16.71 0.88
CA GLU C 542 -43.69 18.03 1.52
C GLU C 542 -42.94 18.09 2.84
N TYR C 543 -43.11 17.08 3.67
CA TYR C 543 -42.49 17.08 4.99
C TYR C 543 -41.00 16.85 4.87
N LEU C 544 -40.59 15.85 4.08
CA LEU C 544 -39.20 15.39 4.10
C LEU C 544 -38.32 16.27 3.22
N MET C 545 -38.77 16.57 1.99
CA MET C 545 -37.96 17.35 1.06
C MET C 545 -37.82 18.78 1.56
N GLY C 546 -38.85 19.28 2.24
CA GLY C 546 -38.72 20.44 3.10
C GLY C 546 -38.66 21.76 2.38
N GLY C 547 -38.51 22.82 3.18
CA GLY C 547 -38.48 24.18 2.70
C GLY C 547 -39.77 24.60 2.03
N ALA C 548 -39.69 24.82 0.72
CA ALA C 548 -40.86 25.17 -0.07
C ALA C 548 -41.07 24.25 -1.26
N TYR C 549 -40.69 22.98 -1.11
CA TYR C 549 -40.89 21.99 -2.22
C TYR C 549 -42.39 21.66 -2.35
N ARG C 550 -43.10 22.34 -3.25
CA ARG C 550 -44.53 22.00 -3.51
C ARG C 550 -44.54 20.90 -4.59
N CYS C 551 -44.93 19.67 -4.24
CA CYS C 551 -44.81 18.58 -5.20
C CYS C 551 -46.02 18.49 -6.12
N ASN C 552 -45.79 17.91 -7.31
CA ASN C 552 -46.83 17.75 -8.33
C ASN C 552 -47.94 16.81 -7.86
N TYR C 553 -47.63 15.88 -6.95
CA TYR C 553 -48.65 14.96 -6.42
C TYR C 553 -49.73 15.69 -5.63
N THR C 554 -49.38 16.84 -5.04
CA THR C 554 -50.35 17.57 -4.20
C THR C 554 -50.66 18.89 -4.85
N ARG C 555 -51.36 18.86 -5.99
CA ARG C 555 -51.76 20.11 -6.69
C ARG C 555 -53.28 20.06 -6.92
N LYS C 556 -54.00 21.11 -6.52
CA LYS C 556 -55.47 21.16 -6.74
C LYS C 556 -55.78 20.47 -8.08
N ARG C 557 -55.05 20.84 -9.14
CA ARG C 557 -55.24 20.19 -10.44
C ARG C 557 -55.23 18.67 -10.38
N PHE C 558 -54.13 18.12 -9.88
CA PHE C 558 -54.01 16.67 -9.92
C PHE C 558 -54.77 16.05 -8.75
N ARG C 559 -55.16 16.88 -7.77
CA ARG C 559 -56.15 16.45 -6.78
C ARG C 559 -57.51 16.23 -7.42
N THR C 560 -57.93 17.11 -8.35
CA THR C 560 -59.22 16.87 -9.01
C THR C 560 -59.12 15.72 -10.01
N LEU C 561 -57.94 15.51 -10.62
CA LEU C 561 -57.78 14.31 -11.44
C LEU C 561 -57.81 13.03 -10.58
N TYR C 562 -57.27 13.09 -9.37
CA TYR C 562 -57.43 11.98 -8.43
C TYR C 562 -58.89 11.84 -8.00
N HIS C 563 -59.60 12.96 -7.91
CA HIS C 563 -60.97 12.96 -7.42
C HIS C 563 -61.92 12.36 -8.45
N ASN C 564 -61.57 12.54 -9.74
CA ASN C 564 -62.40 11.96 -10.83
C ASN C 564 -62.44 10.43 -10.65
N LEU C 565 -61.27 9.78 -10.72
CA LEU C 565 -61.22 8.30 -10.58
C LEU C 565 -61.55 7.90 -9.15
N PHE C 566 -60.97 8.58 -8.16
CA PHE C 566 -61.19 8.25 -6.72
C PHE C 566 -61.49 6.75 -6.59
N GLU C 607 -52.74 7.55 -22.04
CA GLU C 607 -51.94 8.76 -22.04
C GLU C 607 -52.57 9.82 -21.14
N ILE C 608 -53.85 9.63 -20.84
CA ILE C 608 -54.58 10.59 -20.01
C ILE C 608 -54.12 10.52 -18.56
N ASN C 609 -53.97 9.30 -18.03
CA ASN C 609 -53.50 9.09 -16.66
C ASN C 609 -52.13 8.42 -16.67
N HIS C 610 -51.30 8.77 -17.64
CA HIS C 610 -49.95 8.24 -17.81
C HIS C 610 -48.98 9.40 -17.59
N PHE C 611 -48.00 9.18 -16.72
CA PHE C 611 -47.03 10.22 -16.39
C PHE C 611 -46.15 10.52 -17.58
N PRO C 612 -45.97 11.80 -17.96
CA PRO C 612 -45.13 12.17 -19.10
C PRO C 612 -43.66 11.81 -18.91
N PHE C 613 -43.18 11.88 -17.68
CA PHE C 613 -41.79 11.53 -17.40
C PHE C 613 -41.77 10.51 -16.27
N PRO C 614 -42.00 9.22 -16.56
CA PRO C 614 -42.26 8.24 -15.48
C PRO C 614 -41.09 7.98 -14.55
N PHE C 615 -39.87 8.00 -15.09
CA PHE C 615 -38.66 7.50 -14.42
C PHE C 615 -38.37 8.28 -13.15
N HIS C 616 -38.75 9.56 -13.15
CA HIS C 616 -38.67 10.45 -12.01
C HIS C 616 -39.48 9.92 -10.82
N GLU C 617 -40.75 9.61 -11.08
CA GLU C 617 -41.64 9.10 -10.04
C GLU C 617 -41.21 7.71 -9.58
N LEU C 618 -40.67 6.89 -10.51
CA LEU C 618 -40.11 5.60 -10.10
C LEU C 618 -38.90 5.76 -9.19
N MET C 619 -38.08 6.79 -9.42
CA MET C 619 -37.03 7.12 -8.46
C MET C 619 -37.62 7.51 -7.10
N VAL C 620 -38.70 8.31 -7.12
CA VAL C 620 -39.33 8.75 -5.87
C VAL C 620 -39.81 7.54 -5.06
N TRP C 621 -40.46 6.59 -5.75
CA TRP C 621 -40.85 5.32 -5.15
C TRP C 621 -39.66 4.53 -4.58
N ALA C 622 -38.59 4.39 -5.38
CA ALA C 622 -37.47 3.54 -4.99
C ALA C 622 -36.69 4.13 -3.82
N VAL C 623 -36.52 5.46 -3.80
CA VAL C 623 -35.84 6.12 -2.69
C VAL C 623 -36.70 6.07 -1.43
N LEU C 624 -38.03 6.20 -1.57
CA LEU C 624 -38.89 6.11 -0.39
C LEU C 624 -38.87 4.72 0.24
N MET C 625 -38.81 3.67 -0.58
CA MET C 625 -38.87 2.32 -0.05
C MET C 625 -37.55 1.54 -0.10
N LYS C 626 -36.37 2.15 0.15
CA LYS C 626 -35.13 1.42 0.47
C LYS C 626 -34.56 0.64 -0.74
N ARG C 627 -35.14 0.81 -1.93
CA ARG C 627 -34.71 0.06 -3.12
C ARG C 627 -33.55 0.79 -3.80
N GLN C 628 -32.34 0.59 -3.27
CA GLN C 628 -31.18 1.36 -3.73
C GLN C 628 -30.70 1.06 -5.14
N LYS C 629 -30.35 -0.21 -5.42
CA LYS C 629 -29.81 -0.60 -6.73
C LYS C 629 -30.84 -0.33 -7.82
N MET C 630 -32.10 -0.52 -7.47
CA MET C 630 -33.22 -0.23 -8.36
C MET C 630 -33.26 1.27 -8.65
N ALA C 631 -33.02 2.10 -7.63
CA ALA C 631 -33.02 3.56 -7.79
C ALA C 631 -31.87 4.02 -8.68
N LEU C 632 -30.67 3.48 -8.49
CA LEU C 632 -29.57 3.83 -9.38
C LEU C 632 -29.79 3.36 -10.81
N PHE C 633 -30.49 2.23 -11.00
CA PHE C 633 -30.87 1.84 -12.35
C PHE C 633 -31.83 2.86 -12.95
N PHE C 634 -32.77 3.36 -12.15
CA PHE C 634 -33.69 4.36 -12.69
C PHE C 634 -32.98 5.68 -12.92
N TRP C 635 -31.88 5.90 -12.19
CA TRP C 635 -31.12 7.14 -12.35
C TRP C 635 -30.35 7.08 -13.65
N GLN C 636 -29.90 5.88 -14.03
CA GLN C 636 -29.32 5.64 -15.35
C GLN C 636 -30.26 6.04 -16.48
N HIS C 637 -31.50 5.61 -16.40
CA HIS C 637 -32.44 5.85 -17.49
C HIS C 637 -33.14 7.19 -17.31
N GLY C 638 -33.83 7.62 -18.35
CA GLY C 638 -34.50 8.90 -18.32
C GLY C 638 -33.54 10.06 -18.46
N GLU C 639 -34.06 11.24 -18.13
CA GLU C 639 -33.36 12.51 -18.26
C GLU C 639 -33.45 13.27 -16.95
N GLU C 640 -32.79 14.44 -16.90
CA GLU C 640 -32.68 15.31 -15.74
C GLU C 640 -32.09 14.58 -14.53
N ALA C 641 -30.95 13.94 -14.79
CA ALA C 641 -30.29 13.09 -13.79
C ALA C 641 -29.78 13.89 -12.60
N MET C 642 -29.30 15.11 -12.84
CA MET C 642 -28.75 15.96 -11.78
C MET C 642 -29.79 16.32 -10.72
N ALA C 643 -30.97 16.77 -11.19
CA ALA C 643 -32.07 17.13 -10.31
C ALA C 643 -32.54 15.92 -9.54
N LYS C 644 -32.64 14.77 -10.23
CA LYS C 644 -32.96 13.50 -9.58
C LYS C 644 -32.00 13.14 -8.45
N ALA C 645 -30.70 13.26 -8.72
CA ALA C 645 -29.67 12.92 -7.74
C ALA C 645 -29.74 13.82 -6.53
N LEU C 646 -29.93 15.12 -6.76
CA LEU C 646 -30.02 16.07 -5.64
C LEU C 646 -31.27 15.86 -4.79
N VAL C 647 -32.43 15.63 -5.43
CA VAL C 647 -33.67 15.35 -4.70
C VAL C 647 -33.54 14.06 -3.90
N ALA C 648 -32.96 13.03 -4.51
CA ALA C 648 -32.78 11.76 -3.83
C ALA C 648 -31.82 11.89 -2.65
N CYS C 649 -30.79 12.71 -2.79
CA CYS C 649 -29.87 12.99 -1.70
C CYS C 649 -30.58 13.67 -0.52
N LYS C 650 -31.40 14.69 -0.82
CA LYS C 650 -32.17 15.36 0.22
C LYS C 650 -33.16 14.42 0.91
N LEU C 651 -33.87 13.62 0.12
CA LEU C 651 -34.81 12.65 0.69
C LEU C 651 -34.11 11.61 1.55
N CYS C 652 -32.96 11.13 1.09
CA CYS C 652 -32.21 10.12 1.85
C CYS C 652 -31.71 10.67 3.18
N LYS C 653 -31.19 11.91 3.17
CA LYS C 653 -30.79 12.54 4.42
C LYS C 653 -32.00 12.84 5.31
N ALA C 654 -33.15 13.11 4.69
CA ALA C 654 -34.38 13.34 5.43
C ALA C 654 -34.83 12.08 6.17
N MET C 655 -34.88 10.93 5.48
CA MET C 655 -35.17 9.67 6.17
C MET C 655 -34.11 9.33 7.21
N ALA C 656 -32.85 9.64 6.94
CA ALA C 656 -31.76 9.39 7.89
C ALA C 656 -31.97 10.11 9.22
N HIS C 657 -32.12 11.43 9.18
CA HIS C 657 -32.26 12.19 10.42
C HIS C 657 -33.62 11.97 11.07
N GLU C 658 -34.68 11.86 10.26
CA GLU C 658 -36.01 11.66 10.79
C GLU C 658 -36.13 10.28 11.43
N ALA C 659 -35.42 9.28 10.88
CA ALA C 659 -35.40 7.95 11.47
C ALA C 659 -34.51 7.90 12.69
N SER C 660 -33.50 8.79 12.74
CA SER C 660 -32.74 8.97 13.97
C SER C 660 -33.63 9.48 15.09
N GLU C 661 -34.58 10.37 14.78
CA GLU C 661 -35.53 10.80 15.82
C GLU C 661 -36.68 9.80 15.99
N ASN C 662 -36.85 8.88 15.04
CA ASN C 662 -37.94 7.92 15.09
C ASN C 662 -37.53 6.71 15.92
N ASP C 663 -36.22 6.57 16.16
CA ASP C 663 -35.62 5.63 17.11
C ASP C 663 -35.91 4.17 16.78
N MET C 664 -35.59 3.78 15.55
CA MET C 664 -35.43 2.39 15.18
C MET C 664 -33.98 2.00 15.42
N VAL C 665 -33.61 0.86 14.82
CA VAL C 665 -32.24 0.37 14.83
C VAL C 665 -31.31 1.41 14.20
N ASP C 666 -30.08 1.51 14.73
CA ASP C 666 -29.13 2.55 14.22
C ASP C 666 -28.61 2.14 12.84
N ASP C 667 -28.75 0.86 12.49
CA ASP C 667 -28.21 0.36 11.20
C ASP C 667 -28.82 1.16 10.04
N ILE C 668 -30.13 1.45 10.10
CA ILE C 668 -30.79 2.14 8.96
C ILE C 668 -30.30 3.59 8.87
N SER C 669 -30.23 4.33 9.99
CA SER C 669 -29.85 5.73 9.87
C SER C 669 -28.43 5.84 9.33
N GLN C 670 -27.56 4.90 9.72
CA GLN C 670 -26.23 4.82 9.13
C GLN C 670 -26.30 4.59 7.62
N GLU C 671 -27.06 3.57 7.21
CA GLU C 671 -27.10 3.21 5.77
C GLU C 671 -27.86 4.32 5.01
N LEU C 672 -28.85 4.95 5.64
CA LEU C 672 -29.56 6.08 5.00
C LEU C 672 -28.54 7.19 4.73
N ASN C 673 -27.68 7.47 5.70
CA ASN C 673 -26.60 8.49 5.49
C ASN C 673 -25.73 8.01 4.33
N HIS C 674 -25.40 6.71 4.30
CA HIS C 674 -24.62 6.17 3.19
C HIS C 674 -25.31 6.39 1.85
N ASN C 675 -26.64 6.24 1.79
CA ASN C 675 -27.40 6.41 0.55
C ASN C 675 -27.33 7.85 0.07
N SER C 676 -27.45 8.80 1.01
CA SER C 676 -27.36 10.20 0.66
C SER C 676 -25.96 10.56 0.18
N ARG C 677 -24.94 9.98 0.83
CA ARG C 677 -23.57 10.16 0.35
C ARG C 677 -23.35 9.60 -1.06
N ASP C 678 -23.92 8.43 -1.36
CA ASP C 678 -23.78 7.88 -2.71
C ASP C 678 -24.48 8.76 -3.75
N PHE C 679 -25.74 9.11 -3.50
CA PHE C 679 -26.49 9.90 -4.49
C PHE C 679 -25.87 11.27 -4.72
N GLY C 680 -25.41 11.91 -3.63
CA GLY C 680 -24.73 13.19 -3.78
C GLY C 680 -23.36 13.08 -4.44
N GLN C 681 -22.63 12.00 -4.16
CA GLN C 681 -21.34 11.78 -4.81
C GLN C 681 -21.50 11.58 -6.30
N LEU C 682 -22.54 10.84 -6.69
CA LEU C 682 -22.83 10.64 -8.14
C LEU C 682 -23.14 12.01 -8.75
N ALA C 683 -23.91 12.83 -8.03
CA ALA C 683 -24.25 14.19 -8.53
C ALA C 683 -22.98 15.00 -8.76
N VAL C 684 -22.08 15.01 -7.77
CA VAL C 684 -20.84 15.78 -7.90
C VAL C 684 -20.02 15.28 -9.08
N GLU C 685 -19.98 13.96 -9.28
CA GLU C 685 -19.21 13.41 -10.40
C GLU C 685 -19.86 13.73 -11.75
N LEU C 686 -21.20 13.77 -11.79
CA LEU C 686 -21.90 14.25 -12.99
C LEU C 686 -21.59 15.72 -13.25
N LEU C 687 -21.53 16.53 -12.18
CA LEU C 687 -21.16 17.93 -12.30
C LEU C 687 -19.75 18.10 -12.84
N ASP C 688 -18.83 17.25 -12.37
CA ASP C 688 -17.44 17.32 -12.80
C ASP C 688 -17.33 16.96 -14.28
N GLN C 689 -18.06 15.93 -14.71
CA GLN C 689 -18.06 15.52 -16.11
C GLN C 689 -18.63 16.62 -17.01
N SER C 690 -19.73 17.23 -16.59
CA SER C 690 -20.32 18.33 -17.36
C SER C 690 -19.43 19.57 -17.34
N TYR C 691 -18.66 19.75 -16.25
CA TYR C 691 -17.76 20.89 -16.17
C TYR C 691 -16.56 20.73 -17.11
N LYS C 692 -15.98 19.54 -17.18
CA LYS C 692 -14.84 19.34 -18.06
C LYS C 692 -15.26 18.89 -19.47
N GLN C 693 -16.55 18.88 -19.77
CA GLN C 693 -17.01 18.75 -21.15
C GLN C 693 -17.23 20.13 -21.78
N ASP C 694 -18.16 20.94 -21.24
CA ASP C 694 -18.43 22.29 -21.75
C ASP C 694 -18.96 23.10 -20.57
N GLU C 695 -18.20 24.12 -20.17
CA GLU C 695 -18.49 24.92 -18.98
C GLU C 695 -19.78 25.72 -19.07
N GLN C 696 -19.99 26.45 -20.17
CA GLN C 696 -21.16 27.32 -20.33
C GLN C 696 -22.45 26.51 -20.35
N LEU C 697 -22.44 25.38 -21.06
CA LEU C 697 -23.65 24.56 -21.11
C LEU C 697 -23.83 23.80 -19.80
N ALA C 698 -22.74 23.63 -19.03
CA ALA C 698 -22.88 23.13 -17.66
C ALA C 698 -23.54 24.18 -16.76
N MET C 699 -23.21 25.46 -16.97
CA MET C 699 -23.91 26.53 -16.25
C MET C 699 -25.38 26.54 -16.61
N LYS C 700 -25.70 26.35 -17.89
CA LYS C 700 -27.09 26.26 -18.33
C LYS C 700 -27.80 25.05 -17.73
N LEU C 701 -27.06 23.94 -17.61
CA LEU C 701 -27.63 22.71 -17.01
C LEU C 701 -27.79 22.91 -15.49
N LEU C 702 -27.05 23.86 -14.92
CA LEU C 702 -27.10 24.08 -13.45
C LEU C 702 -28.09 25.20 -13.10
N THR C 703 -28.51 25.99 -14.10
CA THR C 703 -29.38 27.15 -13.80
C THR C 703 -30.63 27.18 -14.64
N TYR C 704 -31.16 26.03 -15.10
CA TYR C 704 -32.41 26.16 -15.84
C TYR C 704 -33.60 25.84 -14.95
N GLU C 705 -34.78 25.92 -15.55
CA GLU C 705 -36.00 25.84 -14.76
C GLU C 705 -36.48 24.39 -14.71
N LEU C 706 -36.95 23.97 -13.54
CA LEU C 706 -37.09 22.55 -13.18
C LEU C 706 -38.53 22.22 -12.85
N LYS C 707 -39.42 22.51 -13.81
CA LYS C 707 -40.87 22.39 -13.74
C LYS C 707 -41.42 21.13 -13.08
N ASN C 708 -41.04 19.96 -13.58
CA ASN C 708 -41.55 18.72 -12.99
C ASN C 708 -40.97 18.41 -11.61
N TRP C 709 -39.79 18.96 -11.31
CA TRP C 709 -39.20 18.78 -9.96
C TRP C 709 -39.62 19.96 -9.10
N SER C 710 -40.85 20.47 -9.28
CA SER C 710 -41.38 21.60 -8.46
C SER C 710 -40.86 22.96 -8.96
N ASN C 711 -40.69 23.13 -10.27
CA ASN C 711 -40.29 24.45 -10.84
C ASN C 711 -39.20 25.10 -9.99
N ALA C 712 -37.98 24.56 -9.98
CA ALA C 712 -36.91 25.10 -9.12
C ALA C 712 -35.57 25.15 -9.87
N THR C 713 -34.46 25.28 -9.13
CA THR C 713 -33.14 25.29 -9.74
C THR C 713 -32.27 24.34 -8.92
N CYS C 714 -31.28 23.73 -9.59
CA CYS C 714 -30.42 22.70 -9.00
C CYS C 714 -29.65 23.20 -7.78
N LEU C 715 -29.20 24.45 -7.80
CA LEU C 715 -28.52 25.02 -6.63
C LEU C 715 -29.43 25.10 -5.43
N GLN C 716 -30.69 25.47 -5.63
CA GLN C 716 -31.67 25.53 -4.55
C GLN C 716 -31.91 24.15 -3.95
N LEU C 717 -31.98 23.14 -4.82
CA LEU C 717 -32.13 21.76 -4.39
C LEU C 717 -30.90 21.30 -3.61
N ALA C 718 -29.73 21.78 -4.02
CA ALA C 718 -28.48 21.38 -3.38
C ALA C 718 -28.33 22.00 -2.00
N VAL C 719 -28.67 23.29 -1.89
CA VAL C 719 -28.52 23.97 -0.59
C VAL C 719 -29.65 23.58 0.34
N ALA C 720 -30.77 23.11 -0.21
CA ALA C 720 -31.78 22.47 0.62
C ALA C 720 -31.29 21.14 1.17
N ALA C 721 -30.33 20.49 0.51
CA ALA C 721 -29.77 19.24 0.97
C ALA C 721 -28.56 19.43 1.88
N LYS C 722 -28.12 20.67 2.10
CA LYS C 722 -26.85 21.01 2.76
C LYS C 722 -25.68 20.29 2.11
N HIS C 723 -25.72 20.13 0.79
CA HIS C 723 -24.79 19.21 0.15
C HIS C 723 -23.57 19.96 -0.32
N ARG C 724 -22.60 20.06 0.59
CA ARG C 724 -21.52 21.03 0.64
C ARG C 724 -20.64 21.08 -0.60
N ASP C 725 -20.11 19.93 -1.01
CA ASP C 725 -19.11 19.91 -2.07
C ASP C 725 -19.72 20.08 -3.47
N PHE C 726 -21.05 20.04 -3.57
CA PHE C 726 -21.70 20.46 -4.80
C PHE C 726 -21.51 21.96 -5.04
N ILE C 727 -21.62 22.75 -3.97
CA ILE C 727 -21.52 24.20 -4.05
C ILE C 727 -20.04 24.54 -3.95
N ALA C 728 -19.24 23.62 -3.43
CA ALA C 728 -17.81 23.90 -3.31
C ALA C 728 -17.09 23.58 -4.61
N HIS C 729 -17.81 23.05 -5.59
CA HIS C 729 -17.25 22.79 -6.91
C HIS C 729 -17.12 24.12 -7.64
N THR C 730 -16.00 24.30 -8.36
CA THR C 730 -15.62 25.55 -9.02
C THR C 730 -16.65 26.13 -9.98
N CYS C 731 -17.46 25.29 -10.63
CA CYS C 731 -18.52 25.77 -11.52
C CYS C 731 -19.54 26.64 -10.80
N SER C 732 -20.09 26.11 -9.71
CA SER C 732 -21.11 26.82 -8.94
C SER C 732 -20.52 28.05 -8.24
N GLN C 733 -19.27 27.95 -7.77
CA GLN C 733 -18.60 29.12 -7.20
C GLN C 733 -18.33 30.19 -8.26
N MET C 734 -18.02 29.78 -9.49
CA MET C 734 -17.84 30.75 -10.57
C MET C 734 -19.15 31.47 -10.89
N LEU C 735 -20.25 30.71 -10.89
CA LEU C 735 -21.58 31.30 -11.02
C LEU C 735 -21.88 32.26 -9.87
N LEU C 736 -21.52 31.86 -8.66
CA LEU C 736 -21.78 32.71 -7.49
C LEU C 736 -20.91 33.97 -7.50
N THR C 737 -19.70 33.87 -8.06
CA THR C 737 -18.91 35.08 -8.30
C THR C 737 -19.60 36.00 -9.30
N ASP C 738 -20.15 35.41 -10.37
CA ASP C 738 -20.87 36.21 -11.37
C ASP C 738 -22.12 36.86 -10.78
N MET C 739 -22.80 36.16 -9.87
CA MET C 739 -24.02 36.71 -9.29
C MET C 739 -23.70 37.70 -8.16
N TRP C 740 -22.60 37.47 -7.43
CA TRP C 740 -22.10 38.42 -6.45
C TRP C 740 -21.70 39.74 -7.09
N MET C 741 -20.97 39.68 -8.19
CA MET C 741 -20.72 40.96 -8.83
C MET C 741 -21.87 41.44 -9.67
N GLY C 742 -22.96 40.70 -9.82
CA GLY C 742 -24.11 41.21 -10.55
C GLY C 742 -23.87 41.46 -12.02
N ARG C 743 -23.77 42.72 -12.40
CA ARG C 743 -23.79 43.13 -13.79
C ARG C 743 -22.51 43.91 -14.15
N LEU C 744 -21.58 44.00 -13.20
CA LEU C 744 -20.30 44.72 -13.44
C LEU C 744 -19.17 43.72 -13.74
N ARG C 745 -17.98 44.21 -14.11
CA ARG C 745 -16.83 43.31 -14.40
C ARG C 745 -15.54 43.92 -13.80
N MET C 746 -15.55 44.25 -12.51
CA MET C 746 -14.38 44.84 -11.85
C MET C 746 -13.12 43.97 -11.82
N ARG C 747 -13.18 42.83 -11.11
CA ARG C 747 -12.23 41.72 -11.18
C ARG C 747 -10.78 42.13 -10.87
N LYS C 748 -10.65 43.14 -10.00
CA LYS C 748 -9.35 43.60 -9.52
C LYS C 748 -9.50 44.41 -8.25
N ASN C 749 -9.10 43.82 -7.11
CA ASN C 749 -9.17 44.42 -5.77
C ASN C 749 -10.52 45.05 -5.48
N SER C 750 -11.59 44.25 -5.60
CA SER C 750 -12.92 44.77 -5.94
C SER C 750 -13.48 45.70 -4.87
N GLY C 751 -13.33 45.33 -3.60
CA GLY C 751 -13.88 46.04 -2.45
C GLY C 751 -13.49 47.49 -2.32
N LEU C 752 -12.24 47.79 -2.69
CA LEU C 752 -11.75 49.17 -2.71
C LEU C 752 -12.56 50.04 -3.68
N LYS C 753 -12.77 49.55 -4.90
CA LYS C 753 -13.57 50.33 -5.84
C LYS C 753 -15.06 50.27 -5.52
N VAL C 754 -15.51 49.27 -4.76
CA VAL C 754 -16.88 49.32 -4.23
C VAL C 754 -17.03 50.49 -3.25
N ILE C 755 -16.12 50.59 -2.27
CA ILE C 755 -16.27 51.61 -1.24
C ILE C 755 -15.91 52.99 -1.79
N LEU C 756 -15.12 53.04 -2.86
CA LEU C 756 -14.88 54.30 -3.54
C LEU C 756 -15.75 54.47 -4.79
N GLY C 757 -16.76 53.62 -4.97
CA GLY C 757 -17.86 53.93 -5.86
C GLY C 757 -19.04 54.43 -5.05
N ILE C 758 -19.17 53.93 -3.81
CA ILE C 758 -20.17 54.48 -2.90
C ILE C 758 -19.78 55.89 -2.49
N LEU C 759 -18.66 56.03 -1.79
CA LEU C 759 -18.07 57.34 -1.60
C LEU C 759 -17.46 57.81 -2.92
N LEU C 760 -17.42 59.14 -3.11
CA LEU C 760 -17.18 59.80 -4.40
C LEU C 760 -18.09 59.22 -5.48
N PRO C 761 -19.38 59.59 -5.51
CA PRO C 761 -20.34 58.98 -6.48
C PRO C 761 -19.95 59.13 -7.95
N PRO C 762 -19.26 60.25 -8.43
CA PRO C 762 -18.84 60.23 -9.84
C PRO C 762 -17.73 59.25 -10.23
N SER C 763 -17.25 58.41 -9.32
CA SER C 763 -16.22 57.44 -9.63
C SER C 763 -16.78 56.19 -10.31
N ILE C 764 -18.10 56.11 -10.49
CA ILE C 764 -18.70 54.94 -11.13
C ILE C 764 -18.43 54.92 -12.63
N LEU C 765 -18.04 56.06 -13.20
CA LEU C 765 -17.80 56.14 -14.64
C LEU C 765 -16.55 55.39 -15.04
N SER C 766 -15.52 55.40 -14.16
CA SER C 766 -14.30 54.67 -14.46
C SER C 766 -14.50 53.16 -14.31
N LEU C 767 -15.53 52.74 -13.58
CA LEU C 767 -15.78 51.32 -13.39
C LEU C 767 -16.38 50.70 -14.63
N GLU C 768 -15.60 49.83 -15.28
CA GLU C 768 -16.07 49.11 -16.45
C GLU C 768 -17.11 48.06 -16.06
N PHE C 769 -18.18 48.00 -16.85
CA PHE C 769 -19.27 47.06 -16.59
C PHE C 769 -19.39 46.09 -17.76
N LYS C 770 -20.24 45.09 -17.57
CA LYS C 770 -20.38 44.00 -18.53
C LYS C 770 -21.08 44.48 -19.81
N ASN C 771 -21.04 43.64 -20.83
CA ASN C 771 -21.63 43.95 -22.12
C ASN C 771 -22.19 42.74 -22.88
N LEU C 834 -28.05 60.33 -20.62
CA LEU C 834 -28.97 60.29 -19.49
C LEU C 834 -29.56 58.89 -19.28
N ILE C 835 -29.72 58.13 -20.37
CA ILE C 835 -29.90 56.68 -20.29
C ILE C 835 -28.55 55.98 -20.06
N PRO C 836 -27.38 56.35 -20.76
CA PRO C 836 -26.10 55.75 -20.38
C PRO C 836 -25.58 56.12 -19.00
N LEU C 837 -26.27 57.04 -18.31
CA LEU C 837 -26.03 57.28 -16.89
C LEU C 837 -27.12 56.69 -16.00
N GLY C 838 -28.37 56.67 -16.47
CA GLY C 838 -29.47 56.11 -15.71
C GLY C 838 -29.40 54.61 -15.50
N ARG C 839 -29.15 53.87 -16.57
CA ARG C 839 -28.98 52.43 -16.38
C ARG C 839 -27.64 52.13 -15.74
N LYS C 840 -26.66 53.03 -15.89
CA LYS C 840 -25.36 52.92 -15.26
C LYS C 840 -25.48 52.97 -13.73
N ILE C 841 -26.19 53.98 -13.23
CA ILE C 841 -26.40 54.09 -11.78
C ILE C 841 -27.33 52.99 -11.30
N TYR C 842 -28.25 52.53 -12.16
CA TYR C 842 -29.15 51.47 -11.74
C TYR C 842 -28.43 50.13 -11.60
N GLU C 843 -27.50 49.83 -12.52
CA GLU C 843 -26.69 48.63 -12.40
C GLU C 843 -25.75 48.70 -11.21
N PHE C 844 -25.13 49.86 -10.99
CA PHE C 844 -24.23 49.94 -9.85
C PHE C 844 -24.98 50.10 -8.52
N TYR C 845 -26.28 50.39 -8.56
CA TYR C 845 -27.09 50.33 -7.35
C TYR C 845 -27.85 49.02 -7.21
N ASN C 846 -27.70 48.10 -8.16
CA ASN C 846 -28.44 46.83 -8.06
C ASN C 846 -27.57 45.61 -7.76
N ALA C 847 -26.26 45.78 -7.64
CA ALA C 847 -25.38 44.64 -7.41
C ALA C 847 -25.51 44.13 -5.98
N PRO C 848 -25.34 42.83 -5.73
CA PRO C 848 -25.29 42.35 -4.34
C PRO C 848 -24.05 42.81 -3.58
N ILE C 849 -22.93 43.02 -4.26
CA ILE C 849 -21.69 43.43 -3.60
C ILE C 849 -21.81 44.85 -3.04
N VAL C 850 -22.42 45.74 -3.81
CA VAL C 850 -22.54 47.13 -3.37
C VAL C 850 -23.58 47.25 -2.28
N LYS C 851 -24.65 46.43 -2.33
CA LYS C 851 -25.65 46.47 -1.27
C LYS C 851 -25.12 45.82 0.00
N PHE C 852 -24.26 44.81 -0.13
CA PHE C 852 -23.50 44.26 0.99
C PHE C 852 -22.67 45.32 1.70
N TRP C 853 -21.71 45.91 0.96
CA TRP C 853 -20.82 46.91 1.55
C TRP C 853 -21.57 48.14 2.02
N PHE C 854 -22.70 48.44 1.38
CA PHE C 854 -23.41 49.69 1.64
C PHE C 854 -24.30 49.52 2.88
N TYR C 855 -24.86 48.31 3.06
CA TYR C 855 -25.45 47.91 4.33
C TYR C 855 -24.40 47.85 5.45
N THR C 856 -23.16 47.46 5.12
CA THR C 856 -22.11 47.38 6.13
C THR C 856 -21.70 48.77 6.64
N LEU C 857 -21.46 49.71 5.73
CA LEU C 857 -21.20 51.10 6.13
C LEU C 857 -22.38 51.71 6.87
N ALA C 858 -23.61 51.35 6.45
CA ALA C 858 -24.79 51.79 7.18
C ALA C 858 -24.80 51.26 8.61
N TYR C 859 -24.38 50.01 8.78
CA TYR C 859 -24.41 49.40 10.10
C TYR C 859 -23.32 49.99 10.99
N ILE C 860 -22.16 50.29 10.41
CA ILE C 860 -21.11 50.99 11.16
C ILE C 860 -21.56 52.38 11.58
N GLY C 861 -22.22 53.10 10.67
CA GLY C 861 -22.76 54.42 10.98
C GLY C 861 -23.77 54.41 12.10
N TYR C 862 -24.80 53.56 11.97
CA TYR C 862 -25.64 53.16 13.09
C TYR C 862 -24.92 52.87 14.39
N LEU C 863 -23.84 52.10 14.34
CA LEU C 863 -23.27 51.60 15.57
C LEU C 863 -22.52 52.71 16.29
N MET C 864 -21.85 53.58 15.51
CA MET C 864 -21.20 54.78 16.05
C MET C 864 -22.20 55.73 16.70
N LEU C 865 -23.32 56.00 16.01
CA LEU C 865 -24.35 56.88 16.57
C LEU C 865 -24.98 56.30 17.84
N PHE C 866 -25.22 54.99 17.85
CA PHE C 866 -25.76 54.32 19.03
C PHE C 866 -24.79 54.39 20.20
N ASN C 867 -23.49 54.30 19.92
CA ASN C 867 -22.50 54.38 20.99
C ASN C 867 -22.44 55.78 21.58
N TYR C 868 -22.54 56.81 20.71
CA TYR C 868 -22.56 58.17 21.21
C TYR C 868 -23.80 58.42 22.07
N ILE C 869 -24.93 57.78 21.75
CA ILE C 869 -26.09 57.87 22.64
C ILE C 869 -25.85 57.16 23.96
N VAL C 870 -25.28 55.95 23.94
CA VAL C 870 -25.30 55.14 25.16
C VAL C 870 -24.24 55.62 26.14
N LEU C 871 -23.17 56.28 25.67
CA LEU C 871 -22.21 56.86 26.61
C LEU C 871 -22.64 58.25 27.11
N VAL C 872 -22.91 59.17 26.19
CA VAL C 872 -23.22 60.56 26.57
C VAL C 872 -24.61 60.63 27.22
N LYS C 873 -24.74 61.55 28.19
CA LYS C 873 -25.95 61.77 29.00
C LYS C 873 -27.19 61.99 28.12
N MET C 874 -28.34 61.75 28.72
CA MET C 874 -29.60 61.71 28.01
C MET C 874 -30.61 62.60 28.74
N GLU C 875 -31.25 63.50 27.99
CA GLU C 875 -32.18 64.45 28.57
C GLU C 875 -33.57 63.83 28.65
N ARG C 876 -34.60 64.66 28.90
CA ARG C 876 -35.96 64.12 28.91
C ARG C 876 -36.41 63.81 27.48
N TRP C 877 -36.07 64.67 26.53
CA TRP C 877 -36.42 64.29 25.18
C TRP C 877 -35.21 63.73 24.46
N PRO C 878 -35.40 62.73 23.60
CA PRO C 878 -34.27 62.14 22.88
C PRO C 878 -33.66 63.11 21.89
N SER C 879 -32.36 62.94 21.66
CA SER C 879 -31.60 63.77 20.74
C SER C 879 -31.80 63.26 19.31
N THR C 880 -31.26 64.04 18.36
CA THR C 880 -31.39 63.72 16.94
C THR C 880 -30.69 62.41 16.60
N GLN C 881 -29.54 62.17 17.23
CA GLN C 881 -28.76 60.95 17.00
C GLN C 881 -29.55 59.73 17.44
N GLU C 882 -30.18 59.82 18.61
CA GLU C 882 -31.03 58.74 19.10
C GLU C 882 -32.27 58.59 18.22
N TRP C 883 -32.75 59.67 17.62
CA TRP C 883 -33.88 59.57 16.69
C TRP C 883 -33.48 58.79 15.44
N ILE C 884 -32.24 58.96 14.98
CA ILE C 884 -31.72 58.14 13.89
C ILE C 884 -31.66 56.67 14.32
N VAL C 885 -31.28 56.42 15.57
CA VAL C 885 -31.24 55.04 16.10
C VAL C 885 -32.64 54.41 16.14
N ILE C 886 -33.63 55.17 16.63
CA ILE C 886 -35.02 54.71 16.67
C ILE C 886 -35.53 54.43 15.25
N SER C 887 -35.17 55.30 14.31
CA SER C 887 -35.54 55.12 12.91
C SER C 887 -34.98 53.83 12.35
N TYR C 888 -33.72 53.54 12.65
CA TYR C 888 -33.07 52.31 12.20
C TYR C 888 -33.77 51.08 12.72
N ILE C 889 -34.03 51.02 14.04
CA ILE C 889 -34.62 49.81 14.62
C ILE C 889 -36.06 49.62 14.16
N PHE C 890 -36.80 50.72 14.02
CA PHE C 890 -38.19 50.65 13.56
C PHE C 890 -38.26 50.15 12.12
N THR C 891 -37.45 50.73 11.23
CA THR C 891 -37.49 50.29 9.84
C THR C 891 -36.86 48.91 9.67
N LEU C 892 -35.97 48.50 10.58
CA LEU C 892 -35.44 47.14 10.54
C LEU C 892 -36.51 46.13 10.93
N GLY C 893 -37.37 46.51 11.88
CA GLY C 893 -38.55 45.71 12.18
C GLY C 893 -39.49 45.60 11.00
N ILE C 894 -39.67 46.70 10.27
CA ILE C 894 -40.50 46.68 9.05
C ILE C 894 -39.85 45.80 7.98
N GLU C 895 -38.52 45.82 7.88
CA GLU C 895 -37.79 44.94 6.97
C GLU C 895 -37.97 43.46 7.30
N LYS C 896 -37.88 43.11 8.59
CA LYS C 896 -38.10 41.72 9.00
C LYS C 896 -39.54 41.29 8.74
N MET C 897 -40.49 42.21 8.97
CA MET C 897 -41.90 41.92 8.67
C MET C 897 -42.11 41.70 7.17
N ARG C 898 -41.42 42.51 6.33
CA ARG C 898 -41.52 42.37 4.88
C ARG C 898 -41.00 41.02 4.48
N GLU C 899 -39.90 40.58 5.10
CA GLU C 899 -39.28 39.33 4.70
C GLU C 899 -40.12 38.13 5.16
N ILE C 900 -40.84 38.28 6.27
CA ILE C 900 -41.78 37.25 6.69
C ILE C 900 -42.94 37.13 5.70
N LEU C 901 -43.54 38.25 5.29
CA LEU C 901 -44.65 38.15 4.34
C LEU C 901 -44.17 37.79 2.93
N MET C 902 -42.91 38.01 2.62
CA MET C 902 -42.40 37.56 1.32
C MET C 902 -41.77 36.17 1.37
N SER C 903 -42.06 35.37 2.39
CA SER C 903 -41.59 33.99 2.44
C SER C 903 -42.29 33.14 1.38
N GLU C 904 -41.59 32.11 0.90
CA GLU C 904 -42.11 31.32 -0.22
C GLU C 904 -43.26 30.38 0.16
N PRO C 905 -43.27 29.69 1.37
CA PRO C 905 -44.50 28.98 1.76
C PRO C 905 -45.73 29.87 1.92
N GLY C 906 -46.89 29.37 1.53
CA GLY C 906 -48.13 30.12 1.60
C GLY C 906 -48.79 30.19 2.96
N LYS C 907 -48.53 29.22 3.84
CA LYS C 907 -49.12 29.24 5.19
C LYS C 907 -48.27 30.18 6.04
N LEU C 908 -48.95 31.03 6.82
CA LEU C 908 -48.26 32.02 7.65
C LEU C 908 -47.44 31.40 8.77
N LEU C 909 -47.94 30.29 9.33
CA LEU C 909 -47.16 29.54 10.32
C LEU C 909 -45.91 28.95 9.69
N GLN C 910 -46.01 28.49 8.45
CA GLN C 910 -44.83 28.04 7.71
C GLN C 910 -43.88 29.21 7.42
N LYS C 911 -44.43 30.41 7.21
CA LYS C 911 -43.61 31.60 6.99
C LYS C 911 -42.78 31.93 8.22
N VAL C 912 -43.42 32.00 9.39
CA VAL C 912 -42.69 32.36 10.60
C VAL C 912 -41.79 31.22 11.05
N LYS C 913 -42.14 29.98 10.69
CA LYS C 913 -41.24 28.85 10.94
C LYS C 913 -39.98 28.93 10.08
N VAL C 914 -40.15 29.23 8.78
CA VAL C 914 -39.03 29.29 7.85
C VAL C 914 -38.10 30.46 8.20
N TRP C 915 -38.69 31.61 8.55
CA TRP C 915 -37.89 32.74 9.01
C TRP C 915 -37.26 32.44 10.37
N LEU C 916 -37.89 31.57 11.16
CA LEU C 916 -37.35 31.26 12.52
C LEU C 916 -36.21 30.25 12.42
N GLN C 917 -36.00 29.63 11.25
CA GLN C 917 -34.98 28.59 11.10
C GLN C 917 -33.58 29.13 11.41
N GLU C 918 -33.21 30.24 10.82
CA GLU C 918 -31.92 30.82 11.10
C GLU C 918 -32.00 31.53 12.45
N TYR C 919 -31.01 31.25 13.31
CA TYR C 919 -31.07 31.70 14.70
C TYR C 919 -30.91 33.22 14.80
N TRP C 920 -30.19 33.80 13.84
CA TRP C 920 -29.93 35.23 13.84
C TRP C 920 -31.22 36.04 13.66
N ASN C 921 -32.16 35.53 12.88
CA ASN C 921 -33.40 36.27 12.64
C ASN C 921 -34.26 36.36 13.90
N VAL C 922 -34.36 35.27 14.66
CA VAL C 922 -35.18 35.30 15.86
C VAL C 922 -34.47 36.08 16.97
N THR C 923 -33.13 36.05 17.00
CA THR C 923 -32.42 36.89 17.97
C THR C 923 -32.53 38.37 17.61
N ASP C 924 -32.58 38.70 16.31
CA ASP C 924 -32.96 40.05 15.89
C ASP C 924 -34.35 40.44 16.36
N LEU C 925 -35.32 39.52 16.28
CA LEU C 925 -36.67 39.82 16.75
C LEU C 925 -36.70 40.12 18.25
N ILE C 926 -35.99 39.28 19.03
CA ILE C 926 -35.92 39.45 20.49
C ILE C 926 -35.28 40.78 20.84
N ALA C 927 -34.19 41.13 20.16
CA ALA C 927 -33.50 42.37 20.47
C ALA C 927 -34.30 43.59 20.02
N ILE C 928 -35.05 43.48 18.91
CA ILE C 928 -35.89 44.59 18.46
C ILE C 928 -36.99 44.86 19.47
N LEU C 929 -37.63 43.81 19.99
CA LEU C 929 -38.62 44.01 21.06
C LEU C 929 -37.99 44.52 22.34
N LEU C 930 -36.77 44.06 22.68
CA LEU C 930 -36.11 44.54 23.89
C LEU C 930 -35.76 46.01 23.79
N PHE C 931 -35.27 46.44 22.62
CA PHE C 931 -34.95 47.86 22.42
C PHE C 931 -36.22 48.69 22.34
N SER C 932 -37.32 48.11 21.87
CA SER C 932 -38.61 48.82 21.88
C SER C 932 -39.10 49.06 23.31
N VAL C 933 -38.97 48.05 24.18
CA VAL C 933 -39.29 48.18 25.59
C VAL C 933 -38.40 49.23 26.24
N GLY C 934 -37.11 49.22 25.90
CA GLY C 934 -36.19 50.24 26.37
C GLY C 934 -36.53 51.65 25.90
N MET C 935 -37.05 51.76 24.68
CA MET C 935 -37.47 53.06 24.15
C MET C 935 -38.74 53.56 24.84
N ILE C 936 -39.69 52.66 25.11
CA ILE C 936 -40.91 53.06 25.79
C ILE C 936 -40.62 53.47 27.23
N LEU C 937 -39.77 52.70 27.93
CA LEU C 937 -39.38 53.10 29.28
C LEU C 937 -38.47 54.32 29.27
N ARG C 938 -37.80 54.58 28.15
CA ARG C 938 -36.99 55.79 28.05
C ARG C 938 -37.87 57.04 27.95
N LEU C 939 -38.94 57.00 27.15
CA LEU C 939 -39.79 58.18 26.98
C LEU C 939 -40.74 58.42 28.16
N GLN C 940 -40.72 57.54 29.17
CA GLN C 940 -41.42 57.82 30.42
C GLN C 940 -40.55 58.70 31.31
N ASP C 941 -40.87 58.78 32.60
CA ASP C 941 -40.12 59.63 33.52
C ASP C 941 -39.59 58.80 34.67
N GLN C 942 -39.07 59.47 35.71
CA GLN C 942 -38.39 58.82 36.82
C GLN C 942 -39.31 57.85 37.56
N PRO C 943 -38.76 56.70 38.01
CA PRO C 943 -37.38 56.23 37.89
C PRO C 943 -37.11 55.35 36.66
N PHE C 944 -38.03 55.27 35.71
CA PHE C 944 -37.92 54.27 34.66
C PHE C 944 -36.97 54.70 33.55
N ARG C 945 -36.55 55.97 33.55
CA ARG C 945 -35.72 56.50 32.47
C ARG C 945 -34.32 55.90 32.52
N SER C 946 -33.73 55.82 33.71
CA SER C 946 -32.43 55.19 33.87
C SER C 946 -32.49 53.70 33.59
N ASP C 947 -33.63 53.07 33.90
CA ASP C 947 -33.79 51.66 33.57
C ASP C 947 -33.89 51.43 32.07
N GLY C 948 -34.53 52.35 31.34
CA GLY C 948 -34.50 52.29 29.89
C GLY C 948 -33.10 52.48 29.33
N ARG C 949 -32.30 53.34 29.99
CA ARG C 949 -30.88 53.46 29.66
C ARG C 949 -30.15 52.13 29.83
N VAL C 950 -30.44 51.41 30.93
CA VAL C 950 -29.85 50.08 31.15
C VAL C 950 -30.27 49.10 30.06
N ILE C 951 -31.52 49.18 29.60
CA ILE C 951 -31.97 48.29 28.52
C ILE C 951 -31.21 48.58 27.22
N TYR C 952 -30.99 49.87 26.94
CA TYR C 952 -30.16 50.29 25.80
C TYR C 952 -28.74 49.72 25.90
N CYS C 953 -28.21 49.76 27.13
CA CYS C 953 -26.89 49.18 27.44
C CYS C 953 -26.86 47.71 27.11
N VAL C 954 -27.94 46.98 27.44
CA VAL C 954 -28.02 45.55 27.16
C VAL C 954 -28.05 45.29 25.66
N ASN C 955 -28.78 46.13 24.89
CA ASN C 955 -28.85 45.94 23.44
C ASN C 955 -27.50 46.16 22.75
N ILE C 956 -26.64 46.99 23.36
CA ILE C 956 -25.32 47.33 22.79
C ILE C 956 -24.48 46.09 22.49
N ILE C 957 -24.44 45.13 23.43
CA ILE C 957 -23.64 43.92 23.26
C ILE C 957 -24.14 43.10 22.08
N TYR C 958 -25.46 42.97 21.95
CA TYR C 958 -26.03 42.17 20.89
C TYR C 958 -25.72 42.75 19.51
N TRP C 959 -25.83 44.08 19.35
CA TRP C 959 -25.52 44.64 18.04
C TRP C 959 -24.03 44.54 17.73
N TYR C 960 -23.20 44.57 18.78
CA TYR C 960 -21.78 44.29 18.58
C TYR C 960 -21.54 42.85 18.12
N ILE C 961 -22.32 41.91 18.62
CA ILE C 961 -22.17 40.52 18.19
C ILE C 961 -22.71 40.34 16.77
N ARG C 962 -23.69 41.16 16.39
CA ARG C 962 -24.17 41.19 15.01
C ARG C 962 -23.10 41.71 14.05
N LEU C 963 -22.23 42.59 14.53
CA LEU C 963 -21.09 43.01 13.70
C LEU C 963 -20.18 41.83 13.33
N LEU C 964 -20.18 40.78 14.15
CA LEU C 964 -19.30 39.64 13.90
C LEU C 964 -19.76 38.81 12.71
N ASP C 965 -21.06 38.57 12.54
CA ASP C 965 -21.44 37.83 11.33
C ASP C 965 -21.57 38.77 10.14
N ILE C 966 -21.56 40.09 10.36
CA ILE C 966 -21.26 40.97 9.23
C ILE C 966 -19.84 40.75 8.71
N PHE C 967 -18.86 40.67 9.62
CA PHE C 967 -17.48 40.40 9.18
C PHE C 967 -17.13 38.93 9.14
N GLY C 968 -18.11 38.04 9.22
CA GLY C 968 -17.95 36.64 8.93
C GLY C 968 -18.10 36.29 7.47
N VAL C 969 -18.05 37.28 6.59
CA VAL C 969 -18.27 37.07 5.17
C VAL C 969 -16.96 36.74 4.47
N ASN C 970 -15.89 37.43 4.83
CA ASN C 970 -14.54 37.27 4.29
C ASN C 970 -14.03 35.84 4.51
N LYS C 971 -13.28 35.33 3.53
CA LYS C 971 -12.85 33.94 3.48
C LYS C 971 -11.79 33.56 4.53
N TYR C 972 -11.40 34.50 5.38
CA TYR C 972 -10.40 34.27 6.41
C TYR C 972 -10.94 34.39 7.83
N LEU C 973 -11.87 35.31 8.08
CA LEU C 973 -12.43 35.51 9.42
C LEU C 973 -13.71 34.70 9.63
N GLY C 974 -14.50 34.56 8.58
CA GLY C 974 -15.65 33.68 8.54
C GLY C 974 -15.46 32.25 9.04
N PRO C 975 -14.38 31.54 8.56
CA PRO C 975 -14.02 30.29 9.22
C PRO C 975 -13.74 30.41 10.71
N TYR C 976 -13.07 31.47 11.17
CA TYR C 976 -12.82 31.64 12.61
C TYR C 976 -14.11 31.78 13.40
N VAL C 977 -15.09 32.48 12.83
CA VAL C 977 -16.42 32.60 13.41
C VAL C 977 -17.05 31.22 13.53
N MET C 978 -16.95 30.43 12.45
CA MET C 978 -17.50 29.06 12.48
C MET C 978 -16.77 28.24 13.57
N MET C 979 -15.45 28.40 13.65
CA MET C 979 -14.65 27.66 14.66
C MET C 979 -15.19 27.97 16.06
N ILE C 980 -15.40 29.27 16.35
CA ILE C 980 -15.94 29.68 17.69
C ILE C 980 -17.28 28.96 17.90
N GLY C 981 -18.21 29.07 16.93
CA GLY C 981 -19.50 28.42 17.06
C GLY C 981 -19.40 26.93 17.30
N LYS C 982 -18.34 26.30 16.80
CA LYS C 982 -18.14 24.89 17.14
C LYS C 982 -17.56 24.72 18.55
N MET C 983 -16.70 25.63 18.99
CA MET C 983 -16.01 25.45 20.27
C MET C 983 -16.91 25.75 21.46
N MET C 984 -18.01 26.48 21.26
CA MET C 984 -18.86 26.83 22.41
C MET C 984 -19.47 25.63 23.14
N ILE C 985 -19.76 24.54 22.45
CA ILE C 985 -20.38 23.39 23.11
C ILE C 985 -19.39 22.71 24.05
N ASP C 986 -18.15 22.55 23.58
CA ASP C 986 -17.06 22.08 24.42
C ASP C 986 -16.81 23.02 25.58
N MET C 987 -16.95 24.34 25.32
CA MET C 987 -16.83 25.32 26.38
C MET C 987 -17.94 25.15 27.41
N MET C 988 -19.17 24.85 26.98
CA MET C 988 -20.29 24.63 27.89
C MET C 988 -20.04 23.44 28.82
N TYR C 989 -19.50 22.34 28.28
CA TYR C 989 -19.18 21.18 29.12
C TYR C 989 -18.07 21.52 30.13
N PHE C 990 -17.07 22.27 29.66
CA PHE C 990 -16.06 22.86 30.56
C PHE C 990 -16.70 23.71 31.65
N VAL C 991 -17.70 24.52 31.28
CA VAL C 991 -18.39 25.39 32.24
C VAL C 991 -19.10 24.58 33.31
N ILE C 992 -19.78 23.50 32.91
CA ILE C 992 -20.51 22.65 33.87
C ILE C 992 -19.56 22.01 34.89
N ILE C 993 -18.44 21.45 34.40
CA ILE C 993 -17.49 20.83 35.33
C ILE C 993 -16.81 21.92 36.18
N MET C 994 -16.66 23.12 35.61
CA MET C 994 -16.08 24.23 36.36
C MET C 994 -17.02 24.70 37.47
N LEU C 995 -18.32 24.65 37.20
CA LEU C 995 -19.31 25.02 38.27
C LEU C 995 -19.23 24.01 39.41
N VAL C 996 -19.13 22.71 39.10
CA VAL C 996 -19.16 21.67 40.16
C VAL C 996 -17.91 21.82 41.07
N VAL C 997 -16.73 22.06 40.49
CA VAL C 997 -15.53 22.27 41.31
C VAL C 997 -15.59 23.61 42.06
N LEU C 998 -16.02 24.67 41.38
CA LEU C 998 -16.02 26.01 41.97
C LEU C 998 -17.05 26.10 43.10
N MET C 999 -18.20 25.45 42.94
CA MET C 999 -19.18 25.45 44.02
C MET C 999 -18.76 24.56 45.16
N SER C 1000 -17.98 23.50 44.89
CA SER C 1000 -17.40 22.73 46.00
C SER C 1000 -16.51 23.61 46.87
N PHE C 1001 -15.65 24.40 46.22
CA PHE C 1001 -14.79 25.31 46.97
C PHE C 1001 -15.61 26.43 47.64
N GLY C 1002 -16.70 26.86 47.00
CA GLY C 1002 -17.51 27.93 47.56
C GLY C 1002 -18.28 27.52 48.81
N VAL C 1003 -18.92 26.35 48.76
CA VAL C 1003 -19.58 25.75 49.94
C VAL C 1003 -18.57 25.52 51.05
N ALA C 1004 -17.34 25.14 50.71
CA ALA C 1004 -16.31 25.02 51.75
C ALA C 1004 -15.96 26.38 52.38
N ARG C 1005 -15.66 27.36 51.53
CA ARG C 1005 -15.18 28.66 51.96
C ARG C 1005 -16.18 29.45 52.78
N GLN C 1006 -17.42 29.60 52.30
CA GLN C 1006 -18.36 30.49 52.98
C GLN C 1006 -18.99 29.85 54.22
N ALA C 1007 -18.43 28.70 54.63
CA ALA C 1007 -18.94 28.01 55.84
C ALA C 1007 -17.83 27.90 56.90
N ILE C 1008 -16.68 27.36 56.51
CA ILE C 1008 -15.57 27.14 57.50
C ILE C 1008 -15.09 28.50 58.05
N LEU C 1009 -15.05 29.53 57.19
CA LEU C 1009 -14.58 30.88 57.61
C LEU C 1009 -15.75 31.66 58.24
N PHE C 1010 -16.97 31.48 57.70
CA PHE C 1010 -18.14 32.25 58.20
C PHE C 1010 -19.12 31.28 58.86
N PRO C 1011 -18.99 31.00 60.17
CA PRO C 1011 -19.83 29.99 60.88
C PRO C 1011 -21.00 30.60 61.63
N ASN C 1012 -21.29 31.90 61.45
CA ASN C 1012 -22.36 32.51 62.28
C ASN C 1012 -23.14 33.57 61.51
N GLU C 1013 -23.87 33.19 60.45
CA GLU C 1013 -24.72 34.16 59.78
C GLU C 1013 -26.09 33.57 59.50
N GLU C 1014 -27.07 34.45 59.58
CA GLU C 1014 -28.49 34.20 59.41
C GLU C 1014 -28.80 33.98 57.93
N PRO C 1015 -29.96 33.40 57.60
CA PRO C 1015 -30.33 33.24 56.19
C PRO C 1015 -30.43 34.58 55.45
N SER C 1016 -29.55 34.74 54.46
CA SER C 1016 -29.52 35.94 53.64
C SER C 1016 -29.07 35.53 52.25
N TRP C 1017 -29.64 36.19 51.23
CA TRP C 1017 -29.24 35.92 49.85
C TRP C 1017 -27.83 36.41 49.54
N LYS C 1018 -27.27 37.30 50.37
CA LYS C 1018 -25.90 37.80 50.24
C LYS C 1018 -24.89 36.66 50.21
N LEU C 1019 -25.13 35.61 51.02
CA LEU C 1019 -24.32 34.39 51.03
C LEU C 1019 -24.19 33.78 49.64
N ALA C 1020 -25.29 33.85 48.86
CA ALA C 1020 -25.28 33.36 47.49
C ALA C 1020 -24.26 34.10 46.63
N LYS C 1021 -24.21 35.43 46.76
CA LYS C 1021 -23.17 36.18 46.04
C LYS C 1021 -21.79 35.74 46.51
N ASN C 1022 -21.61 35.61 47.83
CA ASN C 1022 -20.27 35.26 48.37
C ASN C 1022 -19.82 33.87 47.90
N ILE C 1023 -20.76 32.97 47.57
CA ILE C 1023 -20.40 31.57 47.20
C ILE C 1023 -19.94 31.53 45.73
N PHE C 1024 -19.96 32.67 45.03
CA PHE C 1024 -19.60 32.74 43.63
C PHE C 1024 -18.61 33.84 43.29
N TYR C 1025 -18.55 34.89 44.10
CA TYR C 1025 -17.65 36.02 43.88
C TYR C 1025 -16.20 35.61 44.02
N MET C 1026 -15.82 35.22 45.22
CA MET C 1026 -14.44 34.92 45.60
C MET C 1026 -13.77 33.78 44.81
N PRO C 1027 -14.41 32.62 44.55
CA PRO C 1027 -13.68 31.58 43.79
C PRO C 1027 -13.52 31.89 42.30
N TYR C 1028 -14.48 32.58 41.69
CA TYR C 1028 -14.51 32.70 40.24
C TYR C 1028 -13.40 33.62 39.71
N TRP C 1029 -13.10 34.69 40.42
CA TRP C 1029 -12.05 35.57 39.92
C TRP C 1029 -10.65 35.02 40.22
N MET C 1030 -10.56 33.94 40.99
CA MET C 1030 -9.28 33.28 41.23
C MET C 1030 -8.80 32.54 40.00
N ILE C 1031 -9.73 32.18 39.10
CA ILE C 1031 -9.38 31.50 37.87
C ILE C 1031 -8.64 32.43 36.91
N TYR C 1032 -9.04 33.69 36.86
CA TYR C 1032 -8.65 34.58 35.78
C TYR C 1032 -7.56 35.56 36.19
N GLY C 1033 -6.59 35.14 37.00
CA GLY C 1033 -5.61 36.07 37.50
C GLY C 1033 -5.50 36.13 39.00
N GLU C 1034 -5.97 37.23 39.60
CA GLU C 1034 -5.80 37.53 41.02
C GLU C 1034 -6.37 36.45 41.92
N VAL C 1035 -5.56 36.01 42.89
CA VAL C 1035 -5.91 34.93 43.79
C VAL C 1035 -6.37 35.47 45.13
N PHE C 1036 -6.51 36.80 45.25
CA PHE C 1036 -6.96 37.53 46.43
C PHE C 1036 -6.08 37.21 47.64
N ALA C 1037 -4.78 37.53 47.52
CA ALA C 1037 -3.77 37.03 48.45
C ALA C 1037 -3.89 37.66 49.84
N ASP C 1038 -4.52 38.84 49.91
CA ASP C 1038 -4.71 39.46 51.22
C ASP C 1038 -5.80 38.76 52.03
N GLN C 1039 -6.79 38.19 51.36
CA GLN C 1039 -7.94 37.58 52.03
C GLN C 1039 -7.75 36.10 52.31
N ILE C 1040 -6.57 35.54 52.08
CA ILE C 1040 -6.31 34.13 52.30
C ILE C 1040 -5.39 33.99 53.51
N ASP C 1041 -5.76 33.07 54.40
CA ASP C 1041 -5.26 32.92 55.78
C ASP C 1041 -4.94 34.26 56.48
N PRO C 1042 -5.96 35.05 56.82
CA PRO C 1042 -5.71 36.33 57.50
C PRO C 1042 -5.10 36.11 58.87
N PRO C 1043 -4.22 37.02 59.34
CA PRO C 1043 -3.53 36.84 60.62
C PRO C 1043 -4.47 36.70 61.81
N CYS C 1044 -4.45 35.51 62.42
CA CYS C 1044 -5.42 35.12 63.42
C CYS C 1044 -4.87 35.35 64.83
N GLY C 1045 -5.79 35.71 65.72
CA GLY C 1045 -5.60 35.82 67.16
C GLY C 1045 -4.34 36.46 67.71
N GLN C 1046 -3.90 37.58 67.13
CA GLN C 1046 -2.68 38.23 67.57
C GLN C 1046 -2.97 39.73 67.66
N LEU C 1058 -6.31 41.88 66.54
CA LEU C 1058 -6.90 41.07 65.50
C LEU C 1058 -7.80 40.00 66.10
N PRO C 1059 -8.96 39.72 65.52
CA PRO C 1059 -9.91 38.76 66.12
C PRO C 1059 -9.36 37.35 66.09
N PRO C 1060 -9.63 36.55 67.13
CA PRO C 1060 -9.39 35.11 67.03
C PRO C 1060 -10.32 34.49 65.99
N CYS C 1061 -9.72 33.95 64.93
CA CYS C 1061 -10.48 33.58 63.74
C CYS C 1061 -11.23 32.26 63.94
N LYS C 1062 -11.66 31.68 62.82
CA LYS C 1062 -12.80 30.77 62.79
C LYS C 1062 -12.53 29.36 63.32
N THR C 1063 -13.44 28.45 63.01
CA THR C 1063 -13.49 27.10 63.55
C THR C 1063 -12.26 26.27 63.20
N GLY C 1064 -12.01 26.06 61.90
CA GLY C 1064 -10.92 25.25 61.41
C GLY C 1064 -10.21 25.91 60.26
N ALA C 1065 -10.10 27.25 60.32
CA ALA C 1065 -9.80 28.10 59.16
C ALA C 1065 -8.42 27.88 58.55
N TRP C 1066 -7.52 27.15 59.21
CA TRP C 1066 -6.26 26.75 58.61
C TRP C 1066 -6.42 25.82 57.40
N ILE C 1067 -7.52 25.09 57.28
CA ILE C 1067 -7.67 24.15 56.18
C ILE C 1067 -8.01 24.88 54.87
N VAL C 1068 -8.45 26.13 54.97
CA VAL C 1068 -8.90 26.95 53.85
C VAL C 1068 -7.77 27.17 52.83
N PRO C 1069 -6.51 27.51 53.21
CA PRO C 1069 -5.45 27.49 52.18
C PRO C 1069 -5.19 26.14 51.51
N ALA C 1070 -5.34 25.02 52.22
CA ALA C 1070 -5.07 23.72 51.63
C ALA C 1070 -6.13 23.35 50.60
N ILE C 1071 -7.40 23.50 50.96
CA ILE C 1071 -8.49 23.21 50.02
C ILE C 1071 -8.50 24.23 48.89
N MET C 1072 -8.04 25.47 49.17
CA MET C 1072 -7.91 26.46 48.12
C MET C 1072 -6.79 26.07 47.15
N ALA C 1073 -5.69 25.55 47.67
CA ALA C 1073 -4.57 25.10 46.86
C ALA C 1073 -4.99 23.97 45.94
N CYS C 1074 -5.80 23.05 46.48
CA CYS C 1074 -6.41 22.01 45.67
C CYS C 1074 -7.29 22.59 44.56
N TYR C 1075 -8.13 23.57 44.94
CA TYR C 1075 -9.06 24.19 43.96
C TYR C 1075 -8.24 24.93 42.91
N LEU C 1076 -7.32 25.79 43.35
CA LEU C 1076 -6.50 26.60 42.41
C LEU C 1076 -5.82 25.65 41.41
N LEU C 1077 -5.25 24.56 41.89
CA LEU C 1077 -4.53 23.61 41.00
C LEU C 1077 -5.53 22.94 40.03
N VAL C 1078 -6.46 22.15 40.55
CA VAL C 1078 -7.38 21.42 39.68
C VAL C 1078 -7.99 22.34 38.62
N ALA C 1079 -8.51 23.49 39.05
CA ALA C 1079 -9.19 24.42 38.16
C ALA C 1079 -8.27 25.07 37.14
N ASN C 1080 -7.19 25.72 37.59
CA ASN C 1080 -6.32 26.41 36.64
C ASN C 1080 -5.38 25.47 35.90
N ILE C 1081 -5.28 24.20 36.28
CA ILE C 1081 -4.37 23.37 35.50
C ILE C 1081 -5.17 22.35 34.71
N LEU C 1082 -5.86 21.43 35.40
CA LEU C 1082 -6.33 20.19 34.80
C LEU C 1082 -7.40 20.42 33.74
N LEU C 1083 -8.48 21.10 34.14
CA LEU C 1083 -9.62 21.30 33.25
C LEU C 1083 -9.27 22.23 32.10
N VAL C 1084 -8.52 23.29 32.38
CA VAL C 1084 -8.11 24.23 31.33
C VAL C 1084 -7.19 23.57 30.32
N ASN C 1085 -6.25 22.75 30.80
CA ASN C 1085 -5.28 22.12 29.91
C ASN C 1085 -5.97 21.03 29.08
N LEU C 1086 -6.93 20.34 29.69
CA LEU C 1086 -7.79 19.42 28.95
C LEU C 1086 -8.60 20.16 27.90
N LEU C 1087 -9.00 21.39 28.18
CA LEU C 1087 -9.75 22.16 27.20
C LEU C 1087 -8.85 22.62 26.04
N ILE C 1088 -7.56 22.85 26.32
CA ILE C 1088 -6.56 23.03 25.25
C ILE C 1088 -6.55 21.83 24.32
N ALA C 1089 -6.48 20.63 24.92
CA ALA C 1089 -6.44 19.39 24.14
C ALA C 1089 -7.73 19.18 23.34
N VAL C 1090 -8.87 19.49 23.97
CA VAL C 1090 -10.19 19.39 23.32
C VAL C 1090 -10.24 20.30 22.10
N PHE C 1091 -9.81 21.56 22.28
CA PHE C 1091 -9.80 22.55 21.21
C PHE C 1091 -8.89 22.13 20.08
N ASN C 1092 -7.74 21.54 20.43
CA ASN C 1092 -6.77 21.08 19.42
C ASN C 1092 -7.38 19.99 18.54
N ASN C 1093 -8.04 18.99 19.16
CA ASN C 1093 -8.61 17.90 18.37
C ASN C 1093 -9.82 18.36 17.55
N THR C 1094 -10.65 19.23 18.11
CA THR C 1094 -11.77 19.74 17.32
C THR C 1094 -11.30 20.65 16.21
N PHE C 1095 -10.15 21.31 16.39
CA PHE C 1095 -9.63 22.16 15.32
C PHE C 1095 -8.94 21.31 14.24
N PHE C 1096 -8.45 20.13 14.62
CA PHE C 1096 -8.13 19.12 13.61
C PHE C 1096 -9.36 18.77 12.79
N GLU C 1097 -10.50 18.56 13.46
CA GLU C 1097 -11.71 18.12 12.75
C GLU C 1097 -12.31 19.20 11.85
N VAL C 1098 -12.37 20.45 12.32
CA VAL C 1098 -13.19 21.43 11.61
C VAL C 1098 -12.40 22.32 10.66
N LYS C 1099 -11.07 22.19 10.63
CA LYS C 1099 -10.29 22.94 9.64
C LYS C 1099 -10.48 22.38 8.25
N SER C 1100 -10.55 21.04 8.14
CA SER C 1100 -10.80 20.39 6.86
C SER C 1100 -12.20 20.71 6.34
N ILE C 1101 -13.12 20.99 7.26
CA ILE C 1101 -14.44 21.47 6.87
C ILE C 1101 -14.35 22.91 6.36
N SER C 1102 -13.59 23.77 7.05
CA SER C 1102 -13.81 25.21 7.10
C SER C 1102 -13.87 25.95 5.76
N ASN C 1103 -12.86 25.78 4.89
CA ASN C 1103 -12.87 26.48 3.60
C ASN C 1103 -14.07 26.14 2.72
N GLN C 1104 -14.41 24.86 2.57
CA GLN C 1104 -15.56 24.48 1.78
C GLN C 1104 -16.87 24.93 2.41
N VAL C 1105 -16.95 25.04 3.76
CA VAL C 1105 -18.25 25.40 4.31
C VAL C 1105 -18.46 26.90 4.14
N TRP C 1106 -17.35 27.66 4.06
CA TRP C 1106 -17.50 29.06 3.65
C TRP C 1106 -17.99 29.13 2.23
N LYS C 1107 -17.49 28.20 1.40
CA LYS C 1107 -17.89 28.12 0.00
C LYS C 1107 -19.36 27.71 -0.12
N PHE C 1108 -19.93 27.14 0.94
CA PHE C 1108 -21.36 26.90 0.98
C PHE C 1108 -22.10 28.17 1.39
N GLN C 1109 -21.68 28.77 2.51
CA GLN C 1109 -22.45 29.82 3.17
C GLN C 1109 -22.52 31.07 2.31
N ARG C 1110 -21.54 31.22 1.42
CA ARG C 1110 -21.46 32.27 0.40
C ARG C 1110 -22.76 32.39 -0.38
N TYR C 1111 -23.31 31.24 -0.82
CA TYR C 1111 -24.57 31.22 -1.58
C TYR C 1111 -25.68 31.94 -0.85
N GLN C 1112 -25.80 31.67 0.45
CA GLN C 1112 -26.89 32.29 1.25
C GLN C 1112 -26.90 33.82 1.06
N LEU C 1113 -25.81 34.49 1.41
CA LEU C 1113 -25.76 35.97 1.30
C LEU C 1113 -26.10 36.39 -0.14
N ILE C 1114 -25.58 35.66 -1.13
CA ILE C 1114 -25.81 36.03 -2.53
C ILE C 1114 -27.30 35.95 -2.85
N MET C 1115 -28.05 35.18 -2.08
CA MET C 1115 -29.50 35.28 -2.24
C MET C 1115 -30.03 36.51 -1.50
N THR C 1116 -29.65 36.67 -0.23
CA THR C 1116 -30.34 37.58 0.68
C THR C 1116 -30.17 39.04 0.29
N PHE C 1117 -28.94 39.44 -0.03
CA PHE C 1117 -28.68 40.79 -0.51
C PHE C 1117 -29.30 41.03 -1.89
N HIS C 1118 -29.64 39.96 -2.62
CA HIS C 1118 -30.40 40.14 -3.85
C HIS C 1118 -31.80 40.66 -3.56
N GLU C 1119 -32.39 40.27 -2.42
CA GLU C 1119 -33.78 40.60 -2.18
C GLU C 1119 -33.91 41.99 -1.55
N ARG C 1120 -33.03 42.32 -0.60
CA ARG C 1120 -33.04 43.57 0.15
C ARG C 1120 -32.83 44.76 -0.78
N PRO C 1121 -33.61 45.86 -0.62
CA PRO C 1121 -33.58 46.95 -1.61
C PRO C 1121 -32.29 47.74 -1.65
N VAL C 1122 -32.30 48.79 -2.48
CA VAL C 1122 -31.12 49.61 -2.69
C VAL C 1122 -30.78 50.42 -1.43
N LEU C 1123 -31.78 50.74 -0.62
CA LEU C 1123 -31.55 51.71 0.44
C LEU C 1123 -31.14 51.03 1.75
N PRO C 1124 -30.27 51.67 2.54
CA PRO C 1124 -29.93 51.16 3.86
C PRO C 1124 -31.12 51.28 4.78
N PRO C 1125 -31.13 50.58 5.93
CA PRO C 1125 -32.25 50.72 6.90
C PRO C 1125 -32.57 52.16 7.32
N PRO C 1126 -31.56 53.11 7.57
CA PRO C 1126 -31.95 54.49 7.94
C PRO C 1126 -32.83 55.22 6.94
N LEU C 1127 -32.81 54.77 5.69
CA LEU C 1127 -33.63 55.34 4.63
C LEU C 1127 -34.65 54.36 4.04
N ILE C 1128 -34.71 53.12 4.54
CA ILE C 1128 -35.29 52.03 3.74
C ILE C 1128 -36.81 52.18 3.68
N ILE C 1129 -37.37 52.95 4.64
CA ILE C 1129 -38.81 53.24 4.67
C ILE C 1129 -39.25 53.94 3.39
N PHE C 1130 -38.35 54.74 2.77
CA PHE C 1130 -38.53 55.33 1.44
C PHE C 1130 -38.92 54.26 0.44
N SER C 1131 -38.05 53.26 0.29
CA SER C 1131 -38.32 52.22 -0.70
C SER C 1131 -39.50 51.36 -0.28
N HIS C 1132 -39.79 51.28 1.03
CA HIS C 1132 -40.96 50.52 1.47
C HIS C 1132 -42.24 51.20 0.99
N MET C 1133 -42.25 52.54 0.96
CA MET C 1133 -43.38 53.26 0.40
C MET C 1133 -43.53 52.93 -1.08
N THR C 1134 -42.39 52.75 -1.77
CA THR C 1134 -42.36 52.32 -3.16
C THR C 1134 -43.03 50.96 -3.29
N MET C 1135 -42.74 50.06 -2.34
CA MET C 1135 -43.31 48.72 -2.38
C MET C 1135 -44.81 48.77 -2.17
N ILE C 1136 -45.29 49.79 -1.44
CA ILE C 1136 -46.72 49.96 -1.28
C ILE C 1136 -47.37 50.56 -2.53
N PHE C 1137 -46.66 51.43 -3.26
CA PHE C 1137 -47.38 52.23 -4.25
C PHE C 1137 -47.01 51.88 -5.68
N GLN C 1138 -45.73 52.06 -6.03
CA GLN C 1138 -45.22 51.96 -7.40
C GLN C 1138 -45.45 50.58 -7.98
N HIS C 1139 -45.26 49.54 -7.17
CA HIS C 1139 -45.64 48.20 -7.60
C HIS C 1139 -47.16 48.06 -7.67
N LEU C 1140 -47.87 48.50 -6.64
CA LEU C 1140 -49.30 48.24 -6.60
C LEU C 1140 -50.14 49.38 -7.16
N CYS C 1141 -49.75 49.94 -8.31
CA CYS C 1141 -50.57 50.96 -8.96
C CYS C 1141 -50.89 50.59 -10.40
N CYS C 1142 -49.87 50.19 -11.15
CA CYS C 1142 -49.99 49.94 -12.59
C CYS C 1142 -50.17 48.44 -12.87
N ARG C 1143 -50.92 48.17 -13.95
CA ARG C 1143 -51.28 46.87 -14.51
C ARG C 1143 -52.21 46.04 -13.63
N TRP C 1144 -52.59 46.56 -12.46
CA TRP C 1144 -53.48 45.84 -11.56
C TRP C 1144 -54.83 46.53 -11.43
N ARG C 1145 -54.83 47.86 -11.32
CA ARG C 1145 -56.10 48.58 -11.30
C ARG C 1145 -56.48 49.01 -12.71
N GLY C 1157 -34.16 35.36 -9.30
CA GLY C 1157 -33.26 36.12 -10.13
C GLY C 1157 -32.20 35.26 -10.78
N LEU C 1158 -31.65 34.31 -10.01
CA LEU C 1158 -30.68 33.38 -10.56
C LEU C 1158 -31.36 32.31 -11.41
N LYS C 1159 -32.66 32.10 -11.18
CA LYS C 1159 -33.46 31.20 -12.00
C LYS C 1159 -33.53 31.69 -13.44
N LEU C 1160 -32.87 30.98 -14.35
CA LEU C 1160 -32.77 31.39 -15.74
C LEU C 1160 -33.79 30.63 -16.57
N PHE C 1161 -34.76 31.37 -17.13
CA PHE C 1161 -35.80 30.76 -17.93
C PHE C 1161 -35.22 30.27 -19.25
N ILE C 1162 -35.77 29.15 -19.75
CA ILE C 1162 -35.14 28.40 -20.82
C ILE C 1162 -36.20 28.12 -21.88
N THR C 1163 -35.75 28.01 -23.13
CA THR C 1163 -36.61 27.65 -24.25
C THR C 1163 -36.40 26.17 -24.55
N ASP C 1164 -37.36 25.56 -25.26
CA ASP C 1164 -37.39 24.11 -25.44
C ASP C 1164 -36.23 23.51 -26.24
N ASP C 1165 -35.73 24.18 -27.29
CA ASP C 1165 -34.61 23.64 -28.05
C ASP C 1165 -33.29 23.70 -27.28
N GLU C 1166 -33.09 24.75 -26.48
CA GLU C 1166 -31.92 24.82 -25.61
C GLU C 1166 -32.03 23.80 -24.49
N LEU C 1167 -33.26 23.54 -24.04
CA LEU C 1167 -33.51 22.49 -23.06
C LEU C 1167 -33.20 21.12 -23.66
N LYS C 1168 -33.52 20.91 -24.94
CA LYS C 1168 -33.20 19.66 -25.61
C LYS C 1168 -31.68 19.48 -25.74
N LYS C 1169 -30.98 20.58 -26.05
CA LYS C 1169 -29.52 20.54 -26.06
C LYS C 1169 -28.94 20.22 -24.68
N VAL C 1170 -29.53 20.79 -23.63
CA VAL C 1170 -29.11 20.53 -22.25
C VAL C 1170 -29.32 19.06 -21.90
N HIS C 1171 -30.48 18.52 -22.28
CA HIS C 1171 -30.79 17.12 -21.97
C HIS C 1171 -29.89 16.16 -22.74
N ASP C 1172 -29.56 16.51 -23.99
CA ASP C 1172 -28.58 15.73 -24.76
C ASP C 1172 -27.20 15.76 -24.09
N PHE C 1173 -26.79 16.95 -23.63
CA PHE C 1173 -25.57 17.10 -22.84
C PHE C 1173 -25.58 16.22 -21.59
N GLU C 1174 -26.73 16.15 -20.92
CA GLU C 1174 -26.80 15.45 -19.64
C GLU C 1174 -26.71 13.95 -19.83
N GLU C 1175 -27.45 13.42 -20.82
CA GLU C 1175 -27.37 11.98 -21.11
C GLU C 1175 -26.00 11.61 -21.66
N GLN C 1176 -25.39 12.51 -22.44
CA GLN C 1176 -24.03 12.30 -22.92
C GLN C 1176 -23.04 12.21 -21.76
N CYS C 1177 -23.11 13.16 -20.84
CA CYS C 1177 -22.14 13.23 -19.74
C CYS C 1177 -22.28 12.03 -18.79
N ILE C 1178 -23.51 11.61 -18.52
CA ILE C 1178 -23.68 10.43 -17.65
C ILE C 1178 -23.21 9.16 -18.37
N GLU C 1179 -23.36 9.12 -19.71
CA GLU C 1179 -22.85 7.97 -20.46
C GLU C 1179 -21.33 7.90 -20.42
N GLU C 1180 -20.65 9.04 -20.62
CA GLU C 1180 -19.19 9.06 -20.53
C GLU C 1180 -18.72 8.78 -19.11
N TYR C 1181 -19.49 9.20 -18.10
CA TYR C 1181 -19.11 8.91 -16.72
C TYR C 1181 -19.13 7.40 -16.47
N PHE C 1182 -20.22 6.73 -16.87
CA PHE C 1182 -20.33 5.30 -16.62
C PHE C 1182 -19.32 4.50 -17.45
N ARG C 1183 -19.04 4.97 -18.66
CA ARG C 1183 -17.95 4.40 -19.45
C ARG C 1183 -16.61 4.56 -18.74
N GLU C 1184 -16.39 5.73 -18.14
CA GLU C 1184 -15.10 6.03 -17.53
C GLU C 1184 -14.93 5.22 -16.25
N LYS C 1185 -16.01 5.01 -15.50
CA LYS C 1185 -15.88 4.22 -14.27
C LYS C 1185 -15.75 2.73 -14.57
N ASP C 1186 -16.38 2.25 -15.67
CA ASP C 1186 -16.15 0.87 -16.07
C ASP C 1186 -14.71 0.66 -16.54
N ASP C 1187 -14.16 1.64 -17.24
CA ASP C 1187 -12.77 1.55 -17.66
C ASP C 1187 -11.81 1.74 -16.50
N ARG C 1188 -12.21 2.50 -15.47
CA ARG C 1188 -11.43 2.58 -14.24
C ARG C 1188 -11.42 1.23 -13.52
N PHE C 1189 -12.58 0.57 -13.48
CA PHE C 1189 -12.70 -0.66 -12.71
C PHE C 1189 -11.95 -1.80 -13.40
N ASN C 1190 -12.00 -1.82 -14.74
CA ASN C 1190 -11.28 -2.86 -15.48
C ASN C 1190 -9.78 -2.63 -15.45
N SER C 1191 -9.33 -1.38 -15.38
CA SER C 1191 -7.90 -1.10 -15.35
C SER C 1191 -7.32 -1.07 -13.95
N SER C 1192 -8.16 -1.15 -12.91
CA SER C 1192 -7.67 -1.20 -11.54
C SER C 1192 -6.97 -2.52 -11.28
N ASN C 1193 -6.03 -2.50 -10.31
CA ASN C 1193 -5.09 -3.61 -10.12
C ASN C 1193 -5.76 -4.91 -9.73
N ASP C 1194 -6.66 -4.86 -8.74
CA ASP C 1194 -7.21 -6.10 -8.16
C ASP C 1194 -8.07 -6.87 -9.15
N GLU C 1195 -8.67 -6.17 -10.12
CA GLU C 1195 -9.42 -6.86 -11.16
C GLU C 1195 -8.49 -7.56 -12.14
N ARG C 1196 -7.36 -6.92 -12.45
CA ARG C 1196 -6.32 -7.55 -13.26
C ARG C 1196 -5.77 -8.80 -12.57
N ILE C 1197 -5.59 -8.72 -11.25
CA ILE C 1197 -5.13 -9.86 -10.45
C ILE C 1197 -6.13 -11.00 -10.54
N ARG C 1198 -7.42 -10.69 -10.35
CA ARG C 1198 -8.47 -11.70 -10.39
C ARG C 1198 -8.58 -12.38 -11.75
N VAL C 1199 -8.59 -11.56 -12.81
CA VAL C 1199 -8.82 -12.09 -14.15
C VAL C 1199 -7.61 -12.91 -14.57
N THR C 1200 -6.40 -12.49 -14.19
CA THR C 1200 -5.18 -13.24 -14.46
C THR C 1200 -5.20 -14.59 -13.75
N SER C 1201 -5.62 -14.61 -12.49
CA SER C 1201 -5.73 -15.85 -11.73
C SER C 1201 -6.70 -16.85 -12.38
N GLU C 1202 -7.88 -16.35 -12.76
CA GLU C 1202 -8.88 -17.20 -13.42
C GLU C 1202 -8.40 -17.72 -14.78
N ARG C 1203 -7.75 -16.84 -15.55
CA ARG C 1203 -7.21 -17.23 -16.84
C ARG C 1203 -6.15 -18.32 -16.70
N VAL C 1204 -5.23 -18.15 -15.75
CA VAL C 1204 -4.15 -19.12 -15.56
C VAL C 1204 -4.67 -20.45 -15.02
N GLU C 1205 -5.76 -20.41 -14.23
CA GLU C 1205 -6.50 -21.62 -13.87
C GLU C 1205 -6.93 -22.41 -15.11
N ASN C 1206 -7.60 -21.70 -16.04
CA ASN C 1206 -8.03 -22.32 -17.28
C ASN C 1206 -6.85 -22.78 -18.14
N MET C 1207 -5.76 -21.99 -18.15
CA MET C 1207 -4.56 -22.32 -18.90
C MET C 1207 -3.98 -23.64 -18.45
N SER C 1208 -3.91 -23.83 -17.12
CA SER C 1208 -3.28 -25.03 -16.58
C SER C 1208 -4.13 -26.26 -16.83
N MET C 1209 -5.47 -26.14 -16.72
CA MET C 1209 -6.29 -27.33 -16.97
C MET C 1209 -6.25 -27.74 -18.45
N ARG C 1210 -6.29 -26.75 -19.36
CA ARG C 1210 -6.18 -27.04 -20.79
C ARG C 1210 -4.80 -27.59 -21.13
N LEU C 1211 -3.76 -27.13 -20.44
CA LEU C 1211 -2.41 -27.62 -20.73
C LEU C 1211 -2.22 -29.06 -20.25
N GLU C 1212 -2.83 -29.42 -19.11
CA GLU C 1212 -2.76 -30.81 -18.65
C GLU C 1212 -3.53 -31.74 -19.60
N GLU C 1213 -4.64 -31.24 -20.15
CA GLU C 1213 -5.36 -31.99 -21.18
C GLU C 1213 -4.50 -32.17 -22.44
N VAL C 1214 -3.75 -31.12 -22.80
CA VAL C 1214 -2.80 -31.21 -23.92
C VAL C 1214 -1.70 -32.22 -23.62
N ASN C 1215 -1.32 -32.36 -22.35
CA ASN C 1215 -0.39 -33.42 -21.95
C ASN C 1215 -0.94 -34.83 -22.14
N GLU C 1216 -2.18 -35.07 -21.70
CA GLU C 1216 -2.78 -36.40 -21.87
C GLU C 1216 -2.92 -36.73 -23.36
N ARG C 1217 -3.33 -35.73 -24.14
CA ARG C 1217 -3.55 -35.91 -25.56
C ARG C 1217 -2.21 -36.02 -26.32
N GLU C 1218 -1.16 -35.39 -25.77
CA GLU C 1218 0.22 -35.53 -26.21
C GLU C 1218 0.76 -36.95 -26.10
N HIS C 1219 0.58 -37.57 -24.93
CA HIS C 1219 0.98 -38.97 -24.78
C HIS C 1219 0.17 -39.90 -25.68
N SER C 1220 -1.12 -39.57 -25.87
CA SER C 1220 -1.94 -40.35 -26.80
C SER C 1220 -1.43 -40.28 -28.24
N MET C 1221 -1.07 -39.06 -28.69
CA MET C 1221 -0.45 -38.91 -30.00
C MET C 1221 0.90 -39.61 -30.10
N LYS C 1222 1.72 -39.56 -29.05
CA LYS C 1222 3.02 -40.24 -29.05
C LYS C 1222 2.88 -41.75 -29.25
N ALA C 1223 1.93 -42.35 -28.54
CA ALA C 1223 1.65 -43.77 -28.72
C ALA C 1223 1.11 -44.07 -30.11
N SER C 1224 0.25 -43.19 -30.63
CA SER C 1224 -0.28 -43.34 -31.99
C SER C 1224 0.83 -43.30 -33.04
N LEU C 1225 1.77 -42.37 -32.89
CA LEU C 1225 2.85 -42.24 -33.87
C LEU C 1225 3.84 -43.39 -33.78
N GLN C 1226 4.09 -43.90 -32.56
CA GLN C 1226 4.93 -45.09 -32.43
C GLN C 1226 4.27 -46.30 -33.08
N THR C 1227 2.95 -46.45 -32.92
CA THR C 1227 2.24 -47.54 -33.56
C THR C 1227 2.22 -47.37 -35.09
N VAL C 1228 2.14 -46.13 -35.57
CA VAL C 1228 2.17 -45.87 -37.01
C VAL C 1228 3.55 -46.16 -37.58
N ASP C 1229 4.61 -45.84 -36.84
CA ASP C 1229 5.96 -46.15 -37.29
C ASP C 1229 6.23 -47.65 -37.21
N ILE C 1230 5.52 -48.36 -36.33
CA ILE C 1230 5.63 -49.82 -36.27
C ILE C 1230 5.09 -50.45 -37.55
N ARG C 1231 4.03 -49.86 -38.10
CA ARG C 1231 3.40 -50.40 -39.30
C ARG C 1231 3.93 -49.76 -40.57
N LEU C 1232 5.12 -49.16 -40.51
CA LEU C 1232 5.75 -48.58 -41.69
C LEU C 1232 7.27 -48.62 -41.58
N SER D 30 46.46 19.85 -32.74
CA SER D 30 47.17 20.34 -31.56
C SER D 30 48.47 19.53 -31.30
N TRP D 31 48.46 18.52 -30.44
CA TRP D 31 49.59 17.63 -30.28
C TRP D 31 49.50 16.45 -31.25
N ILE D 32 48.38 16.34 -31.98
CA ILE D 32 48.15 15.26 -32.92
C ILE D 32 49.03 15.48 -34.16
N GLU D 33 49.55 16.69 -34.35
CA GLU D 33 50.42 17.06 -35.48
C GLU D 33 51.82 16.45 -35.41
N ARG D 34 52.07 15.50 -34.50
CA ARG D 34 53.24 14.62 -34.52
C ARG D 34 53.04 13.51 -35.54
N ALA D 35 53.83 12.44 -35.44
CA ALA D 35 54.03 11.46 -36.51
C ALA D 35 52.85 10.54 -36.80
N PHE D 36 51.89 11.04 -37.58
CA PHE D 36 50.82 10.26 -38.20
C PHE D 36 51.03 10.50 -39.69
N TYR D 37 51.88 9.69 -40.30
CA TYR D 37 52.35 9.99 -41.65
C TYR D 37 51.28 9.64 -42.67
N LYS D 38 50.73 10.66 -43.31
CA LYS D 38 49.69 10.51 -44.31
C LYS D 38 50.31 10.96 -45.63
N ARG D 39 50.65 10.01 -46.49
CA ARG D 39 51.14 10.37 -47.81
C ARG D 39 49.95 10.65 -48.72
N GLU D 40 49.90 11.88 -49.26
CA GLU D 40 48.69 12.45 -49.84
C GLU D 40 48.69 12.26 -51.35
N CYS D 41 47.60 11.67 -51.86
CA CYS D 41 47.56 11.11 -53.22
C CYS D 41 47.73 12.17 -54.32
N VAL D 42 48.74 11.94 -55.16
CA VAL D 42 49.04 12.76 -56.33
C VAL D 42 49.27 11.79 -57.48
N HIS D 43 48.56 11.99 -58.59
CA HIS D 43 48.83 11.19 -59.78
C HIS D 43 49.55 12.04 -60.84
N ILE D 44 50.03 11.37 -61.88
CA ILE D 44 50.83 12.00 -62.94
C ILE D 44 49.95 11.85 -64.19
N ILE D 45 48.63 11.97 -63.98
CA ILE D 45 47.53 11.66 -64.89
C ILE D 45 47.71 10.41 -65.77
N PRO D 46 47.78 9.19 -65.17
CA PRO D 46 47.55 7.98 -65.99
C PRO D 46 46.06 7.81 -66.23
N SER D 47 45.57 8.43 -67.31
CA SER D 47 44.13 8.61 -67.52
C SER D 47 43.39 7.29 -67.68
N THR D 48 43.88 6.42 -68.57
CA THR D 48 43.28 5.14 -68.95
C THR D 48 41.83 5.28 -69.39
N LYS D 49 40.89 5.03 -68.48
CA LYS D 49 39.46 5.09 -68.83
C LYS D 49 39.00 6.52 -69.08
N ASP D 50 39.32 7.44 -68.17
CA ASP D 50 38.87 8.82 -68.25
C ASP D 50 39.82 9.68 -67.44
N PRO D 51 39.93 10.98 -67.76
CA PRO D 51 40.68 11.89 -66.89
C PRO D 51 40.11 12.00 -65.48
N HIS D 52 38.79 11.90 -65.34
CA HIS D 52 38.20 11.80 -64.00
C HIS D 52 38.41 10.41 -63.41
N ARG D 53 38.27 9.38 -64.24
CA ARG D 53 38.41 7.99 -63.78
C ARG D 53 39.86 7.51 -63.98
N CYS D 54 40.77 8.26 -63.36
CA CYS D 54 42.19 7.98 -63.42
C CYS D 54 42.58 6.94 -62.36
N CYS D 55 43.88 6.65 -62.27
CA CYS D 55 44.34 5.63 -61.34
C CYS D 55 44.26 6.10 -59.89
N CYS D 56 44.30 7.40 -59.66
CA CYS D 56 44.15 7.94 -58.31
C CYS D 56 42.71 7.78 -57.82
N GLY D 57 41.74 7.96 -58.72
CA GLY D 57 40.34 7.91 -58.36
C GLY D 57 39.74 9.24 -57.96
N ARG D 58 40.53 10.30 -57.96
CA ARG D 58 40.07 11.63 -57.56
C ARG D 58 39.33 12.30 -58.73
N LEU D 59 39.12 13.61 -58.62
CA LEU D 59 38.39 14.35 -59.64
C LEU D 59 39.25 14.54 -60.91
N ILE D 60 38.70 15.32 -61.85
CA ILE D 60 39.37 15.57 -63.12
C ILE D 60 40.65 16.37 -62.89
N GLY D 61 40.51 17.61 -62.41
CA GLY D 61 41.67 18.31 -61.91
C GLY D 61 41.73 18.28 -60.40
N GLN D 62 42.48 17.33 -59.85
CA GLN D 62 42.67 17.23 -58.39
C GLN D 62 43.98 16.47 -58.15
N HIS D 63 45.04 17.22 -57.89
CA HIS D 63 46.34 16.64 -57.54
C HIS D 63 46.65 17.06 -56.10
N VAL D 64 46.14 16.27 -55.17
CA VAL D 64 46.25 16.59 -53.74
C VAL D 64 47.65 16.31 -53.21
N LYS D 96 50.75 6.43 -58.66
CA LYS D 96 50.29 7.53 -57.82
C LYS D 96 51.45 8.02 -56.96
N HIS D 97 52.30 8.86 -57.57
CA HIS D 97 53.50 9.37 -56.93
C HIS D 97 53.16 10.36 -55.83
N THR D 98 53.27 9.92 -54.59
CA THR D 98 52.77 10.60 -53.40
C THR D 98 53.90 11.03 -52.46
N GLN D 99 53.75 12.24 -51.91
CA GLN D 99 54.83 12.79 -51.08
C GLN D 99 54.64 12.66 -49.57
N LEU D 100 53.70 13.43 -49.00
CA LEU D 100 53.63 13.69 -47.55
C LEU D 100 52.46 14.64 -47.29
N SER D 101 52.00 14.67 -46.03
CA SER D 101 51.12 15.71 -45.48
C SER D 101 51.15 15.65 -43.96
N PRO D 102 51.01 16.80 -43.27
CA PRO D 102 50.91 16.79 -41.79
C PRO D 102 49.48 16.57 -41.30
N THR D 103 48.98 15.35 -41.54
CA THR D 103 47.69 14.70 -41.19
C THR D 103 46.47 15.54 -41.60
N ASP D 104 46.64 16.55 -42.47
CA ASP D 104 45.61 17.37 -43.11
C ASP D 104 44.55 17.96 -42.17
N ALA D 105 43.31 17.44 -42.26
CA ALA D 105 42.17 18.00 -41.56
C ALA D 105 41.30 16.87 -41.05
N PHE D 106 40.86 17.00 -39.80
CA PHE D 106 40.47 15.88 -38.95
C PHE D 106 39.74 16.48 -37.74
N GLY D 107 39.33 15.64 -36.78
CA GLY D 107 38.63 16.22 -35.64
C GLY D 107 37.64 15.32 -34.93
N THR D 108 36.39 15.75 -34.86
CA THR D 108 35.37 14.99 -34.14
C THR D 108 34.04 15.15 -34.88
N ILE D 109 33.55 14.05 -35.48
CA ILE D 109 32.19 13.97 -36.00
C ILE D 109 31.24 14.13 -34.82
N GLU D 110 30.33 15.11 -34.91
CA GLU D 110 29.53 15.44 -33.75
C GLU D 110 28.07 15.00 -33.85
N PHE D 111 27.60 14.65 -35.06
CA PHE D 111 26.24 14.16 -35.33
C PHE D 111 25.15 15.13 -34.89
N GLN D 112 25.10 16.28 -35.58
CA GLN D 112 23.90 17.10 -35.50
C GLN D 112 22.72 16.42 -36.18
N GLY D 113 22.98 15.56 -37.17
CA GLY D 113 22.01 14.59 -37.64
C GLY D 113 22.21 13.30 -36.87
N GLY D 114 21.11 12.70 -36.44
CA GLY D 114 21.18 11.49 -35.64
C GLY D 114 20.92 11.76 -34.18
N GLY D 115 20.28 10.80 -33.49
CA GLY D 115 19.90 11.02 -32.12
C GLY D 115 21.03 10.84 -31.12
N HIS D 116 22.15 10.27 -31.56
CA HIS D 116 23.26 10.02 -30.63
C HIS D 116 23.96 11.32 -30.24
N SER D 117 24.33 12.13 -31.24
CA SER D 117 25.02 13.44 -31.10
C SER D 117 26.24 13.36 -30.20
N ASN D 118 27.02 12.28 -30.36
CA ASN D 118 28.13 12.00 -29.47
C ASN D 118 29.42 12.64 -29.98
N LYS D 119 30.54 12.34 -29.32
CA LYS D 119 31.86 12.82 -29.69
C LYS D 119 32.56 11.71 -30.45
N ALA D 120 32.38 11.70 -31.76
CA ALA D 120 32.91 10.64 -32.63
C ALA D 120 34.25 11.10 -33.19
N MET D 121 35.33 10.89 -32.43
CA MET D 121 36.60 11.53 -32.78
C MET D 121 37.25 10.81 -33.95
N TYR D 122 37.39 11.53 -35.06
CA TYR D 122 37.84 11.02 -36.34
C TYR D 122 39.17 11.66 -36.74
N VAL D 123 39.95 10.94 -37.54
CA VAL D 123 41.27 11.39 -37.95
C VAL D 123 41.47 11.04 -39.42
N ARG D 124 42.21 11.90 -40.14
CA ARG D 124 42.52 11.70 -41.56
C ARG D 124 43.98 11.31 -41.67
N VAL D 125 44.25 10.00 -41.77
CA VAL D 125 45.60 9.46 -41.82
C VAL D 125 45.71 8.52 -43.01
N SER D 126 46.90 7.93 -43.17
CA SER D 126 47.15 6.84 -44.10
C SER D 126 47.65 5.64 -43.29
N PHE D 127 47.90 4.52 -43.97
CA PHE D 127 48.34 3.31 -43.28
C PHE D 127 49.84 3.28 -43.02
N ASP D 128 50.57 4.35 -43.34
CA ASP D 128 51.95 4.49 -42.90
C ASP D 128 52.07 5.16 -41.55
N THR D 129 50.95 5.46 -40.90
CA THR D 129 50.94 6.08 -39.57
C THR D 129 51.57 5.16 -38.54
N LYS D 130 52.45 5.73 -37.72
CA LYS D 130 53.13 4.97 -36.66
C LYS D 130 52.11 4.51 -35.62
N PRO D 131 52.10 3.22 -35.25
CA PRO D 131 51.08 2.72 -34.32
C PRO D 131 51.18 3.28 -32.91
N ASP D 132 52.40 3.63 -32.48
CA ASP D 132 52.60 4.21 -31.15
C ASP D 132 51.91 5.56 -31.02
N LEU D 133 51.99 6.36 -32.09
CA LEU D 133 51.33 7.70 -32.07
C LEU D 133 49.81 7.49 -31.97
N LEU D 134 49.27 6.54 -32.75
CA LEU D 134 47.82 6.25 -32.71
C LEU D 134 47.45 5.77 -31.30
N LEU D 135 48.34 5.00 -30.66
CA LEU D 135 48.08 4.52 -29.28
C LEU D 135 47.97 5.72 -28.33
N HIS D 136 49.00 6.57 -28.29
CA HIS D 136 48.97 7.75 -27.43
C HIS D 136 47.86 8.74 -27.82
N LEU D 137 47.35 8.67 -29.05
CA LEU D 137 46.08 9.32 -29.36
C LEU D 137 44.95 8.72 -28.55
N MET D 138 44.79 7.38 -28.63
CA MET D 138 43.71 6.68 -27.93
C MET D 138 43.79 6.77 -26.42
N THR D 139 44.96 7.08 -25.85
CA THR D 139 45.07 7.31 -24.42
C THR D 139 45.18 8.77 -24.02
N LYS D 140 45.46 9.69 -24.94
CA LYS D 140 45.74 11.07 -24.58
C LYS D 140 44.75 12.07 -25.16
N GLU D 141 44.54 12.07 -26.47
CA GLU D 141 43.74 13.09 -27.13
C GLU D 141 42.31 12.61 -27.34
N TRP D 142 42.16 11.43 -27.96
CA TRP D 142 40.93 10.64 -27.86
C TRP D 142 40.53 10.42 -26.42
N GLN D 143 41.53 10.18 -25.54
CA GLN D 143 41.46 10.38 -24.09
C GLN D 143 40.49 9.40 -23.42
N LEU D 144 40.70 8.11 -23.67
CA LEU D 144 40.10 7.05 -22.89
C LEU D 144 41.20 6.22 -22.25
N GLU D 145 40.79 5.12 -21.62
CA GLU D 145 41.75 4.19 -21.02
C GLU D 145 42.35 3.30 -22.11
N LEU D 146 43.01 2.23 -21.66
CA LEU D 146 43.62 1.30 -22.59
C LEU D 146 42.54 0.50 -23.32
N PRO D 147 42.85 -0.04 -24.50
CA PRO D 147 41.96 -1.05 -25.10
C PRO D 147 42.05 -2.36 -24.34
N LYS D 148 41.26 -2.47 -23.28
CA LYS D 148 41.40 -3.52 -22.29
C LYS D 148 40.96 -4.87 -22.83
N LEU D 149 39.98 -4.90 -23.73
CA LEU D 149 39.79 -6.00 -24.67
C LEU D 149 39.62 -5.35 -26.04
N LEU D 150 40.11 -6.02 -27.08
CA LEU D 150 39.97 -5.49 -28.43
C LEU D 150 39.16 -6.49 -29.24
N ILE D 151 38.18 -5.97 -30.00
CA ILE D 151 37.25 -6.78 -30.77
C ILE D 151 37.44 -6.39 -32.23
N SER D 152 37.64 -7.37 -33.10
CA SER D 152 37.86 -7.10 -34.52
C SER D 152 36.71 -7.67 -35.34
N VAL D 153 35.69 -6.85 -35.60
CA VAL D 153 34.52 -7.27 -36.35
C VAL D 153 34.89 -7.36 -37.83
N HIS D 154 34.62 -8.52 -38.43
CA HIS D 154 34.97 -8.84 -39.81
C HIS D 154 33.77 -9.50 -40.48
N GLY D 155 33.31 -8.91 -41.57
CA GLY D 155 32.20 -9.48 -42.32
C GLY D 155 32.19 -9.03 -43.76
N GLY D 156 30.99 -9.00 -44.33
CA GLY D 156 30.82 -8.69 -45.73
C GLY D 156 30.57 -7.21 -45.93
N LEU D 157 31.26 -6.63 -46.92
CA LEU D 157 31.02 -5.20 -47.24
C LEU D 157 29.65 -5.11 -47.93
N GLN D 158 29.26 -6.16 -48.68
CA GLN D 158 27.95 -6.16 -49.30
C GLN D 158 26.86 -6.20 -48.24
N ASN D 159 25.77 -5.48 -48.50
CA ASN D 159 24.66 -5.33 -47.55
C ASN D 159 23.78 -6.57 -47.65
N PHE D 160 23.93 -7.46 -46.67
CA PHE D 160 23.19 -8.71 -46.62
C PHE D 160 21.90 -8.55 -45.81
N GLU D 161 21.25 -9.68 -45.54
CA GLU D 161 20.18 -9.80 -44.57
C GLU D 161 20.48 -10.99 -43.67
N LEU D 162 19.93 -10.96 -42.46
CA LEU D 162 20.27 -11.94 -41.44
C LEU D 162 19.02 -12.68 -40.96
N GLN D 163 19.24 -13.88 -40.44
CA GLN D 163 18.16 -14.66 -39.86
C GLN D 163 17.67 -14.00 -38.56
N PRO D 164 16.36 -14.15 -38.23
CA PRO D 164 15.80 -13.42 -37.08
C PRO D 164 16.36 -13.80 -35.72
N LYS D 165 16.32 -15.09 -35.37
CA LYS D 165 16.86 -15.54 -34.08
C LYS D 165 18.37 -15.39 -34.03
N LEU D 166 19.04 -15.54 -35.18
CA LEU D 166 20.46 -15.25 -35.33
C LEU D 166 20.79 -13.82 -34.87
N LYS D 167 20.06 -12.84 -35.40
CA LYS D 167 20.30 -11.45 -35.01
C LYS D 167 19.92 -11.20 -33.57
N GLN D 168 18.76 -11.71 -33.14
CA GLN D 168 18.22 -11.41 -31.82
C GLN D 168 19.05 -12.04 -30.71
N VAL D 169 19.83 -13.06 -31.02
CA VAL D 169 20.75 -13.63 -30.03
C VAL D 169 22.18 -13.10 -30.23
N PHE D 170 22.61 -12.91 -31.48
CA PHE D 170 23.98 -12.51 -31.79
C PHE D 170 24.27 -11.08 -31.35
N GLY D 171 23.36 -10.15 -31.64
CA GLY D 171 23.55 -8.77 -31.24
C GLY D 171 23.60 -8.62 -29.74
N LYS D 172 22.70 -9.33 -29.04
CA LYS D 172 22.67 -9.29 -27.58
C LYS D 172 23.96 -9.86 -26.97
N GLY D 173 24.46 -10.97 -27.54
CA GLY D 173 25.71 -11.53 -27.04
C GLY D 173 26.90 -10.61 -27.24
N LEU D 174 26.98 -9.99 -28.43
CA LEU D 174 28.08 -9.08 -28.72
C LEU D 174 28.05 -7.84 -27.84
N ILE D 175 26.87 -7.23 -27.66
CA ILE D 175 26.79 -6.03 -26.84
C ILE D 175 27.02 -6.36 -25.37
N LYS D 176 26.61 -7.56 -24.93
CA LYS D 176 26.79 -7.91 -23.53
C LYS D 176 28.25 -8.20 -23.21
N ALA D 177 28.97 -8.82 -24.18
CA ALA D 177 30.42 -8.95 -24.05
C ALA D 177 31.09 -7.59 -23.96
N ALA D 178 30.83 -6.72 -24.94
CA ALA D 178 31.52 -5.44 -25.04
C ALA D 178 31.14 -4.49 -23.90
N MET D 179 30.03 -4.75 -23.21
CA MET D 179 29.73 -3.97 -22.02
C MET D 179 30.38 -4.57 -20.78
N THR D 180 30.34 -5.89 -20.59
CA THR D 180 30.81 -6.44 -19.33
C THR D 180 32.32 -6.45 -19.18
N THR D 181 33.08 -6.60 -20.28
CA THR D 181 34.53 -6.54 -20.11
C THR D 181 35.06 -5.14 -20.37
N GLY D 182 34.21 -4.22 -20.82
CA GLY D 182 34.68 -2.90 -21.21
C GLY D 182 35.54 -2.93 -22.45
N ALA D 183 35.13 -3.68 -23.46
CA ALA D 183 35.94 -3.86 -24.65
C ALA D 183 35.87 -2.64 -25.57
N TRP D 184 36.68 -2.68 -26.61
CA TRP D 184 36.73 -1.68 -27.65
C TRP D 184 36.37 -2.38 -28.96
N ILE D 185 35.70 -1.66 -29.85
CA ILE D 185 35.24 -2.24 -31.11
C ILE D 185 36.04 -1.62 -32.23
N PHE D 186 36.61 -2.45 -33.10
CA PHE D 186 37.03 -2.03 -34.43
C PHE D 186 36.09 -2.69 -35.43
N THR D 187 35.42 -1.88 -36.23
CA THR D 187 34.72 -2.35 -37.42
C THR D 187 34.89 -1.27 -38.49
N GLY D 188 34.23 -1.46 -39.64
CA GLY D 188 34.41 -0.53 -40.74
C GLY D 188 33.90 0.87 -40.46
N GLY D 189 32.66 0.98 -40.02
CA GLY D 189 32.06 2.26 -39.69
C GLY D 189 31.11 2.78 -40.75
N VAL D 190 31.30 2.40 -42.01
CA VAL D 190 30.35 2.78 -43.05
C VAL D 190 29.08 1.95 -42.89
N ASN D 191 27.92 2.58 -43.11
CA ASN D 191 26.64 1.93 -42.84
C ASN D 191 26.29 1.04 -44.03
N THR D 192 26.79 -0.20 -43.98
CA THR D 192 26.44 -1.26 -44.91
C THR D 192 26.80 -2.59 -44.28
N GLY D 193 25.95 -3.59 -44.54
CA GLY D 193 26.21 -4.98 -44.19
C GLY D 193 26.44 -5.30 -42.72
N VAL D 194 27.61 -5.89 -42.46
CA VAL D 194 27.99 -6.31 -41.11
C VAL D 194 28.06 -5.12 -40.16
N ILE D 195 28.49 -3.96 -40.66
CA ILE D 195 28.64 -2.80 -39.83
C ILE D 195 27.28 -2.22 -39.48
N ARG D 196 26.35 -2.22 -40.44
CA ARG D 196 24.99 -1.76 -40.17
C ARG D 196 24.28 -2.68 -39.18
N HIS D 197 24.49 -4.00 -39.29
CA HIS D 197 23.88 -4.94 -38.35
C HIS D 197 24.44 -4.76 -36.93
N VAL D 198 25.77 -4.64 -36.79
CA VAL D 198 26.30 -4.43 -35.45
C VAL D 198 26.05 -3.01 -34.94
N GLY D 199 25.83 -2.04 -35.83
CA GLY D 199 25.42 -0.72 -35.40
C GLY D 199 24.01 -0.72 -34.86
N ASP D 200 23.10 -1.47 -35.50
CA ASP D 200 21.76 -1.64 -34.96
C ASP D 200 21.79 -2.37 -33.63
N ALA D 201 22.67 -3.37 -33.50
CA ALA D 201 22.83 -4.09 -32.23
C ALA D 201 23.35 -3.16 -31.13
N LEU D 202 24.32 -2.32 -31.45
CA LEU D 202 24.90 -1.44 -30.43
C LEU D 202 23.97 -0.28 -30.12
N LYS D 203 23.13 0.15 -31.07
CA LYS D 203 22.07 1.10 -30.74
C LYS D 203 21.01 0.47 -29.84
N ASP D 204 20.72 -0.81 -30.06
CA ASP D 204 19.86 -1.55 -29.14
C ASP D 204 20.49 -1.65 -27.75
N HIS D 205 21.82 -1.74 -27.69
CA HIS D 205 22.50 -1.61 -26.40
C HIS D 205 22.37 -0.21 -25.82
N ALA D 206 22.42 0.80 -26.69
CA ALA D 206 22.36 2.19 -26.23
C ALA D 206 20.92 2.61 -25.94
N SER D 207 19.97 1.70 -26.05
CA SER D 207 18.64 1.91 -25.50
C SER D 207 18.41 1.10 -24.21
N LYS D 208 19.39 0.31 -23.76
CA LYS D 208 19.21 -0.52 -22.57
C LYS D 208 20.08 -0.16 -21.39
N SER D 209 21.41 -0.16 -21.53
CA SER D 209 22.29 -0.27 -20.37
C SER D 209 23.31 0.86 -20.34
N LYS D 212 27.79 4.22 -22.76
CA LYS D 212 27.96 3.74 -24.12
C LYS D 212 29.13 2.78 -24.15
N ILE D 213 29.39 2.22 -25.32
CA ILE D 213 30.47 1.27 -25.55
C ILE D 213 31.43 1.90 -26.55
N CYS D 214 32.72 1.87 -26.23
CA CYS D 214 33.73 2.42 -27.12
C CYS D 214 33.81 1.61 -28.41
N THR D 215 33.87 2.33 -29.53
CA THR D 215 33.73 1.76 -30.86
C THR D 215 34.30 2.71 -31.89
N ILE D 216 35.05 2.16 -32.84
CA ILE D 216 35.96 2.90 -33.73
C ILE D 216 35.80 2.36 -35.15
N GLY D 217 35.69 3.25 -36.14
CA GLY D 217 35.69 2.85 -37.54
C GLY D 217 37.10 2.66 -38.09
N ILE D 218 37.19 2.06 -39.28
CA ILE D 218 38.44 1.94 -40.02
C ILE D 218 38.25 2.33 -41.49
N ALA D 219 37.07 2.87 -41.83
CA ALA D 219 36.69 3.05 -43.23
C ALA D 219 37.59 4.11 -43.89
N PRO D 220 37.80 4.02 -45.21
CA PRO D 220 38.66 5.00 -45.87
C PRO D 220 38.04 6.39 -45.92
N TRP D 221 38.92 7.40 -45.96
CA TRP D 221 38.49 8.77 -46.23
C TRP D 221 37.93 8.93 -47.63
N GLY D 222 38.28 8.03 -48.55
CA GLY D 222 37.68 8.05 -49.88
C GLY D 222 36.20 7.70 -49.87
N ILE D 223 35.80 6.76 -49.02
CA ILE D 223 34.44 6.19 -49.07
C ILE D 223 33.51 7.03 -48.19
N VAL D 224 33.97 8.18 -47.73
CA VAL D 224 33.14 9.14 -47.03
C VAL D 224 32.97 10.36 -47.94
N GLU D 225 31.74 10.85 -48.04
CA GLU D 225 31.40 11.99 -48.89
C GLU D 225 31.22 13.18 -47.94
N ASN D 226 30.82 14.34 -48.48
CA ASN D 226 30.72 15.57 -47.65
C ASN D 226 32.08 15.88 -47.02
N GLN D 227 33.15 15.84 -47.82
CA GLN D 227 34.52 16.05 -47.29
C GLN D 227 34.73 17.53 -46.90
N GLU D 228 34.29 18.46 -47.74
CA GLU D 228 34.42 19.91 -47.41
C GLU D 228 33.94 20.13 -45.97
N ASP D 229 32.78 19.58 -45.61
CA ASP D 229 32.21 19.76 -44.24
C ASP D 229 33.26 19.39 -43.20
N LEU D 230 34.31 18.71 -43.64
CA LEU D 230 35.29 18.20 -42.69
C LEU D 230 36.72 18.68 -42.97
N ILE D 231 36.91 19.71 -43.80
CA ILE D 231 38.24 20.30 -43.98
C ILE D 231 38.37 21.41 -42.93
N GLY D 232 38.78 21.00 -41.74
CA GLY D 232 39.23 21.89 -40.69
C GLY D 232 39.87 21.03 -39.62
N ARG D 233 41.06 21.39 -39.15
CA ARG D 233 41.84 20.48 -38.31
C ARG D 233 41.35 20.48 -36.87
N ASP D 234 41.44 19.30 -36.23
CA ASP D 234 41.16 18.91 -34.85
C ASP D 234 39.95 19.59 -34.20
N VAL D 235 38.88 19.81 -34.96
CA VAL D 235 37.73 20.56 -34.46
C VAL D 235 36.44 19.80 -34.76
N VAL D 236 35.32 20.41 -34.37
CA VAL D 236 34.08 19.65 -34.16
C VAL D 236 33.26 19.52 -35.46
N ARG D 237 33.55 20.33 -36.51
CA ARG D 237 33.27 20.05 -37.93
C ARG D 237 31.90 19.49 -38.30
N PRO D 238 30.83 20.34 -38.34
CA PRO D 238 29.44 19.88 -38.52
C PRO D 238 29.16 18.91 -39.67
N TYR D 239 28.46 17.82 -39.34
CA TYR D 239 28.14 16.74 -40.26
C TYR D 239 26.79 16.17 -39.87
N GLN D 240 25.84 16.20 -40.80
CA GLN D 240 24.54 15.58 -40.59
C GLN D 240 24.47 14.27 -41.35
N THR D 241 23.57 13.38 -40.91
CA THR D 241 23.44 12.06 -41.54
C THR D 241 22.80 12.14 -42.93
N MET D 242 22.17 13.26 -43.26
CA MET D 242 21.67 13.44 -44.62
C MET D 242 22.83 13.64 -45.58
N SER D 243 23.02 12.68 -46.48
CA SER D 243 24.20 12.62 -47.35
C SER D 243 23.74 11.97 -48.64
N ASN D 244 24.69 11.64 -49.53
CA ASN D 244 24.41 11.02 -50.83
C ASN D 244 23.83 9.63 -50.63
N PRO D 245 22.52 9.46 -50.84
CA PRO D 245 21.88 8.17 -50.56
C PRO D 245 22.16 7.03 -51.53
N MET D 246 21.98 7.25 -52.84
CA MET D 246 21.94 6.17 -53.81
C MET D 246 23.30 5.80 -54.37
N SER D 247 24.21 6.76 -54.52
CA SER D 247 25.51 6.47 -55.11
C SER D 247 26.43 5.79 -54.09
N LYS D 248 27.64 5.46 -54.55
CA LYS D 248 28.67 4.89 -53.69
C LYS D 248 29.31 6.00 -52.86
N LEU D 249 30.42 5.66 -52.18
CA LEU D 249 31.17 6.57 -51.29
C LEU D 249 30.24 7.08 -50.18
N THR D 250 29.76 6.13 -49.38
CA THR D 250 28.50 6.23 -48.65
C THR D 250 28.75 6.67 -47.20
N VAL D 251 27.76 7.38 -46.65
CA VAL D 251 27.74 7.92 -45.29
C VAL D 251 27.90 6.80 -44.26
N LEU D 252 28.42 7.15 -43.07
CA LEU D 252 28.78 6.20 -42.03
C LEU D 252 27.55 5.84 -41.19
N ASN D 253 27.80 5.18 -40.06
CA ASN D 253 26.78 4.67 -39.16
C ASN D 253 26.69 5.60 -37.95
N SER D 254 25.47 5.83 -37.47
CA SER D 254 25.27 6.73 -36.33
C SER D 254 25.81 6.15 -35.03
N MET D 255 25.83 4.82 -34.91
CA MET D 255 26.23 4.17 -33.65
C MET D 255 27.73 3.90 -33.63
N HIS D 256 28.52 4.97 -33.69
CA HIS D 256 29.94 4.87 -33.42
C HIS D 256 30.43 6.07 -32.65
N SER D 257 31.50 5.88 -31.89
CA SER D 257 32.10 6.93 -31.08
C SER D 257 33.48 7.34 -31.58
N HIS D 258 34.01 6.71 -32.63
CA HIS D 258 35.20 7.15 -33.36
C HIS D 258 35.09 6.67 -34.80
N PHE D 259 35.95 7.24 -35.66
CA PHE D 259 36.02 6.87 -37.08
C PHE D 259 37.45 7.11 -37.57
N ILE D 260 38.27 6.05 -37.62
CA ILE D 260 39.57 6.20 -38.27
C ILE D 260 39.35 6.23 -39.77
N LEU D 261 39.67 7.36 -40.39
CA LEU D 261 39.41 7.59 -41.80
C LEU D 261 40.73 7.65 -42.55
N ALA D 262 40.85 6.81 -43.58
CA ALA D 262 42.14 6.45 -44.16
C ALA D 262 42.16 6.79 -45.65
N ASP D 263 42.63 7.99 -45.97
CA ASP D 263 43.03 8.33 -47.33
C ASP D 263 44.46 7.80 -47.50
N ASN D 264 44.54 6.56 -47.97
CA ASN D 264 45.77 5.77 -47.99
C ASN D 264 46.58 6.00 -49.25
N GLY D 265 46.39 7.15 -49.90
CA GLY D 265 46.70 7.27 -51.30
C GLY D 265 45.64 6.67 -52.20
N THR D 266 44.49 6.29 -51.64
CA THR D 266 43.46 5.54 -52.34
C THR D 266 42.17 6.35 -52.27
N THR D 267 41.62 6.71 -53.43
CA THR D 267 40.32 7.35 -53.51
C THR D 267 39.34 6.36 -54.15
N GLY D 268 38.29 6.00 -53.41
CA GLY D 268 37.36 4.99 -53.88
C GLY D 268 37.94 3.59 -53.91
N LYS D 269 38.68 3.23 -52.86
CA LYS D 269 39.28 1.90 -52.74
C LYS D 269 39.16 1.41 -51.30
N TYR D 270 39.57 0.17 -51.08
CA TYR D 270 39.52 -0.45 -49.76
C TYR D 270 40.82 -1.23 -49.56
N GLY D 271 40.98 -1.78 -48.35
CA GLY D 271 41.95 -2.84 -48.09
C GLY D 271 43.30 -2.42 -47.53
N ALA D 272 43.65 -1.13 -47.53
CA ALA D 272 44.90 -0.73 -46.91
C ALA D 272 44.73 -0.48 -45.41
N GLU D 273 43.50 -0.21 -44.97
CA GLU D 273 43.19 -0.19 -43.55
C GLU D 273 43.32 -1.58 -42.92
N VAL D 274 43.32 -2.64 -43.72
CA VAL D 274 43.61 -3.97 -43.20
C VAL D 274 45.05 -4.06 -42.70
N LYS D 275 46.01 -3.59 -43.51
CA LYS D 275 47.42 -3.58 -43.07
C LYS D 275 47.66 -2.58 -41.96
N LEU D 276 46.96 -1.44 -42.01
CA LEU D 276 46.95 -0.51 -40.88
C LEU D 276 46.45 -1.20 -39.62
N ARG D 277 45.42 -2.04 -39.76
CA ARG D 277 44.89 -2.75 -38.61
C ARG D 277 45.85 -3.82 -38.15
N ARG D 278 46.63 -4.41 -39.06
CA ARG D 278 47.63 -5.39 -38.65
C ARG D 278 48.66 -4.76 -37.76
N GLN D 279 49.14 -3.56 -38.13
CA GLN D 279 50.12 -2.95 -37.24
C GLN D 279 49.49 -2.41 -35.94
N LEU D 280 48.22 -1.97 -35.97
CA LEU D 280 47.53 -1.66 -34.70
C LEU D 280 47.32 -2.90 -33.82
N GLU D 281 46.87 -4.02 -34.38
CA GLU D 281 46.60 -5.18 -33.53
C GLU D 281 47.87 -5.92 -33.13
N LYS D 282 48.97 -5.71 -33.84
CA LYS D 282 50.25 -6.19 -33.31
C LYS D 282 50.89 -5.16 -32.41
N HIS D 283 50.37 -3.93 -32.38
CA HIS D 283 50.86 -2.92 -31.45
C HIS D 283 50.12 -2.96 -30.11
N ILE D 284 48.85 -3.36 -30.12
CA ILE D 284 48.15 -3.70 -28.87
C ILE D 284 48.85 -4.87 -28.20
N SER D 285 49.34 -5.82 -28.99
CA SER D 285 50.14 -6.92 -28.46
C SER D 285 51.56 -6.51 -28.07
N LEU D 286 51.96 -5.26 -28.33
CA LEU D 286 53.18 -4.73 -27.72
C LEU D 286 52.90 -4.01 -26.40
N GLN D 287 52.07 -4.63 -25.56
CA GLN D 287 51.98 -4.35 -24.13
C GLN D 287 51.71 -5.67 -23.43
N LYS D 288 51.34 -5.57 -22.16
CA LYS D 288 50.82 -6.71 -21.41
C LYS D 288 49.54 -6.23 -20.73
N ILE D 289 48.96 -7.08 -19.89
CA ILE D 289 47.75 -6.71 -19.17
C ILE D 289 47.78 -7.37 -17.79
N VAL D 297 48.13 -10.23 -22.98
CA VAL D 297 47.45 -9.08 -23.58
C VAL D 297 46.44 -9.58 -24.64
N PRO D 298 45.18 -9.15 -24.49
CA PRO D 298 44.10 -9.77 -25.28
C PRO D 298 43.70 -9.07 -26.58
N VAL D 299 43.59 -9.86 -27.65
CA VAL D 299 43.13 -9.45 -28.99
C VAL D 299 42.33 -10.63 -29.56
N VAL D 300 41.20 -10.34 -30.21
CA VAL D 300 40.39 -11.39 -30.85
C VAL D 300 39.79 -10.81 -32.14
N ALA D 301 39.35 -11.70 -33.03
CA ALA D 301 38.63 -11.34 -34.24
C ALA D 301 37.29 -12.07 -34.27
N LEU D 302 36.21 -11.31 -34.42
CA LEU D 302 34.86 -11.81 -34.66
C LEU D 302 34.66 -11.98 -36.15
N ILE D 303 34.28 -13.19 -36.57
CA ILE D 303 33.97 -13.48 -37.97
C ILE D 303 32.48 -13.73 -38.10
N VAL D 304 31.80 -12.87 -38.86
CA VAL D 304 30.40 -13.09 -39.20
C VAL D 304 30.13 -12.77 -40.68
N GLU D 305 30.01 -13.84 -41.47
CA GLU D 305 29.74 -13.86 -42.91
C GLU D 305 30.78 -13.16 -43.78
N GLY D 306 30.39 -12.88 -45.02
CA GLY D 306 31.28 -12.38 -46.06
C GLY D 306 31.33 -13.33 -47.25
N GLY D 307 32.35 -13.11 -48.09
CA GLY D 307 32.53 -13.91 -49.27
C GLY D 307 33.82 -14.71 -49.25
N PRO D 308 34.57 -14.71 -50.36
CA PRO D 308 35.93 -15.25 -50.32
C PRO D 308 36.93 -14.30 -49.71
N ASN D 309 36.60 -13.00 -49.66
CA ASN D 309 37.51 -12.02 -49.08
C ASN D 309 37.65 -12.21 -47.57
N VAL D 310 36.58 -12.64 -46.89
CA VAL D 310 36.73 -12.96 -45.48
C VAL D 310 37.53 -14.23 -45.27
N ILE D 311 37.54 -15.15 -46.25
CA ILE D 311 38.43 -16.31 -46.16
C ILE D 311 39.88 -15.89 -46.33
N SER D 312 40.16 -15.01 -47.29
CA SER D 312 41.53 -14.57 -47.49
C SER D 312 42.04 -13.76 -46.31
N ILE D 313 41.17 -12.98 -45.65
CA ILE D 313 41.69 -12.28 -44.48
C ILE D 313 41.69 -13.16 -43.22
N VAL D 314 40.88 -14.21 -43.13
CA VAL D 314 41.01 -15.03 -41.93
C VAL D 314 42.27 -15.90 -42.05
N LEU D 315 42.68 -16.23 -43.27
CA LEU D 315 44.04 -16.75 -43.44
C LEU D 315 45.11 -15.70 -43.15
N GLU D 316 44.86 -14.44 -43.53
CA GLU D 316 45.83 -13.38 -43.23
C GLU D 316 45.91 -13.02 -41.75
N TYR D 317 44.88 -13.33 -40.98
CA TYR D 317 44.79 -13.02 -39.56
C TYR D 317 45.16 -14.21 -38.69
N LEU D 318 44.90 -15.41 -39.19
CA LEU D 318 45.14 -16.62 -38.34
C LEU D 318 46.59 -17.07 -38.46
N ARG D 319 47.00 -17.47 -39.66
CA ARG D 319 48.33 -18.03 -39.82
C ARG D 319 49.43 -17.04 -39.41
N ASP D 320 49.14 -15.75 -39.34
CA ASP D 320 50.13 -14.78 -38.91
C ASP D 320 50.29 -14.90 -37.39
N THR D 321 51.53 -15.09 -36.96
CA THR D 321 51.97 -15.29 -35.59
C THR D 321 52.16 -13.94 -34.89
N PRO D 322 51.70 -13.76 -33.62
CA PRO D 322 50.96 -14.69 -32.75
C PRO D 322 49.51 -14.95 -33.21
N PRO D 323 48.97 -16.17 -32.85
CA PRO D 323 47.75 -16.73 -33.47
C PRO D 323 46.57 -15.84 -33.87
N VAL D 324 46.14 -14.92 -33.00
CA VAL D 324 44.99 -14.03 -33.15
C VAL D 324 43.73 -14.91 -33.28
N PRO D 325 43.14 -15.28 -32.14
CA PRO D 325 42.01 -16.22 -32.12
C PRO D 325 40.80 -15.78 -32.93
N VAL D 326 40.08 -16.76 -33.46
CA VAL D 326 38.99 -16.57 -34.40
C VAL D 326 37.74 -17.26 -33.86
N VAL D 327 36.63 -16.53 -33.88
CA VAL D 327 35.33 -17.05 -33.47
C VAL D 327 34.38 -16.99 -34.67
N VAL D 328 33.59 -18.05 -34.84
CA VAL D 328 32.74 -18.19 -36.01
C VAL D 328 31.28 -18.30 -35.57
N CYS D 329 30.38 -18.39 -36.54
CA CYS D 329 28.94 -18.44 -36.30
C CYS D 329 28.28 -19.35 -37.34
N ASP D 330 27.07 -19.81 -37.02
CA ASP D 330 26.27 -20.61 -37.92
C ASP D 330 24.98 -19.88 -38.31
N GLY D 331 24.19 -20.54 -39.16
CA GLY D 331 22.81 -20.16 -39.46
C GLY D 331 22.61 -18.79 -40.05
N SER D 332 23.61 -18.25 -40.75
CA SER D 332 23.59 -16.85 -41.16
C SER D 332 23.51 -16.65 -42.67
N GLY D 333 24.47 -17.16 -43.43
CA GLY D 333 24.50 -16.93 -44.86
C GLY D 333 25.90 -16.86 -45.43
N ARG D 334 26.02 -17.14 -46.73
CA ARG D 334 27.21 -16.97 -47.57
C ARG D 334 28.35 -17.82 -47.01
N ALA D 335 29.51 -17.22 -46.71
CA ALA D 335 30.71 -17.99 -46.37
C ALA D 335 30.58 -18.70 -45.02
N SER D 336 30.11 -17.98 -43.99
CA SER D 336 30.29 -18.45 -42.63
C SER D 336 29.40 -19.62 -42.26
N ASP D 337 28.43 -19.98 -43.11
CA ASP D 337 27.84 -21.30 -42.96
C ASP D 337 28.75 -22.38 -43.52
N ILE D 338 29.12 -22.27 -44.80
CA ILE D 338 29.71 -23.40 -45.51
C ILE D 338 31.12 -23.70 -45.01
N LEU D 339 31.88 -22.65 -44.68
CA LEU D 339 33.16 -22.81 -44.00
C LEU D 339 33.00 -23.54 -42.69
N ALA D 340 31.96 -23.17 -41.92
CA ALA D 340 31.64 -23.89 -40.68
C ALA D 340 31.27 -25.34 -40.96
N PHE D 341 30.71 -25.61 -42.14
CA PHE D 341 30.45 -26.98 -42.56
C PHE D 341 31.74 -27.76 -42.70
N GLY D 342 32.78 -27.12 -43.25
CA GLY D 342 34.10 -27.73 -43.27
C GLY D 342 34.63 -27.96 -41.86
N HIS D 343 34.27 -27.07 -40.94
CA HIS D 343 34.66 -27.19 -39.55
C HIS D 343 33.87 -28.30 -38.85
N LYS D 344 32.74 -28.73 -39.42
CA LYS D 344 31.85 -29.63 -38.72
C LYS D 344 32.30 -31.09 -38.86
N TYR D 345 32.71 -31.48 -40.07
CA TYR D 345 33.04 -32.86 -40.39
C TYR D 345 34.43 -32.91 -41.06
N SER D 346 35.43 -33.31 -40.26
CA SER D 346 36.82 -33.40 -40.80
C SER D 346 37.62 -34.42 -39.97
N GLU D 347 38.76 -34.88 -40.50
CA GLU D 347 39.57 -35.92 -39.80
C GLU D 347 40.17 -35.34 -38.51
N GLU D 348 40.83 -34.17 -38.59
CA GLU D 348 41.49 -33.57 -37.40
C GLU D 348 41.52 -32.05 -37.56
N GLY D 349 40.51 -31.48 -38.22
CA GLY D 349 40.46 -30.04 -38.44
C GLY D 349 39.27 -29.50 -39.22
N GLY D 350 39.52 -29.15 -40.48
CA GLY D 350 38.52 -28.57 -41.35
C GLY D 350 38.66 -28.98 -42.80
N LEU D 351 39.53 -29.95 -43.08
CA LEU D 351 39.80 -30.40 -44.44
C LEU D 351 39.19 -31.79 -44.63
N ILE D 352 38.33 -31.92 -45.65
CA ILE D 352 37.55 -33.14 -45.88
C ILE D 352 37.92 -33.65 -47.29
N ASN D 353 37.62 -34.92 -47.53
CA ASN D 353 37.91 -35.62 -48.78
C ASN D 353 37.17 -35.00 -49.98
N GLU D 354 37.50 -35.50 -51.17
CA GLU D 354 37.26 -34.79 -52.43
C GLU D 354 35.79 -34.64 -52.79
N SER D 355 34.91 -35.48 -52.26
CA SER D 355 33.49 -35.41 -52.62
C SER D 355 32.83 -34.15 -52.06
N LEU D 356 32.87 -33.99 -50.73
CA LEU D 356 32.30 -32.78 -50.16
C LEU D 356 33.24 -31.59 -50.25
N ARG D 357 34.53 -31.81 -50.53
CA ARG D 357 35.38 -30.76 -51.07
C ARG D 357 34.82 -30.18 -52.35
N ASP D 358 34.45 -31.06 -53.30
CA ASP D 358 33.87 -30.60 -54.56
C ASP D 358 32.49 -29.98 -54.36
N GLN D 359 31.73 -30.46 -53.37
CA GLN D 359 30.46 -29.82 -53.03
C GLN D 359 30.68 -28.40 -52.52
N LEU D 360 31.72 -28.21 -51.69
CA LEU D 360 32.11 -26.87 -51.25
C LEU D 360 32.55 -26.01 -52.43
N LEU D 361 33.26 -26.61 -53.39
CA LEU D 361 33.68 -25.88 -54.58
C LEU D 361 32.51 -25.50 -55.47
N VAL D 362 31.47 -26.34 -55.54
CA VAL D 362 30.24 -25.99 -56.25
C VAL D 362 29.50 -24.86 -55.55
N THR D 363 29.48 -24.83 -54.21
CA THR D 363 28.81 -23.71 -53.54
C THR D 363 29.64 -22.42 -53.65
N ILE D 364 30.98 -22.53 -53.76
CA ILE D 364 31.80 -21.38 -54.16
C ILE D 364 31.46 -20.94 -55.58
N GLN D 365 31.20 -21.89 -56.48
CA GLN D 365 30.77 -21.52 -57.83
C GLN D 365 29.38 -20.88 -57.85
N LYS D 366 28.54 -21.22 -56.87
CA LYS D 366 27.17 -20.71 -56.81
C LYS D 366 27.06 -19.35 -56.14
N THR D 367 27.93 -19.05 -55.18
CA THR D 367 27.87 -17.78 -54.45
C THR D 367 29.06 -16.87 -54.77
N PHE D 368 30.27 -17.39 -54.67
CA PHE D 368 31.50 -16.59 -54.81
C PHE D 368 31.90 -16.38 -56.26
N THR D 369 31.26 -17.08 -57.19
CA THR D 369 31.51 -17.08 -58.65
C THR D 369 32.99 -17.29 -58.98
N TYR D 370 33.57 -18.33 -58.38
CA TYR D 370 34.89 -18.82 -58.75
C TYR D 370 34.79 -20.20 -59.38
N THR D 371 35.78 -20.52 -60.21
CA THR D 371 35.81 -21.78 -60.95
C THR D 371 36.25 -22.92 -60.04
N ARG D 372 36.44 -24.11 -60.63
CA ARG D 372 36.92 -25.24 -59.86
C ARG D 372 38.39 -25.08 -59.47
N THR D 373 39.24 -24.72 -60.45
CA THR D 373 40.67 -24.71 -60.20
C THR D 373 41.16 -23.47 -59.46
N GLN D 374 40.49 -22.32 -59.62
CA GLN D 374 40.89 -21.13 -58.87
C GLN D 374 40.47 -21.24 -57.41
N ALA D 375 39.26 -21.75 -57.17
CA ALA D 375 38.84 -22.02 -55.80
C ALA D 375 39.62 -23.17 -55.19
N GLN D 376 40.11 -24.11 -56.01
CA GLN D 376 41.04 -25.12 -55.49
C GLN D 376 42.39 -24.51 -55.13
N HIS D 377 42.86 -23.56 -55.94
CA HIS D 377 44.10 -22.85 -55.66
C HIS D 377 44.04 -22.08 -54.35
N LEU D 378 42.93 -21.40 -54.08
CA LEU D 378 42.76 -20.80 -52.77
C LEU D 378 42.36 -21.83 -51.70
N PHE D 379 41.84 -22.98 -52.10
CA PHE D 379 41.35 -23.98 -51.15
C PHE D 379 42.52 -24.74 -50.53
N ILE D 380 43.67 -24.81 -51.22
CA ILE D 380 44.87 -25.37 -50.61
C ILE D 380 45.27 -24.57 -49.36
N ILE D 381 45.33 -23.24 -49.50
CA ILE D 381 45.65 -22.37 -48.37
C ILE D 381 44.50 -22.39 -47.34
N LEU D 382 43.25 -22.50 -47.81
CA LEU D 382 42.09 -22.63 -46.93
C LEU D 382 42.21 -23.86 -46.03
N MET D 383 42.38 -25.03 -46.62
CA MET D 383 42.37 -26.29 -45.90
C MET D 383 43.70 -26.66 -45.29
N GLU D 384 44.74 -25.85 -45.49
CA GLU D 384 45.96 -26.06 -44.72
C GLU D 384 45.77 -25.60 -43.29
N CYS D 385 45.46 -24.31 -43.10
CA CYS D 385 45.25 -23.76 -41.77
C CYS D 385 43.83 -24.00 -41.24
N MET D 386 42.90 -24.39 -42.12
CA MET D 386 41.55 -24.77 -41.71
C MET D 386 41.57 -26.14 -41.06
N LYS D 387 42.57 -26.97 -41.38
CA LYS D 387 42.73 -28.32 -40.84
C LYS D 387 43.35 -28.33 -39.45
N LYS D 388 43.44 -27.20 -38.77
CA LYS D 388 43.96 -27.13 -37.40
C LYS D 388 43.10 -26.14 -36.62
N LYS D 389 42.33 -26.67 -35.68
CA LYS D 389 41.41 -25.89 -34.86
C LYS D 389 42.05 -25.53 -33.51
N GLU D 390 43.19 -24.86 -33.53
CA GLU D 390 43.89 -24.59 -32.28
C GLU D 390 43.34 -23.33 -31.61
N LEU D 391 42.96 -22.32 -32.41
CA LEU D 391 42.34 -21.11 -31.90
C LEU D 391 40.97 -20.83 -32.48
N ILE D 392 40.45 -21.67 -33.35
CA ILE D 392 39.14 -21.41 -33.92
C ILE D 392 38.10 -22.12 -33.06
N THR D 393 37.19 -21.34 -32.48
CA THR D 393 36.19 -21.89 -31.59
C THR D 393 35.14 -22.62 -32.40
N VAL D 394 34.44 -23.54 -31.74
CA VAL D 394 33.55 -24.48 -32.42
C VAL D 394 32.15 -23.96 -32.04
N PHE D 395 32.03 -22.63 -31.98
CA PHE D 395 30.76 -21.99 -31.66
C PHE D 395 29.81 -22.09 -32.85
N ARG D 396 28.62 -22.63 -32.60
CA ARG D 396 27.57 -22.73 -33.61
C ARG D 396 26.40 -21.89 -33.12
N MET D 397 25.88 -21.02 -33.99
CA MET D 397 24.59 -20.43 -33.71
C MET D 397 23.50 -21.50 -33.75
N GLY D 398 22.50 -21.35 -32.90
CA GLY D 398 21.43 -22.32 -32.87
C GLY D 398 21.71 -23.56 -32.04
N SER D 399 22.10 -24.64 -32.71
CA SER D 399 22.10 -25.99 -32.14
C SER D 399 22.98 -26.19 -30.90
N GLU D 400 24.32 -26.13 -31.01
CA GLU D 400 25.14 -26.55 -29.86
C GLU D 400 26.52 -25.92 -29.81
N GLY D 401 26.98 -25.63 -28.59
CA GLY D 401 28.31 -25.09 -28.36
C GLY D 401 28.19 -23.70 -27.78
N HIS D 402 28.13 -23.63 -26.45
CA HIS D 402 28.13 -22.47 -25.56
C HIS D 402 26.87 -21.61 -25.62
N GLN D 403 26.08 -21.74 -26.68
CA GLN D 403 24.78 -21.08 -26.94
C GLN D 403 24.75 -19.59 -26.61
N ASP D 404 25.88 -18.89 -26.71
CA ASP D 404 26.00 -17.51 -26.25
C ASP D 404 27.28 -16.93 -26.81
N ILE D 405 27.23 -15.66 -27.24
CA ILE D 405 28.29 -15.08 -28.04
C ILE D 405 29.30 -14.35 -27.15
N ASP D 406 28.83 -13.91 -25.97
CA ASP D 406 29.81 -13.37 -24.99
C ASP D 406 30.60 -14.58 -24.48
N LEU D 407 29.91 -15.71 -24.27
CA LEU D 407 30.57 -16.94 -23.83
C LEU D 407 31.55 -17.43 -24.90
N ALA D 408 31.13 -17.32 -26.16
CA ALA D 408 31.96 -17.73 -27.30
C ALA D 408 33.22 -16.90 -27.40
N ILE D 409 33.08 -15.59 -27.31
CA ILE D 409 34.22 -14.74 -27.59
C ILE D 409 35.14 -14.69 -26.37
N LEU D 410 34.59 -14.90 -25.17
CA LEU D 410 35.46 -15.02 -24.01
C LEU D 410 36.21 -16.35 -24.02
N THR D 411 35.54 -17.44 -24.45
CA THR D 411 36.29 -18.69 -24.65
C THR D 411 37.25 -18.65 -25.82
N ALA D 412 37.07 -17.70 -26.75
CA ALA D 412 38.14 -17.43 -27.71
C ALA D 412 39.33 -16.79 -27.01
N LEU D 413 39.07 -15.89 -26.05
CA LEU D 413 40.17 -15.19 -25.35
C LEU D 413 40.82 -16.13 -24.33
N LEU D 414 40.17 -17.25 -24.02
CA LEU D 414 40.70 -18.19 -22.99
C LEU D 414 42.04 -18.77 -23.46
N LYS D 415 42.15 -19.13 -24.74
CA LYS D 415 43.40 -19.73 -25.28
C LYS D 415 44.10 -18.69 -26.18
N GLY D 416 43.54 -17.49 -26.28
CA GLY D 416 44.11 -16.44 -27.11
C GLY D 416 45.58 -16.17 -26.85
N ALA D 417 46.07 -16.54 -25.67
CA ALA D 417 47.51 -16.60 -25.47
C ALA D 417 47.96 -17.97 -24.97
N ASN D 418 47.03 -18.84 -24.53
CA ASN D 418 47.30 -20.12 -23.88
C ASN D 418 48.29 -19.96 -22.72
N ALA D 419 48.05 -18.92 -21.92
CA ALA D 419 49.02 -18.54 -20.90
C ALA D 419 48.96 -19.46 -19.69
N SER D 420 49.83 -19.19 -18.72
CA SER D 420 49.78 -19.87 -17.44
C SER D 420 48.52 -19.51 -16.69
N ALA D 421 48.07 -20.42 -15.81
CA ALA D 421 46.84 -20.29 -15.04
C ALA D 421 46.78 -19.03 -14.16
N PRO D 422 47.91 -18.54 -13.50
CA PRO D 422 47.88 -17.20 -12.91
C PRO D 422 47.48 -16.08 -13.85
N ASP D 423 48.08 -16.08 -15.04
CA ASP D 423 47.76 -15.05 -16.04
C ASP D 423 46.32 -15.17 -16.52
N GLN D 424 45.84 -16.39 -16.74
CA GLN D 424 44.47 -16.63 -17.16
C GLN D 424 43.47 -16.15 -16.11
N LEU D 425 43.79 -16.39 -14.85
CA LEU D 425 42.92 -15.93 -13.77
C LEU D 425 43.00 -14.41 -13.62
N SER D 426 44.16 -13.83 -13.93
CA SER D 426 44.31 -12.38 -13.96
C SER D 426 43.47 -11.72 -15.05
N LEU D 427 43.38 -12.37 -16.22
CA LEU D 427 42.51 -11.86 -17.28
C LEU D 427 41.05 -11.88 -16.84
N ALA D 428 40.61 -12.98 -16.21
CA ALA D 428 39.24 -13.07 -15.75
C ALA D 428 38.95 -12.07 -14.65
N LEU D 429 39.89 -11.89 -13.72
CA LEU D 429 39.75 -10.94 -12.63
C LEU D 429 39.70 -9.51 -13.16
N ALA D 430 40.43 -9.23 -14.25
CA ALA D 430 40.35 -7.92 -14.86
C ALA D 430 39.00 -7.68 -15.54
N TRP D 431 38.53 -8.65 -16.33
CA TRP D 431 37.37 -8.46 -17.20
C TRP D 431 36.01 -8.52 -16.50
N ASN D 432 35.99 -8.57 -15.17
CA ASN D 432 34.82 -8.47 -14.28
C ASN D 432 33.90 -9.69 -14.37
N ARG D 433 34.23 -10.63 -15.26
CA ARG D 433 33.37 -11.82 -15.46
C ARG D 433 33.92 -12.99 -14.62
N VAL D 434 33.22 -13.34 -13.54
CA VAL D 434 33.65 -14.49 -12.68
C VAL D 434 32.95 -15.76 -13.17
N ASP D 435 32.00 -15.63 -14.10
CA ASP D 435 31.26 -16.82 -14.52
C ASP D 435 32.02 -17.65 -15.54
N ILE D 436 32.79 -17.01 -16.43
CA ILE D 436 33.64 -17.76 -17.35
C ILE D 436 34.78 -18.43 -16.59
N ALA D 437 35.21 -17.84 -15.47
CA ALA D 437 36.12 -18.53 -14.57
C ALA D 437 35.45 -19.77 -13.99
N ARG D 438 34.13 -19.71 -13.79
CA ARG D 438 33.37 -20.87 -13.37
C ARG D 438 33.33 -21.95 -14.46
N SER D 439 33.58 -21.58 -15.72
CA SER D 439 33.50 -22.56 -16.80
C SER D 439 34.87 -23.10 -17.21
N GLN D 440 35.95 -22.34 -17.04
CA GLN D 440 37.24 -22.90 -17.43
C GLN D 440 38.34 -22.91 -16.37
N ILE D 441 38.72 -21.74 -15.85
CA ILE D 441 40.00 -21.64 -15.15
C ILE D 441 39.85 -22.17 -13.74
N PHE D 442 38.95 -21.59 -12.95
CA PHE D 442 38.54 -22.17 -11.68
C PHE D 442 37.84 -23.51 -11.83
N ILE D 443 37.22 -23.79 -12.98
CA ILE D 443 36.64 -25.11 -13.20
C ILE D 443 37.73 -26.16 -13.30
N TYR D 444 38.88 -25.78 -13.88
CA TYR D 444 40.06 -26.59 -14.11
C TYR D 444 39.74 -27.90 -14.81
N GLY D 445 39.64 -28.98 -14.03
CA GLY D 445 39.59 -30.31 -14.62
C GLY D 445 40.85 -30.66 -15.37
N GLN D 446 41.98 -30.07 -14.97
CA GLN D 446 43.22 -30.15 -15.71
C GLN D 446 44.40 -30.35 -14.77
N GLN D 447 44.16 -30.11 -13.47
CA GLN D 447 45.19 -30.05 -12.43
C GLN D 447 46.32 -29.12 -12.80
N TRP D 448 45.99 -27.85 -13.07
CA TRP D 448 47.02 -26.85 -13.44
C TRP D 448 47.89 -26.51 -12.23
N PRO D 449 49.23 -26.65 -12.31
CA PRO D 449 50.15 -26.31 -11.18
C PRO D 449 50.45 -24.81 -11.16
N VAL D 450 49.47 -24.00 -10.76
CA VAL D 450 49.67 -22.52 -10.69
C VAL D 450 50.76 -22.23 -9.64
N GLY D 451 51.59 -21.22 -9.89
CA GLY D 451 52.70 -20.91 -8.97
C GLY D 451 52.21 -20.61 -7.56
N SER D 452 51.22 -19.71 -7.45
CA SER D 452 50.69 -19.33 -6.11
C SER D 452 49.33 -18.63 -6.27
N LEU D 453 48.24 -19.32 -5.91
CA LEU D 453 46.92 -18.72 -6.00
C LEU D 453 46.75 -17.64 -4.93
N GLU D 454 47.61 -17.65 -3.92
CA GLU D 454 47.61 -16.66 -2.85
C GLU D 454 47.93 -15.28 -3.39
N GLN D 455 48.82 -15.20 -4.40
CA GLN D 455 49.08 -13.94 -5.07
C GLN D 455 47.85 -13.43 -5.81
N ALA D 456 47.08 -14.35 -6.41
CA ALA D 456 45.85 -13.98 -7.08
C ALA D 456 44.82 -13.43 -6.09
N MET D 457 44.73 -14.05 -4.91
CA MET D 457 43.91 -13.51 -3.83
C MET D 457 44.42 -12.14 -3.37
N LEU D 458 45.75 -11.98 -3.35
CA LEU D 458 46.40 -10.73 -2.95
C LEU D 458 46.01 -9.57 -3.86
N ASP D 459 45.96 -9.80 -5.18
CA ASP D 459 45.48 -8.69 -6.02
C ASP D 459 43.95 -8.70 -6.11
N ALA D 460 43.31 -9.78 -5.66
CA ALA D 460 41.85 -9.87 -5.73
C ALA D 460 41.15 -9.04 -4.67
N LEU D 461 41.60 -9.16 -3.41
CA LEU D 461 40.98 -8.42 -2.31
C LEU D 461 41.18 -6.92 -2.46
N VAL D 462 42.30 -6.51 -3.04
CA VAL D 462 42.63 -5.09 -3.07
C VAL D 462 41.86 -4.38 -4.18
N LEU D 463 41.24 -5.13 -5.08
CA LEU D 463 40.41 -4.57 -6.14
C LEU D 463 38.92 -4.71 -5.88
N ASP D 464 38.54 -5.17 -4.67
CA ASP D 464 37.15 -5.43 -4.25
C ASP D 464 36.49 -6.43 -5.22
N ARG D 465 37.13 -7.59 -5.36
CA ARG D 465 36.62 -8.68 -6.17
C ARG D 465 35.90 -9.72 -5.34
N VAL D 466 34.77 -9.36 -4.70
CA VAL D 466 34.09 -10.21 -3.72
C VAL D 466 33.65 -11.55 -4.30
N ASP D 467 33.18 -11.56 -5.55
CA ASP D 467 32.81 -12.80 -6.21
C ASP D 467 34.00 -13.72 -6.55
N PHE D 468 35.13 -13.15 -7.01
CA PHE D 468 36.33 -13.98 -7.20
C PHE D 468 36.87 -14.49 -5.87
N VAL D 469 36.66 -13.73 -4.80
CA VAL D 469 37.05 -14.19 -3.48
C VAL D 469 36.16 -15.34 -3.02
N LYS D 470 34.85 -15.26 -3.31
CA LYS D 470 33.94 -16.34 -2.96
C LYS D 470 34.28 -17.64 -3.71
N LEU D 471 34.59 -17.54 -5.00
CA LEU D 471 35.02 -18.76 -5.70
C LEU D 471 36.39 -19.22 -5.25
N LEU D 472 37.34 -18.30 -5.08
CA LEU D 472 38.73 -18.70 -4.87
C LEU D 472 38.96 -19.23 -3.46
N ILE D 473 38.09 -18.84 -2.50
CA ILE D 473 38.17 -19.46 -1.18
C ILE D 473 37.60 -20.86 -1.22
N GLU D 474 36.71 -21.12 -2.18
CA GLU D 474 36.17 -22.47 -2.37
C GLU D 474 37.15 -23.34 -3.15
N ASN D 475 38.21 -22.75 -3.70
CA ASN D 475 39.28 -23.56 -4.26
C ASN D 475 40.03 -24.32 -3.18
N GLY D 476 40.29 -23.66 -2.05
CA GLY D 476 41.24 -24.17 -1.11
C GLY D 476 42.49 -23.30 -1.07
N VAL D 477 42.31 -21.98 -1.19
CA VAL D 477 43.44 -21.06 -1.04
C VAL D 477 43.81 -20.94 0.44
N SER D 478 42.93 -21.41 1.34
CA SER D 478 43.20 -21.63 2.76
C SER D 478 43.53 -20.31 3.47
N MET D 479 42.45 -19.57 3.76
CA MET D 479 42.48 -18.18 4.25
C MET D 479 43.46 -17.90 5.40
N HIS D 480 43.75 -18.89 6.25
CA HIS D 480 44.72 -18.69 7.32
C HIS D 480 46.15 -18.82 6.82
N ARG D 481 46.42 -19.81 5.95
CA ARG D 481 47.75 -19.99 5.39
C ARG D 481 48.10 -18.89 4.39
N PHE D 482 47.07 -18.33 3.75
CA PHE D 482 47.25 -17.14 2.93
C PHE D 482 47.69 -15.96 3.77
N LEU D 483 47.13 -15.83 4.96
CA LEU D 483 47.27 -14.62 5.76
C LEU D 483 48.52 -14.70 6.62
N THR D 484 49.56 -13.95 6.24
CA THR D 484 50.72 -13.77 7.11
C THR D 484 50.79 -12.29 7.48
N ILE D 485 51.81 -11.94 8.27
CA ILE D 485 51.96 -10.58 8.79
C ILE D 485 52.23 -9.61 7.66
N SER D 486 53.23 -9.93 6.82
CA SER D 486 53.57 -9.04 5.72
C SER D 486 52.51 -9.08 4.62
N ARG D 487 51.77 -10.19 4.54
CA ARG D 487 50.69 -10.30 3.57
C ARG D 487 49.56 -9.33 3.94
N LEU D 488 49.22 -9.27 5.22
CA LEU D 488 48.16 -8.38 5.67
C LEU D 488 48.63 -6.93 5.65
N GLU D 489 49.91 -6.72 5.96
CA GLU D 489 50.62 -5.45 5.70
C GLU D 489 50.38 -4.94 4.28
N GLU D 490 50.77 -5.76 3.29
CA GLU D 490 50.60 -5.39 1.89
C GLU D 490 49.14 -5.25 1.50
N LEU D 491 48.25 -5.96 2.19
CA LEU D 491 46.82 -5.79 1.98
C LEU D 491 46.34 -4.41 2.41
N TYR D 492 46.77 -3.95 3.59
CA TYR D 492 46.41 -2.60 4.03
C TYR D 492 47.08 -1.52 3.20
N ASN D 493 48.22 -1.82 2.56
CA ASN D 493 49.03 -0.73 2.02
C ASN D 493 48.64 -0.30 0.61
N THR D 494 47.94 -1.14 -0.15
CA THR D 494 47.65 -0.80 -1.54
C THR D 494 46.69 0.38 -1.72
N ARG D 495 47.16 1.41 -2.41
CA ARG D 495 46.28 2.45 -2.93
C ARG D 495 45.58 2.01 -4.22
N HIS D 496 46.02 0.89 -4.79
CA HIS D 496 45.32 0.30 -5.92
C HIS D 496 43.95 -0.20 -5.50
N GLY D 497 42.95 0.05 -6.35
CA GLY D 497 41.59 -0.34 -6.05
C GLY D 497 40.73 0.84 -5.63
N PRO D 498 39.61 0.55 -4.97
CA PRO D 498 38.73 1.61 -4.48
C PRO D 498 39.40 2.46 -3.41
N SER D 499 39.01 3.73 -3.36
CA SER D 499 39.59 4.68 -2.42
C SER D 499 39.08 4.42 -1.01
N ASN D 500 39.82 4.94 -0.04
CA ASN D 500 39.43 4.86 1.37
C ASN D 500 39.95 6.08 2.10
N THR D 501 39.20 6.52 3.12
CA THR D 501 39.49 7.76 3.84
C THR D 501 40.36 7.51 5.08
N LEU D 502 41.46 6.80 4.84
CA LEU D 502 42.27 6.28 5.94
C LEU D 502 43.52 7.11 6.23
N TYR D 503 44.07 7.80 5.21
CA TYR D 503 45.21 8.71 5.41
C TYR D 503 44.94 9.78 6.46
N HIS D 504 43.72 10.32 6.51
CA HIS D 504 43.41 11.37 7.49
C HIS D 504 43.41 10.82 8.91
N LEU D 505 42.93 9.59 9.07
CA LEU D 505 42.83 8.95 10.38
C LEU D 505 44.20 8.51 10.91
N VAL D 506 44.97 7.81 10.08
CA VAL D 506 46.28 7.39 10.56
C VAL D 506 47.26 8.55 10.45
N ARG D 507 46.84 9.64 9.78
CA ARG D 507 47.49 10.94 9.94
C ARG D 507 47.24 11.54 11.32
N ASP D 508 46.03 11.39 11.85
CA ASP D 508 45.75 11.82 13.23
C ASP D 508 46.60 11.06 14.23
N VAL D 509 46.72 9.74 14.07
CA VAL D 509 47.53 9.02 15.06
C VAL D 509 49.02 9.16 14.73
N LYS D 510 49.34 9.63 13.52
CA LYS D 510 50.71 10.11 13.27
C LYS D 510 51.00 11.38 14.04
N LYS D 511 50.03 12.31 14.09
CA LYS D 511 50.20 13.51 14.89
C LYS D 511 50.25 13.20 16.38
N ARG D 512 49.54 12.15 16.80
CA ARG D 512 49.62 11.67 18.17
C ARG D 512 50.79 10.72 18.41
N GLU D 513 51.50 10.32 17.36
CA GLU D 513 52.63 9.40 17.49
C GLU D 513 53.88 10.10 18.00
N PRO D 528 54.02 9.89 1.91
CA PRO D 528 53.56 9.19 0.70
C PRO D 528 54.18 7.80 0.52
N ASP D 529 55.33 7.59 1.14
CA ASP D 529 55.98 6.29 1.17
C ASP D 529 56.05 5.70 2.57
N TYR D 530 55.08 6.07 3.43
CA TYR D 530 55.02 5.50 4.80
C TYR D 530 54.19 4.23 4.76
N ARG D 531 54.82 3.08 5.03
CA ARG D 531 54.09 1.79 5.01
C ARG D 531 53.24 1.68 6.29
N ILE D 532 51.92 1.87 6.17
CA ILE D 532 51.02 1.71 7.35
C ILE D 532 51.32 0.33 7.96
N SER D 533 51.87 0.29 9.17
CA SER D 533 52.28 -1.00 9.77
C SER D 533 51.20 -1.54 10.71
N LEU D 534 51.22 -2.84 10.99
CA LEU D 534 50.27 -3.44 11.95
C LEU D 534 50.22 -2.55 13.19
N ILE D 535 51.37 -2.29 13.80
CA ILE D 535 51.34 -1.57 15.06
C ILE D 535 50.63 -0.23 14.89
N ASP D 536 50.89 0.41 13.74
CA ASP D 536 50.26 1.70 13.42
C ASP D 536 48.74 1.58 13.32
N ILE D 537 48.27 0.56 12.58
CA ILE D 537 46.82 0.37 12.49
C ILE D 537 46.25 -0.16 13.80
N GLY D 538 47.08 -0.79 14.64
CA GLY D 538 46.64 -1.10 15.99
C GLY D 538 46.36 0.13 16.82
N LEU D 539 47.24 1.14 16.70
CA LEU D 539 46.97 2.43 17.34
C LEU D 539 45.73 3.09 16.74
N VAL D 540 45.49 2.87 15.44
CA VAL D 540 44.23 3.31 14.83
C VAL D 540 43.03 2.60 15.47
N ILE D 541 43.15 1.32 15.78
CA ILE D 541 42.03 0.60 16.41
C ILE D 541 41.76 1.13 17.82
N GLU D 542 42.82 1.36 18.60
CA GLU D 542 42.64 1.98 19.91
C GLU D 542 42.03 3.37 19.82
N TYR D 543 42.48 4.18 18.86
CA TYR D 543 41.97 5.52 18.72
C TYR D 543 40.52 5.54 18.23
N LEU D 544 40.27 4.86 17.11
CA LEU D 544 38.99 4.95 16.42
C LEU D 544 37.91 4.17 17.17
N MET D 545 38.28 3.02 17.73
CA MET D 545 37.37 2.34 18.66
C MET D 545 37.13 3.19 19.91
N GLY D 546 38.18 3.82 20.41
CA GLY D 546 38.06 4.66 21.58
C GLY D 546 37.94 3.87 22.88
N GLY D 547 37.78 4.61 23.96
CA GLY D 547 37.65 4.04 25.29
C GLY D 547 38.93 3.37 25.75
N ALA D 548 38.74 2.28 26.49
CA ALA D 548 39.84 1.50 27.02
C ALA D 548 40.10 0.24 26.22
N TYR D 549 39.72 0.24 24.94
CA TYR D 549 39.93 -0.92 24.09
C TYR D 549 41.42 -1.03 23.75
N ARG D 550 42.05 -2.10 24.21
CA ARG D 550 43.45 -2.38 23.90
C ARG D 550 43.47 -3.37 22.74
N CYS D 551 43.99 -2.95 21.58
CA CYS D 551 43.94 -3.78 20.39
C CYS D 551 44.90 -4.96 20.52
N ASN D 552 44.60 -6.04 19.79
CA ASN D 552 45.48 -7.22 19.78
C ASN D 552 46.85 -6.88 19.21
N TYR D 553 46.92 -5.90 18.29
CA TYR D 553 48.20 -5.50 17.73
C TYR D 553 49.05 -4.74 18.74
N THR D 554 48.42 -3.93 19.59
CA THR D 554 49.15 -3.01 20.45
C THR D 554 49.80 -3.67 21.66
N ARG D 555 49.54 -4.94 21.91
CA ARG D 555 50.13 -5.61 23.06
C ARG D 555 51.62 -5.81 22.83
N LYS D 556 52.36 -5.97 23.94
CA LYS D 556 53.82 -6.04 23.88
C LYS D 556 54.31 -7.23 23.08
N ARG D 557 53.56 -8.34 23.12
CA ARG D 557 53.90 -9.55 22.38
C ARG D 557 53.93 -9.30 20.88
N PHE D 558 52.88 -8.67 20.34
CA PHE D 558 52.81 -8.49 18.89
C PHE D 558 53.75 -7.38 18.45
N ARG D 559 54.04 -6.41 19.34
CA ARG D 559 55.02 -5.38 19.03
C ARG D 559 56.42 -5.95 18.94
N THR D 560 56.77 -6.86 19.86
CA THR D 560 58.05 -7.56 19.77
C THR D 560 58.10 -8.49 18.56
N LEU D 561 56.96 -9.09 18.20
CA LEU D 561 56.91 -9.94 17.02
C LEU D 561 57.08 -9.14 15.74
N TYR D 562 56.54 -7.92 15.68
CA TYR D 562 56.77 -7.07 14.52
C TYR D 562 58.21 -6.54 14.50
N HIS D 563 58.77 -6.26 15.67
CA HIS D 563 60.16 -5.81 15.73
C HIS D 563 61.13 -6.93 15.39
N ASN D 564 60.71 -8.19 15.55
CA ASN D 564 61.56 -9.30 15.15
C ASN D 564 61.66 -9.42 13.63
N LEU D 565 60.58 -9.09 12.92
CA LEU D 565 60.54 -9.17 11.46
C LEU D 565 60.82 -7.83 10.79
N PHE D 566 61.11 -6.80 11.59
CA PHE D 566 61.38 -5.47 11.04
C PHE D 566 62.25 -4.67 11.99
N GLU D 607 54.15 -20.67 11.14
CA GLU D 607 53.00 -20.84 12.02
C GLU D 607 52.80 -19.63 12.92
N ILE D 608 53.91 -18.98 13.29
CA ILE D 608 53.87 -17.82 14.17
C ILE D 608 53.50 -16.59 13.36
N ASN D 609 53.63 -16.69 12.03
CA ASN D 609 53.25 -15.60 11.15
C ASN D 609 51.76 -15.63 10.78
N HIS D 610 51.07 -16.72 11.06
CA HIS D 610 49.69 -16.91 10.63
C HIS D 610 48.77 -16.49 11.77
N PHE D 611 47.85 -15.57 11.48
CA PHE D 611 46.90 -15.13 12.48
C PHE D 611 45.93 -16.25 12.83
N PRO D 612 45.57 -16.40 14.12
CA PRO D 612 44.80 -17.60 14.52
C PRO D 612 43.35 -17.56 14.07
N PHE D 613 42.74 -16.38 14.02
CA PHE D 613 41.32 -16.25 13.69
C PHE D 613 41.15 -15.26 12.54
N PRO D 614 41.51 -15.66 11.29
CA PRO D 614 41.75 -14.70 10.18
C PRO D 614 40.59 -13.78 9.82
N PHE D 615 39.36 -14.32 9.85
CA PHE D 615 38.21 -13.60 9.34
C PHE D 615 37.87 -12.38 10.20
N HIS D 616 38.29 -12.41 11.47
CA HIS D 616 38.21 -11.24 12.35
C HIS D 616 39.00 -10.08 11.78
N GLU D 617 40.28 -10.32 11.48
CA GLU D 617 41.13 -9.25 10.97
C GLU D 617 40.75 -8.87 9.55
N LEU D 618 40.16 -9.80 8.78
CA LEU D 618 39.66 -9.41 7.47
C LEU D 618 38.39 -8.56 7.57
N MET D 619 37.57 -8.77 8.60
CA MET D 619 36.51 -7.82 8.92
C MET D 619 37.06 -6.43 9.22
N VAL D 620 38.11 -6.37 10.05
CA VAL D 620 38.76 -5.10 10.37
C VAL D 620 39.31 -4.45 9.10
N TRP D 621 39.95 -5.24 8.25
CA TRP D 621 40.53 -4.70 7.02
C TRP D 621 39.45 -4.19 6.09
N ALA D 622 38.35 -4.94 5.96
CA ALA D 622 37.25 -4.56 5.07
C ALA D 622 36.56 -3.31 5.56
N VAL D 623 36.54 -3.08 6.87
CA VAL D 623 35.85 -1.88 7.35
C VAL D 623 36.79 -0.66 7.32
N LEU D 624 38.10 -0.85 7.50
CA LEU D 624 38.98 0.32 7.42
C LEU D 624 39.28 0.72 5.98
N MET D 625 39.06 -0.19 5.02
CA MET D 625 39.18 0.20 3.62
C MET D 625 37.87 0.72 3.04
N LYS D 626 36.83 0.89 3.86
CA LYS D 626 35.50 1.45 3.59
C LYS D 626 34.66 0.46 2.74
N ARG D 627 35.20 -0.70 2.39
CA ARG D 627 34.53 -1.67 1.52
C ARG D 627 33.34 -2.31 2.22
N GLN D 628 32.16 -2.21 1.61
CA GLN D 628 30.94 -2.60 2.31
C GLN D 628 30.55 -4.04 2.07
N LYS D 629 30.39 -4.44 0.80
CA LYS D 629 29.91 -5.79 0.47
C LYS D 629 30.91 -6.86 0.90
N MET D 630 32.20 -6.52 0.85
CA MET D 630 33.24 -7.42 1.33
C MET D 630 33.12 -7.65 2.84
N ALA D 631 32.72 -6.61 3.58
CA ALA D 631 32.60 -6.71 5.02
C ALA D 631 31.43 -7.61 5.41
N LEU D 632 30.30 -7.50 4.70
CA LEU D 632 29.19 -8.41 4.96
C LEU D 632 29.52 -9.83 4.51
N PHE D 633 30.34 -9.98 3.46
CA PHE D 633 30.81 -11.31 3.07
C PHE D 633 31.66 -11.93 4.17
N PHE D 634 32.52 -11.13 4.78
CA PHE D 634 33.35 -11.66 5.87
C PHE D 634 32.52 -11.84 7.13
N TRP D 635 31.38 -11.14 7.21
CA TRP D 635 30.46 -11.33 8.31
C TRP D 635 29.72 -12.66 8.17
N GLN D 636 29.54 -13.10 6.92
CA GLN D 636 28.91 -14.40 6.65
C GLN D 636 29.71 -15.55 7.25
N HIS D 637 31.02 -15.54 7.07
CA HIS D 637 31.85 -16.65 7.50
C HIS D 637 32.53 -16.30 8.83
N GLY D 638 33.35 -17.22 9.30
CA GLY D 638 34.03 -16.98 10.55
C GLY D 638 33.16 -17.30 11.77
N GLU D 639 33.35 -16.47 12.79
CA GLU D 639 32.76 -16.69 14.10
C GLU D 639 32.77 -15.36 14.85
N GLU D 640 32.05 -15.32 15.98
CA GLU D 640 31.88 -14.12 16.82
C GLU D 640 31.32 -12.95 16.03
N ALA D 641 30.37 -13.25 15.14
CA ALA D 641 29.83 -12.26 14.23
C ALA D 641 29.01 -11.19 14.94
N MET D 642 28.49 -11.51 16.13
CA MET D 642 27.90 -10.49 17.01
C MET D 642 28.93 -9.44 17.40
N ALA D 643 30.08 -9.92 17.88
CA ALA D 643 31.17 -9.02 18.28
C ALA D 643 31.67 -8.21 17.10
N LYS D 644 31.83 -8.85 15.94
CA LYS D 644 32.30 -8.14 14.75
C LYS D 644 31.27 -7.15 14.24
N ALA D 645 29.99 -7.45 14.43
CA ALA D 645 28.93 -6.52 14.06
C ALA D 645 28.98 -5.26 14.91
N LEU D 646 29.13 -5.42 16.23
CA LEU D 646 29.19 -4.24 17.10
C LEU D 646 30.49 -3.47 16.91
N VAL D 647 31.59 -4.18 16.64
CA VAL D 647 32.85 -3.58 16.20
C VAL D 647 32.65 -2.75 14.94
N ALA D 648 31.97 -3.30 13.94
CA ALA D 648 31.76 -2.59 12.68
C ALA D 648 30.90 -1.35 12.90
N CYS D 649 29.89 -1.46 13.77
CA CYS D 649 29.05 -0.31 14.11
C CYS D 649 29.84 0.81 14.79
N LYS D 650 30.64 0.47 15.81
CA LYS D 650 31.42 1.49 16.51
C LYS D 650 32.49 2.13 15.63
N LEU D 651 33.25 1.29 14.92
CA LEU D 651 34.30 1.82 14.01
C LEU D 651 33.64 2.71 12.94
N CYS D 652 32.63 2.20 12.24
CA CYS D 652 31.96 2.97 11.16
C CYS D 652 31.46 4.31 11.70
N LYS D 653 30.73 4.30 12.82
CA LYS D 653 30.20 5.53 13.38
C LYS D 653 31.30 6.51 13.73
N ALA D 654 32.40 6.01 14.29
CA ALA D 654 33.51 6.91 14.61
C ALA D 654 34.24 7.36 13.34
N MET D 655 34.16 6.58 12.27
CA MET D 655 34.59 7.09 10.96
C MET D 655 33.68 8.18 10.44
N ALA D 656 32.38 8.12 10.75
CA ALA D 656 31.50 9.25 10.40
C ALA D 656 31.90 10.50 11.17
N HIS D 657 32.24 10.35 12.45
CA HIS D 657 32.78 11.47 13.23
C HIS D 657 34.10 11.96 12.67
N GLU D 658 34.94 11.03 12.20
CA GLU D 658 36.23 11.39 11.63
C GLU D 658 36.06 12.09 10.27
N ALA D 659 35.03 11.71 9.51
CA ALA D 659 34.72 12.41 8.26
C ALA D 659 34.12 13.77 8.53
N SER D 660 33.52 13.96 9.71
CA SER D 660 33.17 15.30 10.13
C SER D 660 34.41 16.12 10.48
N GLU D 661 35.31 15.55 11.29
CA GLU D 661 36.45 16.30 11.82
C GLU D 661 37.48 16.65 10.75
N ASN D 662 38.10 15.65 10.14
CA ASN D 662 38.88 15.85 8.92
C ASN D 662 37.93 15.96 7.74
N ASP D 663 38.16 16.94 6.87
CA ASP D 663 37.29 17.19 5.73
C ASP D 663 37.17 16.05 4.73
N MET D 664 35.93 15.80 4.28
CA MET D 664 35.60 14.80 3.28
C MET D 664 34.28 15.19 2.63
N VAL D 665 33.81 14.34 1.73
CA VAL D 665 32.53 14.57 1.07
C VAL D 665 31.39 14.29 2.04
N ASP D 666 30.25 14.94 1.79
CA ASP D 666 29.05 14.63 2.57
C ASP D 666 28.56 13.22 2.25
N ASP D 667 28.82 12.76 1.01
CA ASP D 667 28.50 11.40 0.61
C ASP D 667 29.25 10.38 1.46
N ILE D 668 30.49 10.69 1.84
CA ILE D 668 31.34 9.82 2.66
C ILE D 668 30.69 9.52 4.00
N SER D 669 30.46 10.56 4.81
CA SER D 669 29.87 10.39 6.13
C SER D 669 28.44 9.88 6.05
N GLN D 670 27.74 10.24 4.96
CA GLN D 670 26.41 9.73 4.72
C GLN D 670 26.42 8.22 4.55
N GLU D 671 27.22 7.69 3.63
CA GLU D 671 27.24 6.24 3.43
C GLU D 671 27.84 5.52 4.64
N LEU D 672 28.67 6.23 5.42
CA LEU D 672 29.13 5.66 6.69
C LEU D 672 28.01 5.48 7.71
N ASN D 673 27.10 6.46 7.87
CA ASN D 673 26.10 6.19 8.91
C ASN D 673 24.99 5.27 8.36
N HIS D 674 24.87 5.18 7.03
CA HIS D 674 24.12 4.05 6.46
C HIS D 674 24.74 2.70 6.83
N ASN D 675 26.06 2.53 6.64
CA ASN D 675 26.71 1.26 6.96
C ASN D 675 26.67 0.95 8.45
N SER D 676 26.79 1.98 9.30
CA SER D 676 26.71 1.78 10.74
C SER D 676 25.32 1.32 11.16
N ARG D 677 24.28 1.96 10.59
CA ARG D 677 22.90 1.56 10.85
C ARG D 677 22.65 0.15 10.35
N ASP D 678 23.22 -0.20 9.18
CA ASP D 678 23.04 -1.53 8.61
C ASP D 678 23.67 -2.61 9.49
N PHE D 679 24.93 -2.44 9.88
CA PHE D 679 25.62 -3.45 10.69
C PHE D 679 24.96 -3.60 12.05
N GLY D 680 24.56 -2.48 12.67
CA GLY D 680 23.82 -2.57 13.91
C GLY D 680 22.47 -3.24 13.74
N GLN D 681 21.84 -3.05 12.58
CA GLN D 681 20.53 -3.64 12.32
C GLN D 681 20.64 -5.16 12.16
N LEU D 682 21.69 -5.63 11.49
CA LEU D 682 21.95 -7.08 11.45
C LEU D 682 22.29 -7.62 12.83
N ALA D 683 22.97 -6.81 13.66
CA ALA D 683 23.24 -7.23 15.04
C ALA D 683 21.95 -7.43 15.84
N VAL D 684 20.99 -6.51 15.68
CA VAL D 684 19.68 -6.62 16.31
C VAL D 684 18.90 -7.85 15.81
N GLU D 685 18.92 -8.09 14.50
CA GLU D 685 18.24 -9.27 13.97
C GLU D 685 18.86 -10.58 14.45
N LEU D 686 20.19 -10.63 14.55
CA LEU D 686 20.82 -11.89 14.98
C LEU D 686 20.58 -12.10 16.48
N LEU D 687 20.54 -10.99 17.25
CA LEU D 687 20.15 -11.05 18.65
C LEU D 687 18.73 -11.59 18.81
N ASP D 688 17.81 -11.09 17.98
CA ASP D 688 16.42 -11.51 18.07
C ASP D 688 16.28 -12.99 17.71
N GLN D 689 17.01 -13.44 16.69
CA GLN D 689 16.89 -14.83 16.27
C GLN D 689 17.51 -15.79 17.29
N SER D 690 18.67 -15.41 17.85
CA SER D 690 19.30 -16.19 18.92
C SER D 690 18.42 -16.20 20.17
N TYR D 691 17.66 -15.15 20.39
CA TYR D 691 16.69 -15.16 21.48
C TYR D 691 15.50 -16.05 21.18
N LYS D 692 15.09 -16.12 19.90
CA LYS D 692 13.95 -16.96 19.54
C LYS D 692 14.28 -18.45 19.63
N GLN D 693 15.52 -18.84 19.33
CA GLN D 693 15.81 -20.28 19.29
C GLN D 693 15.81 -20.86 20.69
N ASP D 694 16.53 -20.22 21.62
CA ASP D 694 16.46 -20.50 23.05
C ASP D 694 16.82 -19.23 23.81
N GLU D 695 16.89 -19.35 25.14
CA GLU D 695 17.12 -18.16 25.96
C GLU D 695 18.45 -18.18 26.69
N GLN D 696 18.75 -19.25 27.45
CA GLN D 696 19.86 -19.30 28.40
C GLN D 696 21.23 -19.14 27.74
N LEU D 697 21.49 -19.90 26.69
CA LEU D 697 22.83 -19.89 26.12
C LEU D 697 23.00 -18.67 25.21
N ALA D 698 21.88 -18.03 24.85
CA ALA D 698 21.94 -16.68 24.29
C ALA D 698 22.39 -15.66 25.33
N MET D 699 21.95 -15.82 26.59
CA MET D 699 22.46 -14.98 27.67
C MET D 699 23.96 -15.19 27.86
N LYS D 700 24.42 -16.45 27.73
CA LYS D 700 25.85 -16.70 27.73
C LYS D 700 26.55 -16.08 26.51
N LEU D 701 25.86 -16.01 25.37
CA LEU D 701 26.39 -15.28 24.22
C LEU D 701 26.55 -13.79 24.50
N LEU D 702 25.62 -13.20 25.24
CA LEU D 702 25.75 -11.78 25.58
C LEU D 702 26.67 -11.51 26.77
N THR D 703 27.06 -12.53 27.54
CA THR D 703 27.90 -12.28 28.70
C THR D 703 29.29 -12.92 28.67
N TYR D 704 29.64 -13.66 27.63
CA TYR D 704 30.93 -14.33 27.60
C TYR D 704 32.06 -13.32 27.40
N GLU D 705 33.25 -13.66 27.89
CA GLU D 705 34.42 -12.76 27.71
C GLU D 705 35.02 -12.97 26.30
N LEU D 706 34.89 -11.96 25.43
CA LEU D 706 35.48 -12.05 24.06
C LEU D 706 36.95 -11.61 24.13
N LYS D 707 37.87 -12.57 24.24
CA LYS D 707 39.29 -12.24 24.37
C LYS D 707 39.86 -11.65 23.09
N ASN D 708 39.28 -12.01 21.95
CA ASN D 708 39.79 -11.56 20.67
C ASN D 708 39.49 -10.10 20.39
N TRP D 709 38.63 -9.46 21.20
CA TRP D 709 38.46 -8.02 21.07
C TRP D 709 38.56 -7.44 22.49
N SER D 710 39.80 -7.30 22.97
CA SER D 710 40.17 -6.64 24.24
C SER D 710 39.39 -7.16 25.46
N ASN D 711 39.11 -8.47 25.49
CA ASN D 711 38.62 -9.21 26.66
C ASN D 711 37.33 -8.67 27.28
N ALA D 712 36.50 -8.00 26.48
CA ALA D 712 35.29 -7.34 26.94
C ALA D 712 34.09 -8.27 26.79
N THR D 713 32.88 -7.72 26.87
CA THR D 713 31.66 -8.48 26.63
C THR D 713 30.85 -7.73 25.58
N CYS D 714 29.88 -8.42 24.99
CA CYS D 714 29.09 -7.89 23.87
C CYS D 714 28.31 -6.63 24.27
N LEU D 715 27.78 -6.62 25.49
CA LEU D 715 26.96 -5.51 25.94
C LEU D 715 27.79 -4.25 26.15
N GLN D 716 29.06 -4.41 26.55
CA GLN D 716 29.96 -3.27 26.69
C GLN D 716 30.25 -2.60 25.35
N LEU D 717 30.48 -3.41 24.31
CA LEU D 717 30.64 -2.86 22.96
C LEU D 717 29.34 -2.27 22.45
N ALA D 718 28.20 -2.83 22.86
CA ALA D 718 26.91 -2.29 22.46
C ALA D 718 26.69 -0.90 23.04
N VAL D 719 27.04 -0.72 24.31
CA VAL D 719 26.87 0.57 24.96
C VAL D 719 27.92 1.56 24.47
N ALA D 720 29.13 1.06 24.20
CA ALA D 720 30.19 1.91 23.65
C ALA D 720 29.84 2.43 22.26
N ALA D 721 29.11 1.63 21.47
CA ALA D 721 28.67 2.03 20.15
C ALA D 721 27.46 2.94 20.19
N LYS D 722 26.87 3.12 21.38
CA LYS D 722 25.65 3.90 21.61
C LYS D 722 24.52 3.35 20.72
N HIS D 723 24.30 2.04 20.81
CA HIS D 723 23.28 1.38 20.00
C HIS D 723 22.02 1.20 20.84
N ARG D 724 21.09 2.14 20.66
CA ARG D 724 19.85 2.18 21.42
C ARG D 724 18.95 0.96 21.20
N ASP D 725 18.90 0.47 19.97
CA ASP D 725 18.01 -0.64 19.66
C ASP D 725 18.50 -1.96 20.26
N PHE D 726 19.82 -2.09 20.46
CA PHE D 726 20.39 -3.32 20.99
C PHE D 726 20.04 -3.52 22.45
N ILE D 727 20.28 -2.49 23.28
CA ILE D 727 19.95 -2.58 24.69
C ILE D 727 18.44 -2.47 24.87
N ALA D 728 17.75 -1.82 23.93
CA ALA D 728 16.29 -1.75 23.97
C ALA D 728 15.65 -3.11 23.71
N HIS D 729 16.40 -4.07 23.17
CA HIS D 729 15.88 -5.41 22.93
C HIS D 729 15.73 -6.15 24.25
N THR D 730 14.70 -7.00 24.34
CA THR D 730 14.24 -7.62 25.57
C THR D 730 15.23 -8.55 26.25
N CYS D 731 16.16 -9.16 25.51
CA CYS D 731 17.12 -10.09 26.10
C CYS D 731 18.09 -9.39 27.06
N SER D 732 18.66 -8.28 26.61
CA SER D 732 19.57 -7.51 27.45
C SER D 732 18.83 -6.87 28.63
N GLN D 733 17.58 -6.49 28.40
CA GLN D 733 16.74 -5.98 29.49
C GLN D 733 16.44 -7.06 30.53
N MET D 734 16.23 -8.29 30.08
CA MET D 734 16.07 -9.42 31.01
C MET D 734 17.33 -9.66 31.81
N LEU D 735 18.49 -9.58 31.15
CA LEU D 735 19.77 -9.73 31.83
C LEU D 735 19.99 -8.62 32.86
N LEU D 736 19.62 -7.41 32.50
CA LEU D 736 19.80 -6.26 33.37
C LEU D 736 18.88 -6.33 34.58
N THR D 737 17.64 -6.79 34.37
CA THR D 737 16.72 -7.04 35.47
C THR D 737 17.24 -8.17 36.37
N ASP D 738 17.87 -9.17 35.76
CA ASP D 738 18.46 -10.29 36.51
C ASP D 738 19.57 -9.82 37.44
N MET D 739 20.47 -8.96 36.95
CA MET D 739 21.59 -8.60 37.82
C MET D 739 21.20 -7.42 38.73
N TRP D 740 20.17 -6.68 38.35
CA TRP D 740 19.61 -5.62 39.20
C TRP D 740 18.98 -6.17 40.47
N MET D 741 18.29 -7.29 40.38
CA MET D 741 17.82 -7.97 41.58
C MET D 741 18.95 -8.54 42.42
N GLY D 742 20.15 -8.66 41.86
CA GLY D 742 21.28 -9.18 42.61
C GLY D 742 21.14 -10.67 42.80
N ARG D 743 21.47 -11.12 44.01
CA ARG D 743 21.43 -12.54 44.34
C ARG D 743 20.12 -12.73 45.10
N LEU D 744 19.01 -12.53 44.39
CA LEU D 744 17.68 -12.44 45.00
C LEU D 744 16.57 -12.59 43.97
N ARG D 745 15.59 -13.47 44.21
CA ARG D 745 14.46 -13.57 43.29
C ARG D 745 13.55 -12.37 43.46
N MET D 746 12.90 -12.32 44.63
CA MET D 746 11.89 -11.34 45.03
C MET D 746 10.82 -11.26 43.93
N ARG D 747 10.86 -10.21 43.10
CA ARG D 747 10.15 -10.10 41.81
C ARG D 747 8.63 -10.26 41.97
N LYS D 748 8.11 -9.71 43.06
CA LYS D 748 6.67 -9.76 43.32
C LYS D 748 6.25 -8.56 44.15
N ASN D 749 5.69 -7.55 43.48
CA ASN D 749 5.38 -6.22 44.00
C ASN D 749 6.63 -5.67 44.68
N SER D 750 7.71 -5.54 43.89
CA SER D 750 9.02 -5.22 44.43
C SER D 750 9.17 -3.75 44.77
N GLY D 751 10.31 -3.37 45.33
CA GLY D 751 10.54 -1.99 45.72
C GLY D 751 10.18 -1.68 47.16
N LEU D 752 9.10 -2.29 47.66
CA LEU D 752 8.70 -2.04 49.04
C LEU D 752 9.27 -3.08 50.00
N LYS D 753 9.32 -4.35 49.58
CA LYS D 753 9.88 -5.39 50.45
C LYS D 753 11.36 -5.16 50.71
N VAL D 754 12.07 -4.59 49.74
CA VAL D 754 13.47 -4.25 49.94
C VAL D 754 13.62 -3.11 50.97
N ILE D 755 12.69 -2.15 51.01
CA ILE D 755 12.88 -1.04 51.94
C ILE D 755 12.38 -1.42 53.33
N LEU D 756 11.46 -2.39 53.41
CA LEU D 756 11.20 -3.03 54.70
C LEU D 756 12.38 -3.88 55.16
N GLY D 757 13.14 -4.43 54.21
CA GLY D 757 14.39 -5.07 54.58
C GLY D 757 15.43 -4.08 55.09
N ILE D 758 15.45 -2.88 54.52
CA ILE D 758 16.40 -1.85 54.96
C ILE D 758 16.02 -1.30 56.32
N LEU D 759 14.79 -0.79 56.46
CA LEU D 759 14.36 -0.14 57.69
C LEU D 759 14.19 -1.12 58.84
N LEU D 760 13.69 -2.33 58.56
CA LEU D 760 13.64 -3.39 59.56
C LEU D 760 14.71 -4.44 59.23
N PRO D 761 15.79 -4.49 60.00
CA PRO D 761 16.85 -5.49 59.78
C PRO D 761 16.39 -6.95 59.88
N PRO D 762 15.39 -7.34 60.78
CA PRO D 762 14.95 -8.75 60.71
C PRO D 762 14.17 -9.18 59.47
N SER D 763 13.90 -8.28 58.52
CA SER D 763 13.16 -8.66 57.32
C SER D 763 14.08 -9.31 56.29
N ILE D 764 15.38 -9.36 56.57
CA ILE D 764 16.41 -9.79 55.63
C ILE D 764 16.33 -11.31 55.43
N LEU D 765 15.78 -12.02 56.43
CA LEU D 765 15.75 -13.48 56.37
C LEU D 765 14.50 -14.00 55.69
N SER D 766 13.49 -13.15 55.52
CA SER D 766 12.22 -13.57 54.91
C SER D 766 12.19 -13.33 53.41
N LEU D 767 13.36 -13.32 52.77
CA LEU D 767 13.46 -13.11 51.33
C LEU D 767 14.07 -14.32 50.66
N GLU D 768 13.58 -14.63 49.46
CA GLU D 768 14.01 -15.80 48.71
C GLU D 768 15.27 -15.44 47.92
N PHE D 769 16.41 -15.86 48.44
CA PHE D 769 17.68 -15.58 47.78
C PHE D 769 17.90 -16.55 46.61
N LYS D 770 18.76 -16.16 45.69
CA LYS D 770 19.10 -17.04 44.58
C LYS D 770 20.10 -18.11 45.01
N ASN D 771 20.36 -19.05 44.11
CA ASN D 771 21.31 -20.11 44.37
C ASN D 771 22.73 -19.68 43.97
N LEU D 834 26.25 -19.92 62.21
CA LEU D 834 25.48 -18.80 61.72
C LEU D 834 26.03 -18.33 60.37
N ILE D 835 26.67 -19.26 59.65
CA ILE D 835 27.29 -18.91 58.37
C ILE D 835 26.29 -18.77 57.23
N PRO D 836 25.18 -19.62 57.13
CA PRO D 836 24.12 -19.26 56.18
C PRO D 836 23.50 -17.88 56.39
N LEU D 837 23.29 -17.50 57.67
CA LEU D 837 22.72 -16.18 57.96
C LEU D 837 23.67 -15.07 57.54
N GLY D 838 24.97 -15.24 57.83
CA GLY D 838 25.99 -14.31 57.41
C GLY D 838 26.09 -14.20 55.90
N ARG D 839 25.97 -15.33 55.21
CA ARG D 839 25.97 -15.35 53.75
C ARG D 839 24.78 -14.61 53.18
N LYS D 840 23.59 -14.79 53.77
CA LYS D 840 22.39 -14.09 53.32
C LYS D 840 22.51 -12.58 53.55
N ILE D 841 23.05 -12.17 54.71
CA ILE D 841 23.22 -10.75 55.00
C ILE D 841 24.27 -10.14 54.05
N TYR D 842 25.33 -10.89 53.77
CA TYR D 842 26.36 -10.42 52.86
C TYR D 842 25.85 -10.33 51.43
N GLU D 843 24.93 -11.22 51.07
CA GLU D 843 24.34 -11.18 49.72
C GLU D 843 23.35 -10.03 49.60
N PHE D 844 22.54 -9.80 50.62
CA PHE D 844 21.55 -8.71 50.58
C PHE D 844 22.25 -7.36 50.66
N TYR D 845 23.37 -7.29 51.37
CA TYR D 845 24.15 -6.07 51.46
C TYR D 845 25.20 -6.00 50.34
N ASN D 846 24.95 -6.72 49.24
CA ASN D 846 25.69 -6.53 48.00
C ASN D 846 24.80 -6.39 46.77
N ALA D 847 23.49 -6.51 46.91
CA ALA D 847 22.59 -6.32 45.79
C ALA D 847 22.57 -4.85 45.36
N PRO D 848 22.51 -4.57 44.05
CA PRO D 848 22.55 -3.18 43.58
C PRO D 848 21.29 -2.39 43.91
N ILE D 849 20.14 -3.07 44.00
CA ILE D 849 18.91 -2.39 44.38
C ILE D 849 18.96 -1.95 45.84
N VAL D 850 19.62 -2.74 46.69
CA VAL D 850 19.72 -2.43 48.11
C VAL D 850 20.65 -1.23 48.31
N LYS D 851 21.83 -1.28 47.67
CA LYS D 851 22.77 -0.17 47.71
C LYS D 851 22.18 1.09 47.09
N PHE D 852 21.39 0.94 46.03
CA PHE D 852 20.67 2.06 45.42
C PHE D 852 19.67 2.72 46.35
N TRP D 853 18.73 1.95 46.89
CA TRP D 853 17.71 2.51 47.79
C TRP D 853 18.34 3.06 49.07
N PHE D 854 19.44 2.47 49.50
CA PHE D 854 19.99 2.86 50.78
C PHE D 854 20.84 4.12 50.59
N TYR D 855 21.42 4.25 49.38
CA TYR D 855 21.96 5.52 48.90
C TYR D 855 20.90 6.61 48.77
N THR D 856 19.71 6.28 48.24
CA THR D 856 18.71 7.33 48.04
C THR D 856 18.16 7.82 49.37
N LEU D 857 17.98 6.91 50.33
CA LEU D 857 17.59 7.35 51.67
C LEU D 857 18.70 8.11 52.36
N ALA D 858 19.97 7.79 52.06
CA ALA D 858 21.07 8.63 52.54
C ALA D 858 20.99 10.04 51.95
N TYR D 859 20.64 10.15 50.67
CA TYR D 859 20.45 11.44 50.03
C TYR D 859 19.30 12.22 50.65
N ILE D 860 18.17 11.55 50.91
CA ILE D 860 17.01 12.21 51.51
C ILE D 860 17.37 12.70 52.91
N GLY D 861 18.07 11.86 53.68
CA GLY D 861 18.47 12.25 55.04
C GLY D 861 19.41 13.44 55.05
N TYR D 862 20.43 13.41 54.18
CA TYR D 862 21.23 14.61 53.91
C TYR D 862 20.42 15.82 53.55
N LEU D 863 19.34 15.64 52.78
CA LEU D 863 18.57 16.79 52.33
C LEU D 863 17.80 17.41 53.51
N MET D 864 17.23 16.57 54.39
CA MET D 864 16.55 17.06 55.59
C MET D 864 17.53 17.80 56.51
N LEU D 865 18.71 17.20 56.74
CA LEU D 865 19.70 17.83 57.61
C LEU D 865 20.21 19.16 57.06
N PHE D 866 20.37 19.26 55.74
CA PHE D 866 20.94 20.49 55.22
C PHE D 866 19.86 21.58 55.18
N ASN D 867 18.59 21.18 54.98
CA ASN D 867 17.46 22.09 55.22
C ASN D 867 17.44 22.61 56.64
N TYR D 868 17.66 21.73 57.62
CA TYR D 868 17.58 22.13 59.02
C TYR D 868 18.71 23.09 59.38
N ILE D 869 19.89 22.94 58.76
CA ILE D 869 20.93 23.90 59.12
C ILE D 869 20.79 25.19 58.32
N VAL D 870 20.06 25.17 57.20
CA VAL D 870 20.07 26.39 56.39
C VAL D 870 18.85 27.22 56.79
N LEU D 871 17.87 26.62 57.47
CA LEU D 871 16.76 27.42 57.98
C LEU D 871 17.09 28.02 59.33
N VAL D 872 17.48 27.18 60.30
CA VAL D 872 17.84 27.65 61.63
C VAL D 872 19.16 28.41 61.57
N LYS D 873 19.30 29.41 62.44
CA LYS D 873 20.51 30.22 62.52
C LYS D 873 21.70 29.38 62.97
N MET D 874 22.90 29.85 62.62
CA MET D 874 24.13 29.13 62.93
C MET D 874 24.92 29.90 63.99
N GLU D 875 25.56 29.16 64.89
CA GLU D 875 26.41 29.73 65.92
C GLU D 875 27.80 29.99 65.34
N ARG D 876 28.75 30.33 66.21
CA ARG D 876 30.13 30.48 65.76
C ARG D 876 30.72 29.12 65.41
N TRP D 877 30.57 28.16 66.30
CA TRP D 877 31.05 26.81 66.08
C TRP D 877 29.96 26.00 65.37
N PRO D 878 30.34 25.01 64.54
CA PRO D 878 29.33 24.23 63.83
C PRO D 878 28.50 23.36 64.77
N SER D 879 27.24 23.17 64.39
CA SER D 879 26.36 22.23 65.05
C SER D 879 26.75 20.80 64.64
N THR D 880 26.24 19.83 65.41
CA THR D 880 26.41 18.42 65.07
C THR D 880 25.75 18.10 63.73
N GLN D 881 24.61 18.75 63.48
CA GLN D 881 23.88 18.59 62.23
C GLN D 881 24.73 19.07 61.04
N GLU D 882 25.35 20.24 61.21
CA GLU D 882 26.28 20.76 60.20
C GLU D 882 27.50 19.88 60.04
N TRP D 883 27.92 19.21 61.13
CA TRP D 883 29.03 18.28 61.06
C TRP D 883 28.69 17.07 60.21
N ILE D 884 27.44 16.58 60.32
CA ILE D 884 26.97 15.50 59.47
C ILE D 884 26.96 15.93 58.01
N VAL D 885 26.54 17.17 57.76
CA VAL D 885 26.52 17.73 56.40
C VAL D 885 27.93 17.79 55.80
N ILE D 886 28.87 18.38 56.53
CA ILE D 886 30.25 18.54 56.04
C ILE D 886 30.92 17.17 55.90
N SER D 887 30.55 16.23 56.78
CA SER D 887 31.02 14.86 56.68
C SER D 887 30.57 14.21 55.38
N TYR D 888 29.27 14.38 55.03
CA TYR D 888 28.75 13.81 53.79
C TYR D 888 29.48 14.38 52.60
N ILE D 889 29.72 15.70 52.61
CA ILE D 889 30.31 16.35 51.45
C ILE D 889 31.77 15.92 51.27
N PHE D 890 32.53 15.85 52.37
CA PHE D 890 33.94 15.48 52.29
C PHE D 890 34.12 14.03 51.85
N THR D 891 33.30 13.12 52.43
CA THR D 891 33.35 11.73 52.02
C THR D 891 32.85 11.53 50.58
N LEU D 892 31.84 12.31 50.18
CA LEU D 892 31.37 12.32 48.79
C LEU D 892 32.48 12.73 47.84
N GLY D 893 33.21 13.78 48.20
CA GLY D 893 34.33 14.24 47.42
C GLY D 893 35.44 13.23 47.24
N ILE D 894 35.85 12.58 48.34
CA ILE D 894 36.92 11.59 48.22
C ILE D 894 36.43 10.35 47.48
N GLU D 895 35.12 10.05 47.56
CA GLU D 895 34.59 8.91 46.82
C GLU D 895 34.52 9.22 45.31
N LYS D 896 34.18 10.45 44.94
CA LYS D 896 34.21 10.81 43.52
C LYS D 896 35.64 10.81 42.98
N MET D 897 36.59 11.27 43.81
CA MET D 897 38.01 11.15 43.45
C MET D 897 38.44 9.70 43.30
N ARG D 898 37.89 8.81 44.11
CA ARG D 898 38.20 7.39 43.99
C ARG D 898 37.63 6.86 42.69
N GLU D 899 36.49 7.41 42.23
CA GLU D 899 36.01 7.07 40.89
C GLU D 899 36.96 7.53 39.79
N ILE D 900 37.50 8.76 39.91
CA ILE D 900 38.43 9.24 38.88
C ILE D 900 39.72 8.42 38.86
N LEU D 901 40.24 8.07 40.04
CA LEU D 901 41.49 7.32 40.09
C LEU D 901 41.31 5.87 39.63
N MET D 902 40.19 5.24 40.00
CA MET D 902 39.88 3.90 39.51
C MET D 902 39.16 3.96 38.17
N SER D 903 39.88 4.36 37.12
CA SER D 903 39.34 4.43 35.77
C SER D 903 40.10 3.48 34.85
N GLU D 904 39.41 2.96 33.84
CA GLU D 904 40.01 1.99 32.92
C GLU D 904 41.16 2.55 32.07
N PRO D 905 41.10 3.76 31.50
CA PRO D 905 42.34 4.32 30.93
C PRO D 905 43.38 4.61 32.00
N GLY D 906 44.66 4.49 31.62
CA GLY D 906 45.74 4.60 32.58
C GLY D 906 46.54 5.88 32.53
N LYS D 907 46.12 6.83 31.70
CA LYS D 907 46.73 8.15 31.66
C LYS D 907 45.89 9.07 32.54
N LEU D 908 46.55 9.96 33.28
CA LEU D 908 45.85 10.86 34.20
C LEU D 908 44.88 11.78 33.47
N LEU D 909 45.33 12.36 32.36
CA LEU D 909 44.49 13.22 31.54
C LEU D 909 43.34 12.43 30.92
N GLN D 910 43.57 11.15 30.59
CA GLN D 910 42.51 10.30 30.06
C GLN D 910 41.46 10.00 31.12
N LYS D 911 41.89 9.75 32.36
CA LYS D 911 40.96 9.54 33.48
C LYS D 911 40.10 10.77 33.71
N VAL D 912 40.75 11.95 33.69
CA VAL D 912 40.06 13.22 33.86
C VAL D 912 39.08 13.45 32.70
N LYS D 913 39.50 13.16 31.48
CA LYS D 913 38.65 13.37 30.30
C LYS D 913 37.45 12.44 30.30
N VAL D 914 37.63 11.20 30.77
CA VAL D 914 36.52 10.26 30.90
C VAL D 914 35.54 10.73 31.97
N TRP D 915 36.06 11.18 33.12
CA TRP D 915 35.20 11.57 34.22
C TRP D 915 34.40 12.85 33.93
N LEU D 916 35.02 13.80 33.23
CA LEU D 916 34.36 15.09 32.93
C LEU D 916 33.20 14.93 31.93
N GLN D 917 33.13 13.82 31.20
CA GLN D 917 32.10 13.66 30.15
C GLN D 917 30.69 13.77 30.75
N GLU D 918 30.48 13.26 31.96
CA GLU D 918 29.17 13.26 32.59
C GLU D 918 28.81 14.64 33.13
N TYR D 919 27.55 15.04 32.92
CA TYR D 919 27.08 16.36 33.33
C TYR D 919 26.92 16.42 34.84
N TRP D 920 26.36 15.36 35.42
CA TRP D 920 26.10 15.37 36.84
C TRP D 920 27.39 15.26 37.64
N ASN D 921 28.40 14.59 37.07
CA ASN D 921 29.72 14.54 37.69
C ASN D 921 30.35 15.92 37.79
N VAL D 922 30.31 16.69 36.70
CA VAL D 922 31.01 17.97 36.68
C VAL D 922 30.29 18.97 37.58
N THR D 923 28.95 18.96 37.56
CA THR D 923 28.22 19.88 38.43
C THR D 923 28.24 19.43 39.89
N ASP D 924 28.39 18.13 40.14
CA ASP D 924 28.70 17.64 41.49
C ASP D 924 30.02 18.21 42.01
N LEU D 925 31.07 18.17 41.19
CA LEU D 925 32.37 18.64 41.65
C LEU D 925 32.36 20.16 41.87
N ILE D 926 31.67 20.90 41.00
CA ILE D 926 31.50 22.35 41.20
C ILE D 926 30.75 22.63 42.51
N ALA D 927 29.68 21.86 42.78
CA ALA D 927 28.93 22.06 44.01
C ALA D 927 29.76 21.72 45.25
N ILE D 928 30.60 20.70 45.17
CA ILE D 928 31.47 20.34 46.29
C ILE D 928 32.47 21.45 46.59
N LEU D 929 33.10 22.02 45.55
CA LEU D 929 34.05 23.11 45.79
C LEU D 929 33.36 24.38 46.30
N LEU D 930 32.16 24.70 45.79
CA LEU D 930 31.43 25.86 46.32
C LEU D 930 30.96 25.64 47.75
N PHE D 931 30.58 24.41 48.12
CA PHE D 931 30.18 24.19 49.51
C PHE D 931 31.40 24.22 50.42
N SER D 932 32.56 23.82 49.89
CA SER D 932 33.79 23.89 50.69
C SER D 932 34.22 25.34 50.93
N VAL D 933 34.11 26.21 49.91
CA VAL D 933 34.48 27.60 50.14
C VAL D 933 33.42 28.30 50.99
N GLY D 934 32.16 27.83 50.92
CA GLY D 934 31.15 28.31 51.84
C GLY D 934 31.47 27.92 53.28
N MET D 935 31.99 26.70 53.47
CA MET D 935 32.43 26.25 54.79
C MET D 935 33.59 27.11 55.31
N ILE D 936 34.57 27.41 54.44
CA ILE D 936 35.76 28.11 54.91
C ILE D 936 35.46 29.59 55.13
N LEU D 937 34.38 30.10 54.51
CA LEU D 937 33.92 31.45 54.85
C LEU D 937 33.01 31.44 56.07
N ARG D 938 32.32 30.32 56.32
CA ARG D 938 31.44 30.28 57.50
C ARG D 938 32.25 30.16 58.78
N LEU D 939 33.30 29.33 58.77
CA LEU D 939 34.11 29.17 59.98
C LEU D 939 34.91 30.42 60.32
N GLN D 940 35.20 31.26 59.33
CA GLN D 940 35.69 32.59 59.64
C GLN D 940 34.52 33.47 60.08
N ASP D 941 34.82 34.43 60.95
CA ASP D 941 33.79 35.22 61.59
C ASP D 941 33.17 36.25 60.65
N GLN D 942 32.22 37.03 61.19
CA GLN D 942 31.53 38.05 60.43
C GLN D 942 32.49 39.17 60.02
N PRO D 943 32.27 39.80 58.86
CA PRO D 943 31.13 39.71 57.91
C PRO D 943 31.19 38.57 56.91
N PHE D 944 32.17 37.66 56.98
CA PHE D 944 32.24 36.60 55.97
C PHE D 944 31.31 35.44 56.32
N ARG D 945 30.84 35.39 57.57
CA ARG D 945 29.97 34.30 58.01
C ARG D 945 28.60 34.38 57.36
N SER D 946 28.08 35.60 57.18
CA SER D 946 26.85 35.81 56.43
C SER D 946 27.02 35.42 54.97
N ASP D 947 28.20 35.67 54.41
CA ASP D 947 28.49 35.22 53.06
C ASP D 947 28.54 33.70 52.97
N GLY D 948 29.05 33.03 54.00
CA GLY D 948 29.01 31.57 54.03
C GLY D 948 27.59 31.03 54.10
N ARG D 949 26.72 31.74 54.81
CA ARG D 949 25.29 31.33 54.84
C ARG D 949 24.71 31.48 53.42
N VAL D 950 25.05 32.58 52.73
CA VAL D 950 24.54 32.80 51.37
C VAL D 950 25.03 31.71 50.42
N ILE D 951 26.30 31.31 50.54
CA ILE D 951 26.84 30.26 49.65
C ILE D 951 26.19 28.91 49.95
N TYR D 952 25.87 28.65 51.23
CA TYR D 952 25.11 27.44 51.58
C TYR D 952 23.73 27.46 50.91
N CYS D 953 23.11 28.64 50.93
CA CYS D 953 21.81 28.85 50.27
C CYS D 953 21.92 28.67 48.76
N VAL D 954 23.09 28.94 48.20
CA VAL D 954 23.31 28.69 46.77
C VAL D 954 23.40 27.19 46.50
N ASN D 955 24.13 26.45 47.35
CA ASN D 955 24.35 25.02 47.07
C ASN D 955 23.08 24.19 47.21
N ILE D 956 22.14 24.63 48.06
CA ILE D 956 20.93 23.82 48.31
C ILE D 956 20.08 23.71 47.04
N ILE D 957 20.17 24.71 46.16
CA ILE D 957 19.44 24.70 44.89
C ILE D 957 19.93 23.55 44.02
N TYR D 958 21.25 23.39 43.91
CA TYR D 958 21.79 22.34 43.06
C TYR D 958 21.47 20.97 43.65
N TRP D 959 21.53 20.82 44.99
CA TRP D 959 21.23 19.47 45.51
C TRP D 959 19.75 19.12 45.35
N TYR D 960 18.86 20.12 45.42
CA TYR D 960 17.46 19.88 45.10
C TYR D 960 17.27 19.46 43.65
N ILE D 961 18.01 20.09 42.72
CA ILE D 961 17.93 19.67 41.32
C ILE D 961 18.62 18.33 41.11
N ARG D 962 19.61 18.00 41.94
CA ARG D 962 20.38 16.76 41.75
C ARG D 962 19.58 15.55 42.24
N LEU D 963 18.52 15.81 43.01
CA LEU D 963 17.53 14.77 43.30
C LEU D 963 16.80 14.22 42.04
N LEU D 964 16.85 14.95 40.92
CA LEU D 964 16.24 14.49 39.68
C LEU D 964 16.91 13.23 39.11
N ASP D 965 18.21 13.05 39.37
CA ASP D 965 18.87 11.79 39.04
C ASP D 965 18.23 10.61 39.76
N ILE D 966 17.92 10.81 41.03
CA ILE D 966 17.22 9.80 41.82
C ILE D 966 15.84 9.56 41.24
N PHE D 967 15.16 10.62 40.81
CA PHE D 967 13.88 10.46 40.12
C PHE D 967 14.01 9.81 38.73
N GLY D 968 15.18 9.81 38.13
CA GLY D 968 15.35 9.28 36.79
C GLY D 968 15.35 7.77 36.67
N VAL D 969 15.18 7.04 37.78
CA VAL D 969 15.22 5.59 37.73
C VAL D 969 13.87 4.97 37.40
N ASN D 970 12.79 5.75 37.46
CA ASN D 970 11.44 5.22 37.35
C ASN D 970 11.14 4.89 35.89
N LYS D 971 10.21 3.95 35.68
CA LYS D 971 9.81 3.56 34.34
C LYS D 971 9.09 4.69 33.59
N TYR D 972 8.60 5.70 34.30
CA TYR D 972 7.75 6.73 33.71
C TYR D 972 8.25 8.14 33.94
N LEU D 973 9.20 8.35 34.86
CA LEU D 973 9.59 9.70 35.26
C LEU D 973 10.95 10.08 34.67
N GLY D 974 11.79 9.08 34.43
CA GLY D 974 13.00 9.23 33.65
C GLY D 974 12.83 9.84 32.26
N PRO D 975 11.92 9.29 31.44
CA PRO D 975 11.56 9.98 30.18
C PRO D 975 11.08 11.41 30.35
N TYR D 976 10.41 11.71 31.46
CA TYR D 976 9.99 13.08 31.75
C TYR D 976 11.20 13.99 31.97
N VAL D 977 12.24 13.51 32.67
CA VAL D 977 13.36 14.41 32.93
C VAL D 977 14.29 14.53 31.72
N MET D 978 14.42 13.46 30.90
CA MET D 978 15.13 13.69 29.63
C MET D 978 14.32 14.58 28.70
N MET D 979 12.99 14.57 28.83
CA MET D 979 12.14 15.46 28.06
C MET D 979 12.38 16.92 28.46
N ILE D 980 12.53 17.18 29.77
CA ILE D 980 13.00 18.48 30.26
C ILE D 980 14.33 18.86 29.62
N GLY D 981 15.26 17.90 29.59
CA GLY D 981 16.58 18.15 29.01
C GLY D 981 16.54 18.48 27.54
N LYS D 982 15.62 17.87 26.80
CA LYS D 982 15.52 18.14 25.37
C LYS D 982 14.74 19.43 25.10
N MET D 983 13.86 19.84 26.02
CA MET D 983 13.11 21.07 25.80
C MET D 983 13.82 22.32 26.29
N MET D 984 14.90 22.17 27.06
CA MET D 984 15.60 23.35 27.57
C MET D 984 16.26 24.17 26.45
N ILE D 985 16.59 23.53 25.32
CA ILE D 985 17.18 24.25 24.19
C ILE D 985 16.13 25.18 23.55
N ASP D 986 14.92 24.65 23.33
CA ASP D 986 13.81 25.45 22.82
C ASP D 986 13.45 26.57 23.79
N MET D 987 13.55 26.26 25.09
CA MET D 987 13.37 27.27 26.12
C MET D 987 14.39 28.39 26.02
N MET D 988 15.66 28.05 25.79
CA MET D 988 16.71 29.05 25.64
C MET D 988 16.47 29.95 24.44
N TYR D 989 15.99 29.37 23.33
CA TYR D 989 15.68 30.16 22.14
C TYR D 989 14.54 31.14 22.40
N PHE D 990 13.49 30.67 23.10
CA PHE D 990 12.39 31.55 23.48
C PHE D 990 12.86 32.63 24.46
N VAL D 991 13.82 32.30 25.32
CA VAL D 991 14.45 33.25 26.24
C VAL D 991 15.14 34.38 25.48
N ILE D 992 15.86 34.05 24.40
CA ILE D 992 16.49 35.10 23.58
C ILE D 992 15.45 36.03 22.95
N ILE D 993 14.37 35.45 22.41
CA ILE D 993 13.32 36.28 21.80
C ILE D 993 12.64 37.18 22.84
N MET D 994 12.31 36.60 23.99
CA MET D 994 11.74 37.37 25.10
C MET D 994 12.71 38.43 25.61
N LEU D 995 14.02 38.15 25.54
CA LEU D 995 15.04 39.08 25.99
C LEU D 995 15.04 40.34 25.13
N VAL D 996 15.04 40.18 23.81
CA VAL D 996 15.09 41.37 22.95
C VAL D 996 13.78 42.17 23.04
N VAL D 997 12.64 41.47 23.15
CA VAL D 997 11.34 42.17 23.23
C VAL D 997 11.21 42.89 24.57
N LEU D 998 11.64 42.23 25.64
CA LEU D 998 11.60 42.77 26.99
C LEU D 998 12.49 44.01 27.12
N MET D 999 13.68 43.96 26.53
CA MET D 999 14.57 45.10 26.64
C MET D 999 14.10 46.26 25.76
N SER D 1000 13.40 45.98 24.66
CA SER D 1000 12.71 47.02 23.91
C SER D 1000 11.77 47.81 24.82
N PHE D 1001 10.90 47.07 25.53
CA PHE D 1001 9.87 47.71 26.34
C PHE D 1001 10.48 48.43 27.55
N GLY D 1002 11.46 47.80 28.19
CA GLY D 1002 12.13 48.37 29.34
C GLY D 1002 12.92 49.63 29.06
N VAL D 1003 13.67 49.63 27.94
CA VAL D 1003 14.41 50.82 27.53
C VAL D 1003 13.44 51.95 27.21
N ALA D 1004 12.32 51.63 26.55
CA ALA D 1004 11.34 52.67 26.21
C ALA D 1004 10.70 53.27 27.45
N ARG D 1005 10.32 52.45 28.43
CA ARG D 1005 9.69 53.01 29.63
C ARG D 1005 10.66 53.82 30.46
N GLN D 1006 11.88 53.32 30.64
CA GLN D 1006 12.82 54.01 31.52
C GLN D 1006 13.39 55.23 30.82
N ALA D 1007 13.20 55.32 29.51
CA ALA D 1007 13.60 56.52 28.80
C ALA D 1007 12.46 57.46 28.44
N ILE D 1008 11.21 57.10 28.73
CA ILE D 1008 10.13 58.09 28.81
C ILE D 1008 9.90 58.59 30.23
N LEU D 1009 9.66 57.69 31.19
CA LEU D 1009 9.14 58.09 32.50
C LEU D 1009 10.15 58.85 33.34
N PHE D 1010 11.36 58.32 33.53
CA PHE D 1010 12.35 59.09 34.27
C PHE D 1010 13.29 59.77 33.27
N PRO D 1011 13.03 61.02 32.92
CA PRO D 1011 13.78 61.65 31.82
C PRO D 1011 15.23 62.02 32.10
N ASN D 1012 15.49 62.80 33.14
CA ASN D 1012 16.83 63.31 33.41
C ASN D 1012 17.57 62.58 34.53
N GLU D 1013 18.23 61.47 34.17
CA GLU D 1013 18.88 60.63 35.16
C GLU D 1013 20.40 60.65 34.96
N GLU D 1014 21.11 60.96 36.04
CA GLU D 1014 22.55 60.78 36.10
C GLU D 1014 22.84 59.28 36.00
N PRO D 1015 23.95 58.88 35.35
CA PRO D 1015 24.24 57.44 35.22
C PRO D 1015 24.44 56.72 36.53
N SER D 1016 23.81 55.56 36.63
CA SER D 1016 23.89 54.67 37.80
C SER D 1016 23.51 53.27 37.34
N TRP D 1017 23.98 52.25 38.07
CA TRP D 1017 23.65 50.87 37.70
C TRP D 1017 22.18 50.54 37.85
N LYS D 1018 21.45 51.26 38.72
CA LYS D 1018 20.06 50.95 39.02
C LYS D 1018 19.14 51.11 37.81
N LEU D 1019 19.59 51.90 36.82
CA LEU D 1019 18.86 52.06 35.56
C LEU D 1019 18.66 50.73 34.85
N ALA D 1020 19.71 49.91 34.78
CA ALA D 1020 19.63 48.58 34.14
C ALA D 1020 18.70 47.64 34.89
N LYS D 1021 18.70 47.73 36.23
CA LYS D 1021 17.76 46.94 37.02
C LYS D 1021 16.34 47.38 36.76
N ASN D 1022 16.13 48.69 36.55
CA ASN D 1022 14.80 49.16 36.17
C ASN D 1022 14.44 48.77 34.74
N ILE D 1023 15.45 48.57 33.87
CA ILE D 1023 15.18 48.01 32.54
C ILE D 1023 14.63 46.59 32.68
N PHE D 1024 15.32 45.76 33.46
CA PHE D 1024 15.00 44.34 33.53
C PHE D 1024 13.94 43.99 34.56
N TYR D 1025 13.48 44.93 35.39
CA TYR D 1025 12.59 44.53 36.47
C TYR D 1025 11.13 44.28 36.08
N MET D 1026 10.38 45.36 35.84
CA MET D 1026 8.93 45.30 35.66
C MET D 1026 8.43 44.57 34.40
N PRO D 1027 9.04 44.76 33.16
CA PRO D 1027 8.57 43.97 32.02
C PRO D 1027 8.72 42.48 32.20
N TYR D 1028 9.68 42.03 33.02
CA TYR D 1028 9.84 40.61 33.23
C TYR D 1028 8.70 40.06 34.09
N TRP D 1029 8.28 40.82 35.11
CA TRP D 1029 7.18 40.35 35.95
C TRP D 1029 5.83 40.52 35.27
N MET D 1030 5.74 41.35 34.22
CA MET D 1030 4.47 41.46 33.49
C MET D 1030 4.17 40.22 32.65
N ILE D 1031 5.16 39.35 32.46
CA ILE D 1031 4.94 38.12 31.70
C ILE D 1031 4.21 37.08 32.56
N TYR D 1032 4.30 37.21 33.88
CA TYR D 1032 3.80 36.17 34.77
C TYR D 1032 2.64 36.65 35.64
N GLY D 1033 1.72 37.43 35.11
CA GLY D 1033 0.66 37.93 35.97
C GLY D 1033 0.57 39.44 36.04
N GLU D 1034 0.93 40.00 37.20
CA GLU D 1034 0.85 41.41 37.58
C GLU D 1034 1.37 42.37 36.53
N VAL D 1035 0.49 43.25 36.03
CA VAL D 1035 0.85 44.20 34.99
C VAL D 1035 1.19 45.55 35.62
N PHE D 1036 1.31 45.55 36.95
CA PHE D 1036 1.63 46.72 37.78
C PHE D 1036 0.59 47.83 37.55
N ALA D 1037 -0.63 47.53 37.98
CA ALA D 1037 -1.82 48.30 37.60
C ALA D 1037 -1.79 49.74 38.11
N ASP D 1038 -1.15 49.95 39.26
CA ASP D 1038 -1.04 51.29 39.82
C ASP D 1038 -0.15 52.19 38.97
N GLN D 1039 0.89 51.62 38.37
CA GLN D 1039 1.87 52.41 37.63
C GLN D 1039 1.75 52.31 36.12
N ILE D 1040 0.62 51.82 35.59
CA ILE D 1040 0.44 51.83 34.14
C ILE D 1040 0.21 53.27 33.66
N ASP D 1041 -0.84 53.91 34.16
CA ASP D 1041 -1.17 55.28 33.80
C ASP D 1041 -1.55 56.04 35.06
N PRO D 1042 -0.56 56.55 35.80
CA PRO D 1042 -0.86 57.37 36.98
C PRO D 1042 -1.48 58.68 36.56
N PRO D 1043 -2.31 59.29 37.42
CA PRO D 1043 -2.82 60.63 37.11
C PRO D 1043 -1.72 61.67 37.21
N CYS D 1044 -1.82 62.67 36.32
CA CYS D 1044 -0.79 63.68 36.18
C CYS D 1044 -1.45 64.98 35.73
N GLY D 1045 -0.96 66.09 36.26
CA GLY D 1045 -1.48 67.41 35.95
C GLY D 1045 -2.63 67.87 36.82
N GLN D 1046 -3.16 67.01 37.69
CA GLN D 1046 -4.25 67.36 38.59
C GLN D 1046 -3.73 67.47 40.01
N LEU D 1058 0.23 66.70 42.38
CA LEU D 1058 1.05 65.74 41.66
C LEU D 1058 1.90 66.46 40.63
N PRO D 1059 3.06 65.91 40.27
CA PRO D 1059 3.88 66.49 39.19
C PRO D 1059 3.15 66.42 37.86
N PRO D 1060 3.43 67.36 36.94
CA PRO D 1060 2.70 67.40 35.67
C PRO D 1060 3.06 66.25 34.74
N CYS D 1061 2.35 66.14 33.62
CA CYS D 1061 2.55 65.07 32.67
C CYS D 1061 3.83 65.36 31.90
N LYS D 1062 4.84 64.52 32.08
CA LYS D 1062 6.02 64.58 31.23
C LYS D 1062 5.62 64.17 29.82
N THR D 1063 6.05 64.95 28.83
CA THR D 1063 5.63 64.82 27.43
C THR D 1063 5.98 63.46 26.86
N GLY D 1064 4.97 62.76 26.36
CA GLY D 1064 5.13 61.41 25.84
C GLY D 1064 4.80 60.30 26.80
N ALA D 1065 4.22 60.61 27.96
CA ALA D 1065 3.88 59.57 28.94
C ALA D 1065 2.70 58.72 28.48
N TRP D 1066 1.92 59.23 27.53
CA TRP D 1066 0.82 58.47 26.94
C TRP D 1066 1.30 57.28 26.12
N ILE D 1067 2.52 57.35 25.58
CA ILE D 1067 3.02 56.30 24.71
C ILE D 1067 3.35 55.04 25.51
N VAL D 1068 3.57 55.19 26.83
CA VAL D 1068 3.91 54.04 27.68
C VAL D 1068 2.76 53.03 27.83
N PRO D 1069 1.48 53.46 28.03
CA PRO D 1069 0.39 52.46 27.92
C PRO D 1069 0.27 51.74 26.58
N ALA D 1070 0.48 52.46 25.47
CA ALA D 1070 0.35 51.85 24.15
C ALA D 1070 1.44 50.80 23.91
N ILE D 1071 2.68 51.13 24.30
CA ILE D 1071 3.75 50.14 24.13
C ILE D 1071 3.59 49.01 25.14
N MET D 1072 2.94 49.27 26.27
CA MET D 1072 2.66 48.20 27.22
C MET D 1072 1.64 47.23 26.66
N ALA D 1073 0.61 47.77 26.00
CA ALA D 1073 -0.40 46.98 25.30
C ALA D 1073 0.22 46.08 24.23
N CYS D 1074 1.01 46.67 23.33
CA CYS D 1074 1.55 45.87 22.23
C CYS D 1074 2.63 44.91 22.72
N TYR D 1075 3.39 45.30 23.76
CA TYR D 1075 4.38 44.39 24.33
C TYR D 1075 3.72 43.21 24.99
N LEU D 1076 2.63 43.45 25.72
CA LEU D 1076 1.96 42.36 26.42
C LEU D 1076 1.31 41.42 25.41
N LEU D 1077 0.78 41.99 24.31
CA LEU D 1077 0.19 41.17 23.26
C LEU D 1077 1.25 40.33 22.56
N VAL D 1078 2.47 40.86 22.42
CA VAL D 1078 3.57 40.05 21.89
C VAL D 1078 4.01 38.97 22.89
N ALA D 1079 4.14 39.32 24.16
CA ALA D 1079 4.77 38.42 25.12
C ALA D 1079 3.83 37.31 25.58
N ASN D 1080 2.69 37.67 26.15
CA ASN D 1080 1.83 36.65 26.76
C ASN D 1080 1.09 35.83 25.73
N ILE D 1081 0.85 36.40 24.55
CA ILE D 1081 -0.14 35.87 23.64
C ILE D 1081 0.52 35.23 22.41
N LEU D 1082 1.76 35.64 22.09
CA LEU D 1082 2.31 35.24 20.80
C LEU D 1082 3.49 34.32 21.02
N LEU D 1083 4.53 34.79 21.72
CA LEU D 1083 5.76 34.02 21.95
C LEU D 1083 5.52 32.78 22.82
N VAL D 1084 4.78 32.92 23.92
CA VAL D 1084 4.50 31.80 24.81
C VAL D 1084 3.68 30.73 24.11
N ASN D 1085 2.66 31.17 23.37
CA ASN D 1085 1.81 30.25 22.62
C ASN D 1085 2.55 29.63 21.44
N LEU D 1086 3.57 30.31 20.92
CA LEU D 1086 4.37 29.68 19.88
C LEU D 1086 5.31 28.65 20.49
N LEU D 1087 5.74 28.86 21.74
CA LEU D 1087 6.47 27.81 22.44
C LEU D 1087 5.58 26.59 22.69
N ILE D 1088 4.29 26.85 22.96
CA ILE D 1088 3.28 25.79 23.01
C ILE D 1088 3.26 25.00 21.70
N ALA D 1089 3.28 25.72 20.57
CA ALA D 1089 3.31 25.07 19.26
C ALA D 1089 4.58 24.23 19.08
N VAL D 1090 5.74 24.81 19.43
CA VAL D 1090 7.04 24.13 19.28
C VAL D 1090 7.06 22.84 20.06
N PHE D 1091 6.58 22.87 21.30
CA PHE D 1091 6.78 21.71 22.16
C PHE D 1091 5.67 20.68 21.93
N ASN D 1092 4.45 21.12 21.56
CA ASN D 1092 3.45 20.15 21.12
C ASN D 1092 3.83 19.44 19.82
N ASN D 1093 4.73 20.03 19.03
CA ASN D 1093 5.20 19.28 17.87
C ASN D 1093 6.42 18.43 18.19
N THR D 1094 7.35 18.93 19.00
CA THR D 1094 8.56 18.16 19.29
C THR D 1094 8.33 17.05 20.31
N PHE D 1095 7.13 16.96 20.91
CA PHE D 1095 6.90 15.97 21.96
C PHE D 1095 6.82 14.57 21.36
N PHE D 1096 6.21 14.48 20.17
CA PHE D 1096 5.84 13.20 19.56
C PHE D 1096 7.08 12.39 19.19
N GLU D 1097 8.15 13.07 18.80
CA GLU D 1097 9.42 12.39 18.55
C GLU D 1097 10.05 11.95 19.86
N VAL D 1098 10.11 12.85 20.84
CA VAL D 1098 11.00 12.62 21.98
C VAL D 1098 10.39 11.63 22.95
N LYS D 1099 9.06 11.43 22.91
CA LYS D 1099 8.47 10.41 23.78
C LYS D 1099 8.87 8.98 23.36
N SER D 1100 8.83 8.71 22.04
CA SER D 1100 9.22 7.41 21.54
C SER D 1100 10.72 7.30 21.43
N ILE D 1101 11.41 8.43 21.52
CA ILE D 1101 12.85 8.39 21.77
C ILE D 1101 13.12 7.97 23.22
N SER D 1102 12.42 8.60 24.18
CA SER D 1102 12.81 8.49 25.58
C SER D 1102 12.43 7.13 26.17
N ASN D 1103 11.36 6.52 25.66
CA ASN D 1103 10.96 5.20 26.18
C ASN D 1103 11.96 4.10 25.84
N GLN D 1104 12.87 4.35 24.89
CA GLN D 1104 13.97 3.43 24.66
C GLN D 1104 15.28 3.98 25.21
N VAL D 1105 15.42 5.32 25.27
CA VAL D 1105 16.61 5.93 25.86
C VAL D 1105 16.74 5.59 27.33
N TRP D 1106 15.60 5.52 28.05
CA TRP D 1106 15.60 5.08 29.45
C TRP D 1106 16.13 3.65 29.58
N LYS D 1107 15.69 2.77 28.69
CA LYS D 1107 16.22 1.41 28.63
C LYS D 1107 17.70 1.41 28.29
N PHE D 1108 18.19 2.43 27.58
CA PHE D 1108 19.63 2.55 27.35
C PHE D 1108 20.36 2.89 28.66
N GLN D 1109 20.07 4.07 29.24
CA GLN D 1109 20.85 4.54 30.42
C GLN D 1109 20.69 3.57 31.61
N ARG D 1110 19.67 2.71 31.57
CA ARG D 1110 19.39 1.79 32.70
C ARG D 1110 20.63 0.92 32.92
N TYR D 1111 21.24 0.41 31.84
CA TYR D 1111 22.47 -0.37 31.99
C TYR D 1111 23.53 0.37 32.79
N GLN D 1112 23.82 1.62 32.40
CA GLN D 1112 24.87 2.41 33.04
C GLN D 1112 24.51 2.66 34.49
N LEU D 1113 23.21 2.87 34.75
CA LEU D 1113 22.69 3.03 36.10
C LEU D 1113 22.92 1.79 36.95
N ILE D 1114 22.63 0.61 36.38
CA ILE D 1114 22.75 -0.65 37.12
C ILE D 1114 24.22 -0.89 37.44
N MET D 1115 25.09 -0.61 36.45
CA MET D 1115 26.51 -0.89 36.61
C MET D 1115 27.16 0.08 37.58
N THR D 1116 26.68 1.33 37.64
CA THR D 1116 27.25 2.28 38.59
C THR D 1116 26.86 1.94 40.01
N PHE D 1117 25.60 1.55 40.26
CA PHE D 1117 25.27 1.10 41.62
C PHE D 1117 25.83 -0.28 41.93
N HIS D 1118 26.20 -1.06 40.91
CA HIS D 1118 26.86 -2.33 41.19
C HIS D 1118 28.32 -2.12 41.58
N GLU D 1119 28.99 -1.17 40.94
CA GLU D 1119 30.40 -0.93 41.23
C GLU D 1119 30.59 -0.15 42.53
N ARG D 1120 29.64 0.74 42.86
CA ARG D 1120 29.76 1.55 44.06
C ARG D 1120 29.50 0.69 45.30
N PRO D 1121 30.34 0.84 46.36
CA PRO D 1121 30.26 -0.06 47.53
C PRO D 1121 29.03 0.15 48.39
N VAL D 1122 28.94 -0.65 49.46
CA VAL D 1122 27.72 -0.83 50.23
C VAL D 1122 27.33 0.40 51.05
N LEU D 1123 28.30 1.07 51.68
CA LEU D 1123 27.99 2.07 52.69
C LEU D 1123 27.42 3.36 52.08
N PRO D 1124 26.58 4.07 52.82
CA PRO D 1124 26.09 5.37 52.35
C PRO D 1124 27.24 6.35 52.36
N PRO D 1125 27.20 7.43 51.60
CA PRO D 1125 28.26 8.44 51.67
C PRO D 1125 28.51 9.00 53.06
N PRO D 1126 27.52 9.40 53.90
CA PRO D 1126 27.82 9.95 55.25
C PRO D 1126 28.48 8.89 56.12
N LEU D 1127 28.72 7.70 55.57
CA LEU D 1127 29.37 6.59 56.33
C LEU D 1127 30.21 5.76 55.36
N ILE D 1128 30.74 6.38 54.31
CA ILE D 1128 31.50 5.65 53.28
C ILE D 1128 32.98 5.71 53.58
N ILE D 1129 33.39 6.65 54.44
CA ILE D 1129 34.74 6.80 54.98
C ILE D 1129 35.26 5.48 55.54
N PHE D 1130 34.40 4.72 56.26
CA PHE D 1130 34.82 3.42 56.78
C PHE D 1130 35.15 2.46 55.64
N SER D 1131 34.32 2.48 54.59
CA SER D 1131 34.58 1.66 53.41
C SER D 1131 35.89 2.04 52.74
N HIS D 1132 36.21 3.34 52.68
CA HIS D 1132 37.51 3.73 52.10
C HIS D 1132 38.65 3.24 52.96
N MET D 1133 38.46 3.21 54.28
CA MET D 1133 39.44 2.59 55.18
C MET D 1133 39.65 1.13 54.79
N THR D 1134 38.54 0.43 54.51
CA THR D 1134 38.60 -0.95 54.07
C THR D 1134 39.40 -1.10 52.79
N MET D 1135 39.23 -0.14 51.86
CA MET D 1135 39.90 -0.21 50.56
C MET D 1135 41.39 -0.09 50.80
N ILE D 1136 41.78 0.87 51.64
CA ILE D 1136 43.20 1.12 51.85
C ILE D 1136 43.73 0.15 52.88
N PHE D 1137 42.87 -0.79 53.31
CA PHE D 1137 43.32 -2.02 53.94
C PHE D 1137 43.82 -3.00 52.90
N GLN D 1138 42.93 -3.55 52.05
CA GLN D 1138 43.38 -4.73 51.31
C GLN D 1138 44.20 -4.37 50.08
N HIS D 1139 43.99 -3.17 49.53
CA HIS D 1139 44.88 -2.68 48.47
C HIS D 1139 46.30 -2.50 49.00
N LEU D 1140 46.43 -2.22 50.30
CA LEU D 1140 47.77 -2.27 50.90
C LEU D 1140 48.18 -3.71 51.18
N CYS D 1141 47.23 -4.57 51.56
CA CYS D 1141 47.55 -5.83 52.20
C CYS D 1141 48.09 -6.85 51.21
N CYS D 1142 47.60 -6.80 49.96
CA CYS D 1142 48.17 -7.63 48.90
C CYS D 1142 49.60 -7.22 48.59
N ARG D 1143 49.94 -5.94 48.83
CA ARG D 1143 51.33 -5.53 48.76
C ARG D 1143 52.11 -5.97 49.99
N TRP D 1144 51.42 -6.15 51.12
CA TRP D 1144 52.09 -6.50 52.36
C TRP D 1144 52.53 -7.96 52.38
N ARG D 1145 51.68 -8.84 51.86
CA ARG D 1145 52.00 -10.27 51.84
C ARG D 1145 52.97 -10.61 50.72
N GLY D 1157 31.42 -6.55 35.05
CA GLY D 1157 30.42 -6.81 36.06
C GLY D 1157 29.52 -7.99 35.74
N LEU D 1158 29.38 -8.28 34.44
CA LEU D 1158 28.47 -9.31 33.96
C LEU D 1158 29.23 -10.49 33.36
N LYS D 1159 30.48 -10.69 33.76
CA LYS D 1159 31.33 -11.68 33.10
C LYS D 1159 31.09 -13.08 33.66
N LEU D 1160 31.31 -14.07 32.82
CA LEU D 1160 31.05 -15.47 33.13
C LEU D 1160 32.20 -16.42 32.88
N PHE D 1161 33.31 -15.96 32.25
CA PHE D 1161 34.58 -16.71 32.16
C PHE D 1161 34.43 -18.13 31.64
N ILE D 1162 33.80 -18.23 30.46
CA ILE D 1162 33.25 -19.47 29.91
C ILE D 1162 34.40 -20.38 29.55
N THR D 1163 34.25 -21.67 29.83
CA THR D 1163 35.31 -22.63 29.54
C THR D 1163 35.38 -22.92 28.04
N ASP D 1164 36.22 -23.89 27.68
CA ASP D 1164 36.49 -24.24 26.29
C ASP D 1164 35.33 -24.89 25.55
N ASP D 1165 34.81 -26.01 26.10
CA ASP D 1165 33.77 -26.76 25.40
C ASP D 1165 32.47 -25.97 25.37
N GLU D 1166 32.20 -25.20 26.43
CA GLU D 1166 31.03 -24.34 26.44
C GLU D 1166 31.17 -23.19 25.45
N LEU D 1167 32.39 -22.67 25.27
CA LEU D 1167 32.66 -21.69 24.22
C LEU D 1167 32.41 -22.28 22.84
N LYS D 1168 32.87 -23.51 22.63
CA LYS D 1168 32.64 -24.21 21.36
C LYS D 1168 31.15 -24.43 21.11
N LYS D 1169 30.41 -24.75 22.17
CA LYS D 1169 28.96 -24.92 22.07
C LYS D 1169 28.26 -23.62 21.69
N VAL D 1170 28.72 -22.50 22.27
CA VAL D 1170 28.22 -21.18 21.89
C VAL D 1170 28.50 -20.90 20.41
N HIS D 1171 29.70 -21.24 19.95
CA HIS D 1171 30.12 -21.02 18.57
C HIS D 1171 29.27 -21.82 17.61
N ASP D 1172 28.92 -23.06 17.99
CA ASP D 1172 28.03 -23.92 17.20
C ASP D 1172 26.63 -23.32 17.09
N PHE D 1173 26.11 -22.85 18.23
CA PHE D 1173 24.80 -22.20 18.29
C PHE D 1173 24.80 -21.01 17.33
N GLU D 1174 25.94 -20.32 17.28
CA GLU D 1174 25.99 -19.08 16.52
C GLU D 1174 26.07 -19.35 15.01
N GLU D 1175 26.61 -20.50 14.59
CA GLU D 1175 26.31 -20.76 13.16
C GLU D 1175 24.88 -21.19 12.83
N GLN D 1176 24.12 -21.86 13.72
CA GLN D 1176 22.67 -21.90 13.43
C GLN D 1176 22.02 -20.52 13.44
N CYS D 1177 22.48 -19.61 14.30
CA CYS D 1177 21.98 -18.23 14.29
C CYS D 1177 22.21 -17.56 12.95
N ILE D 1178 23.44 -17.62 12.43
CA ILE D 1178 23.78 -16.87 11.23
C ILE D 1178 23.15 -17.51 9.99
N GLU D 1179 23.15 -18.85 9.91
CA GLU D 1179 22.57 -19.51 8.75
C GLU D 1179 21.05 -19.40 8.76
N GLU D 1180 20.47 -19.43 9.97
CA GLU D 1180 19.03 -19.36 10.15
C GLU D 1180 18.56 -17.95 9.84
N TYR D 1181 19.44 -16.96 10.01
CA TYR D 1181 19.08 -15.60 9.61
C TYR D 1181 19.16 -15.41 8.10
N PHE D 1182 20.26 -15.86 7.47
CA PHE D 1182 20.43 -15.68 6.02
C PHE D 1182 19.33 -16.39 5.23
N ARG D 1183 19.01 -17.64 5.62
CA ARG D 1183 18.00 -18.46 4.96
C ARG D 1183 16.64 -17.80 5.10
N GLU D 1184 16.37 -17.25 6.29
CA GLU D 1184 15.10 -16.59 6.52
C GLU D 1184 14.96 -15.29 5.75
N LYS D 1185 16.07 -14.53 5.66
CA LYS D 1185 16.04 -13.24 4.91
C LYS D 1185 15.81 -13.55 3.43
N ASP D 1186 16.48 -14.58 2.91
CA ASP D 1186 16.26 -14.99 1.49
C ASP D 1186 14.81 -15.48 1.34
N ASP D 1187 14.32 -16.23 2.34
CA ASP D 1187 12.93 -16.74 2.29
C ASP D 1187 11.96 -15.57 2.14
N ARG D 1188 12.04 -14.59 3.05
CA ARG D 1188 11.12 -13.46 3.00
C ARG D 1188 11.26 -12.69 1.68
N PHE D 1189 12.44 -12.73 1.05
CA PHE D 1189 12.56 -12.10 -0.27
C PHE D 1189 11.79 -12.82 -1.38
N ASN D 1190 11.93 -14.15 -1.50
CA ASN D 1190 11.17 -14.79 -2.56
C ASN D 1190 9.74 -15.10 -2.10
N SER D 1191 9.39 -14.72 -0.88
CA SER D 1191 7.98 -14.68 -0.50
C SER D 1191 7.58 -13.26 -0.12
N SER D 1192 7.23 -12.48 -1.13
CA SER D 1192 6.78 -11.09 -1.00
C SER D 1192 6.06 -10.76 -2.30
N ASN D 1193 5.26 -9.69 -2.30
CA ASN D 1193 4.59 -9.26 -3.52
C ASN D 1193 5.45 -8.38 -4.43
N ASP D 1194 6.75 -8.37 -4.27
CA ASP D 1194 7.56 -7.60 -5.20
C ASP D 1194 8.32 -8.54 -6.10
N GLU D 1195 8.94 -9.56 -5.50
CA GLU D 1195 9.75 -10.50 -6.27
C GLU D 1195 8.88 -11.47 -7.06
N ARG D 1196 7.77 -11.93 -6.45
CA ARG D 1196 6.87 -12.87 -7.12
C ARG D 1196 6.27 -12.29 -8.38
N ILE D 1197 6.01 -10.98 -8.41
CA ILE D 1197 5.48 -10.32 -9.61
C ILE D 1197 6.50 -10.38 -10.74
N ARG D 1198 7.76 -10.09 -10.43
CA ARG D 1198 8.84 -10.15 -11.41
C ARG D 1198 9.09 -11.57 -11.91
N VAL D 1199 9.08 -12.53 -10.99
CA VAL D 1199 9.31 -13.93 -11.35
C VAL D 1199 8.20 -14.45 -12.25
N THR D 1200 6.95 -14.17 -11.88
CA THR D 1200 5.81 -14.56 -12.70
C THR D 1200 5.84 -13.87 -14.06
N SER D 1201 6.22 -12.59 -14.09
CA SER D 1201 6.25 -11.83 -15.34
C SER D 1201 7.28 -12.39 -16.33
N GLU D 1202 8.53 -12.58 -15.87
CA GLU D 1202 9.58 -13.08 -16.74
C GLU D 1202 9.30 -14.51 -17.18
N ARG D 1203 8.71 -15.31 -16.29
CA ARG D 1203 8.34 -16.67 -16.63
C ARG D 1203 7.27 -16.71 -17.71
N VAL D 1204 6.25 -15.84 -17.61
CA VAL D 1204 5.22 -15.72 -18.65
C VAL D 1204 5.82 -15.20 -19.96
N GLU D 1205 6.88 -14.38 -19.89
CA GLU D 1205 7.57 -13.98 -21.12
C GLU D 1205 8.19 -15.18 -21.84
N ASN D 1206 8.85 -16.05 -21.08
CA ASN D 1206 9.44 -17.27 -21.66
C ASN D 1206 8.35 -18.16 -22.26
N MET D 1207 7.25 -18.35 -21.52
CA MET D 1207 6.08 -19.05 -22.04
C MET D 1207 5.53 -18.45 -23.33
N SER D 1208 5.47 -17.12 -23.40
CA SER D 1208 4.88 -16.45 -24.55
C SER D 1208 5.67 -16.70 -25.84
N MET D 1209 6.98 -16.45 -25.78
CA MET D 1209 7.81 -16.67 -26.97
C MET D 1209 7.88 -18.16 -27.32
N ARG D 1210 7.78 -19.02 -26.31
CA ARG D 1210 8.03 -20.43 -26.52
C ARG D 1210 6.77 -21.11 -27.06
N LEU D 1211 5.60 -20.67 -26.58
CA LEU D 1211 4.35 -21.14 -27.15
C LEU D 1211 4.13 -20.54 -28.54
N GLU D 1212 4.74 -19.38 -28.84
CA GLU D 1212 4.78 -18.91 -30.22
C GLU D 1212 5.54 -19.87 -31.12
N GLU D 1213 6.69 -20.37 -30.64
CA GLU D 1213 7.41 -21.42 -31.34
C GLU D 1213 6.55 -22.68 -31.50
N VAL D 1214 5.76 -23.00 -30.47
CA VAL D 1214 4.79 -24.09 -30.53
C VAL D 1214 3.74 -23.87 -31.61
N ASN D 1215 3.24 -22.63 -31.76
CA ASN D 1215 2.29 -22.29 -32.83
C ASN D 1215 2.88 -22.58 -34.22
N GLU D 1216 4.08 -22.06 -34.47
CA GLU D 1216 4.70 -22.22 -35.79
C GLU D 1216 5.02 -23.68 -36.08
N ARG D 1217 5.60 -24.37 -35.10
CA ARG D 1217 5.95 -25.81 -35.27
C ARG D 1217 4.68 -26.63 -35.47
N GLU D 1218 3.62 -26.35 -34.70
CA GLU D 1218 2.42 -27.16 -34.77
C GLU D 1218 1.71 -26.96 -36.10
N HIS D 1219 1.76 -25.74 -36.64
CA HIS D 1219 1.20 -25.49 -37.97
C HIS D 1219 1.99 -26.25 -39.04
N SER D 1220 3.32 -26.25 -38.93
CA SER D 1220 4.16 -27.00 -39.87
C SER D 1220 3.89 -28.51 -39.79
N MET D 1221 3.72 -29.02 -38.56
CA MET D 1221 3.47 -30.45 -38.38
C MET D 1221 2.08 -30.84 -38.89
N LYS D 1222 1.09 -29.94 -38.71
CA LYS D 1222 -0.24 -30.17 -39.26
C LYS D 1222 -0.22 -30.23 -40.78
N ALA D 1223 0.53 -29.32 -41.42
CA ALA D 1223 0.66 -29.32 -42.87
C ALA D 1223 1.37 -30.59 -43.36
N SER D 1224 2.40 -31.03 -42.63
CA SER D 1224 3.11 -32.25 -43.00
C SER D 1224 2.23 -33.50 -42.86
N LEU D 1225 1.44 -33.56 -41.78
CA LEU D 1225 0.54 -34.70 -41.58
C LEU D 1225 -0.55 -34.73 -42.65
N GLN D 1226 -1.07 -33.56 -43.02
CA GLN D 1226 -2.07 -33.48 -44.09
C GLN D 1226 -1.49 -33.91 -45.43
N THR D 1227 -0.25 -33.51 -45.72
CA THR D 1227 0.40 -33.93 -46.97
C THR D 1227 0.69 -35.42 -46.99
N VAL D 1228 1.09 -35.97 -45.84
CA VAL D 1228 1.35 -37.42 -45.76
C VAL D 1228 0.06 -38.21 -45.92
N ASP D 1229 -1.04 -37.69 -45.38
CA ASP D 1229 -2.34 -38.34 -45.56
C ASP D 1229 -2.82 -38.21 -47.00
N ILE D 1230 -2.46 -37.10 -47.67
CA ILE D 1230 -2.81 -36.92 -49.07
C ILE D 1230 -2.03 -37.91 -49.95
N ARG D 1231 -0.79 -38.19 -49.57
CA ARG D 1231 0.01 -39.18 -50.29
C ARG D 1231 -0.59 -40.59 -50.15
N LEU D 1232 -1.10 -40.91 -48.98
CA LEU D 1232 -1.73 -42.21 -48.75
C LEU D 1232 -3.22 -42.15 -49.06
CAA Y01 E . -6.22 49.14 15.92
CBA Y01 E . -6.81 50.06 16.97
CAB Y01 E . -8.26 49.72 17.23
CAN Y01 E . -6.66 51.52 16.59
CAJ Y01 E . -7.80 52.42 16.99
CAO Y01 E . -7.37 53.65 17.78
CBB Y01 E . -7.69 53.60 19.28
CAC Y01 E . -7.55 52.17 19.79
CBE Y01 E . -6.81 54.59 20.05
CAP Y01 E . -5.67 55.17 19.18
CAQ Y01 E . -5.31 56.52 19.82
CBG Y01 E . -6.20 56.64 21.07
CBI Y01 E . -7.47 55.84 20.68
CAE Y01 E . -8.33 56.60 19.66
CAU Y01 E . -8.25 55.62 21.98
CAS Y01 E . -8.56 56.94 22.69
CBF Y01 E . -7.35 57.85 22.92
CBD Y01 E . -6.50 58.02 21.65
CAK Y01 E . -5.20 58.73 22.00
CAI Y01 E . -5.42 59.91 22.90
CAZ Y01 E . -6.54 60.15 23.58
CAV Y01 E . -6.68 61.39 24.42
CBH Y01 E . -7.74 59.21 23.56
CAD Y01 E . -8.88 59.89 22.80
CAT Y01 E . -8.18 58.95 25.02
CAR Y01 E . -8.38 60.23 25.82
CBC Y01 E . -7.11 61.05 25.83
OAW Y01 E . -7.38 62.31 26.53
CAY Y01 E . -6.33 63.04 26.93
OAG Y01 E . -5.18 62.72 26.75
CAM Y01 E . -6.77 64.31 27.59
CAL Y01 E . -8.23 64.65 27.30
CAX Y01 E . -9.17 64.28 28.44
OAH Y01 E . -8.81 63.34 29.19
OAF Y01 E . -10.23 64.93 28.56
CAA Y01 F . -14.36 50.91 16.21
CBA Y01 F . -15.24 51.48 17.30
CAB Y01 F . -16.69 51.08 17.05
CAN Y01 F . -14.99 53.00 17.43
CAJ Y01 F . -15.28 53.67 18.78
CAO Y01 F . -16.72 54.19 18.91
CBB Y01 F . -16.95 55.27 19.99
CAC Y01 F . -16.25 54.87 21.29
CBE Y01 F . -16.55 56.67 19.47
CAP Y01 F . -16.92 56.86 17.98
CAQ Y01 F . -17.46 58.28 17.82
CBG Y01 F . -16.91 58.97 19.06
CBI Y01 F . -17.11 57.94 20.18
CAE Y01 F . -18.59 57.76 20.55
CAU Y01 F . -16.31 58.46 21.38
CAS Y01 F . -16.72 59.88 21.80
CBF Y01 F . -16.66 60.89 20.65
CBD Y01 F . -17.40 60.39 19.41
CAK Y01 F . -17.14 61.33 18.23
CAI Y01 F . -17.24 62.77 18.62
CAZ Y01 F . -17.26 63.23 19.87
CAV Y01 F . -17.45 64.70 20.14
CBH Y01 F . -17.12 62.32 21.08
CAD Y01 F . -18.47 62.28 21.82
CAT Y01 F . -16.04 62.93 22.01
CAR Y01 F . -16.32 64.39 22.35
CBC Y01 F . -16.39 65.23 21.08
OAW Y01 F . -16.81 66.58 21.45
CAY Y01 F . -15.87 67.54 21.49
OAG Y01 F . -14.71 67.34 21.28
CAM Y01 F . -16.50 68.87 21.83
CAL Y01 F . -17.63 69.24 20.88
CAX Y01 F . -18.40 70.48 21.28
OAH Y01 F . -18.21 71.52 20.60
OAF Y01 F . -19.18 70.41 22.25
CAA Y01 G . -18.21 29.38 36.37
CBA Y01 G . -18.98 30.01 35.22
CAB Y01 G . -18.14 30.03 33.96
CAN Y01 G . -19.47 31.41 35.55
CAJ Y01 G . -20.45 31.56 36.71
CAO Y01 G . -20.32 32.90 37.42
CBB Y01 G . -21.50 33.31 38.33
CAC Y01 G . -22.10 32.09 39.02
CBE Y01 G . -21.16 34.45 39.32
CAP Y01 G . -19.73 35.00 39.16
CAQ Y01 G . -19.76 36.41 39.80
CBG Y01 G . -21.21 36.60 40.28
CBI Y01 G . -22.04 35.72 39.32
CAE Y01 G . -22.13 36.32 37.91
CAU Y01 G . -23.44 35.59 39.95
CAS Y01 G . -24.09 36.95 40.19
CBF Y01 G . -23.21 37.92 41.02
CBD Y01 G . -21.78 38.02 40.48
CAK Y01 G . -20.91 38.81 41.46
CAI Y01 G . -21.62 40.02 42.00
CAZ Y01 G . -22.90 40.29 41.81
CAV Y01 G . -23.47 41.62 42.27
CBH Y01 G . -23.86 39.33 41.14
CAD Y01 G . -24.25 39.90 39.76
CAT Y01 G . -25.13 39.21 42.01
CAR Y01 G . -25.74 40.58 42.35
CBC Y01 G . -24.73 41.43 43.09
OAW Y01 G . -25.32 42.73 43.37
CAY Y01 G . -25.64 42.98 44.65
OAG Y01 G . -25.45 42.21 45.56
CAM Y01 G . -26.25 44.35 44.80
CAL Y01 G . -26.00 45.25 43.60
CAX Y01 G . -26.62 46.63 43.75
OAH Y01 G . -27.00 47.20 42.70
OAF Y01 G . -26.71 47.12 44.89
CAA Y01 H . 0.97 16.91 49.58
CBA Y01 H . 2.44 16.93 49.23
CAB Y01 H . 2.95 15.52 48.96
CAN Y01 H . 3.25 17.61 50.32
CAJ Y01 H . 2.46 18.42 51.32
CAO Y01 H . 2.87 18.17 52.76
CBB Y01 H . 3.53 19.37 53.45
CAC Y01 H . 4.07 20.35 52.41
CBE Y01 H . 2.55 20.03 54.44
CAP Y01 H . 1.52 19.03 54.97
CAQ Y01 H . 1.15 19.48 56.40
CBG Y01 H . 1.81 20.85 56.53
CBI Y01 H . 3.10 20.72 55.70
CAE Y01 H . 4.14 19.84 56.41
CAU Y01 H . 3.64 22.14 55.52
CAS Y01 H . 3.86 22.85 56.87
CBF Y01 H . 2.65 22.83 57.81
CBD Y01 H . 2.03 21.43 57.92
CAK Y01 H . 0.70 21.52 58.67
CAI Y01 H . 0.79 22.41 59.87
CAZ Y01 H . 1.82 23.19 60.16
CAV Y01 H . 1.89 23.90 61.49
CBH Y01 H . 2.97 23.45 59.20
CAD Y01 H . 4.26 22.87 59.81
CAT Y01 H . 3.12 24.97 59.04
CAR Y01 H . 3.28 25.67 60.39
CBC Y01 H . 2.10 25.40 61.30
OAW Y01 H . 2.41 25.95 62.61
CAY Y01 H . 1.41 26.13 63.48
OAG Y01 H . 0.26 25.86 63.26
CAM Y01 H . 1.91 26.74 64.75
CAL Y01 H . 3.20 27.52 64.55
CAX Y01 H . 3.01 28.86 63.87
OAH Y01 H . 2.70 28.85 62.65
OAF Y01 H . 3.18 29.89 64.55
CAA Y01 I . 11.40 16.46 51.14
CBA Y01 I . 12.07 17.67 51.77
CAB Y01 I . 13.47 17.34 52.22
CAN Y01 I . 11.21 18.30 52.86
CAJ Y01 I . 11.81 19.48 53.63
CAO Y01 I . 12.04 19.15 55.11
CBB Y01 I . 12.17 20.34 56.08
CAC Y01 I . 11.32 21.52 55.59
CBE Y01 I . 11.84 19.88 57.51
CAP Y01 I . 12.49 18.51 57.84
CAQ Y01 I . 13.04 18.58 59.26
CBG Y01 I . 12.19 19.70 59.85
CBI Y01 I . 12.20 20.78 58.74
CAE Y01 I . 13.58 21.42 58.57
CAU Y01 I . 11.16 21.83 59.16
CAS Y01 I . 11.39 22.38 60.56
CBF Y01 I . 11.46 21.29 61.62
CBD Y01 I . 12.50 20.22 61.26
CAK Y01 I . 12.43 19.06 62.25
CAI Y01 I . 12.26 19.51 63.67
CAZ Y01 I . 11.86 20.72 64.05
CAV Y01 I . 11.68 21.04 65.51
CBH Y01 I . 11.60 21.85 63.06
CAD Y01 I . 12.77 22.85 63.16
CAT Y01 I . 10.29 22.56 63.44
CAR Y01 I . 10.16 22.92 64.93
CBC Y01 I . 10.33 21.67 65.77
OAW Y01 I . 10.25 22.06 67.17
CAY Y01 I . 9.04 22.00 67.76
OAG Y01 I . 8.04 21.67 67.19
CAM Y01 I . 9.12 22.41 69.20
CAL Y01 I . 10.27 21.74 69.94
CAX Y01 I . 10.26 20.22 69.83
OAH Y01 I . 11.10 19.70 69.05
OAF Y01 I . 9.42 19.58 70.49
CAA Y01 J . 15.84 34.59 31.49
CBA Y01 J . 15.34 36.01 31.37
CAB Y01 J . 15.96 36.73 30.18
CAN Y01 J . 15.52 36.80 32.67
CAJ Y01 J . 15.15 38.28 32.59
CAO Y01 J . 15.04 38.98 33.94
CBB Y01 J . 16.36 39.35 34.65
CAC Y01 J . 17.40 39.81 33.63
CBE Y01 J . 16.14 40.37 35.80
CAP Y01 J . 14.73 40.24 36.42
CAQ Y01 J . 14.85 40.73 37.88
CBG Y01 J . 16.29 41.28 37.97
CBI Y01 J . 17.09 40.36 37.02
CAE Y01 J . 17.24 38.93 37.58
CAU Y01 J . 18.46 41.02 36.85
CAS Y01 J . 19.17 41.25 38.17
CBF Y01 J . 18.34 42.05 39.20
CBD Y01 J . 16.92 41.47 39.35
CAK Y01 J . 16.07 42.42 40.20
CAI Y01 J . 16.82 42.98 41.37
CAZ Y01 J . 18.12 42.85 41.57
CAV Y01 J . 18.75 43.34 42.86
CBH Y01 J . 19.06 42.22 40.56
CAD Y01 J . 19.54 40.87 41.11
CAT Y01 J . 20.27 43.15 40.36
CAR Y01 J . 20.93 43.53 41.69
CBC Y01 J . 19.94 44.23 42.59
OAW Y01 J . 20.60 44.51 43.86
CAY Y01 J . 20.28 45.66 44.49
OAG Y01 J . 19.47 46.45 44.05
CAM Y01 J . 21.05 45.81 45.76
CAL Y01 J . 20.17 46.04 46.98
CAX Y01 J . 19.78 47.49 47.21
OAH Y01 J . 19.87 48.28 46.24
OAF Y01 J . 19.37 47.81 48.35
CAA Y01 K . 2.64 19.95 47.01
CBA Y01 K . 1.85 20.93 46.15
CAB Y01 K . 2.79 21.63 45.18
CAN Y01 K . 1.12 21.93 47.02
CAJ Y01 K . 2.02 22.91 47.77
CAO Y01 K . 1.29 23.90 48.67
CBB Y01 K . 0.97 23.47 50.11
CAC Y01 K . 1.95 22.38 50.57
CBE Y01 K . 0.90 24.67 51.07
CAP Y01 K . 0.35 25.94 50.36
CAQ Y01 K . -0.36 26.78 51.43
CBG Y01 K . -0.02 26.08 52.75
CBI Y01 K . 0.05 24.58 52.36
CAE Y01 K . -1.34 24.00 52.06
CAU Y01 K . 0.69 23.87 53.57
CAS Y01 K . -0.09 24.10 54.86
CBF Y01 K . -0.30 25.59 55.20
CBD Y01 K . -0.85 26.38 54.00
CAK Y01 K . -0.83 27.87 54.31
CAI Y01 K . -1.36 28.16 55.68
CAZ Y01 K . -1.56 27.27 56.63
CAV Y01 K . -2.18 27.67 57.95
CBH Y01 K . -1.16 25.81 56.48
CAD Y01 K . -2.44 24.94 56.46
CAT Y01 K . -0.32 25.40 57.70
CAR Y01 K . -1.00 25.75 59.03
CBC Y01 K . -1.30 27.23 59.11
OAW Y01 K . -2.04 27.47 60.35
CAY Y01 K . -1.40 28.08 61.37
OAG Y01 K . -0.26 28.47 61.29
CAM Y01 K . -2.27 28.19 62.58
CAL Y01 K . -2.80 29.59 62.82
CAX Y01 K . -3.79 29.68 63.97
OAH Y01 K . -3.56 28.96 64.98
OAF Y01 K . -4.78 30.43 63.85
CAA Y01 L . -24.59 29.14 35.59
CBA Y01 L . -24.83 29.50 37.03
CAB Y01 L . -24.70 28.28 37.93
CAN Y01 L . -26.18 30.16 37.20
CAJ Y01 L . -26.15 31.63 37.58
CAO Y01 L . -27.28 32.02 38.53
CBB Y01 L . -26.82 32.37 39.96
CAC Y01 L . -25.40 31.85 40.20
CBE Y01 L . -26.93 33.88 40.18
CAP Y01 L . -27.89 34.55 39.18
CAQ Y01 L . -28.49 35.78 39.88
CBG Y01 L . -27.72 35.87 41.20
CBI Y01 L . -27.42 34.40 41.56
CAE Y01 L . -28.68 33.65 42.02
CAU Y01 L . -26.38 34.44 42.68
CAS Y01 L . -26.85 35.25 43.88
CBF Y01 L . -27.35 36.67 43.54
CBD Y01 L . -28.33 36.66 42.36
CAK Y01 L . -28.62 38.10 41.93
CAI Y01 L . -28.84 39.01 43.09
CAZ Y01 L . -28.65 38.68 44.36
CAV Y01 L . -29.11 39.59 45.47
CBH Y01 L . -27.93 37.41 44.78
CAD Y01 L . -28.93 36.53 45.56
CAT Y01 L . -26.77 37.81 45.70
CAR Y01 L . -27.30 38.61 46.90
CBC Y01 L . -28.00 39.87 46.46
OAW Y01 L . -28.62 40.44 47.65
CAY Y01 L . -27.95 41.40 48.31
OAG Y01 L . -26.88 41.83 47.95
CAM Y01 L . -28.68 41.85 49.53
CAL Y01 L . -30.04 41.18 49.69
CAX Y01 L . -30.01 39.83 50.39
OAH Y01 L . -31.08 39.20 50.48
OAF Y01 L . -28.90 39.43 50.82
CAA Y01 M . -26.48 22.99 42.47
CBA Y01 M . -26.70 23.47 43.89
CAB Y01 M . -26.88 22.29 44.82
CAN Y01 M . -27.83 24.51 43.95
CAJ Y01 M . -27.56 25.78 44.77
CAO Y01 M . -27.48 25.53 46.28
CBB Y01 M . -27.42 26.78 47.19
CAC Y01 M . -26.45 27.81 46.59
CBE Y01 M . -28.84 27.35 47.46
CAP Y01 M . -29.91 26.24 47.50
CAQ Y01 M . -31.01 26.72 48.46
CBG Y01 M . -30.64 28.18 48.74
CBI Y01 M . -29.09 28.18 48.74
CAE Y01 M . -28.52 27.45 49.97
CAU Y01 M . -28.66 29.65 48.73
CAS Y01 M . -29.26 30.44 49.89
CBF Y01 M . -30.79 30.35 49.96
CBD Y01 M . -31.28 28.91 49.93
CAK Y01 M . -32.80 28.87 49.80
CAI Y01 M . -33.48 29.87 50.68
CAZ Y01 M . -32.88 30.87 51.29
CAV Y01 M . -33.66 31.80 52.20
CBH Y01 M . -31.39 31.17 51.15
CAD Y01 M . -30.69 30.82 52.47
CAT Y01 M . -31.21 32.67 50.85
CAR Y01 M . -31.95 33.57 51.83
CBC Y01 M . -33.43 33.25 51.83
OAW Y01 M . -34.08 34.08 52.85
CAY Y01 M . -34.81 35.12 52.42
OAG Y01 M . -34.98 35.38 51.26
CAM Y01 M . -35.39 35.90 53.56
CAL Y01 M . -34.80 35.54 54.92
CAX Y01 M . -35.50 34.39 55.62
OAH Y01 M . -34.93 33.26 55.58
OAF Y01 M . -36.58 34.61 56.20
CAA Y01 N . -6.20 47.41 19.97
CBA Y01 N . -5.62 46.46 21.02
CAB Y01 N . -6.61 45.35 21.33
CAN Y01 N . -5.23 47.21 22.28
CAJ Y01 N . -6.36 47.99 22.96
CAO Y01 N . -5.92 48.88 24.13
CBB Y01 N . -5.33 50.27 23.77
CAC Y01 N . -5.90 50.76 22.44
CBE Y01 N . -5.53 51.25 24.94
CAP Y01 N . -5.13 50.61 26.29
CAQ Y01 N . -4.48 51.69 27.14
CBG Y01 N . -4.87 52.98 26.44
CBI Y01 N . -4.78 52.62 24.94
CAE Y01 N . -3.34 52.47 24.47
CAU Y01 N . -5.47 53.80 24.22
CAS Y01 N . -4.81 55.14 24.51
CBF Y01 N . -4.69 55.47 26.01
CBD Y01 N . -4.14 54.28 26.81
CAK Y01 N . -4.28 54.58 28.30
CAI Y01 N . -3.83 55.96 28.65
CAZ Y01 N . -3.56 56.91 27.76
CAV Y01 N . -2.96 58.22 28.19
CBH Y01 N . -3.86 56.76 26.27
CAD Y01 N . -2.53 56.74 25.49
CAT Y01 N . -4.68 57.98 25.83
CAR Y01 N . -3.98 59.30 26.19
CBC Y01 N . -3.77 59.40 27.68
OAW Y01 N . -2.98 60.61 27.93
CAY Y01 N . -3.43 61.47 28.86
OAG Y01 N . -4.42 61.29 29.51
CAM Y01 N . -2.51 62.65 28.97
CAL Y01 N . -3.22 63.92 29.47
CAX Y01 N . -3.46 63.95 30.97
OAH Y01 N . -3.21 62.93 31.64
OAF Y01 N . -3.90 65.04 31.45
CAA Y01 O . 19.88 34.74 28.89
CBA Y01 O . 20.40 36.06 29.41
CAB Y01 O . 21.68 36.45 28.70
CAN Y01 O . 20.58 36.07 30.92
CAJ Y01 O . 20.43 37.43 31.61
CAO Y01 O . 21.75 37.99 32.10
CBB Y01 O . 21.77 39.51 32.30
CAC Y01 O . 20.59 40.15 31.57
CBE Y01 O . 21.81 39.85 33.80
CAP Y01 O . 22.64 38.83 34.60
CAQ Y01 O . 23.22 39.59 35.80
CBG Y01 O . 22.53 40.96 35.76
CBI Y01 O . 22.34 41.23 34.25
CAE Y01 O . 23.68 41.57 33.58
CAU Y01 O . 21.37 42.41 34.15
CAS Y01 O . 21.85 43.63 34.93
CBF Y01 O . 22.22 43.34 36.39
CBD Y01 O . 23.14 42.12 36.54
CAK Y01 O . 23.29 41.76 38.01
CAI Y01 O . 23.52 42.96 38.86
CAZ Y01 O . 23.30 44.21 38.50
CAV Y01 O . 23.61 45.35 39.45
CBH Y01 O . 22.75 44.60 37.13
CAD Y01 O . 23.87 45.29 36.34
CAT Y01 O . 21.59 45.58 37.33
CAR Y01 O . 21.98 46.77 38.20
CBC Y01 O . 22.43 46.30 39.57
OAW Y01 O . 22.87 47.47 40.32
CAY Y01 O . 21.93 48.22 40.91
OAG Y01 O . 20.75 47.96 40.87
CAM Y01 O . 22.53 49.39 41.63
CAL Y01 O . 22.32 49.34 43.12
CAX Y01 O . 21.06 50.05 43.59
OAH Y01 O . 20.03 49.92 42.91
OAF Y01 O . 21.14 50.72 44.65
CAA Y01 P . 22.89 43.12 25.83
CBA Y01 P . 22.15 44.28 25.16
CAB Y01 P . 22.18 44.13 23.65
CAN Y01 P . 22.71 45.63 25.59
CAJ Y01 P . 22.66 45.97 27.09
CAO Y01 P . 23.51 47.19 27.45
CBB Y01 P . 23.32 47.82 28.85
CAC Y01 P . 22.63 46.83 29.79
CBE Y01 P . 24.63 48.41 29.43
CAP Y01 P . 25.67 48.72 28.34
CAQ Y01 P . 26.49 49.93 28.84
CBG Y01 P . 26.06 50.08 30.30
CBI Y01 P . 24.57 49.70 30.29
CAE Y01 P . 23.70 50.77 29.60
CAU Y01 P . 24.15 49.53 31.76
CAS Y01 P . 24.45 50.77 32.61
CBF Y01 P . 25.92 51.22 32.52
CBD Y01 P . 26.38 51.36 31.06
CAK Y01 P . 27.89 51.64 31.02
CAI Y01 P . 28.31 52.67 32.02
CAZ Y01 P . 27.58 53.06 33.06
CAV Y01 P . 28.11 54.11 34.00
CBH Y01 P . 26.21 52.49 33.38
CAD Y01 P . 25.16 53.59 33.13
CAT Y01 P . 26.18 52.08 34.86
CAR Y01 P . 26.66 53.19 35.80
CBC Y01 P . 28.06 53.63 35.44
OAW Y01 P . 28.42 54.76 36.30
CAY Y01 P . 29.05 54.49 37.45
OAG Y01 P . 29.33 53.37 37.81
CAM Y01 P . 29.36 55.74 38.22
CAL Y01 P . 28.89 57.02 37.56
CAX Y01 P . 29.80 57.54 36.46
OAH Y01 P . 29.27 57.91 35.39
OAF Y01 P . 31.03 57.57 36.68
#